data_9D9X
#
_entry.id   9D9X
#
_entity_poly.entity_id   1
_entity_poly.type   'polypeptide(L)'
_entity_poly.pdbx_seq_one_letter_code
;MGFSADHSQIAQTKDTMFTGYLDPVQAKDYFAEAEKTSIVQRVAQKIPMGATGIVIPHWTGDVSAQWIGEGDMKPITKGN
MTKRDVHPAKIATIFVASAETVRANPANYLGTMRTKVATAIAMAFDNAALHGTNAPSAFQGYLDQSNKTQSISPNAYQGL
GVSGLTKLVTDGKKWTHTLLDDTVEPVLNGSVDANGRPLFVESTYESLTTPFREGRILGRPTILSDHVAEGDVVGYAGDF
SQIIWGQVGGLSFDVTDQATLNLGSQESPNFVSLWQHNLVAVRVEAEYGLLINDVNAFVKLTFDPVLTTYALDLDGASAG
NFTLSLDGKTSANIAYNASTATVKSAIVAIDDGVSADDVTVTGSAGDYTITVPGTLTADFSGLTDGEGASISVVSVG
;
_entity_poly.pdbx_strand_id   Ha,Hb,Hc,Hd,He,Hf,Pa,Pb,Pc,Pd,Pe
#
# COMPACT_ATOMS: atom_id res chain seq x y z
N GLY A 2 5.57 20.82 -78.70
CA GLY A 2 5.43 22.14 -78.05
C GLY A 2 6.62 23.02 -78.36
N PHE A 3 7.07 23.79 -77.38
CA PHE A 3 8.19 24.72 -77.49
C PHE A 3 9.12 24.63 -76.29
N SER A 4 10.34 25.14 -76.44
CA SER A 4 11.43 25.06 -75.47
C SER A 4 11.14 25.74 -74.13
N ALA A 5 12.00 25.54 -73.14
CA ALA A 5 11.82 26.01 -71.76
C ALA A 5 11.79 27.53 -71.61
N ASP A 6 12.56 28.26 -72.40
CA ASP A 6 12.59 29.73 -72.49
C ASP A 6 12.72 30.08 -73.97
N HIS A 7 11.60 30.06 -74.70
CA HIS A 7 11.62 30.23 -76.15
C HIS A 7 11.88 31.68 -76.55
N SER A 8 12.52 31.90 -77.68
CA SER A 8 12.99 33.23 -78.12
C SER A 8 11.85 34.20 -78.47
N GLN A 9 10.65 33.69 -78.74
CA GLN A 9 9.57 34.46 -79.37
C GLN A 9 8.22 34.35 -78.66
N ILE A 10 7.92 33.22 -78.02
CA ILE A 10 6.64 32.97 -77.35
C ILE A 10 6.83 33.03 -75.84
N ALA A 11 5.96 33.74 -75.13
CA ALA A 11 5.93 33.74 -73.67
C ALA A 11 5.04 32.61 -73.14
N GLN A 12 5.53 31.80 -72.21
CA GLN A 12 4.81 30.65 -71.63
C GLN A 12 4.92 30.67 -70.11
N THR A 13 3.96 30.10 -69.38
CA THR A 13 4.00 30.13 -67.91
C THR A 13 5.19 29.37 -67.33
N LYS A 14 5.77 28.41 -68.06
CA LYS A 14 7.02 27.73 -67.66
C LYS A 14 8.30 28.55 -67.87
N ASP A 15 8.24 29.72 -68.48
CA ASP A 15 9.42 30.58 -68.69
C ASP A 15 10.01 31.09 -67.36
N THR A 16 11.33 31.29 -67.32
CA THR A 16 12.05 31.68 -66.10
C THR A 16 11.57 32.99 -65.51
N MET A 17 11.20 33.96 -66.35
CA MET A 17 10.79 35.30 -65.92
C MET A 17 9.54 35.32 -65.02
N PHE A 18 8.74 34.26 -65.00
CA PHE A 18 7.57 34.16 -64.14
C PHE A 18 7.84 33.48 -62.80
N THR A 19 9.04 32.96 -62.55
CA THR A 19 9.36 32.31 -61.27
C THR A 19 9.11 33.22 -60.08
N GLY A 20 8.51 32.69 -59.01
CA GLY A 20 8.07 33.44 -57.84
C GLY A 20 6.65 33.99 -57.96
N TYR A 21 6.18 34.25 -59.17
CA TYR A 21 4.75 34.28 -59.47
C TYR A 21 4.29 32.85 -59.77
N LEU A 22 2.98 32.62 -59.86
CA LEU A 22 2.44 31.30 -60.25
C LEU A 22 2.87 30.13 -59.34
N ASP A 23 3.02 30.35 -58.03
CA ASP A 23 3.32 29.28 -57.07
C ASP A 23 2.06 28.49 -56.67
N PRO A 24 2.18 27.20 -56.30
CA PRO A 24 1.06 26.41 -55.79
C PRO A 24 0.35 27.04 -54.61
N VAL A 25 -0.97 26.90 -54.54
CA VAL A 25 -1.76 27.33 -53.37
C VAL A 25 -1.58 26.33 -52.22
N GLN A 26 -1.40 26.83 -51.00
CA GLN A 26 -1.27 25.99 -49.81
C GLN A 26 -2.62 25.37 -49.42
N ALA A 27 -2.67 24.08 -49.10
CA ALA A 27 -3.90 23.39 -48.69
C ALA A 27 -3.70 22.54 -47.43
N LYS A 28 -4.79 22.17 -46.76
CA LYS A 28 -4.74 21.33 -45.55
C LYS A 28 -4.17 19.95 -45.85
N ASP A 29 -3.71 19.24 -44.82
CA ASP A 29 -3.36 17.83 -44.97
C ASP A 29 -4.62 16.96 -45.00
N TYR A 30 -5.05 16.54 -46.19
CA TYR A 30 -6.18 15.64 -46.35
C TYR A 30 -5.93 14.23 -45.84
N PHE A 31 -4.67 13.83 -45.65
CA PHE A 31 -4.28 12.47 -45.28
C PHE A 31 -3.82 12.35 -43.83
N ALA A 32 -4.10 13.35 -42.99
CA ALA A 32 -3.73 13.36 -41.59
C ALA A 32 -4.41 12.23 -40.81
N GLU A 33 -3.63 11.36 -40.19
CA GLU A 33 -4.10 10.38 -39.22
C GLU A 33 -4.47 11.06 -37.89
N ALA A 34 -5.46 10.53 -37.16
CA ALA A 34 -5.75 10.98 -35.81
C ALA A 34 -4.71 10.50 -34.79
N GLU A 35 -4.60 11.17 -33.64
CA GLU A 35 -3.66 10.81 -32.58
C GLU A 35 -4.07 9.53 -31.83
N LYS A 36 -3.12 8.63 -31.58
CA LYS A 36 -3.31 7.47 -30.73
C LYS A 36 -3.45 7.86 -29.26
N THR A 37 -4.08 7.03 -28.44
CA THR A 37 -4.23 7.25 -27.00
C THR A 37 -3.95 5.97 -26.22
N SER A 38 -3.61 6.11 -24.94
CA SER A 38 -3.30 4.95 -24.09
C SER A 38 -4.52 4.07 -23.91
N ILE A 39 -4.40 2.78 -24.19
CA ILE A 39 -5.49 1.83 -23.95
C ILE A 39 -5.51 1.38 -22.49
N VAL A 40 -4.36 1.28 -21.84
CA VAL A 40 -4.28 0.88 -20.44
C VAL A 40 -5.00 1.88 -19.54
N GLN A 41 -4.93 3.17 -19.84
CA GLN A 41 -5.68 4.18 -19.12
C GLN A 41 -7.20 4.11 -19.35
N ARG A 42 -7.67 3.46 -20.42
CA ARG A 42 -9.09 3.24 -20.67
C ARG A 42 -9.64 2.09 -19.83
N VAL A 43 -8.89 0.99 -19.69
CA VAL A 43 -9.37 -0.24 -19.04
C VAL A 43 -9.05 -0.34 -17.55
N ALA A 44 -7.89 0.11 -17.09
CA ALA A 44 -7.48 -0.04 -15.70
C ALA A 44 -8.04 1.09 -14.81
N GLN A 45 -8.20 0.84 -13.52
CA GLN A 45 -8.69 1.82 -12.56
C GLN A 45 -7.61 2.85 -12.18
N LYS A 46 -7.91 4.15 -12.31
CA LYS A 46 -7.00 5.23 -11.88
C LYS A 46 -7.12 5.45 -10.37
N ILE A 47 -5.99 5.43 -9.67
CA ILE A 47 -5.87 5.48 -8.21
C ILE A 47 -5.11 6.72 -7.75
N PRO A 48 -5.55 7.44 -6.70
CA PRO A 48 -4.81 8.54 -6.11
C PRO A 48 -3.41 8.14 -5.68
N MET A 49 -2.39 8.93 -6.03
CA MET A 49 -0.99 8.63 -5.73
C MET A 49 -0.20 9.92 -5.49
N GLY A 50 0.89 9.84 -4.74
CA GLY A 50 1.75 10.97 -4.41
C GLY A 50 3.23 10.58 -4.41
N ALA A 51 4.11 11.52 -4.10
CA ALA A 51 5.54 11.41 -4.37
C ALA A 51 6.20 10.16 -3.77
N THR A 52 5.87 9.78 -2.54
CA THR A 52 6.48 8.62 -1.87
C THR A 52 5.86 7.28 -2.28
N GLY A 53 4.73 7.31 -2.98
CA GLY A 53 3.99 6.11 -3.37
C GLY A 53 2.94 5.69 -2.35
N ILE A 54 2.39 4.49 -2.53
CA ILE A 54 1.28 3.96 -1.74
C ILE A 54 1.54 2.53 -1.29
N VAL A 55 0.85 2.09 -0.24
CA VAL A 55 0.92 0.73 0.26
C VAL A 55 -0.48 0.13 0.40
N ILE A 56 -0.69 -1.04 -0.19
CA ILE A 56 -1.98 -1.72 -0.34
C ILE A 56 -1.98 -2.96 0.55
N PRO A 57 -2.92 -3.11 1.49
CA PRO A 57 -3.01 -4.25 2.40
C PRO A 57 -3.75 -5.42 1.76
N HIS A 58 -3.55 -6.64 2.26
CA HIS A 58 -4.29 -7.82 1.78
C HIS A 58 -4.53 -8.84 2.89
N TRP A 59 -5.78 -9.25 3.11
CA TRP A 59 -6.13 -10.28 4.07
C TRP A 59 -5.81 -11.68 3.53
N THR A 60 -5.16 -12.53 4.31
CA THR A 60 -4.77 -13.89 3.90
C THR A 60 -5.11 -14.97 4.91
N GLY A 61 -5.77 -14.63 6.02
CA GLY A 61 -5.99 -15.56 7.13
C GLY A 61 -7.14 -16.55 6.93
N ASP A 62 -6.87 -17.83 7.17
CA ASP A 62 -7.85 -18.92 7.22
C ASP A 62 -8.50 -19.03 8.61
N VAL A 63 -9.32 -18.05 8.98
CA VAL A 63 -10.17 -18.09 10.18
C VAL A 63 -11.14 -19.26 10.08
N SER A 64 -11.30 -20.07 11.13
CA SER A 64 -12.10 -21.29 11.08
C SER A 64 -12.78 -21.62 12.40
N ALA A 65 -13.94 -22.27 12.37
CA ALA A 65 -14.83 -22.49 13.52
C ALA A 65 -15.25 -23.96 13.68
N GLN A 66 -15.71 -24.35 14.87
CA GLN A 66 -15.99 -25.75 15.21
C GLN A 66 -17.33 -25.95 15.90
N TRP A 67 -17.92 -27.13 15.69
CA TRP A 67 -19.13 -27.57 16.36
C TRP A 67 -18.82 -28.17 17.72
N ILE A 68 -19.66 -27.94 18.72
CA ILE A 68 -19.45 -28.33 20.13
C ILE A 68 -20.76 -28.58 20.86
N GLY A 69 -20.75 -29.34 21.95
CA GLY A 69 -21.92 -29.62 22.80
C GLY A 69 -22.06 -28.68 24.01
N GLU A 70 -22.96 -29.00 24.93
CA GLU A 70 -23.01 -28.33 26.25
C GLU A 70 -21.69 -28.48 26.98
N GLY A 71 -21.15 -27.38 27.52
CA GLY A 71 -19.98 -27.41 28.40
C GLY A 71 -18.67 -27.84 27.74
N ASP A 72 -18.64 -28.03 26.42
CA ASP A 72 -17.43 -28.25 25.64
C ASP A 72 -16.64 -26.96 25.45
N MET A 73 -15.32 -27.10 25.36
CA MET A 73 -14.38 -25.99 25.26
C MET A 73 -14.41 -25.31 23.90
N LYS A 74 -14.77 -24.03 23.86
CA LYS A 74 -14.78 -23.19 22.66
C LYS A 74 -13.34 -22.94 22.19
N PRO A 75 -12.94 -23.27 20.95
CA PRO A 75 -11.55 -23.24 20.50
C PRO A 75 -11.09 -21.86 20.01
N ILE A 76 -9.77 -21.67 19.87
CA ILE A 76 -9.13 -20.37 19.63
C ILE A 76 -8.58 -20.24 18.19
N THR A 77 -8.76 -19.08 17.56
CA THR A 77 -8.34 -18.83 16.16
C THR A 77 -7.73 -17.45 15.93
N LYS A 78 -6.98 -17.28 14.83
CA LYS A 78 -6.17 -16.09 14.53
C LYS A 78 -6.20 -15.72 13.04
N GLY A 79 -6.24 -14.42 12.72
CA GLY A 79 -6.23 -13.92 11.34
C GLY A 79 -4.83 -13.88 10.70
N ASN A 80 -4.69 -13.28 9.52
CA ASN A 80 -3.39 -13.03 8.92
C ASN A 80 -3.45 -11.95 7.81
N MET A 81 -2.33 -11.29 7.52
CA MET A 81 -2.25 -10.21 6.54
C MET A 81 -0.88 -10.12 5.86
N THR A 82 -0.86 -9.49 4.68
CA THR A 82 0.35 -9.03 3.99
C THR A 82 0.11 -7.65 3.39
N LYS A 83 1.14 -7.04 2.79
CA LYS A 83 1.04 -5.75 2.08
C LYS A 83 1.95 -5.69 0.85
N ARG A 84 1.66 -4.81 -0.09
CA ARG A 84 2.56 -4.41 -1.20
C ARG A 84 2.70 -2.92 -1.22
N ASP A 85 3.86 -2.39 -1.61
CA ASP A 85 4.07 -0.97 -1.86
C ASP A 85 4.41 -0.69 -3.32
N VAL A 86 3.96 0.47 -3.82
CA VAL A 86 4.08 0.90 -5.21
C VAL A 86 4.66 2.30 -5.26
N HIS A 87 5.69 2.52 -6.07
CA HIS A 87 6.34 3.82 -6.25
C HIS A 87 6.18 4.33 -7.68
N PRO A 88 5.92 5.63 -7.89
CA PRO A 88 5.83 6.19 -9.23
C PRO A 88 7.20 6.30 -9.90
N ALA A 89 7.21 6.49 -11.20
CA ALA A 89 8.39 6.64 -12.04
C ALA A 89 8.23 7.82 -12.99
N LYS A 90 9.35 8.31 -13.51
CA LYS A 90 9.50 9.56 -14.25
C LYS A 90 9.73 9.28 -15.73
N ILE A 91 9.04 9.99 -16.62
CA ILE A 91 9.28 9.97 -18.07
C ILE A 91 9.34 11.39 -18.61
N ALA A 92 10.30 11.68 -19.50
CA ALA A 92 10.53 13.05 -19.97
C ALA A 92 11.36 13.14 -21.27
N THR A 93 11.35 14.31 -21.89
CA THR A 93 12.13 14.63 -23.10
C THR A 93 12.34 16.14 -23.25
N ILE A 94 13.30 16.57 -24.07
CA ILE A 94 13.57 17.98 -24.39
C ILE A 94 13.52 18.20 -25.91
N PHE A 95 13.07 19.37 -26.35
CA PHE A 95 13.28 19.84 -27.73
C PHE A 95 13.77 21.29 -27.75
N VAL A 96 14.55 21.66 -28.75
CA VAL A 96 15.37 22.89 -28.78
C VAL A 96 15.23 23.59 -30.13
N ALA A 97 15.09 24.92 -30.16
CA ALA A 97 14.92 25.70 -31.38
C ALA A 97 15.66 27.03 -31.31
N SER A 98 16.03 27.65 -32.44
CA SER A 98 16.58 29.00 -32.41
C SER A 98 15.52 30.02 -32.06
N ALA A 99 15.88 31.15 -31.47
CA ALA A 99 14.92 32.20 -31.14
C ALA A 99 14.25 32.78 -32.39
N GLU A 100 14.94 32.79 -33.52
CA GLU A 100 14.37 33.12 -34.83
C GLU A 100 13.24 32.15 -35.22
N THR A 101 13.43 30.85 -35.02
CA THR A 101 12.38 29.85 -35.25
C THR A 101 11.21 30.06 -34.32
N VAL A 102 11.47 30.31 -33.03
CA VAL A 102 10.40 30.53 -32.06
C VAL A 102 9.57 31.77 -32.39
N ARG A 103 10.19 32.83 -32.89
CA ARG A 103 9.51 34.04 -33.34
C ARG A 103 8.59 33.78 -34.53
N ALA A 104 9.05 33.02 -35.51
CA ALA A 104 8.29 32.71 -36.72
C ALA A 104 7.22 31.62 -36.52
N ASN A 105 7.52 30.59 -35.72
CA ASN A 105 6.70 29.40 -35.49
C ASN A 105 6.09 28.82 -36.78
N PRO A 106 6.91 28.42 -37.76
CA PRO A 106 6.43 28.01 -39.06
C PRO A 106 5.57 26.75 -38.97
N ALA A 107 4.48 26.69 -39.72
CA ALA A 107 3.54 25.57 -39.73
C ALA A 107 3.00 25.16 -38.34
N ASN A 108 2.99 26.09 -37.38
CA ASN A 108 2.75 25.82 -35.96
C ASN A 108 3.57 24.63 -35.41
N TYR A 109 4.85 24.58 -35.74
CA TYR A 109 5.76 23.55 -35.28
C TYR A 109 5.79 23.45 -33.75
N LEU A 110 5.83 24.56 -33.01
CA LEU A 110 5.92 24.50 -31.55
C LEU A 110 4.66 23.96 -30.89
N GLY A 111 3.46 24.28 -31.39
CA GLY A 111 2.24 23.65 -30.90
C GLY A 111 2.20 22.17 -31.25
N THR A 112 2.69 21.81 -32.42
CA THR A 112 2.70 20.43 -32.91
C THR A 112 3.62 19.54 -32.09
N MET A 113 4.80 20.02 -31.71
CA MET A 113 5.68 19.24 -30.84
C MET A 113 5.01 18.87 -29.52
N ARG A 114 4.25 19.78 -28.92
CA ARG A 114 3.68 19.55 -27.60
C ARG A 114 2.65 18.44 -27.61
N THR A 115 1.85 18.33 -28.67
CA THR A 115 0.91 17.21 -28.80
C THR A 115 1.59 15.94 -29.29
N LYS A 116 2.55 16.01 -30.21
CA LYS A 116 3.28 14.82 -30.68
C LYS A 116 4.09 14.17 -29.56
N VAL A 117 4.65 14.95 -28.64
CA VAL A 117 5.30 14.42 -27.43
C VAL A 117 4.27 13.83 -26.47
N ALA A 118 3.15 14.50 -26.21
CA ALA A 118 2.12 13.94 -25.35
C ALA A 118 1.63 12.56 -25.82
N THR A 119 1.44 12.37 -27.12
CA THR A 119 1.14 11.05 -27.69
C THR A 119 2.26 10.05 -27.45
N ALA A 120 3.53 10.43 -27.63
CA ALA A 120 4.64 9.51 -27.43
C ALA A 120 4.72 9.01 -25.98
N ILE A 121 4.41 9.87 -25.01
CA ILE A 121 4.37 9.50 -23.60
C ILE A 121 3.25 8.49 -23.33
N ALA A 122 2.06 8.69 -23.89
CA ALA A 122 0.98 7.72 -23.79
C ALA A 122 1.37 6.36 -24.41
N MET A 123 1.99 6.34 -25.58
CA MET A 123 2.43 5.08 -26.19
C MET A 123 3.52 4.39 -25.38
N ALA A 124 4.44 5.12 -24.77
CA ALA A 124 5.46 4.55 -23.90
C ALA A 124 4.87 3.95 -22.61
N PHE A 125 3.74 4.45 -22.13
CA PHE A 125 3.06 3.86 -20.98
C PHE A 125 2.41 2.53 -21.35
N ASP A 126 1.71 2.44 -22.48
CA ASP A 126 1.12 1.17 -22.91
C ASP A 126 2.18 0.09 -23.17
N ASN A 127 3.28 0.43 -23.84
CA ASN A 127 4.32 -0.55 -24.11
C ASN A 127 5.02 -1.02 -22.83
N ALA A 128 5.14 -0.17 -21.81
CA ALA A 128 5.69 -0.57 -20.52
C ALA A 128 4.74 -1.51 -19.78
N ALA A 129 3.43 -1.28 -19.87
CA ALA A 129 2.42 -2.10 -19.19
C ALA A 129 2.16 -3.44 -19.88
N LEU A 130 2.02 -3.48 -21.21
CA LEU A 130 1.64 -4.70 -21.92
C LEU A 130 2.82 -5.63 -22.14
N HIS A 131 3.89 -5.13 -22.77
CA HIS A 131 5.01 -5.95 -23.23
C HIS A 131 6.28 -5.77 -22.41
N GLY A 132 6.31 -4.80 -21.51
CA GLY A 132 7.47 -4.53 -20.66
C GLY A 132 8.71 -4.10 -21.44
N THR A 133 8.57 -3.32 -22.51
CA THR A 133 9.68 -3.08 -23.47
C THR A 133 10.88 -2.37 -22.87
N ASN A 134 10.66 -1.19 -22.27
CA ASN A 134 11.67 -0.34 -21.65
C ASN A 134 11.24 0.06 -20.23
N ALA A 135 10.46 -0.79 -19.57
CA ALA A 135 9.73 -0.42 -18.36
C ALA A 135 10.67 0.02 -17.23
N PRO A 136 10.31 1.03 -16.44
CA PRO A 136 11.09 1.42 -15.29
C PRO A 136 10.98 0.34 -14.23
N SER A 137 12.03 0.15 -13.41
CA SER A 137 12.02 -0.91 -12.40
C SER A 137 10.94 -0.73 -11.32
N ALA A 138 10.37 0.45 -11.19
CA ALA A 138 9.28 0.72 -10.26
C ALA A 138 7.93 0.12 -10.68
N PHE A 139 7.73 -0.23 -11.96
CA PHE A 139 6.50 -0.88 -12.41
C PHE A 139 6.52 -2.36 -12.04
N GLN A 140 5.45 -2.85 -11.43
CA GLN A 140 5.38 -4.24 -10.98
C GLN A 140 4.48 -5.06 -11.88
N GLY A 141 5.09 -6.04 -12.55
CA GLY A 141 4.45 -6.89 -13.55
C GLY A 141 4.30 -6.24 -14.92
N TYR A 142 4.12 -7.07 -15.95
CA TYR A 142 3.59 -6.70 -17.26
C TYR A 142 2.86 -7.90 -17.87
N LEU A 143 1.86 -7.70 -18.72
CA LEU A 143 0.95 -8.79 -19.09
C LEU A 143 1.62 -9.96 -19.81
N ASP A 144 2.64 -9.74 -20.62
CA ASP A 144 3.36 -10.83 -21.27
C ASP A 144 4.09 -11.79 -20.32
N GLN A 145 4.24 -11.48 -19.03
CA GLN A 145 4.77 -12.41 -18.05
C GLN A 145 3.85 -13.61 -17.75
N SER A 146 2.57 -13.54 -18.10
CA SER A 146 1.61 -14.61 -17.78
C SER A 146 2.03 -15.97 -18.31
N ASN A 147 1.82 -17.03 -17.53
CA ASN A 147 2.10 -18.40 -17.93
C ASN A 147 0.98 -19.08 -18.74
N LYS A 148 -0.13 -18.39 -19.02
CA LYS A 148 -1.27 -18.92 -19.79
C LYS A 148 -1.33 -18.34 -21.19
N THR A 149 -1.32 -19.20 -22.21
CA THR A 149 -1.45 -18.81 -23.62
C THR A 149 -2.53 -19.62 -24.30
N GLN A 150 -3.25 -19.03 -25.25
CA GLN A 150 -4.30 -19.71 -25.97
C GLN A 150 -4.31 -19.35 -27.45
N SER A 151 -4.34 -20.36 -28.32
CA SER A 151 -4.60 -20.14 -29.73
C SER A 151 -6.08 -19.84 -29.98
N ILE A 152 -6.37 -18.87 -30.83
CA ILE A 152 -7.71 -18.59 -31.35
C ILE A 152 -7.79 -18.84 -32.86
N SER A 153 -6.93 -19.72 -33.38
CA SER A 153 -6.56 -19.75 -34.79
C SER A 153 -7.66 -20.22 -35.75
N PRO A 154 -8.21 -21.43 -35.65
CA PRO A 154 -9.31 -21.83 -36.52
C PRO A 154 -10.66 -21.25 -36.06
N ASN A 155 -10.87 -21.06 -34.76
CA ASN A 155 -12.18 -20.74 -34.19
C ASN A 155 -12.06 -19.98 -32.87
N ALA A 156 -12.59 -18.77 -32.81
CA ALA A 156 -12.49 -17.91 -31.63
C ALA A 156 -13.46 -18.27 -30.50
N TYR A 157 -14.60 -18.89 -30.79
CA TYR A 157 -15.55 -19.27 -29.77
C TYR A 157 -15.00 -20.40 -28.90
N GLN A 158 -14.53 -21.47 -29.52
CA GLN A 158 -13.87 -22.56 -28.80
C GLN A 158 -12.57 -22.09 -28.16
N GLY A 159 -11.89 -21.13 -28.80
CA GLY A 159 -10.73 -20.45 -28.24
C GLY A 159 -11.03 -19.76 -26.91
N LEU A 160 -11.83 -18.69 -26.91
CA LEU A 160 -12.09 -17.89 -25.72
C LEU A 160 -13.03 -18.58 -24.71
N GLY A 161 -14.21 -18.99 -25.16
CA GLY A 161 -15.32 -19.33 -24.27
C GLY A 161 -15.23 -20.72 -23.65
N VAL A 162 -14.41 -21.60 -24.23
CA VAL A 162 -14.30 -23.00 -23.81
C VAL A 162 -12.89 -23.30 -23.34
N SER A 163 -11.93 -23.36 -24.24
CA SER A 163 -10.58 -23.82 -23.92
C SER A 163 -9.77 -22.76 -23.15
N GLY A 164 -9.97 -21.48 -23.46
CA GLY A 164 -9.34 -20.38 -22.75
C GLY A 164 -9.92 -20.16 -21.38
N LEU A 165 -11.25 -20.08 -21.26
CA LEU A 165 -11.90 -19.96 -19.96
C LEU A 165 -11.59 -21.12 -19.03
N THR A 166 -11.36 -22.33 -19.55
CA THR A 166 -10.90 -23.46 -18.72
C THR A 166 -9.61 -23.15 -17.98
N LYS A 167 -8.63 -22.50 -18.63
CA LYS A 167 -7.35 -22.17 -18.00
C LYS A 167 -7.51 -21.16 -16.87
N LEU A 168 -8.42 -20.21 -16.97
CA LEU A 168 -8.67 -19.23 -15.92
C LEU A 168 -9.42 -19.83 -14.73
N VAL A 169 -10.59 -20.45 -14.94
CA VAL A 169 -11.42 -20.94 -13.82
C VAL A 169 -10.78 -22.12 -13.10
N THR A 170 -9.88 -22.87 -13.74
CA THR A 170 -9.10 -23.93 -13.08
C THR A 170 -8.26 -23.40 -11.92
N ASP A 171 -7.85 -22.14 -11.95
CA ASP A 171 -7.12 -21.47 -10.86
C ASP A 171 -8.00 -20.52 -10.03
N GLY A 172 -9.32 -20.54 -10.21
CA GLY A 172 -10.24 -19.61 -9.53
C GLY A 172 -10.17 -18.16 -10.02
N LYS A 173 -9.55 -17.91 -11.18
CA LYS A 173 -9.40 -16.58 -11.76
C LYS A 173 -10.57 -16.29 -12.70
N LYS A 174 -11.07 -15.06 -12.72
CA LYS A 174 -12.26 -14.67 -13.47
C LYS A 174 -11.91 -14.28 -14.90
N TRP A 175 -12.89 -14.25 -15.80
CA TRP A 175 -12.78 -13.61 -17.10
C TRP A 175 -13.80 -12.47 -17.16
N THR A 176 -13.33 -11.24 -17.36
CA THR A 176 -14.15 -10.03 -17.16
C THR A 176 -14.19 -9.13 -18.39
N HIS A 177 -13.08 -9.00 -19.10
CA HIS A 177 -13.01 -8.28 -20.38
C HIS A 177 -12.09 -9.03 -21.33
N THR A 178 -12.17 -8.72 -22.61
CA THR A 178 -11.19 -9.16 -23.60
C THR A 178 -10.69 -7.99 -24.41
N LEU A 179 -9.40 -7.93 -24.66
CA LEU A 179 -8.70 -6.83 -25.28
C LEU A 179 -8.07 -7.35 -26.57
N LEU A 180 -8.47 -6.81 -27.71
CA LEU A 180 -8.12 -7.36 -29.02
C LEU A 180 -7.51 -6.30 -29.93
N ASP A 181 -6.49 -6.70 -30.69
CA ASP A 181 -5.93 -5.87 -31.74
C ASP A 181 -6.84 -5.78 -32.97
N ASP A 182 -6.79 -4.68 -33.73
CA ASP A 182 -7.45 -4.60 -35.04
C ASP A 182 -7.09 -5.76 -35.97
N THR A 183 -5.88 -6.30 -35.89
CA THR A 183 -5.46 -7.47 -36.68
C THR A 183 -6.16 -8.77 -36.32
N VAL A 184 -7.04 -8.80 -35.31
CA VAL A 184 -7.87 -9.96 -35.00
C VAL A 184 -9.10 -10.05 -35.90
N GLU A 185 -9.55 -8.97 -36.54
CA GLU A 185 -10.79 -8.98 -37.32
C GLU A 185 -10.91 -10.12 -38.34
N PRO A 186 -9.89 -10.45 -39.15
CA PRO A 186 -9.94 -11.58 -40.06
C PRO A 186 -10.31 -12.91 -39.39
N VAL A 187 -9.77 -13.25 -38.22
CA VAL A 187 -10.04 -14.55 -37.60
C VAL A 187 -11.43 -14.61 -36.99
N LEU A 188 -11.96 -13.49 -36.50
CA LEU A 188 -13.33 -13.45 -36.03
C LEU A 188 -14.32 -13.58 -37.19
N ASN A 189 -14.07 -12.92 -38.33
CA ASN A 189 -14.85 -13.14 -39.54
C ASN A 189 -14.77 -14.59 -40.00
N GLY A 190 -13.56 -15.14 -40.06
CA GLY A 190 -13.28 -16.50 -40.51
C GLY A 190 -13.56 -17.60 -39.50
N SER A 191 -14.31 -17.33 -38.43
CA SER A 191 -14.68 -18.35 -37.45
C SER A 191 -16.12 -18.81 -37.68
N VAL A 192 -16.27 -20.12 -37.88
CA VAL A 192 -17.45 -20.72 -38.51
C VAL A 192 -17.85 -22.01 -37.85
N ASP A 193 -19.10 -22.44 -38.06
CA ASP A 193 -19.55 -23.78 -37.73
C ASP A 193 -19.09 -24.82 -38.77
N ALA A 194 -19.42 -26.09 -38.58
CA ALA A 194 -19.02 -27.15 -39.51
C ALA A 194 -19.72 -27.06 -40.89
N ASN A 195 -20.79 -26.29 -41.03
CA ASN A 195 -21.36 -25.95 -42.33
C ASN A 195 -20.61 -24.81 -43.02
N GLY A 196 -19.70 -24.13 -42.34
CA GLY A 196 -18.98 -23.00 -42.90
C GLY A 196 -19.71 -21.66 -42.77
N ARG A 197 -20.79 -21.55 -42.02
CA ARG A 197 -21.43 -20.25 -41.78
C ARG A 197 -20.81 -19.54 -40.57
N PRO A 198 -20.58 -18.22 -40.61
CA PRO A 198 -20.03 -17.44 -39.51
C PRO A 198 -20.76 -17.57 -38.18
N LEU A 199 -20.02 -17.46 -37.07
CA LEU A 199 -20.56 -17.43 -35.72
C LEU A 199 -20.94 -16.02 -35.25
N PHE A 200 -20.05 -15.04 -35.38
CA PHE A 200 -20.23 -13.74 -34.72
C PHE A 200 -20.94 -12.68 -35.57
N VAL A 201 -21.53 -13.06 -36.70
CA VAL A 201 -22.27 -12.19 -37.61
C VAL A 201 -23.38 -12.99 -38.30
N GLU A 202 -24.40 -12.35 -38.83
CA GLU A 202 -25.72 -12.97 -39.06
C GLU A 202 -26.34 -12.64 -40.44
N SER A 203 -27.32 -13.42 -40.87
CA SER A 203 -28.16 -13.15 -42.05
C SER A 203 -27.34 -13.02 -43.33
N THR A 204 -27.37 -11.87 -44.01
CA THR A 204 -26.67 -11.62 -45.28
C THR A 204 -25.39 -10.81 -45.11
N TYR A 205 -24.91 -10.67 -43.87
CA TYR A 205 -23.58 -10.17 -43.57
C TYR A 205 -23.33 -8.71 -43.93
N GLU A 206 -24.35 -7.85 -43.83
CA GLU A 206 -24.17 -6.40 -43.97
C GLU A 206 -23.46 -5.73 -42.79
N SER A 207 -23.62 -6.23 -41.57
CA SER A 207 -23.12 -5.56 -40.36
C SER A 207 -21.73 -6.01 -39.94
N LEU A 208 -21.06 -5.24 -39.09
CA LEU A 208 -19.83 -5.68 -38.43
C LEU A 208 -20.06 -6.89 -37.53
N THR A 209 -19.05 -7.75 -37.47
CA THR A 209 -18.94 -8.85 -36.52
C THR A 209 -19.01 -8.30 -35.09
N THR A 210 -19.91 -8.77 -34.23
CA THR A 210 -20.31 -7.98 -33.04
C THR A 210 -19.21 -7.62 -32.05
N PRO A 211 -18.17 -8.41 -31.76
CA PRO A 211 -17.06 -7.91 -30.96
C PRO A 211 -16.36 -6.71 -31.59
N PHE A 212 -16.24 -6.65 -32.92
CA PHE A 212 -15.68 -5.49 -33.61
C PHE A 212 -16.60 -4.27 -33.65
N ARG A 213 -17.81 -4.40 -33.11
CA ARG A 213 -18.79 -3.35 -32.90
C ARG A 213 -18.71 -2.79 -31.46
N GLU A 214 -17.65 -3.14 -30.74
CA GLU A 214 -17.48 -3.05 -29.27
C GLU A 214 -18.64 -3.71 -28.49
N GLY A 215 -19.22 -4.78 -29.03
CA GLY A 215 -20.17 -5.63 -28.33
C GLY A 215 -19.50 -6.59 -27.35
N ARG A 216 -20.30 -7.31 -26.58
CA ARG A 216 -19.81 -8.34 -25.66
C ARG A 216 -19.49 -9.65 -26.38
N ILE A 217 -18.79 -10.56 -25.72
CA ILE A 217 -18.79 -11.99 -26.02
C ILE A 217 -19.16 -12.72 -24.74
N LEU A 218 -20.17 -13.58 -24.75
CA LEU A 218 -20.59 -14.35 -23.58
C LEU A 218 -20.68 -13.49 -22.32
N GLY A 219 -21.26 -12.30 -22.43
CA GLY A 219 -21.43 -11.35 -21.33
C GLY A 219 -20.26 -10.44 -21.00
N ARG A 220 -19.04 -10.68 -21.52
CA ARG A 220 -17.83 -9.90 -21.20
C ARG A 220 -17.60 -8.82 -22.26
N PRO A 221 -17.41 -7.54 -21.93
CA PRO A 221 -17.13 -6.49 -22.89
C PRO A 221 -15.87 -6.73 -23.73
N THR A 222 -15.86 -6.22 -24.96
CA THR A 222 -14.70 -6.24 -25.86
C THR A 222 -14.09 -4.86 -25.96
N ILE A 223 -12.78 -4.76 -25.78
CA ILE A 223 -12.02 -3.52 -25.98
C ILE A 223 -11.13 -3.68 -27.22
N LEU A 224 -11.16 -2.72 -28.13
CA LEU A 224 -10.42 -2.78 -29.40
C LEU A 224 -9.29 -1.75 -29.44
N SER A 225 -8.16 -2.10 -30.06
CA SER A 225 -7.05 -1.17 -30.24
C SER A 225 -6.24 -1.48 -31.49
N ASP A 226 -5.60 -0.47 -32.08
CA ASP A 226 -4.69 -0.63 -33.21
C ASP A 226 -3.25 -1.01 -32.81
N HIS A 227 -2.91 -1.05 -31.52
CA HIS A 227 -1.51 -1.20 -31.07
C HIS A 227 -1.29 -2.13 -29.87
N VAL A 228 -2.23 -3.02 -29.53
CA VAL A 228 -2.00 -4.01 -28.46
C VAL A 228 -1.21 -5.23 -28.91
N ALA A 229 -1.13 -5.56 -30.20
CA ALA A 229 -0.34 -6.70 -30.65
C ALA A 229 1.16 -6.44 -30.61
N GLU A 230 1.95 -7.46 -30.31
CA GLU A 230 3.40 -7.46 -30.50
C GLU A 230 3.92 -8.88 -30.65
N GLY A 231 4.69 -9.14 -31.71
CA GLY A 231 5.17 -10.48 -31.99
C GLY A 231 4.02 -11.46 -32.18
N ASP A 232 4.06 -12.58 -31.47
CA ASP A 232 3.07 -13.65 -31.59
C ASP A 232 1.73 -13.39 -30.87
N VAL A 233 1.64 -12.37 -30.02
CA VAL A 233 0.47 -12.13 -29.15
C VAL A 233 -0.41 -11.05 -29.75
N VAL A 234 -1.72 -11.30 -29.85
CA VAL A 234 -2.68 -10.42 -30.53
C VAL A 234 -3.77 -9.87 -29.62
N GLY A 235 -3.80 -10.25 -28.35
CA GLY A 235 -4.83 -9.82 -27.42
C GLY A 235 -4.72 -10.50 -26.07
N TYR A 236 -5.51 -10.03 -25.11
CA TYR A 236 -5.51 -10.55 -23.75
C TYR A 236 -6.92 -10.72 -23.25
N ALA A 237 -7.19 -11.82 -22.56
CA ALA A 237 -8.46 -12.07 -21.90
C ALA A 237 -8.20 -12.32 -20.42
N GLY A 238 -8.93 -11.68 -19.53
CA GLY A 238 -8.70 -11.89 -18.11
C GLY A 238 -9.50 -10.97 -17.22
N ASP A 239 -9.02 -10.81 -16.00
CA ASP A 239 -9.62 -9.98 -14.97
C ASP A 239 -8.95 -8.60 -14.90
N PHE A 240 -9.43 -7.65 -15.67
CA PHE A 240 -8.88 -6.29 -15.70
C PHE A 240 -9.17 -5.47 -14.42
N SER A 241 -9.82 -6.01 -13.40
CA SER A 241 -9.81 -5.38 -12.07
C SER A 241 -8.47 -5.55 -11.37
N GLN A 242 -7.64 -6.52 -11.78
CA GLN A 242 -6.34 -6.78 -11.19
C GLN A 242 -5.25 -5.79 -11.62
N ILE A 243 -5.58 -4.70 -12.31
CA ILE A 243 -4.62 -3.66 -12.72
C ILE A 243 -5.01 -2.32 -12.10
N ILE A 244 -4.09 -1.65 -11.42
CA ILE A 244 -4.28 -0.27 -10.97
C ILE A 244 -3.12 0.59 -11.45
N TRP A 245 -3.41 1.86 -11.73
CA TRP A 245 -2.42 2.83 -12.16
C TRP A 245 -2.71 4.18 -11.55
N GLY A 246 -1.74 5.08 -11.56
CA GLY A 246 -1.89 6.43 -11.04
C GLY A 246 -0.89 7.37 -11.65
N GLN A 247 -1.15 8.66 -11.53
CA GLN A 247 -0.36 9.72 -12.13
C GLN A 247 -0.17 10.85 -11.13
N VAL A 248 1.03 11.40 -11.01
CA VAL A 248 1.31 12.47 -10.05
C VAL A 248 1.23 13.82 -10.76
N GLY A 249 0.33 14.68 -10.33
CA GLY A 249 0.03 15.92 -11.05
C GLY A 249 -0.53 15.61 -12.44
N GLY A 250 0.08 16.16 -13.48
CA GLY A 250 -0.24 15.89 -14.88
C GLY A 250 0.94 16.16 -15.78
N LEU A 251 0.76 16.01 -17.08
CA LEU A 251 1.79 16.34 -18.06
C LEU A 251 2.17 17.80 -17.93
N SER A 252 3.47 18.09 -17.79
CA SER A 252 3.98 19.41 -17.47
C SER A 252 5.01 19.88 -18.47
N PHE A 253 4.96 21.17 -18.81
CA PHE A 253 5.86 21.83 -19.75
C PHE A 253 6.63 22.94 -19.04
N ASP A 254 7.94 22.98 -19.22
CA ASP A 254 8.79 24.08 -18.79
C ASP A 254 9.61 24.60 -19.99
N VAL A 255 9.84 25.90 -20.06
CA VAL A 255 10.51 26.58 -21.17
C VAL A 255 11.58 27.54 -20.66
N THR A 256 12.73 27.58 -21.32
CA THR A 256 13.86 28.40 -20.87
C THR A 256 14.71 28.88 -22.03
N ASP A 257 15.32 30.04 -21.84
CA ASP A 257 16.41 30.56 -22.67
C ASP A 257 17.69 30.76 -21.85
N GLN A 258 17.77 30.21 -20.63
CA GLN A 258 18.89 30.42 -19.71
C GLN A 258 19.65 29.16 -19.33
N ALA A 259 19.08 27.96 -19.49
CA ALA A 259 19.82 26.73 -19.21
C ALA A 259 21.02 26.55 -20.16
N THR A 260 21.92 25.64 -19.81
CA THR A 260 22.95 25.12 -20.71
C THR A 260 22.68 23.64 -20.95
N LEU A 261 22.68 23.19 -22.20
CA LEU A 261 22.43 21.79 -22.54
C LEU A 261 23.70 21.09 -22.96
N ASN A 262 23.92 19.89 -22.45
CA ASN A 262 24.86 18.96 -23.04
C ASN A 262 24.21 18.26 -24.23
N LEU A 263 24.84 18.32 -25.39
CA LEU A 263 24.40 17.66 -26.61
C LEU A 263 25.12 16.33 -26.87
N GLY A 264 26.16 16.03 -26.11
CA GLY A 264 26.87 14.75 -26.13
C GLY A 264 26.35 13.79 -25.06
N SER A 265 27.27 13.10 -24.38
CA SER A 265 27.00 12.28 -23.20
C SER A 265 28.11 12.49 -22.16
N GLN A 266 27.92 12.05 -20.92
CA GLN A 266 28.84 12.34 -19.81
C GLN A 266 30.29 11.88 -20.02
N GLU A 267 30.52 10.90 -20.89
CA GLU A 267 31.85 10.41 -21.24
C GLU A 267 32.61 11.33 -22.20
N SER A 268 31.91 12.20 -22.93
CA SER A 268 32.48 13.14 -23.90
C SER A 268 31.54 14.34 -24.10
N PRO A 269 31.50 15.28 -23.14
CA PRO A 269 30.54 16.36 -23.12
C PRO A 269 30.65 17.33 -24.31
N ASN A 270 29.57 18.06 -24.57
CA ASN A 270 29.50 19.09 -25.59
C ASN A 270 28.42 20.10 -25.22
N PHE A 271 28.79 21.19 -24.54
CA PHE A 271 27.84 22.11 -23.93
C PHE A 271 27.54 23.32 -24.81
N VAL A 272 26.26 23.67 -24.92
CA VAL A 272 25.79 24.88 -25.60
C VAL A 272 24.97 25.70 -24.64
N SER A 273 25.35 26.95 -24.41
CA SER A 273 24.55 27.89 -23.63
C SER A 273 23.35 28.35 -24.44
N LEU A 274 22.13 28.16 -23.96
CA LEU A 274 20.95 28.61 -24.68
C LEU A 274 20.82 30.14 -24.71
N TRP A 275 21.61 30.86 -23.91
CA TRP A 275 21.55 32.31 -23.81
C TRP A 275 22.63 32.98 -24.66
N GLN A 276 23.82 32.40 -24.73
CA GLN A 276 24.93 32.97 -25.50
C GLN A 276 24.79 32.72 -27.00
N HIS A 277 24.44 31.51 -27.41
CA HIS A 277 23.79 31.26 -28.70
C HIS A 277 22.32 31.62 -28.52
N ASN A 278 21.65 32.26 -29.45
CA ASN A 278 20.29 32.74 -29.23
C ASN A 278 19.25 31.62 -29.41
N LEU A 279 19.16 30.67 -28.47
CA LEU A 279 18.32 29.47 -28.55
C LEU A 279 17.19 29.50 -27.51
N VAL A 280 16.27 28.54 -27.60
CA VAL A 280 15.21 28.29 -26.62
C VAL A 280 14.99 26.79 -26.50
N ALA A 281 14.74 26.28 -25.31
CA ALA A 281 14.43 24.87 -25.09
C ALA A 281 13.12 24.69 -24.31
N VAL A 282 12.47 23.55 -24.52
CA VAL A 282 11.27 23.14 -23.80
C VAL A 282 11.47 21.72 -23.28
N ARG A 283 11.14 21.51 -22.01
CA ARG A 283 11.24 20.24 -21.29
C ARG A 283 9.86 19.74 -20.93
N VAL A 284 9.56 18.51 -21.32
CA VAL A 284 8.25 17.88 -21.11
C VAL A 284 8.39 16.73 -20.14
N GLU A 285 7.52 16.63 -19.15
CA GLU A 285 7.70 15.68 -18.07
C GLU A 285 6.39 15.22 -17.40
N ALA A 286 6.32 13.94 -17.05
CA ALA A 286 5.19 13.30 -16.35
C ALA A 286 5.67 12.19 -15.41
N GLU A 287 4.83 11.79 -14.46
CA GLU A 287 5.10 10.67 -13.55
C GLU A 287 3.91 9.72 -13.43
N TYR A 288 4.16 8.43 -13.56
CA TYR A 288 3.15 7.39 -13.55
C TYR A 288 3.56 6.25 -12.63
N GLY A 289 2.61 5.49 -12.11
CA GLY A 289 2.86 4.27 -11.36
C GLY A 289 1.87 3.18 -11.73
N LEU A 290 2.31 1.93 -11.78
CA LEU A 290 1.54 0.79 -12.24
C LEU A 290 1.71 -0.41 -11.32
N LEU A 291 0.62 -1.08 -10.97
CA LEU A 291 0.63 -2.40 -10.34
C LEU A 291 -0.34 -3.34 -11.03
N ILE A 292 0.16 -4.49 -11.48
CA ILE A 292 -0.66 -5.64 -11.87
C ILE A 292 -0.58 -6.64 -10.73
N ASN A 293 -1.70 -6.92 -10.07
CA ASN A 293 -1.75 -7.61 -8.79
C ASN A 293 -1.35 -9.09 -8.89
N ASP A 294 -1.74 -9.74 -9.98
CA ASP A 294 -1.33 -11.09 -10.33
C ASP A 294 -1.27 -11.20 -11.85
N VAL A 295 -0.06 -11.33 -12.40
CA VAL A 295 0.12 -11.40 -13.85
C VAL A 295 -0.47 -12.65 -14.46
N ASN A 296 -0.81 -13.66 -13.67
CA ASN A 296 -1.37 -14.93 -14.15
C ASN A 296 -2.90 -14.93 -14.27
N ALA A 297 -3.57 -13.82 -13.98
CA ALA A 297 -5.01 -13.64 -14.16
C ALA A 297 -5.41 -13.29 -15.60
N PHE A 298 -4.50 -13.42 -16.56
CA PHE A 298 -4.68 -13.07 -17.96
C PHE A 298 -4.16 -14.18 -18.86
N VAL A 299 -4.86 -14.43 -19.96
CA VAL A 299 -4.47 -15.37 -21.01
C VAL A 299 -3.98 -14.58 -22.22
N LYS A 300 -2.77 -14.85 -22.67
CA LYS A 300 -2.19 -14.28 -23.90
C LYS A 300 -2.79 -14.98 -25.11
N LEU A 301 -3.51 -14.26 -25.97
CA LEU A 301 -4.13 -14.82 -27.18
C LEU A 301 -3.15 -14.79 -28.36
N THR A 302 -3.13 -15.84 -29.17
CA THR A 302 -2.15 -16.07 -30.25
C THR A 302 -2.79 -16.79 -31.44
N PHE A 303 -2.13 -16.84 -32.59
CA PHE A 303 -2.64 -17.51 -33.81
C PHE A 303 -1.96 -18.84 -34.13
N ASP A 304 -1.05 -19.33 -33.29
CA ASP A 304 -0.26 -20.53 -33.60
C ASP A 304 -1.13 -21.79 -33.77
N PRO A 305 -0.71 -22.72 -34.64
CA PRO A 305 -1.46 -23.94 -34.95
C PRO A 305 -1.41 -24.97 -33.83
N VAL A 306 -2.30 -25.95 -33.85
CA VAL A 306 -2.31 -27.05 -32.88
C VAL A 306 -1.10 -27.96 -33.06
N LEU A 307 -0.24 -28.02 -32.04
CA LEU A 307 0.89 -28.94 -32.00
C LEU A 307 0.43 -30.39 -31.88
N THR A 308 1.33 -31.34 -32.12
CA THR A 308 1.13 -32.76 -31.82
C THR A 308 2.47 -33.38 -31.45
N THR A 309 2.44 -34.35 -30.54
CA THR A 309 3.63 -35.04 -30.04
C THR A 309 3.72 -36.43 -30.62
N TYR A 310 4.89 -36.80 -31.13
CA TYR A 310 5.17 -38.09 -31.75
C TYR A 310 6.36 -38.78 -31.11
N ALA A 311 6.37 -40.11 -31.08
CA ALA A 311 7.51 -40.93 -30.64
C ALA A 311 8.02 -41.83 -31.76
N LEU A 312 9.34 -41.89 -31.92
CA LEU A 312 10.06 -42.66 -32.93
C LEU A 312 10.69 -43.91 -32.31
N ASP A 313 10.46 -45.07 -32.92
CA ASP A 313 11.16 -46.31 -32.61
C ASP A 313 12.10 -46.66 -33.79
N LEU A 314 13.42 -46.69 -33.54
CA LEU A 314 14.40 -47.11 -34.54
C LEU A 314 14.67 -48.62 -34.53
N ASP A 315 13.91 -49.43 -33.77
CA ASP A 315 14.09 -50.88 -33.65
C ASP A 315 15.52 -51.27 -33.24
N GLY A 316 16.12 -50.48 -32.35
CA GLY A 316 17.50 -50.67 -31.87
C GLY A 316 18.59 -50.54 -32.94
N ALA A 317 18.30 -49.93 -34.10
CA ALA A 317 19.23 -49.83 -35.22
C ALA A 317 20.56 -49.13 -34.87
N SER A 318 21.62 -49.49 -35.61
CA SER A 318 23.01 -49.06 -35.38
C SER A 318 23.73 -48.62 -36.67
N ALA A 319 23.03 -48.55 -37.80
CA ALA A 319 23.58 -48.16 -39.10
C ALA A 319 22.50 -47.55 -40.00
N GLY A 320 22.93 -46.76 -40.98
CA GLY A 320 22.06 -46.21 -42.02
C GLY A 320 21.35 -44.91 -41.63
N ASN A 321 20.31 -44.56 -42.39
CA ASN A 321 19.62 -43.28 -42.28
C ASN A 321 18.13 -43.38 -42.67
N PHE A 322 17.34 -42.42 -42.20
CA PHE A 322 15.87 -42.37 -42.36
C PHE A 322 15.42 -40.98 -42.80
N THR A 323 14.16 -40.83 -43.20
CA THR A 323 13.58 -39.54 -43.62
C THR A 323 12.27 -39.25 -42.90
N LEU A 324 11.94 -37.97 -42.74
CA LEU A 324 10.73 -37.49 -42.09
C LEU A 324 9.94 -36.62 -43.07
N SER A 325 8.62 -36.60 -42.96
CA SER A 325 7.76 -35.81 -43.83
C SER A 325 6.61 -35.12 -43.10
N LEU A 326 6.39 -33.84 -43.42
CA LEU A 326 5.25 -33.02 -42.98
C LEU A 326 4.40 -32.67 -44.19
N ASP A 327 3.10 -32.99 -44.15
CA ASP A 327 2.13 -32.67 -45.20
C ASP A 327 2.62 -32.97 -46.63
N GLY A 328 3.26 -34.14 -46.81
CA GLY A 328 3.79 -34.60 -48.10
C GLY A 328 5.14 -33.99 -48.53
N LYS A 329 5.65 -32.95 -47.87
CA LYS A 329 7.02 -32.45 -48.09
C LYS A 329 8.01 -33.27 -47.24
N THR A 330 9.25 -33.43 -47.68
CA THR A 330 10.18 -34.44 -47.14
C THR A 330 11.54 -33.86 -46.75
N SER A 331 12.11 -34.33 -45.65
CA SER A 331 13.39 -33.88 -45.12
C SER A 331 14.58 -34.33 -45.98
N ALA A 332 15.76 -33.74 -45.72
CA ALA A 332 17.03 -34.43 -45.96
C ALA A 332 17.10 -35.71 -45.12
N ASN A 333 17.95 -36.67 -45.49
CA ASN A 333 18.12 -37.89 -44.68
C ASN A 333 18.78 -37.59 -43.31
N ILE A 334 18.40 -38.38 -42.30
CA ILE A 334 18.88 -38.28 -40.92
C ILE A 334 19.57 -39.59 -40.54
N ALA A 335 20.81 -39.53 -40.03
CA ALA A 335 21.55 -40.72 -39.59
C ALA A 335 20.96 -41.36 -38.32
N TYR A 336 21.11 -42.68 -38.18
CA TYR A 336 20.57 -43.45 -37.04
C TYR A 336 21.01 -42.94 -35.64
N ASN A 337 22.16 -42.26 -35.54
CA ASN A 337 22.73 -41.76 -34.28
C ASN A 337 22.51 -40.24 -34.07
N ALA A 338 21.72 -39.57 -34.91
CA ALA A 338 21.61 -38.11 -34.93
C ALA A 338 21.24 -37.51 -33.56
N SER A 339 21.90 -36.41 -33.19
CA SER A 339 21.54 -35.64 -31.98
C SER A 339 20.16 -34.98 -32.12
N THR A 340 19.57 -34.56 -30.99
CA THR A 340 18.28 -33.87 -30.98
C THR A 340 18.28 -32.61 -31.87
N ALA A 341 19.34 -31.81 -31.81
CA ALA A 341 19.51 -30.63 -32.67
C ALA A 341 19.64 -31.02 -34.16
N THR A 342 20.22 -32.17 -34.47
CA THR A 342 20.29 -32.68 -35.85
C THR A 342 18.91 -33.04 -36.38
N VAL A 343 18.07 -33.71 -35.59
CA VAL A 343 16.68 -33.98 -35.98
C VAL A 343 15.88 -32.69 -36.11
N LYS A 344 15.99 -31.77 -35.14
CA LYS A 344 15.29 -30.49 -35.17
C LYS A 344 15.65 -29.67 -36.42
N SER A 345 16.93 -29.49 -36.69
CA SER A 345 17.40 -28.79 -37.89
C SER A 345 16.98 -29.49 -39.19
N ALA A 346 16.99 -30.84 -39.24
CA ALA A 346 16.50 -31.58 -40.40
C ALA A 346 14.97 -31.46 -40.61
N ILE A 347 14.19 -31.11 -39.58
CA ILE A 347 12.76 -30.80 -39.72
C ILE A 347 12.56 -29.38 -40.25
N VAL A 348 13.17 -28.34 -39.66
CA VAL A 348 12.89 -26.96 -40.11
C VAL A 348 13.30 -26.75 -41.57
N ALA A 349 14.34 -27.46 -42.02
CA ALA A 349 14.81 -27.48 -43.41
C ALA A 349 13.86 -28.18 -44.41
N ILE A 350 12.67 -28.62 -44.00
CA ILE A 350 11.63 -29.09 -44.94
C ILE A 350 11.04 -27.91 -45.75
N ASP A 351 11.24 -26.66 -45.29
CA ASP A 351 10.86 -25.45 -46.02
C ASP A 351 9.35 -25.38 -46.36
N ASP A 352 8.51 -25.71 -45.37
CA ASP A 352 7.05 -25.59 -45.44
C ASP A 352 6.52 -24.31 -44.77
N GLY A 353 7.41 -23.36 -44.44
CA GLY A 353 7.06 -22.15 -43.69
C GLY A 353 7.05 -22.33 -42.17
N VAL A 354 7.32 -23.55 -41.70
CA VAL A 354 7.58 -23.85 -40.28
C VAL A 354 8.99 -23.42 -39.88
N SER A 355 9.18 -23.10 -38.60
CA SER A 355 10.41 -22.51 -38.07
C SER A 355 10.83 -23.14 -36.74
N ALA A 356 12.06 -22.89 -36.29
CA ALA A 356 12.61 -23.49 -35.07
C ALA A 356 11.82 -23.16 -33.78
N ASP A 357 10.96 -22.14 -33.81
CA ASP A 357 10.01 -21.83 -32.73
C ASP A 357 8.85 -22.84 -32.65
N ASP A 358 8.50 -23.50 -33.75
CA ASP A 358 7.36 -24.43 -33.88
C ASP A 358 7.70 -25.88 -33.51
N VAL A 359 8.97 -26.18 -33.25
CA VAL A 359 9.48 -27.56 -33.24
C VAL A 359 10.24 -27.86 -31.94
N THR A 360 10.01 -29.02 -31.33
CA THR A 360 10.86 -29.52 -30.23
C THR A 360 11.25 -30.98 -30.47
N VAL A 361 12.44 -31.35 -29.98
CA VAL A 361 12.96 -32.72 -30.01
C VAL A 361 13.53 -33.06 -28.64
N THR A 362 13.25 -34.28 -28.18
CA THR A 362 13.57 -34.77 -26.83
C THR A 362 13.94 -36.26 -26.86
N GLY A 363 14.63 -36.73 -25.83
CA GLY A 363 15.10 -38.11 -25.71
C GLY A 363 16.56 -38.31 -26.12
N SER A 364 16.96 -39.57 -26.23
CA SER A 364 18.29 -40.03 -26.65
C SER A 364 18.54 -39.87 -28.16
N ALA A 365 19.74 -40.23 -28.63
CA ALA A 365 19.96 -40.61 -30.01
C ALA A 365 19.23 -41.95 -30.30
N GLY A 366 18.26 -41.94 -31.21
CA GLY A 366 17.21 -42.97 -31.26
C GLY A 366 16.24 -42.86 -30.08
N ASP A 367 15.05 -43.46 -30.19
CA ASP A 367 13.97 -43.33 -29.20
C ASP A 367 13.52 -41.85 -28.97
N TYR A 368 13.50 -41.04 -30.03
CA TYR A 368 13.14 -39.63 -29.97
C TYR A 368 11.66 -39.42 -29.65
N THR A 369 11.36 -38.33 -28.93
CA THR A 369 10.02 -37.72 -28.88
C THR A 369 10.05 -36.31 -29.46
N ILE A 370 9.15 -36.04 -30.40
CA ILE A 370 9.12 -34.88 -31.29
C ILE A 370 7.83 -34.11 -31.06
N THR A 371 7.83 -32.77 -31.16
CA THR A 371 6.60 -32.01 -31.34
C THR A 371 6.68 -31.10 -32.54
N VAL A 372 5.60 -31.06 -33.33
CA VAL A 372 5.48 -30.33 -34.60
C VAL A 372 4.02 -29.94 -34.87
N PRO A 373 3.76 -28.89 -35.67
CA PRO A 373 2.43 -28.38 -35.96
C PRO A 373 1.67 -29.11 -37.10
N GLY A 374 1.84 -30.43 -37.26
CA GLY A 374 1.22 -31.14 -38.39
C GLY A 374 1.29 -32.67 -38.36
N THR A 375 0.76 -33.30 -39.41
CA THR A 375 0.70 -34.77 -39.56
C THR A 375 2.05 -35.36 -39.97
N LEU A 376 2.97 -35.44 -39.01
CA LEU A 376 4.29 -36.02 -39.20
C LEU A 376 4.20 -37.49 -39.63
N THR A 377 5.07 -37.88 -40.55
CA THR A 377 5.26 -39.26 -41.03
C THR A 377 6.75 -39.54 -41.21
N ALA A 378 7.12 -40.80 -41.32
CA ALA A 378 8.52 -41.23 -41.43
C ALA A 378 8.69 -42.31 -42.50
N ASP A 379 9.93 -42.51 -42.95
CA ASP A 379 10.31 -43.64 -43.79
C ASP A 379 11.73 -44.13 -43.49
N PHE A 380 11.96 -45.44 -43.62
CA PHE A 380 13.03 -46.17 -42.93
C PHE A 380 13.86 -47.10 -43.83
N SER A 381 13.68 -47.07 -45.15
CA SER A 381 14.36 -48.02 -46.06
C SER A 381 15.89 -47.94 -46.03
N GLY A 382 16.45 -46.77 -45.73
CA GLY A 382 17.90 -46.60 -45.53
C GLY A 382 18.40 -47.02 -44.14
N LEU A 383 17.51 -47.28 -43.18
CA LEU A 383 17.83 -47.66 -41.79
C LEU A 383 17.99 -49.19 -41.71
N THR A 384 19.07 -49.69 -42.31
CA THR A 384 19.22 -51.10 -42.70
C THR A 384 19.01 -52.14 -41.59
N ASP A 385 19.33 -51.81 -40.34
CA ASP A 385 19.11 -52.71 -39.19
C ASP A 385 17.64 -52.77 -38.71
N GLY A 386 16.90 -51.68 -38.85
CA GLY A 386 15.64 -51.44 -38.13
C GLY A 386 14.39 -51.92 -38.87
N GLU A 387 14.29 -53.21 -39.16
CA GLU A 387 13.17 -53.78 -39.94
C GLU A 387 11.78 -53.53 -39.28
N GLY A 388 11.72 -53.40 -37.96
CA GLY A 388 10.52 -53.05 -37.20
C GLY A 388 10.34 -51.54 -36.89
N ALA A 389 11.20 -50.66 -37.41
CA ALA A 389 11.18 -49.23 -37.07
C ALA A 389 9.83 -48.56 -37.39
N SER A 390 9.41 -47.62 -36.54
CA SER A 390 8.04 -47.07 -36.51
C SER A 390 8.00 -45.62 -36.01
N ILE A 391 6.96 -44.88 -36.36
CA ILE A 391 6.60 -43.60 -35.74
C ILE A 391 5.16 -43.64 -35.25
N SER A 392 4.88 -42.97 -34.13
CA SER A 392 3.61 -43.11 -33.41
C SER A 392 3.16 -41.80 -32.76
N VAL A 393 1.84 -41.61 -32.64
CA VAL A 393 1.25 -40.47 -31.92
C VAL A 393 1.32 -40.71 -30.42
N VAL A 394 1.94 -39.80 -29.67
CA VAL A 394 1.85 -39.78 -28.20
C VAL A 394 0.53 -39.16 -27.78
N SER A 395 0.27 -37.95 -28.26
CA SER A 395 -0.99 -37.22 -28.12
C SER A 395 -1.04 -36.03 -29.09
N VAL A 396 -2.22 -35.51 -29.38
CA VAL A 396 -2.37 -34.11 -29.84
C VAL A 396 -1.90 -33.16 -28.72
N GLY A 397 -1.35 -32.00 -29.10
CA GLY A 397 -0.63 -31.09 -28.19
C GLY A 397 0.78 -31.57 -27.80
N GLY B 2 -41.44 -20.26 -105.77
CA GLY B 2 -41.86 -18.93 -106.29
C GLY B 2 -41.18 -18.61 -107.60
N PHE B 3 -41.01 -17.32 -107.87
CA PHE B 3 -40.38 -16.81 -109.09
C PHE B 3 -39.12 -15.99 -108.77
N SER B 4 -38.19 -15.94 -109.72
CA SER B 4 -36.90 -15.26 -109.57
C SER B 4 -37.03 -13.74 -109.37
N ALA B 5 -35.91 -13.10 -109.00
CA ALA B 5 -35.90 -11.72 -108.50
C ALA B 5 -36.17 -10.63 -109.54
N ASP B 6 -36.00 -10.92 -110.84
CA ASP B 6 -36.40 -10.05 -111.96
C ASP B 6 -36.99 -10.95 -113.06
N HIS B 7 -38.16 -11.51 -112.80
CA HIS B 7 -38.79 -12.50 -113.67
C HIS B 7 -39.28 -11.90 -114.99
N SER B 8 -39.21 -12.67 -116.07
CA SER B 8 -39.53 -12.18 -117.41
C SER B 8 -41.02 -11.97 -117.68
N GLN B 9 -41.93 -12.40 -116.81
CA GLN B 9 -43.38 -12.31 -117.04
C GLN B 9 -44.17 -11.69 -115.89
N ILE B 10 -43.74 -11.85 -114.63
CA ILE B 10 -44.48 -11.41 -113.45
C ILE B 10 -43.83 -10.15 -112.86
N ALA B 11 -44.62 -9.12 -112.55
CA ALA B 11 -44.12 -7.95 -111.84
C ALA B 11 -44.17 -8.18 -110.33
N GLN B 12 -43.04 -8.08 -109.62
CA GLN B 12 -42.92 -8.32 -108.18
C GLN B 12 -42.23 -7.15 -107.50
N THR B 13 -42.50 -6.88 -106.22
CA THR B 13 -41.82 -5.77 -105.51
C THR B 13 -40.31 -5.98 -105.37
N LYS B 14 -39.82 -7.20 -105.57
CA LYS B 14 -38.39 -7.53 -105.71
C LYS B 14 -37.71 -6.82 -106.87
N ASP B 15 -38.44 -6.44 -107.92
CA ASP B 15 -37.85 -6.08 -109.21
C ASP B 15 -36.99 -4.83 -109.15
N THR B 16 -35.88 -4.84 -109.90
CA THR B 16 -34.94 -3.72 -109.98
C THR B 16 -35.61 -2.42 -110.37
N MET B 17 -36.61 -2.48 -111.24
CA MET B 17 -37.33 -1.32 -111.74
C MET B 17 -38.14 -0.56 -110.67
N PHE B 18 -38.34 -1.12 -109.48
CA PHE B 18 -39.01 -0.43 -108.38
C PHE B 18 -38.06 0.19 -107.36
N THR B 19 -36.74 0.00 -107.48
CA THR B 19 -35.77 0.65 -106.59
C THR B 19 -35.93 2.17 -106.59
N GLY B 20 -35.77 2.81 -105.44
CA GLY B 20 -36.06 4.24 -105.26
C GLY B 20 -37.53 4.56 -105.01
N TYR B 21 -38.43 3.61 -105.26
CA TYR B 21 -39.73 3.54 -104.59
C TYR B 21 -39.65 2.46 -103.51
N LEU B 22 -40.72 2.27 -102.74
CA LEU B 22 -40.78 1.18 -101.75
C LEU B 22 -39.64 1.26 -100.70
N ASP B 23 -39.21 2.46 -100.33
CA ASP B 23 -38.19 2.67 -99.30
C ASP B 23 -38.68 2.29 -97.90
N PRO B 24 -37.82 1.72 -97.04
CA PRO B 24 -38.14 1.48 -95.65
C PRO B 24 -38.23 2.80 -94.88
N VAL B 25 -39.09 2.85 -93.88
CA VAL B 25 -39.25 4.04 -93.03
C VAL B 25 -38.10 4.16 -92.01
N GLN B 26 -37.66 5.38 -91.73
CA GLN B 26 -36.64 5.64 -90.71
C GLN B 26 -37.21 5.47 -89.30
N ALA B 27 -36.63 4.58 -88.48
CA ALA B 27 -37.02 4.39 -87.09
C ALA B 27 -36.04 5.05 -86.10
N LYS B 28 -36.45 5.20 -84.84
CA LYS B 28 -35.51 5.48 -83.74
C LYS B 28 -34.60 4.29 -83.47
N ASP B 29 -33.48 4.50 -82.81
CA ASP B 29 -32.63 3.39 -82.38
C ASP B 29 -33.22 2.71 -81.13
N TYR B 30 -33.62 1.44 -81.24
CA TYR B 30 -34.17 0.65 -80.15
C TYR B 30 -33.10 -0.05 -79.32
N PHE B 31 -31.84 -0.04 -79.75
CA PHE B 31 -30.74 -0.77 -79.13
C PHE B 31 -29.63 0.17 -78.63
N ALA B 32 -29.95 1.44 -78.40
CA ALA B 32 -29.01 2.44 -77.94
C ALA B 32 -28.53 2.18 -76.50
N GLU B 33 -27.22 2.22 -76.28
CA GLU B 33 -26.63 2.23 -74.94
C GLU B 33 -26.73 3.63 -74.29
N ALA B 34 -26.81 3.71 -72.98
CA ALA B 34 -26.65 4.97 -72.25
C ALA B 34 -25.20 5.45 -72.25
N GLU B 35 -24.98 6.75 -72.06
CA GLU B 35 -23.63 7.31 -71.89
C GLU B 35 -23.01 6.88 -70.56
N LYS B 36 -21.77 6.38 -70.58
CA LYS B 36 -21.03 6.09 -69.35
C LYS B 36 -20.68 7.37 -68.60
N THR B 37 -20.49 7.26 -67.30
CA THR B 37 -20.03 8.36 -66.43
C THR B 37 -18.83 7.90 -65.62
N SER B 38 -17.89 8.79 -65.28
CA SER B 38 -16.75 8.42 -64.46
C SER B 38 -17.18 7.85 -63.12
N ILE B 39 -16.54 6.74 -62.72
CA ILE B 39 -16.74 6.12 -61.43
C ILE B 39 -15.76 6.68 -60.41
N VAL B 40 -14.55 7.05 -60.84
CA VAL B 40 -13.54 7.64 -59.96
C VAL B 40 -14.04 8.96 -59.39
N GLN B 41 -14.73 9.77 -60.18
CA GLN B 41 -15.34 11.00 -59.71
C GLN B 41 -16.54 10.80 -58.77
N ARG B 42 -17.09 9.58 -58.61
CA ARG B 42 -18.08 9.28 -57.57
C ARG B 42 -17.45 8.93 -56.24
N VAL B 43 -16.34 8.21 -56.23
CA VAL B 43 -15.72 7.68 -55.01
C VAL B 43 -14.64 8.58 -54.41
N ALA B 44 -13.80 9.22 -55.23
CA ALA B 44 -12.70 10.04 -54.73
C ALA B 44 -13.18 11.43 -54.29
N GLN B 45 -12.51 12.03 -53.31
CA GLN B 45 -12.88 13.35 -52.81
C GLN B 45 -12.49 14.46 -53.79
N LYS B 46 -13.43 15.35 -54.13
CA LYS B 46 -13.18 16.49 -55.01
C LYS B 46 -12.59 17.65 -54.23
N ILE B 47 -11.36 18.01 -54.54
CA ILE B 47 -10.59 19.03 -53.82
C ILE B 47 -10.60 20.34 -54.61
N PRO B 48 -10.80 21.51 -53.98
CA PRO B 48 -10.76 22.77 -54.68
C PRO B 48 -9.36 23.03 -55.21
N MET B 49 -9.27 23.39 -56.48
CA MET B 49 -8.09 23.26 -57.33
C MET B 49 -8.00 24.44 -58.30
N GLY B 50 -6.81 24.80 -58.73
CA GLY B 50 -6.58 25.96 -59.60
C GLY B 50 -5.36 25.76 -60.49
N ALA B 51 -5.20 26.60 -61.51
CA ALA B 51 -4.30 26.31 -62.63
C ALA B 51 -2.82 26.16 -62.25
N THR B 52 -2.36 26.85 -61.21
CA THR B 52 -0.99 26.77 -60.71
C THR B 52 -0.75 25.51 -59.87
N GLY B 53 -1.80 24.85 -59.41
CA GLY B 53 -1.75 23.66 -58.58
C GLY B 53 -1.84 23.94 -57.09
N ILE B 54 -1.65 22.91 -56.29
CA ILE B 54 -1.71 22.96 -54.83
C ILE B 54 -0.54 22.22 -54.21
N VAL B 55 -0.24 22.50 -52.95
CA VAL B 55 0.79 21.80 -52.18
C VAL B 55 0.26 21.33 -50.83
N ILE B 56 0.58 20.08 -50.48
CA ILE B 56 0.04 19.32 -49.36
C ILE B 56 1.15 19.03 -48.35
N PRO B 57 1.04 19.44 -47.09
CA PRO B 57 2.04 19.22 -46.06
C PRO B 57 1.86 17.87 -45.36
N HIS B 58 2.91 17.27 -44.80
CA HIS B 58 2.83 16.01 -44.08
C HIS B 58 3.83 15.89 -42.94
N TRP B 59 3.39 15.56 -41.73
CA TRP B 59 4.28 15.29 -40.60
C TRP B 59 4.98 13.94 -40.74
N THR B 60 6.27 13.86 -40.42
CA THR B 60 7.04 12.62 -40.54
C THR B 60 8.06 12.42 -39.41
N GLY B 61 7.91 13.09 -38.27
CA GLY B 61 8.85 13.01 -37.16
C GLY B 61 8.63 11.81 -36.25
N ASP B 62 9.69 11.04 -35.99
CA ASP B 62 9.73 10.02 -34.94
C ASP B 62 10.02 10.64 -33.57
N VAL B 63 9.10 11.45 -33.06
CA VAL B 63 9.18 12.08 -31.74
C VAL B 63 9.20 11.02 -30.63
N SER B 64 9.92 11.25 -29.53
CA SER B 64 10.22 10.22 -28.53
C SER B 64 10.39 10.76 -27.10
N ALA B 65 10.24 9.88 -26.11
CA ALA B 65 10.47 10.12 -24.70
C ALA B 65 11.07 8.88 -24.02
N GLN B 66 11.71 9.02 -22.86
CA GLN B 66 12.36 7.90 -22.18
C GLN B 66 12.05 7.85 -20.69
N TRP B 67 11.93 6.65 -20.14
CA TRP B 67 11.87 6.40 -18.71
C TRP B 67 13.22 6.72 -18.10
N ILE B 68 13.24 7.46 -16.98
CA ILE B 68 14.47 8.08 -16.51
C ILE B 68 14.65 8.01 -14.99
N GLY B 69 15.87 7.74 -14.54
CA GLY B 69 16.19 7.58 -13.11
C GLY B 69 16.16 8.89 -12.34
N GLU B 70 16.25 8.83 -11.01
CA GLU B 70 16.43 10.04 -10.21
C GLU B 70 17.77 10.70 -10.54
N GLY B 71 17.78 12.00 -10.83
CA GLY B 71 19.02 12.75 -11.04
C GLY B 71 19.80 12.24 -12.25
N ASP B 72 19.13 12.16 -13.40
CA ASP B 72 19.71 11.61 -14.62
C ASP B 72 19.35 12.46 -15.86
N MET B 73 20.16 12.38 -16.91
CA MET B 73 20.17 13.36 -18.00
C MET B 73 19.09 13.12 -19.05
N LYS B 74 18.23 14.11 -19.31
CA LYS B 74 17.17 14.00 -20.34
C LYS B 74 17.75 13.74 -21.74
N PRO B 75 17.03 13.00 -22.61
CA PRO B 75 17.31 12.97 -24.03
C PRO B 75 16.74 14.22 -24.72
N ILE B 76 17.31 14.57 -25.87
CA ILE B 76 16.84 15.65 -26.76
C ILE B 76 16.26 15.03 -28.04
N THR B 77 15.18 15.61 -28.57
CA THR B 77 14.50 15.13 -29.79
C THR B 77 14.09 16.27 -30.73
N LYS B 78 13.83 15.95 -32.00
CA LYS B 78 13.39 16.91 -33.03
C LYS B 78 12.28 16.33 -33.90
N GLY B 79 11.29 17.13 -34.26
CA GLY B 79 10.25 16.76 -35.22
C GLY B 79 10.77 16.75 -36.67
N ASN B 80 9.92 16.38 -37.63
CA ASN B 80 10.26 16.46 -39.05
C ASN B 80 9.01 16.59 -39.92
N MET B 81 9.13 17.18 -41.11
CA MET B 81 8.03 17.47 -42.01
C MET B 81 8.46 17.37 -43.47
N THR B 82 7.52 17.08 -44.36
CA THR B 82 7.69 17.13 -45.81
C THR B 82 6.47 17.74 -46.47
N LYS B 83 6.55 17.98 -47.78
CA LYS B 83 5.43 18.47 -48.59
C LYS B 83 5.45 17.81 -49.96
N ARG B 84 4.33 17.81 -50.65
CA ARG B 84 4.19 17.31 -52.03
C ARG B 84 3.18 18.15 -52.79
N ASP B 85 3.38 18.35 -54.08
CA ASP B 85 2.58 19.22 -54.93
C ASP B 85 1.82 18.45 -56.01
N VAL B 86 0.66 18.99 -56.37
CA VAL B 86 -0.22 18.46 -57.42
C VAL B 86 -0.44 19.56 -58.46
N HIS B 87 -0.10 19.30 -59.72
CA HIS B 87 -0.39 20.18 -60.85
C HIS B 87 -1.45 19.56 -61.75
N PRO B 88 -2.45 20.30 -62.24
CA PRO B 88 -3.36 19.80 -63.26
C PRO B 88 -2.66 19.36 -64.55
N ALA B 89 -3.36 18.59 -65.37
CA ALA B 89 -3.02 18.27 -66.73
C ALA B 89 -4.19 18.58 -67.67
N LYS B 90 -3.87 18.88 -68.92
CA LYS B 90 -4.80 19.38 -69.94
C LYS B 90 -5.17 18.29 -70.92
N ILE B 91 -6.45 18.17 -71.25
CA ILE B 91 -6.97 17.22 -72.24
C ILE B 91 -7.82 17.95 -73.28
N ALA B 92 -7.60 17.67 -74.56
CA ALA B 92 -8.28 18.39 -75.65
C ALA B 92 -8.32 17.62 -76.97
N THR B 93 -9.25 17.99 -77.86
CA THR B 93 -9.31 17.56 -79.27
C THR B 93 -10.02 18.56 -80.17
N ILE B 94 -9.84 18.39 -81.47
CA ILE B 94 -10.50 19.12 -82.54
C ILE B 94 -11.31 18.13 -83.39
N PHE B 95 -12.50 18.50 -83.85
CA PHE B 95 -13.19 17.78 -84.93
C PHE B 95 -13.59 18.73 -86.05
N VAL B 96 -13.58 18.24 -87.28
CA VAL B 96 -13.55 19.05 -88.50
C VAL B 96 -14.61 18.60 -89.48
N ALA B 97 -15.29 19.52 -90.14
CA ALA B 97 -16.32 19.21 -91.13
C ALA B 97 -16.30 20.20 -92.30
N SER B 98 -16.77 19.80 -93.48
CA SER B 98 -16.98 20.74 -94.57
C SER B 98 -18.17 21.67 -94.30
N ALA B 99 -18.17 22.88 -94.85
CA ALA B 99 -19.28 23.80 -94.65
C ALA B 99 -20.62 23.25 -95.19
N GLU B 100 -20.58 22.41 -96.21
CA GLU B 100 -21.77 21.72 -96.72
C GLU B 100 -22.32 20.70 -95.72
N THR B 101 -21.45 19.99 -95.00
CA THR B 101 -21.86 19.13 -93.89
C THR B 101 -22.49 19.95 -92.78
N VAL B 102 -21.89 21.08 -92.41
CA VAL B 102 -22.45 21.96 -91.37
C VAL B 102 -23.81 22.53 -91.76
N ARG B 103 -24.00 22.84 -93.04
CA ARG B 103 -25.27 23.33 -93.58
C ARG B 103 -26.37 22.27 -93.51
N ALA B 104 -26.05 21.01 -93.80
CA ALA B 104 -27.00 19.91 -93.77
C ALA B 104 -27.28 19.35 -92.36
N ASN B 105 -26.24 19.20 -91.54
CA ASN B 105 -26.24 18.49 -90.25
C ASN B 105 -26.96 17.12 -90.31
N PRO B 106 -26.49 16.19 -91.13
CA PRO B 106 -27.13 14.90 -91.33
C PRO B 106 -27.11 14.10 -90.04
N ALA B 107 -28.19 13.37 -89.72
CA ALA B 107 -28.31 12.54 -88.52
C ALA B 107 -28.05 13.27 -87.20
N ASN B 108 -28.11 14.60 -87.18
CA ASN B 108 -27.61 15.45 -86.11
C ASN B 108 -26.17 15.09 -85.66
N TYR B 109 -25.31 14.78 -86.61
CA TYR B 109 -23.93 14.39 -86.35
C TYR B 109 -23.19 15.43 -85.51
N LEU B 110 -23.34 16.72 -85.78
CA LEU B 110 -22.56 17.75 -85.09
C LEU B 110 -22.98 17.93 -83.64
N GLY B 111 -24.28 17.82 -83.33
CA GLY B 111 -24.74 17.81 -81.94
C GLY B 111 -24.29 16.54 -81.21
N THR B 112 -24.35 15.40 -81.88
CA THR B 112 -23.93 14.11 -81.30
C THR B 112 -22.44 14.08 -81.03
N MET B 113 -21.63 14.69 -81.90
CA MET B 113 -20.18 14.66 -81.75
C MET B 113 -19.73 15.38 -80.48
N ARG B 114 -20.42 16.45 -80.05
CA ARG B 114 -20.16 17.10 -78.75
C ARG B 114 -20.35 16.16 -77.57
N THR B 115 -21.47 15.47 -77.47
CA THR B 115 -21.71 14.59 -76.32
C THR B 115 -20.79 13.38 -76.36
N LYS B 116 -20.45 12.85 -77.53
CA LYS B 116 -19.49 11.75 -77.63
C LYS B 116 -18.08 12.13 -77.19
N VAL B 117 -17.58 13.33 -77.47
CA VAL B 117 -16.28 13.76 -76.91
C VAL B 117 -16.35 14.02 -75.41
N ALA B 118 -17.47 14.52 -74.87
CA ALA B 118 -17.59 14.71 -73.43
C ALA B 118 -17.43 13.38 -72.69
N THR B 119 -18.04 12.31 -73.19
CA THR B 119 -17.86 10.97 -72.64
C THR B 119 -16.47 10.42 -72.85
N ALA B 120 -15.79 10.72 -73.96
CA ALA B 120 -14.41 10.29 -74.16
C ALA B 120 -13.46 10.94 -73.14
N ILE B 121 -13.66 12.22 -72.83
CA ILE B 121 -12.89 12.95 -71.83
C ILE B 121 -13.13 12.37 -70.44
N ALA B 122 -14.37 12.06 -70.08
CA ALA B 122 -14.66 11.35 -68.83
C ALA B 122 -13.96 9.99 -68.79
N MET B 123 -14.16 9.12 -69.77
CA MET B 123 -13.55 7.79 -69.78
C MET B 123 -12.03 7.80 -69.83
N ALA B 124 -11.39 8.83 -70.37
CA ALA B 124 -9.95 8.98 -70.31
C ALA B 124 -9.45 9.24 -68.89
N PHE B 125 -10.26 9.85 -68.03
CA PHE B 125 -9.92 10.06 -66.63
C PHE B 125 -9.90 8.75 -65.85
N ASP B 126 -10.97 7.96 -65.85
CA ASP B 126 -10.97 6.67 -65.16
C ASP B 126 -9.88 5.74 -65.68
N ASN B 127 -9.67 5.63 -67.00
CA ASN B 127 -8.62 4.77 -67.52
C ASN B 127 -7.22 5.21 -67.06
N ALA B 128 -6.99 6.52 -66.89
CA ALA B 128 -5.72 7.00 -66.35
C ALA B 128 -5.62 6.71 -64.85
N ALA B 129 -6.67 6.94 -64.07
CA ALA B 129 -6.64 6.77 -62.62
C ALA B 129 -6.65 5.31 -62.16
N LEU B 130 -7.34 4.42 -62.85
CA LEU B 130 -7.42 3.01 -62.48
C LEU B 130 -6.25 2.19 -63.04
N HIS B 131 -6.01 2.28 -64.33
CA HIS B 131 -5.06 1.40 -65.04
C HIS B 131 -3.85 2.13 -65.61
N GLY B 132 -3.78 3.46 -65.50
CA GLY B 132 -2.62 4.23 -65.92
C GLY B 132 -2.35 4.21 -67.42
N THR B 133 -3.36 4.01 -68.28
CA THR B 133 -3.15 3.63 -69.68
C THR B 133 -2.34 4.64 -70.50
N ASN B 134 -2.81 5.87 -70.59
CA ASN B 134 -2.16 6.98 -71.28
C ASN B 134 -1.97 8.18 -70.33
N ALA B 135 -1.79 7.92 -69.04
CA ALA B 135 -1.85 8.95 -68.01
C ALA B 135 -0.80 10.04 -68.24
N PRO B 136 -1.13 11.31 -68.00
CA PRO B 136 -0.18 12.40 -68.11
C PRO B 136 0.83 12.33 -66.96
N SER B 137 2.02 12.85 -67.16
CA SER B 137 3.11 12.79 -66.16
C SER B 137 2.75 13.45 -64.84
N ALA B 138 1.78 14.36 -64.83
CA ALA B 138 1.34 15.05 -63.63
C ALA B 138 0.44 14.22 -62.70
N PHE B 139 -0.17 13.13 -63.18
CA PHE B 139 -0.96 12.25 -62.32
C PHE B 139 -0.04 11.39 -61.47
N GLN B 140 -0.26 11.34 -60.16
CA GLN B 140 0.60 10.60 -59.24
C GLN B 140 -0.12 9.35 -58.71
N GLY B 141 0.33 8.19 -59.20
CA GLY B 141 -0.20 6.87 -58.88
C GLY B 141 -1.48 6.51 -59.65
N TYR B 142 -1.74 5.21 -59.77
CA TYR B 142 -2.99 4.64 -60.26
C TYR B 142 -3.22 3.28 -59.61
N LEU B 143 -4.47 2.85 -59.39
CA LEU B 143 -4.73 1.69 -58.51
C LEU B 143 -4.05 0.40 -58.96
N ASP B 144 -3.83 0.18 -60.26
CA ASP B 144 -3.17 -1.02 -60.74
C ASP B 144 -1.71 -1.17 -60.26
N GLN B 145 -1.10 -0.14 -59.66
CA GLN B 145 0.25 -0.21 -59.08
C GLN B 145 0.36 -0.94 -57.74
N SER B 146 -0.73 -1.27 -57.05
CA SER B 146 -0.68 -1.98 -55.77
C SER B 146 0.02 -3.34 -55.85
N ASN B 147 0.77 -3.71 -54.83
CA ASN B 147 1.44 -5.01 -54.71
C ASN B 147 0.62 -6.11 -54.01
N LYS B 148 -0.71 -5.95 -53.88
CA LYS B 148 -1.61 -6.93 -53.24
C LYS B 148 -2.67 -7.46 -54.21
N THR B 149 -2.74 -8.77 -54.42
CA THR B 149 -3.78 -9.44 -55.23
C THR B 149 -4.54 -10.47 -54.41
N GLN B 150 -5.82 -10.67 -54.67
CA GLN B 150 -6.61 -11.69 -53.99
C GLN B 150 -7.54 -12.45 -54.94
N SER B 151 -7.51 -13.78 -54.88
CA SER B 151 -8.51 -14.65 -55.50
C SER B 151 -9.85 -14.56 -54.78
N ILE B 152 -10.93 -14.36 -55.52
CA ILE B 152 -12.29 -14.22 -54.95
C ILE B 152 -13.24 -15.33 -55.43
N SER B 153 -12.80 -16.23 -56.31
CA SER B 153 -13.68 -17.12 -57.07
C SER B 153 -14.39 -18.21 -56.28
N PRO B 154 -13.72 -19.08 -55.51
CA PRO B 154 -14.41 -20.24 -54.95
C PRO B 154 -15.43 -19.83 -53.90
N ASN B 155 -15.17 -18.79 -53.11
CA ASN B 155 -16.08 -18.23 -52.11
C ASN B 155 -15.74 -16.76 -51.83
N ALA B 156 -16.64 -15.84 -52.18
CA ALA B 156 -16.37 -14.41 -52.05
C ALA B 156 -16.31 -13.90 -50.61
N TYR B 157 -16.93 -14.57 -49.64
CA TYR B 157 -16.85 -14.18 -48.23
C TYR B 157 -15.47 -14.49 -47.66
N GLN B 158 -14.94 -15.69 -47.87
CA GLN B 158 -13.56 -16.01 -47.51
C GLN B 158 -12.57 -15.15 -48.28
N GLY B 159 -12.88 -14.80 -49.54
CA GLY B 159 -12.10 -13.88 -50.35
C GLY B 159 -11.98 -12.50 -49.72
N LEU B 160 -13.07 -11.74 -49.62
CA LEU B 160 -13.01 -10.38 -49.07
C LEU B 160 -12.77 -10.35 -47.56
N GLY B 161 -13.58 -11.07 -46.79
CA GLY B 161 -13.70 -10.85 -45.35
C GLY B 161 -12.58 -11.45 -44.51
N VAL B 162 -11.79 -12.38 -45.07
CA VAL B 162 -10.86 -13.19 -44.31
C VAL B 162 -9.49 -13.19 -44.96
N SER B 163 -9.31 -13.90 -46.08
CA SER B 163 -8.01 -14.05 -46.72
C SER B 163 -7.52 -12.74 -47.35
N GLY B 164 -8.42 -11.94 -47.91
CA GLY B 164 -8.14 -10.63 -48.47
C GLY B 164 -7.84 -9.59 -47.41
N LEU B 165 -8.68 -9.47 -46.38
CA LEU B 165 -8.50 -8.48 -45.31
C LEU B 165 -7.18 -8.64 -44.57
N THR B 166 -6.71 -9.88 -44.34
CA THR B 166 -5.39 -10.13 -43.76
C THR B 166 -4.29 -9.36 -44.47
N LYS B 167 -4.32 -9.23 -45.80
CA LYS B 167 -3.27 -8.53 -46.55
C LYS B 167 -3.23 -7.05 -46.20
N LEU B 168 -4.37 -6.39 -46.00
CA LEU B 168 -4.43 -4.98 -45.62
C LEU B 168 -4.04 -4.75 -44.16
N VAL B 169 -4.66 -5.46 -43.22
CA VAL B 169 -4.44 -5.15 -41.78
C VAL B 169 -3.04 -5.52 -41.30
N THR B 170 -2.37 -6.48 -41.93
CA THR B 170 -0.97 -6.81 -41.64
C THR B 170 -0.04 -5.62 -41.89
N ASP B 171 -0.38 -4.74 -42.83
CA ASP B 171 0.37 -3.53 -43.14
C ASP B 171 -0.20 -2.27 -42.47
N GLY B 172 -1.16 -2.40 -41.56
CA GLY B 172 -1.74 -1.27 -40.84
C GLY B 172 -2.70 -0.41 -41.65
N LYS B 173 -3.29 -0.96 -42.72
CA LYS B 173 -4.17 -0.24 -43.66
C LYS B 173 -5.60 -0.75 -43.51
N LYS B 174 -6.60 0.11 -43.74
CA LYS B 174 -8.01 -0.16 -43.42
C LYS B 174 -8.84 -0.43 -44.66
N TRP B 175 -9.63 -1.49 -44.67
CA TRP B 175 -10.65 -1.74 -45.69
C TRP B 175 -11.89 -0.89 -45.41
N THR B 176 -12.21 0.10 -46.26
CA THR B 176 -13.33 1.03 -46.03
C THR B 176 -14.42 1.00 -47.08
N HIS B 177 -14.12 0.58 -48.31
CA HIS B 177 -15.07 0.42 -49.42
C HIS B 177 -14.68 -0.77 -50.29
N THR B 178 -15.59 -1.27 -51.10
CA THR B 178 -15.25 -2.17 -52.20
C THR B 178 -15.88 -1.72 -53.51
N LEU B 179 -15.13 -1.78 -54.60
CA LEU B 179 -15.53 -1.40 -55.94
C LEU B 179 -15.48 -2.64 -56.84
N LEU B 180 -16.62 -3.02 -57.42
CA LEU B 180 -16.78 -4.27 -58.14
C LEU B 180 -17.31 -4.04 -59.55
N ASP B 181 -16.80 -4.81 -60.50
CA ASP B 181 -17.36 -4.88 -61.85
C ASP B 181 -18.62 -5.75 -61.90
N ASP B 182 -19.58 -5.46 -62.77
CA ASP B 182 -20.76 -6.31 -62.96
C ASP B 182 -20.44 -7.78 -63.26
N THR B 183 -19.30 -8.09 -63.85
CA THR B 183 -18.85 -9.48 -64.06
C THR B 183 -18.65 -10.29 -62.78
N VAL B 184 -18.65 -9.66 -61.60
CA VAL B 184 -18.49 -10.33 -60.30
C VAL B 184 -19.76 -11.02 -59.83
N GLU B 185 -20.94 -10.66 -60.37
CA GLU B 185 -22.21 -11.17 -59.87
C GLU B 185 -22.29 -12.70 -59.72
N PRO B 186 -21.88 -13.54 -60.68
CA PRO B 186 -21.95 -14.98 -60.51
C PRO B 186 -21.05 -15.54 -59.39
N VAL B 187 -19.82 -15.08 -59.19
CA VAL B 187 -18.99 -15.62 -58.10
C VAL B 187 -19.52 -15.20 -56.73
N LEU B 188 -20.26 -14.10 -56.67
CA LEU B 188 -20.94 -13.68 -55.47
C LEU B 188 -22.19 -14.54 -55.22
N ASN B 189 -23.06 -14.72 -56.22
CA ASN B 189 -24.23 -15.59 -56.14
C ASN B 189 -23.87 -17.03 -55.79
N GLY B 190 -22.72 -17.51 -56.26
CA GLY B 190 -22.23 -18.86 -56.08
C GLY B 190 -21.41 -19.07 -54.83
N SER B 191 -21.25 -18.06 -53.98
CA SER B 191 -20.66 -18.24 -52.66
C SER B 191 -21.68 -18.85 -51.72
N VAL B 192 -21.44 -20.11 -51.34
CA VAL B 192 -22.38 -20.97 -50.62
C VAL B 192 -21.73 -21.58 -49.40
N ASP B 193 -22.55 -21.98 -48.42
CA ASP B 193 -22.10 -22.81 -47.32
C ASP B 193 -21.89 -24.28 -47.77
N ALA B 194 -21.48 -25.16 -46.86
CA ALA B 194 -21.23 -26.57 -47.18
C ALA B 194 -22.50 -27.37 -47.55
N ASN B 195 -23.70 -26.89 -47.21
CA ASN B 195 -24.95 -27.48 -47.69
C ASN B 195 -25.33 -26.98 -49.09
N GLY B 196 -24.65 -25.96 -49.59
CA GLY B 196 -24.94 -25.38 -50.90
C GLY B 196 -26.01 -24.29 -50.87
N ARG B 197 -26.41 -23.78 -49.71
CA ARG B 197 -27.28 -22.60 -49.67
C ARG B 197 -26.44 -21.32 -49.78
N PRO B 198 -26.88 -20.28 -50.50
CA PRO B 198 -26.18 -19.01 -50.60
C PRO B 198 -25.88 -18.32 -49.27
N LEU B 199 -24.80 -17.54 -49.23
CA LEU B 199 -24.49 -16.65 -48.12
C LEU B 199 -25.20 -15.30 -48.24
N PHE B 200 -25.14 -14.64 -49.39
CA PHE B 200 -25.54 -13.23 -49.54
C PHE B 200 -27.00 -13.01 -49.95
N VAL B 201 -27.85 -14.02 -49.95
CA VAL B 201 -29.29 -13.89 -50.28
C VAL B 201 -30.13 -14.91 -49.50
N GLU B 202 -31.38 -14.55 -49.17
CA GLU B 202 -32.25 -15.28 -48.22
C GLU B 202 -33.38 -16.10 -48.88
N SER B 203 -34.03 -16.96 -48.09
CA SER B 203 -35.34 -17.57 -48.36
C SER B 203 -35.44 -18.22 -49.73
N THR B 204 -36.36 -17.76 -50.60
CA THR B 204 -36.64 -18.35 -51.92
C THR B 204 -35.94 -17.63 -53.06
N TYR B 205 -34.96 -16.77 -52.78
CA TYR B 205 -34.09 -16.17 -53.80
C TYR B 205 -34.81 -15.28 -54.81
N GLU B 206 -35.85 -14.57 -54.39
CA GLU B 206 -36.56 -13.62 -55.25
C GLU B 206 -35.66 -12.44 -55.65
N SER B 207 -34.88 -11.93 -54.70
CA SER B 207 -34.21 -10.63 -54.77
C SER B 207 -32.75 -10.71 -55.18
N LEU B 208 -32.18 -9.58 -55.60
CA LEU B 208 -30.74 -9.47 -55.85
C LEU B 208 -29.91 -9.76 -54.59
N THR B 209 -28.75 -10.35 -54.80
CA THR B 209 -27.71 -10.60 -53.80
C THR B 209 -27.24 -9.29 -53.19
N THR B 210 -27.17 -9.18 -51.86
CA THR B 210 -27.22 -7.87 -51.17
C THR B 210 -26.19 -6.81 -51.61
N PRO B 211 -24.90 -7.11 -51.80
CA PRO B 211 -23.96 -6.14 -52.34
C PRO B 211 -24.39 -5.53 -53.68
N PHE B 212 -25.10 -6.29 -54.52
CA PHE B 212 -25.58 -5.83 -55.83
C PHE B 212 -26.82 -4.93 -55.76
N ARG B 213 -27.37 -4.66 -54.57
CA ARG B 213 -28.27 -3.53 -54.32
C ARG B 213 -27.52 -2.26 -53.92
N GLU B 214 -26.20 -2.27 -54.02
CA GLU B 214 -25.29 -1.37 -53.32
C GLU B 214 -25.50 -1.42 -51.80
N GLY B 215 -25.74 -2.62 -51.28
CA GLY B 215 -25.65 -2.92 -49.85
C GLY B 215 -24.21 -3.01 -49.35
N ARG B 216 -24.04 -3.23 -48.06
CA ARG B 216 -22.73 -3.31 -47.40
C ARG B 216 -22.21 -4.75 -47.39
N ILE B 217 -20.91 -4.93 -47.18
CA ILE B 217 -20.32 -6.21 -46.75
C ILE B 217 -19.56 -5.96 -45.47
N LEU B 218 -19.92 -6.62 -44.38
CA LEU B 218 -19.22 -6.47 -43.09
C LEU B 218 -19.00 -5.00 -42.71
N GLY B 219 -20.00 -4.16 -42.92
CA GLY B 219 -19.98 -2.72 -42.66
C GLY B 219 -19.47 -1.85 -43.81
N ARG B 220 -18.68 -2.37 -44.75
CA ARG B 220 -18.08 -1.59 -45.84
C ARG B 220 -19.04 -1.43 -47.02
N PRO B 221 -19.35 -0.22 -47.51
CA PRO B 221 -20.22 -0.02 -48.67
C PRO B 221 -19.69 -0.65 -49.96
N THR B 222 -20.60 -1.02 -50.86
CA THR B 222 -20.27 -1.56 -52.19
C THR B 222 -20.54 -0.52 -53.27
N ILE B 223 -19.62 -0.39 -54.22
CA ILE B 223 -19.77 0.44 -55.39
C ILE B 223 -19.75 -0.47 -56.62
N LEU B 224 -20.71 -0.32 -57.53
CA LEU B 224 -20.85 -1.18 -58.71
C LEU B 224 -20.61 -0.39 -60.00
N SER B 225 -19.93 -0.99 -60.97
CA SER B 225 -19.72 -0.36 -62.28
C SER B 225 -19.59 -1.36 -63.42
N ASP B 226 -19.96 -0.95 -64.63
CA ASP B 226 -19.93 -1.78 -65.83
C ASP B 226 -18.58 -1.75 -66.58
N HIS B 227 -17.60 -0.97 -66.13
CA HIS B 227 -16.39 -0.68 -66.91
C HIS B 227 -15.08 -0.65 -66.12
N VAL B 228 -15.01 -1.21 -64.90
CA VAL B 228 -13.78 -1.19 -64.09
C VAL B 228 -12.88 -2.40 -64.29
N ALA B 229 -13.37 -3.54 -64.78
CA ALA B 229 -12.52 -4.70 -65.01
C ALA B 229 -11.58 -4.50 -66.20
N GLU B 230 -10.34 -4.99 -66.09
CA GLU B 230 -9.39 -5.07 -67.20
C GLU B 230 -8.33 -6.14 -66.93
N GLY B 231 -7.97 -6.91 -67.95
CA GLY B 231 -7.11 -8.07 -67.75
C GLY B 231 -7.77 -9.07 -66.82
N ASP B 232 -7.03 -9.56 -65.82
CA ASP B 232 -7.56 -10.46 -64.80
C ASP B 232 -8.17 -9.74 -63.59
N VAL B 233 -8.02 -8.42 -63.47
CA VAL B 233 -8.53 -7.67 -62.32
C VAL B 233 -10.00 -7.34 -62.50
N VAL B 234 -10.82 -7.65 -61.50
CA VAL B 234 -12.27 -7.47 -61.56
C VAL B 234 -12.82 -6.49 -60.53
N GLY B 235 -11.97 -5.91 -59.68
CA GLY B 235 -12.41 -4.95 -58.67
C GLY B 235 -11.30 -4.60 -57.70
N TYR B 236 -11.58 -3.64 -56.83
CA TYR B 236 -10.65 -3.09 -55.87
C TYR B 236 -11.30 -2.98 -54.52
N ALA B 237 -10.58 -3.34 -53.46
CA ALA B 237 -11.04 -3.14 -52.09
C ALA B 237 -9.94 -2.47 -51.30
N GLY B 238 -10.25 -1.45 -50.53
CA GLY B 238 -9.21 -0.70 -49.84
C GLY B 238 -9.73 0.55 -49.15
N ASP B 239 -8.83 1.51 -48.98
CA ASP B 239 -9.11 2.80 -48.37
C ASP B 239 -9.30 3.89 -49.42
N PHE B 240 -10.52 4.05 -49.93
CA PHE B 240 -10.82 5.08 -50.92
C PHE B 240 -10.74 6.52 -50.37
N SER B 241 -10.43 6.73 -49.09
CA SER B 241 -10.09 8.07 -48.61
C SER B 241 -8.69 8.53 -49.03
N GLN B 242 -7.83 7.62 -49.50
CA GLN B 242 -6.46 7.95 -49.93
C GLN B 242 -6.38 8.61 -51.31
N ILE B 243 -7.49 8.84 -52.00
CA ILE B 243 -7.55 9.36 -53.37
C ILE B 243 -8.18 10.75 -53.36
N ILE B 244 -7.56 11.72 -54.02
CA ILE B 244 -8.12 13.04 -54.27
C ILE B 244 -8.01 13.42 -55.75
N TRP B 245 -8.95 14.24 -56.22
CA TRP B 245 -8.95 14.76 -57.58
C TRP B 245 -9.51 16.17 -57.62
N GLY B 246 -9.25 16.92 -58.68
CA GLY B 246 -9.85 18.22 -58.89
C GLY B 246 -9.91 18.57 -60.37
N GLN B 247 -10.70 19.56 -60.73
CA GLN B 247 -10.92 20.02 -62.10
C GLN B 247 -10.82 21.54 -62.15
N VAL B 248 -10.13 22.09 -63.15
CA VAL B 248 -9.99 23.55 -63.29
C VAL B 248 -11.05 24.04 -64.26
N GLY B 249 -11.99 24.86 -63.78
CA GLY B 249 -13.15 25.25 -64.57
C GLY B 249 -14.01 24.03 -64.95
N GLY B 250 -14.31 23.88 -66.22
CA GLY B 250 -15.10 22.78 -66.77
C GLY B 250 -14.86 22.59 -68.26
N LEU B 251 -15.68 21.76 -68.91
CA LEU B 251 -15.55 21.47 -70.33
C LEU B 251 -15.88 22.71 -71.17
N SER B 252 -15.03 23.02 -72.15
CA SER B 252 -15.17 24.21 -72.99
C SER B 252 -15.10 23.89 -74.48
N PHE B 253 -15.90 24.59 -75.29
CA PHE B 253 -15.98 24.41 -76.75
C PHE B 253 -15.80 25.74 -77.49
N ASP B 254 -14.98 25.75 -78.53
CA ASP B 254 -14.80 26.87 -79.45
C ASP B 254 -15.06 26.43 -80.89
N VAL B 255 -15.56 27.31 -81.74
CA VAL B 255 -15.81 27.03 -83.16
C VAL B 255 -15.11 28.06 -84.04
N THR B 256 -14.58 27.64 -85.19
CA THR B 256 -13.90 28.52 -86.13
C THR B 256 -14.07 28.05 -87.56
N ASP B 257 -14.12 28.99 -88.50
CA ASP B 257 -14.07 28.73 -89.93
C ASP B 257 -12.82 29.35 -90.58
N GLN B 258 -11.89 29.89 -89.80
CA GLN B 258 -10.79 30.70 -90.34
C GLN B 258 -9.43 30.55 -89.66
N ALA B 259 -9.26 29.59 -88.76
CA ALA B 259 -7.94 29.13 -88.38
C ALA B 259 -7.24 28.38 -89.52
N THR B 260 -5.98 27.99 -89.34
CA THR B 260 -5.26 27.08 -90.22
C THR B 260 -4.82 25.87 -89.41
N LEU B 261 -5.32 24.68 -89.72
CA LEU B 261 -4.92 23.46 -89.02
C LEU B 261 -3.68 22.85 -89.66
N ASN B 262 -2.95 22.07 -88.88
CA ASN B 262 -1.93 21.16 -89.38
C ASN B 262 -2.47 19.73 -89.26
N LEU B 263 -2.58 19.02 -90.37
CA LEU B 263 -3.09 17.65 -90.38
C LEU B 263 -1.97 16.62 -90.19
N GLY B 264 -0.71 17.05 -90.24
CA GLY B 264 0.47 16.21 -90.03
C GLY B 264 0.97 16.27 -88.59
N SER B 265 2.28 16.11 -88.41
CA SER B 265 2.96 16.34 -87.13
C SER B 265 3.58 17.73 -87.07
N GLN B 266 3.98 18.20 -85.88
CA GLN B 266 4.72 19.47 -85.76
C GLN B 266 6.09 19.39 -86.47
N GLU B 267 6.70 18.21 -86.51
CA GLU B 267 8.00 17.94 -87.13
C GLU B 267 7.94 17.69 -88.65
N SER B 268 6.74 17.49 -89.22
CA SER B 268 6.51 17.21 -90.65
C SER B 268 5.13 17.71 -91.08
N PRO B 269 4.95 19.04 -91.21
CA PRO B 269 3.65 19.64 -91.32
C PRO B 269 2.88 19.31 -92.60
N ASN B 270 1.57 19.55 -92.55
CA ASN B 270 0.65 19.47 -93.67
C ASN B 270 -0.51 20.45 -93.42
N PHE B 271 -0.30 21.73 -93.71
CA PHE B 271 -1.25 22.78 -93.38
C PHE B 271 -2.44 22.88 -94.32
N VAL B 272 -3.61 23.21 -93.78
CA VAL B 272 -4.84 23.45 -94.53
C VAL B 272 -5.55 24.65 -93.93
N SER B 273 -5.81 25.68 -94.73
CA SER B 273 -6.59 26.83 -94.29
C SER B 273 -8.06 26.46 -94.23
N LEU B 274 -8.72 26.58 -93.08
CA LEU B 274 -10.14 26.26 -93.01
C LEU B 274 -10.94 27.19 -93.92
N TRP B 275 -10.57 28.46 -94.01
CA TRP B 275 -11.32 29.45 -94.78
C TRP B 275 -11.14 29.28 -96.28
N GLN B 276 -9.94 28.97 -96.75
CA GLN B 276 -9.70 28.76 -98.17
C GLN B 276 -10.30 27.45 -98.69
N HIS B 277 -10.42 26.42 -97.84
CA HIS B 277 -11.05 25.15 -98.20
C HIS B 277 -12.52 25.06 -97.83
N ASN B 278 -13.14 26.12 -97.31
CA ASN B 278 -14.56 26.11 -96.90
C ASN B 278 -14.87 25.04 -95.85
N LEU B 279 -13.99 24.84 -94.88
CA LEU B 279 -14.15 23.91 -93.76
C LEU B 279 -14.58 24.65 -92.50
N VAL B 280 -14.95 23.90 -91.47
CA VAL B 280 -15.26 24.39 -90.12
C VAL B 280 -14.63 23.44 -89.12
N ALA B 281 -14.14 23.96 -88.00
CA ALA B 281 -13.59 23.15 -86.92
C ALA B 281 -14.21 23.52 -85.58
N VAL B 282 -14.37 22.53 -84.72
CA VAL B 282 -14.72 22.69 -83.31
C VAL B 282 -13.57 22.19 -82.46
N ARG B 283 -13.18 22.95 -81.45
CA ARG B 283 -12.05 22.71 -80.55
C ARG B 283 -12.54 22.59 -79.12
N VAL B 284 -12.18 21.52 -78.42
CA VAL B 284 -12.77 21.14 -77.14
C VAL B 284 -11.69 20.85 -76.11
N GLU B 285 -11.83 21.36 -74.89
CA GLU B 285 -10.77 21.35 -73.88
C GLU B 285 -11.28 21.27 -72.44
N ALA B 286 -10.58 20.51 -71.58
CA ALA B 286 -10.81 20.37 -70.14
C ALA B 286 -9.49 20.11 -69.38
N GLU B 287 -9.50 20.22 -68.05
CA GLU B 287 -8.28 20.21 -67.24
C GLU B 287 -8.49 19.59 -65.84
N TYR B 288 -7.68 18.59 -65.47
CA TYR B 288 -7.89 17.71 -64.31
C TYR B 288 -6.61 17.47 -63.53
N GLY B 289 -6.71 17.17 -62.23
CA GLY B 289 -5.58 16.69 -61.42
C GLY B 289 -5.98 15.53 -60.51
N LEU B 290 -5.04 14.65 -60.19
CA LEU B 290 -5.24 13.43 -59.40
C LEU B 290 -4.03 13.14 -58.51
N LEU B 291 -4.26 12.76 -57.26
CA LEU B 291 -3.24 12.18 -56.39
C LEU B 291 -3.80 10.96 -55.67
N ILE B 292 -3.04 9.87 -55.65
CA ILE B 292 -3.27 8.73 -54.76
C ILE B 292 -2.15 8.74 -53.72
N ASN B 293 -2.50 8.83 -52.44
CA ASN B 293 -1.51 9.06 -51.38
C ASN B 293 -0.64 7.83 -51.10
N ASP B 294 -1.21 6.64 -51.17
CA ASP B 294 -0.49 5.37 -51.06
C ASP B 294 -1.20 4.28 -51.86
N VAL B 295 -0.60 3.82 -52.96
CA VAL B 295 -1.20 2.79 -53.79
C VAL B 295 -1.30 1.45 -53.08
N ASN B 296 -0.53 1.19 -52.03
CA ASN B 296 -0.51 -0.10 -51.33
C ASN B 296 -1.67 -0.28 -50.35
N ALA B 297 -2.58 0.68 -50.27
CA ALA B 297 -3.80 0.63 -49.46
C ALA B 297 -4.97 -0.08 -50.15
N PHE B 298 -4.75 -0.73 -51.29
CA PHE B 298 -5.79 -1.36 -52.11
C PHE B 298 -5.41 -2.79 -52.47
N VAL B 299 -6.37 -3.69 -52.48
CA VAL B 299 -6.22 -5.07 -52.95
C VAL B 299 -6.89 -5.22 -54.30
N LYS B 300 -6.19 -5.81 -55.25
CA LYS B 300 -6.66 -6.09 -56.61
C LYS B 300 -7.37 -7.44 -56.62
N LEU B 301 -8.68 -7.46 -56.84
CA LEU B 301 -9.46 -8.69 -56.83
C LEU B 301 -9.37 -9.41 -58.18
N THR B 302 -9.24 -10.73 -58.20
CA THR B 302 -9.16 -11.56 -59.42
C THR B 302 -9.97 -12.84 -59.22
N PHE B 303 -10.40 -13.52 -60.28
CA PHE B 303 -11.10 -14.81 -60.11
C PHE B 303 -10.13 -15.92 -59.73
N ASP B 304 -9.19 -16.28 -60.60
CA ASP B 304 -8.16 -17.25 -60.25
C ASP B 304 -7.06 -16.62 -59.40
N PRO B 305 -6.27 -17.41 -58.65
CA PRO B 305 -4.97 -16.98 -58.17
C PRO B 305 -4.05 -16.63 -59.35
N VAL B 306 -3.26 -15.58 -59.22
CA VAL B 306 -2.37 -15.06 -60.28
C VAL B 306 -0.94 -14.87 -59.78
N LEU B 307 0.01 -14.96 -60.69
CA LEU B 307 1.38 -14.48 -60.46
C LEU B 307 1.45 -12.97 -60.64
N THR B 308 2.34 -12.29 -59.92
CA THR B 308 2.64 -10.87 -60.13
C THR B 308 4.04 -10.72 -60.68
N THR B 309 4.21 -9.86 -61.68
CA THR B 309 5.52 -9.54 -62.25
C THR B 309 5.96 -8.15 -61.81
N TYR B 310 7.20 -8.06 -61.32
CA TYR B 310 7.81 -6.86 -60.79
C TYR B 310 9.05 -6.50 -61.60
N ALA B 311 9.31 -5.21 -61.76
CA ALA B 311 10.60 -4.69 -62.17
C ALA B 311 11.37 -4.26 -60.93
N LEU B 312 12.57 -4.80 -60.76
CA LEU B 312 13.49 -4.49 -59.66
C LEU B 312 14.73 -3.82 -60.23
N ASP B 313 14.96 -2.57 -59.87
CA ASP B 313 15.97 -1.71 -60.45
C ASP B 313 16.88 -1.14 -59.37
N LEU B 314 18.18 -1.48 -59.40
CA LEU B 314 19.16 -1.01 -58.43
C LEU B 314 19.76 0.35 -58.78
N ASP B 315 19.21 1.09 -59.75
CA ASP B 315 19.60 2.47 -60.08
C ASP B 315 21.10 2.63 -60.41
N GLY B 316 21.71 1.58 -60.96
CA GLY B 316 23.14 1.53 -61.25
C GLY B 316 24.06 1.57 -60.02
N ALA B 317 23.56 1.29 -58.81
CA ALA B 317 24.35 1.28 -57.59
C ALA B 317 25.62 0.42 -57.71
N SER B 318 26.77 0.99 -57.37
CA SER B 318 28.09 0.40 -57.66
C SER B 318 28.62 -0.61 -56.65
N ALA B 319 28.09 -0.67 -55.42
CA ALA B 319 28.50 -1.65 -54.41
C ALA B 319 27.46 -1.85 -53.30
N GLY B 320 27.54 -2.97 -52.59
CA GLY B 320 26.70 -3.28 -51.42
C GLY B 320 25.79 -4.49 -51.62
N ASN B 321 24.78 -4.61 -50.75
CA ASN B 321 23.81 -5.70 -50.76
C ASN B 321 22.38 -5.19 -50.53
N PHE B 322 21.40 -5.97 -50.95
CA PHE B 322 19.97 -5.76 -50.67
C PHE B 322 19.32 -7.09 -50.26
N THR B 323 18.15 -7.04 -49.65
CA THR B 323 17.36 -8.24 -49.32
C THR B 323 15.94 -8.12 -49.81
N LEU B 324 15.44 -9.17 -50.45
CA LEU B 324 14.05 -9.30 -50.83
C LEU B 324 13.23 -9.89 -49.67
N SER B 325 11.94 -9.62 -49.63
CA SER B 325 11.04 -10.17 -48.63
C SER B 325 9.67 -10.45 -49.23
N LEU B 326 9.29 -11.73 -49.26
CA LEU B 326 8.12 -12.24 -49.95
C LEU B 326 7.06 -12.67 -48.93
N ASP B 327 5.86 -12.11 -49.02
CA ASP B 327 4.80 -12.28 -48.00
C ASP B 327 5.31 -12.08 -46.56
N GLY B 328 6.24 -11.14 -46.37
CA GLY B 328 6.81 -10.79 -45.07
C GLY B 328 7.99 -11.64 -44.58
N LYS B 329 8.45 -12.64 -45.34
CA LYS B 329 9.59 -13.50 -44.98
C LYS B 329 10.81 -13.16 -45.83
N THR B 330 11.98 -12.98 -45.21
CA THR B 330 13.10 -12.24 -45.81
C THR B 330 14.26 -13.14 -46.27
N SER B 331 14.85 -12.85 -47.43
CA SER B 331 15.95 -13.60 -48.02
C SER B 331 17.28 -13.41 -47.28
N ALA B 332 18.27 -14.24 -47.61
CA ALA B 332 19.67 -13.90 -47.41
C ALA B 332 20.07 -12.65 -48.24
N ASN B 333 21.20 -12.03 -47.92
CA ASN B 333 21.73 -10.89 -48.69
C ASN B 333 21.98 -11.25 -50.16
N ILE B 334 21.64 -10.34 -51.06
CA ILE B 334 21.91 -10.43 -52.49
C ILE B 334 22.86 -9.29 -52.89
N ALA B 335 23.93 -9.61 -53.61
CA ALA B 335 24.93 -8.64 -54.05
C ALA B 335 24.40 -7.70 -55.15
N TYR B 336 24.90 -6.46 -55.18
CA TYR B 336 24.50 -5.42 -56.14
C TYR B 336 24.65 -5.78 -57.63
N ASN B 337 25.40 -6.84 -57.97
CA ASN B 337 25.65 -7.30 -59.33
C ASN B 337 25.32 -8.80 -59.53
N ALA B 338 24.51 -9.40 -58.66
CA ALA B 338 24.18 -10.82 -58.71
C ALA B 338 23.52 -11.25 -60.03
N SER B 339 23.80 -12.47 -60.51
CA SER B 339 23.17 -13.03 -61.71
C SER B 339 21.69 -13.37 -61.49
N THR B 340 20.91 -13.49 -62.58
CA THR B 340 19.48 -13.86 -62.51
C THR B 340 19.26 -15.18 -61.77
N ALA B 341 20.09 -16.19 -62.03
CA ALA B 341 20.00 -17.48 -61.34
C ALA B 341 20.36 -17.36 -59.85
N THR B 342 21.30 -16.48 -59.48
CA THR B 342 21.60 -16.19 -58.07
C THR B 342 20.39 -15.58 -57.39
N VAL B 343 19.76 -14.56 -58.00
CA VAL B 343 18.54 -13.95 -57.47
C VAL B 343 17.43 -15.00 -57.31
N LYS B 344 17.16 -15.81 -58.33
CA LYS B 344 16.18 -16.91 -58.23
C LYS B 344 16.49 -17.84 -57.06
N SER B 345 17.73 -18.29 -56.91
CA SER B 345 18.12 -19.17 -55.81
C SER B 345 17.91 -18.52 -54.44
N ALA B 346 18.20 -17.22 -54.30
CA ALA B 346 18.03 -16.50 -53.05
C ALA B 346 16.55 -16.30 -52.68
N ILE B 347 15.66 -16.23 -53.67
CA ILE B 347 14.22 -16.15 -53.45
C ILE B 347 13.65 -17.52 -53.05
N VAL B 348 13.91 -18.60 -53.78
CA VAL B 348 13.35 -19.92 -53.41
C VAL B 348 13.87 -20.46 -52.08
N ALA B 349 15.00 -19.95 -51.59
CA ALA B 349 15.56 -20.29 -50.28
C ALA B 349 14.81 -19.70 -49.08
N ILE B 350 13.82 -18.82 -49.27
CA ILE B 350 12.99 -18.29 -48.18
C ILE B 350 12.21 -19.44 -47.51
N ASP B 351 11.94 -19.34 -46.21
CA ASP B 351 11.49 -20.45 -45.35
C ASP B 351 10.18 -21.14 -45.77
N ASP B 352 9.28 -20.47 -46.50
CA ASP B 352 8.07 -21.08 -47.06
C ASP B 352 8.27 -21.72 -48.45
N GLY B 353 9.50 -21.67 -48.98
CA GLY B 353 10.06 -22.62 -49.94
C GLY B 353 9.33 -22.73 -51.28
N VAL B 354 8.56 -21.72 -51.70
CA VAL B 354 7.78 -21.77 -52.94
C VAL B 354 8.68 -22.18 -54.11
N SER B 355 8.19 -23.05 -54.98
CA SER B 355 9.06 -23.86 -55.82
C SER B 355 9.86 -23.03 -56.84
N ALA B 356 10.99 -23.57 -57.29
CA ALA B 356 11.66 -23.12 -58.51
C ALA B 356 10.78 -23.22 -59.77
N ASP B 357 9.64 -23.92 -59.69
CA ASP B 357 8.57 -23.89 -60.70
C ASP B 357 7.68 -22.62 -60.62
N ASP B 358 7.54 -22.04 -59.43
CA ASP B 358 6.70 -20.88 -59.16
C ASP B 358 7.46 -19.57 -59.42
N VAL B 359 8.65 -19.44 -58.85
CA VAL B 359 9.52 -18.27 -59.02
C VAL B 359 10.18 -18.27 -60.39
N THR B 360 10.19 -17.15 -61.11
CA THR B 360 11.05 -17.00 -62.29
C THR B 360 11.64 -15.59 -62.41
N VAL B 361 12.86 -15.50 -62.92
CA VAL B 361 13.68 -14.28 -62.97
C VAL B 361 14.32 -14.13 -64.34
N THR B 362 14.29 -12.93 -64.92
CA THR B 362 14.96 -12.58 -66.17
C THR B 362 15.54 -11.16 -66.07
N GLY B 363 16.38 -10.77 -67.02
CA GLY B 363 17.03 -9.45 -67.04
C GLY B 363 18.54 -9.57 -66.92
N SER B 364 19.14 -8.72 -66.08
CA SER B 364 20.58 -8.43 -66.10
C SER B 364 21.08 -8.00 -64.71
N ALA B 365 22.39 -8.02 -64.49
CA ALA B 365 22.95 -7.53 -63.24
C ALA B 365 22.51 -6.07 -62.97
N GLY B 366 21.91 -5.83 -61.79
CA GLY B 366 21.40 -4.51 -61.38
C GLY B 366 20.02 -4.13 -61.92
N ASP B 367 19.42 -4.92 -62.83
CA ASP B 367 18.11 -4.62 -63.42
C ASP B 367 17.38 -5.89 -63.87
N TYR B 368 16.36 -6.28 -63.09
CA TYR B 368 15.70 -7.58 -63.15
C TYR B 368 14.20 -7.46 -63.37
N THR B 369 13.63 -8.44 -64.08
CA THR B 369 12.19 -8.74 -64.09
C THR B 369 11.96 -10.01 -63.30
N ILE B 370 11.05 -9.98 -62.32
CA ILE B 370 10.84 -11.07 -61.37
C ILE B 370 9.35 -11.40 -61.32
N THR B 371 8.99 -12.66 -61.43
CA THR B 371 7.59 -13.11 -61.38
C THR B 371 7.40 -14.12 -60.26
N VAL B 372 6.47 -13.84 -59.34
CA VAL B 372 6.24 -14.65 -58.13
C VAL B 372 4.77 -14.64 -57.71
N PRO B 373 4.30 -15.66 -56.99
CA PRO B 373 3.01 -15.60 -56.30
C PRO B 373 3.14 -14.76 -55.03
N GLY B 374 2.25 -13.79 -54.83
CA GLY B 374 2.19 -12.99 -53.60
C GLY B 374 2.98 -11.68 -53.61
N THR B 375 3.02 -11.01 -52.47
CA THR B 375 3.54 -9.64 -52.29
C THR B 375 5.04 -9.65 -52.09
N LEU B 376 5.79 -9.06 -53.02
CA LEU B 376 7.25 -8.94 -52.97
C LEU B 376 7.66 -7.52 -52.59
N THR B 377 8.57 -7.40 -51.64
CA THR B 377 9.13 -6.11 -51.19
C THR B 377 10.65 -6.22 -51.09
N ALA B 378 11.34 -5.09 -51.09
CA ALA B 378 12.79 -5.05 -51.06
C ALA B 378 13.30 -4.06 -50.02
N ASP B 379 14.41 -4.38 -49.37
CA ASP B 379 15.15 -3.45 -48.52
C ASP B 379 16.53 -3.16 -49.13
N PHE B 380 16.74 -1.91 -49.50
CA PHE B 380 17.97 -1.39 -50.10
C PHE B 380 18.91 -0.75 -49.07
N SER B 381 18.59 -0.80 -47.78
CA SER B 381 19.50 -0.36 -46.72
C SER B 381 20.77 -1.22 -46.78
N GLY B 382 21.95 -0.60 -46.90
CA GLY B 382 23.21 -1.33 -47.13
C GLY B 382 23.55 -1.56 -48.61
N LEU B 383 22.73 -1.08 -49.54
CA LEU B 383 23.17 -0.77 -50.90
C LEU B 383 23.84 0.60 -50.86
N THR B 384 25.14 0.68 -51.16
CA THR B 384 25.99 1.85 -50.79
C THR B 384 25.80 3.08 -51.66
N ASP B 385 24.91 3.01 -52.64
CA ASP B 385 24.88 3.85 -53.82
C ASP B 385 23.49 3.74 -54.49
N GLY B 386 23.16 4.62 -55.44
CA GLY B 386 21.91 4.52 -56.20
C GLY B 386 20.67 4.56 -55.29
N GLU B 387 20.57 5.55 -54.40
CA GLU B 387 19.47 5.65 -53.43
C GLU B 387 18.08 5.88 -54.06
N GLY B 388 18.00 6.04 -55.38
CA GLY B 388 16.76 5.94 -56.17
C GLY B 388 16.35 4.52 -56.56
N ALA B 389 17.07 3.48 -56.12
CA ALA B 389 16.72 2.08 -56.36
C ALA B 389 15.29 1.77 -55.92
N SER B 390 14.59 0.90 -56.65
CA SER B 390 13.16 0.67 -56.44
C SER B 390 12.67 -0.67 -56.97
N ILE B 391 11.48 -1.05 -56.51
CA ILE B 391 10.71 -2.17 -57.02
C ILE B 391 9.30 -1.69 -57.36
N SER B 392 8.75 -2.12 -58.48
CA SER B 392 7.42 -1.70 -58.94
C SER B 392 6.69 -2.80 -59.71
N VAL B 393 5.36 -2.76 -59.68
CA VAL B 393 4.50 -3.78 -60.29
C VAL B 393 4.35 -3.51 -61.78
N VAL B 394 4.66 -4.50 -62.62
CA VAL B 394 4.54 -4.43 -64.07
C VAL B 394 3.18 -4.97 -64.56
N SER B 395 2.81 -6.18 -64.13
CA SER B 395 1.57 -6.85 -64.58
C SER B 395 1.20 -8.01 -63.67
N VAL B 396 -0.04 -8.51 -63.80
CA VAL B 396 -0.55 -9.71 -63.11
C VAL B 396 -1.08 -10.75 -64.11
N GLY B 397 -0.94 -12.03 -63.78
CA GLY B 397 -1.43 -13.16 -64.57
C GLY B 397 -0.64 -14.45 -64.32
N GLY C 2 -80.33 -62.91 -66.41
CA GLY C 2 -81.27 -62.15 -67.26
C GLY C 2 -81.72 -62.96 -68.47
N PHE C 3 -81.96 -62.29 -69.60
CA PHE C 3 -82.44 -62.89 -70.83
C PHE C 3 -81.62 -62.44 -72.04
N SER C 4 -81.69 -63.22 -73.11
CA SER C 4 -80.92 -63.03 -74.34
C SER C 4 -81.07 -61.65 -74.96
N ALA C 5 -80.08 -61.27 -75.78
CA ALA C 5 -80.00 -59.94 -76.39
C ALA C 5 -81.24 -59.55 -77.21
N ASP C 6 -81.94 -60.53 -77.79
CA ASP C 6 -83.21 -60.35 -78.50
C ASP C 6 -84.00 -61.65 -78.38
N HIS C 7 -85.12 -61.62 -77.65
CA HIS C 7 -85.70 -62.81 -77.02
C HIS C 7 -87.14 -63.09 -77.45
N SER C 8 -87.52 -64.37 -77.47
CA SER C 8 -88.78 -64.84 -78.05
C SER C 8 -90.04 -64.30 -77.37
N GLN C 9 -89.98 -63.94 -76.09
CA GLN C 9 -91.17 -63.76 -75.25
C GLN C 9 -91.21 -62.47 -74.43
N ILE C 10 -90.17 -61.65 -74.43
CA ILE C 10 -90.04 -60.45 -73.58
C ILE C 10 -89.54 -59.28 -74.43
N ALA C 11 -90.11 -58.08 -74.28
CA ALA C 11 -89.63 -56.88 -74.96
C ALA C 11 -88.65 -56.11 -74.08
N GLN C 12 -87.43 -55.86 -74.55
CA GLN C 12 -86.37 -55.19 -73.81
C GLN C 12 -85.82 -54.01 -74.62
N THR C 13 -85.31 -52.96 -73.97
CA THR C 13 -84.79 -51.81 -74.73
C THR C 13 -83.57 -52.16 -75.60
N LYS C 14 -82.85 -53.25 -75.29
CA LYS C 14 -81.75 -53.76 -76.09
C LYS C 14 -82.15 -54.57 -77.33
N ASP C 15 -83.43 -54.92 -77.51
CA ASP C 15 -83.88 -55.66 -78.69
C ASP C 15 -83.67 -54.85 -79.97
N THR C 16 -83.42 -55.53 -81.09
CA THR C 16 -83.11 -54.88 -82.37
C THR C 16 -84.25 -54.01 -82.89
N MET C 17 -85.50 -54.35 -82.59
CA MET C 17 -86.68 -53.62 -83.06
C MET C 17 -86.74 -52.16 -82.59
N PHE C 18 -85.97 -51.77 -81.56
CA PHE C 18 -85.94 -50.40 -81.05
C PHE C 18 -84.76 -49.58 -81.56
N THR C 19 -83.85 -50.15 -82.36
CA THR C 19 -82.74 -49.39 -82.95
C THR C 19 -83.26 -48.18 -83.72
N GLY C 20 -82.61 -47.02 -83.55
CA GLY C 20 -83.07 -45.74 -84.09
C GLY C 20 -84.09 -45.00 -83.22
N TYR C 21 -84.65 -45.64 -82.21
CA TYR C 21 -85.29 -45.00 -81.08
C TYR C 21 -84.34 -45.05 -79.88
N LEU C 22 -84.66 -44.35 -78.80
CA LEU C 22 -83.83 -44.35 -77.58
C LEU C 22 -82.39 -43.86 -77.84
N ASP C 23 -82.22 -42.84 -78.69
CA ASP C 23 -80.92 -42.22 -78.95
C ASP C 23 -80.43 -41.35 -77.78
N PRO C 24 -79.11 -41.25 -77.57
CA PRO C 24 -78.53 -40.40 -76.53
C PRO C 24 -78.67 -38.91 -76.83
N VAL C 25 -78.70 -38.09 -75.78
CA VAL C 25 -78.80 -36.63 -75.88
C VAL C 25 -77.46 -35.99 -76.20
N GLN C 26 -77.43 -34.91 -76.97
CA GLN C 26 -76.20 -34.18 -77.28
C GLN C 26 -75.75 -33.30 -76.11
N ALA C 27 -74.58 -33.56 -75.52
CA ALA C 27 -74.01 -32.76 -74.45
C ALA C 27 -72.94 -31.77 -74.95
N LYS C 28 -72.57 -30.77 -74.13
CA LYS C 28 -71.40 -29.92 -74.37
C LYS C 28 -70.09 -30.71 -74.20
N ASP C 29 -68.97 -30.16 -74.65
CA ASP C 29 -67.66 -30.74 -74.38
C ASP C 29 -67.16 -30.33 -72.98
N TYR C 30 -67.22 -31.25 -72.01
CA TYR C 30 -66.73 -31.01 -70.66
C TYR C 30 -65.21 -31.10 -70.53
N PHE C 31 -64.51 -31.52 -71.57
CA PHE C 31 -63.06 -31.75 -71.56
C PHE C 31 -62.33 -30.83 -72.53
N ALA C 32 -62.90 -29.68 -72.86
CA ALA C 32 -62.36 -28.72 -73.81
C ALA C 32 -61.11 -28.01 -73.26
N GLU C 33 -60.09 -27.82 -74.10
CA GLU C 33 -58.89 -27.04 -73.78
C GLU C 33 -58.95 -25.68 -74.48
N ALA C 34 -58.68 -24.60 -73.77
CA ALA C 34 -58.73 -23.25 -74.32
C ALA C 34 -57.64 -22.98 -75.38
N GLU C 35 -57.89 -22.04 -76.28
CA GLU C 35 -56.95 -21.67 -77.35
C GLU C 35 -55.65 -21.11 -76.77
N LYS C 36 -54.51 -21.60 -77.27
CA LYS C 36 -53.18 -21.08 -76.92
C LYS C 36 -52.95 -19.68 -77.49
N THR C 37 -51.85 -19.05 -77.11
CA THR C 37 -51.46 -17.73 -77.63
C THR C 37 -49.93 -17.59 -77.71
N SER C 38 -49.43 -16.66 -78.52
CA SER C 38 -48.00 -16.42 -78.65
C SER C 38 -47.39 -15.93 -77.34
N ILE C 39 -46.29 -16.56 -76.89
CA ILE C 39 -45.55 -16.05 -75.73
C ILE C 39 -44.58 -14.96 -76.14
N VAL C 40 -44.01 -15.03 -77.34
CA VAL C 40 -43.06 -14.05 -77.85
C VAL C 40 -43.72 -12.68 -77.93
N GLN C 41 -44.97 -12.59 -78.35
CA GLN C 41 -45.69 -11.31 -78.38
C GLN C 41 -46.00 -10.72 -77.01
N ARG C 42 -45.78 -11.43 -75.89
CA ARG C 42 -45.78 -10.83 -74.54
C ARG C 42 -44.44 -10.21 -74.19
N VAL C 43 -43.34 -10.94 -74.40
CA VAL C 43 -42.02 -10.54 -73.91
C VAL C 43 -41.28 -9.57 -74.83
N ALA C 44 -41.40 -9.70 -76.14
CA ALA C 44 -40.72 -8.80 -77.08
C ALA C 44 -41.42 -7.44 -77.16
N GLN C 45 -40.73 -6.40 -77.62
CA GLN C 45 -41.35 -5.09 -77.83
C GLN C 45 -42.05 -5.02 -79.18
N LYS C 46 -43.26 -4.47 -79.23
CA LYS C 46 -44.04 -4.29 -80.46
C LYS C 46 -43.79 -2.92 -81.07
N ILE C 47 -43.41 -2.88 -82.34
CA ILE C 47 -42.92 -1.69 -83.06
C ILE C 47 -43.88 -1.32 -84.20
N PRO C 48 -44.16 -0.04 -84.47
CA PRO C 48 -44.91 0.38 -85.64
C PRO C 48 -44.27 -0.09 -86.94
N MET C 49 -45.06 -0.67 -87.84
CA MET C 49 -44.55 -1.40 -89.01
C MET C 49 -45.47 -1.21 -90.21
N GLY C 50 -44.90 -1.24 -91.42
CA GLY C 50 -45.62 -1.08 -92.69
C GLY C 50 -44.98 -1.91 -93.79
N ALA C 51 -45.64 -2.02 -94.94
CA ALA C 51 -45.30 -3.00 -95.96
C ALA C 51 -43.86 -2.92 -96.47
N THR C 52 -43.28 -1.73 -96.55
CA THR C 52 -41.92 -1.53 -97.05
C THR C 52 -40.84 -1.89 -96.03
N GLY C 53 -41.18 -2.00 -94.75
CA GLY C 53 -40.23 -2.27 -93.66
C GLY C 53 -39.67 -1.01 -93.03
N ILE C 54 -38.63 -1.17 -92.22
CA ILE C 54 -38.02 -0.10 -91.43
C ILE C 54 -36.49 -0.18 -91.46
N VAL C 55 -35.82 0.94 -91.17
CA VAL C 55 -34.37 1.02 -91.06
C VAL C 55 -33.97 1.64 -89.72
N ILE C 56 -33.00 1.01 -89.05
CA ILE C 56 -32.56 1.34 -87.70
C ILE C 56 -31.14 1.95 -87.76
N PRO C 57 -30.91 3.16 -87.25
CA PRO C 57 -29.59 3.79 -87.20
C PRO C 57 -28.79 3.31 -86.00
N HIS C 58 -27.45 3.34 -86.06
CA HIS C 58 -26.60 2.99 -84.93
C HIS C 58 -25.26 3.73 -84.95
N TRP C 59 -24.93 4.47 -83.88
CA TRP C 59 -23.62 5.09 -83.71
C TRP C 59 -22.52 4.04 -83.52
N THR C 60 -21.34 4.26 -84.09
CA THR C 60 -20.22 3.31 -83.93
C THR C 60 -18.83 3.96 -83.91
N GLY C 61 -18.74 5.26 -83.62
CA GLY C 61 -17.48 5.98 -83.65
C GLY C 61 -16.55 5.66 -82.49
N ASP C 62 -15.32 5.27 -82.78
CA ASP C 62 -14.21 5.14 -81.83
C ASP C 62 -13.61 6.52 -81.49
N VAL C 63 -14.43 7.43 -80.98
CA VAL C 63 -14.04 8.80 -80.62
C VAL C 63 -12.99 8.78 -79.51
N SER C 64 -12.04 9.71 -79.55
CA SER C 64 -10.83 9.69 -78.73
C SER C 64 -10.49 11.06 -78.15
N ALA C 65 -9.62 11.12 -77.15
CA ALA C 65 -9.06 12.35 -76.61
C ALA C 65 -7.64 12.13 -76.09
N GLN C 66 -6.84 13.19 -75.98
CA GLN C 66 -5.45 13.09 -75.57
C GLN C 66 -5.04 14.17 -74.58
N TRP C 67 -4.14 13.80 -73.68
CA TRP C 67 -3.47 14.71 -72.77
C TRP C 67 -2.35 15.47 -73.48
N ILE C 68 -2.21 16.77 -73.22
CA ILE C 68 -1.27 17.66 -73.90
C ILE C 68 -0.61 18.62 -72.91
N GLY C 69 0.58 19.13 -73.23
CA GLY C 69 1.23 20.19 -72.46
C GLY C 69 0.75 21.60 -72.82
N GLU C 70 1.32 22.61 -72.17
CA GLU C 70 1.21 24.00 -72.60
C GLU C 70 1.89 24.21 -73.96
N GLY C 71 1.19 24.80 -74.92
CA GLY C 71 1.74 25.04 -76.27
C GLY C 71 1.92 23.79 -77.14
N ASP C 72 1.41 22.63 -76.74
CA ASP C 72 1.33 21.45 -77.59
C ASP C 72 0.14 21.50 -78.56
N MET C 73 0.28 20.83 -79.70
CA MET C 73 -0.69 20.84 -80.78
C MET C 73 -1.89 19.94 -80.48
N LYS C 74 -3.10 20.50 -80.45
CA LYS C 74 -4.33 19.79 -80.07
C LYS C 74 -4.74 18.86 -81.24
N PRO C 75 -4.92 17.54 -81.03
CA PRO C 75 -5.09 16.56 -82.10
C PRO C 75 -6.52 16.48 -82.64
N ILE C 76 -6.69 15.83 -83.80
CA ILE C 76 -7.93 15.83 -84.57
C ILE C 76 -8.61 14.44 -84.54
N THR C 77 -9.93 14.38 -84.38
CA THR C 77 -10.72 13.13 -84.29
C THR C 77 -12.02 13.17 -85.11
N LYS C 78 -12.55 11.99 -85.47
CA LYS C 78 -13.64 11.79 -86.44
C LYS C 78 -14.61 10.71 -85.95
N GLY C 79 -15.92 10.94 -86.04
CA GLY C 79 -16.97 9.98 -85.62
C GLY C 79 -17.37 8.99 -86.71
N ASN C 80 -18.29 8.07 -86.42
CA ASN C 80 -18.78 7.08 -87.40
C ASN C 80 -20.18 6.55 -87.07
N MET C 81 -20.94 6.12 -88.08
CA MET C 81 -22.32 5.66 -87.97
C MET C 81 -22.62 4.54 -88.97
N THR C 82 -23.61 3.70 -88.70
CA THR C 82 -24.13 2.67 -89.62
C THR C 82 -25.64 2.54 -89.51
N LYS C 83 -26.25 1.71 -90.35
CA LYS C 83 -27.69 1.40 -90.35
C LYS C 83 -27.97 -0.03 -90.80
N ARG C 84 -29.13 -0.56 -90.47
CA ARG C 84 -29.62 -1.90 -90.86
C ARG C 84 -31.11 -1.88 -91.09
N ASP C 85 -31.63 -2.68 -92.02
CA ASP C 85 -33.04 -2.69 -92.41
C ASP C 85 -33.74 -4.03 -92.13
N VAL C 86 -35.05 -3.96 -91.89
CA VAL C 86 -35.94 -5.07 -91.54
C VAL C 86 -37.18 -5.03 -92.42
N HIS C 87 -37.61 -6.16 -92.99
CA HIS C 87 -38.80 -6.25 -93.87
C HIS C 87 -39.80 -7.28 -93.34
N PRO C 88 -41.12 -7.04 -93.43
CA PRO C 88 -42.14 -8.02 -93.09
C PRO C 88 -42.09 -9.30 -93.93
N ALA C 89 -42.80 -10.32 -93.48
CA ALA C 89 -43.03 -11.59 -94.17
C ALA C 89 -44.49 -12.02 -94.03
N LYS C 90 -44.94 -12.87 -94.95
CA LYS C 90 -46.32 -13.31 -95.13
C LYS C 90 -46.51 -14.72 -94.57
N ILE C 91 -47.56 -14.93 -93.78
CA ILE C 91 -48.03 -16.25 -93.35
C ILE C 91 -49.43 -16.48 -93.90
N ALA C 92 -49.69 -17.67 -94.44
CA ALA C 92 -50.96 -17.96 -95.09
C ALA C 92 -51.29 -19.45 -95.13
N THR C 93 -52.57 -19.78 -95.26
CA THR C 93 -53.05 -21.16 -95.38
C THR C 93 -54.41 -21.24 -96.06
N ILE C 94 -54.77 -22.39 -96.62
CA ILE C 94 -56.03 -22.62 -97.33
C ILE C 94 -56.71 -23.88 -96.78
N PHE C 95 -58.04 -23.87 -96.63
CA PHE C 95 -58.82 -25.08 -96.33
C PHE C 95 -60.01 -25.23 -97.25
N VAL C 96 -60.40 -26.47 -97.55
CA VAL C 96 -61.26 -26.83 -98.68
C VAL C 96 -62.36 -27.80 -98.27
N ALA C 97 -63.57 -27.64 -98.80
CA ALA C 97 -64.70 -28.52 -98.50
C ALA C 97 -65.56 -28.75 -99.74
N SER C 98 -66.33 -29.85 -99.80
CA SER C 98 -67.34 -30.00 -100.85
C SER C 98 -68.50 -29.02 -100.64
N ALA C 99 -69.17 -28.60 -101.71
CA ALA C 99 -70.30 -27.69 -101.59
C ALA C 99 -71.45 -28.28 -100.77
N GLU C 100 -71.56 -29.61 -100.74
CA GLU C 100 -72.50 -30.34 -99.89
C GLU C 100 -72.17 -30.12 -98.40
N THR C 101 -70.89 -30.17 -98.03
CA THR C 101 -70.45 -29.83 -96.67
C THR C 101 -70.73 -28.37 -96.35
N VAL C 102 -70.50 -27.45 -97.28
CA VAL C 102 -70.77 -26.02 -97.07
C VAL C 102 -72.25 -25.73 -96.84
N ARG C 103 -73.14 -26.48 -97.48
CA ARG C 103 -74.59 -26.32 -97.28
C ARG C 103 -75.06 -26.88 -95.94
N ALA C 104 -74.50 -28.00 -95.50
CA ALA C 104 -74.85 -28.63 -94.24
C ALA C 104 -74.20 -27.98 -93.01
N ASN C 105 -72.93 -27.60 -93.10
CA ASN C 105 -72.08 -27.09 -92.03
C ASN C 105 -72.17 -27.91 -90.73
N PRO C 106 -71.75 -29.19 -90.75
CA PRO C 106 -71.89 -30.09 -89.61
C PRO C 106 -71.04 -29.63 -88.43
N ALA C 107 -71.60 -29.65 -87.23
CA ALA C 107 -70.96 -29.22 -85.99
C ALA C 107 -70.37 -27.79 -86.04
N ASN C 108 -70.82 -26.95 -86.96
CA ASN C 108 -70.21 -25.67 -87.30
C ASN C 108 -68.70 -25.78 -87.59
N TYR C 109 -68.31 -26.79 -88.35
CA TYR C 109 -66.92 -27.00 -88.76
C TYR C 109 -66.33 -25.78 -89.47
N LEU C 110 -67.08 -25.14 -90.36
CA LEU C 110 -66.56 -24.01 -91.14
C LEU C 110 -66.38 -22.73 -90.31
N GLY C 111 -67.22 -22.49 -89.31
CA GLY C 111 -66.99 -21.41 -88.35
C GLY C 111 -65.80 -21.72 -87.44
N THR C 112 -65.63 -22.99 -87.05
CA THR C 112 -64.55 -23.42 -86.16
C THR C 112 -63.19 -23.30 -86.83
N MET C 113 -63.03 -23.72 -88.07
CA MET C 113 -61.74 -23.62 -88.77
C MET C 113 -61.20 -22.18 -88.79
N ARG C 114 -62.06 -21.18 -88.85
CA ARG C 114 -61.67 -19.76 -88.88
C ARG C 114 -61.13 -19.25 -87.55
N THR C 115 -61.40 -19.91 -86.41
CA THR C 115 -60.70 -19.58 -85.16
C THR C 115 -59.48 -20.46 -84.96
N LYS C 116 -59.47 -21.70 -85.44
CA LYS C 116 -58.30 -22.57 -85.37
C LYS C 116 -57.12 -22.05 -86.17
N VAL C 117 -57.32 -21.53 -87.38
CA VAL C 117 -56.21 -20.96 -88.16
C VAL C 117 -55.59 -19.74 -87.50
N ALA C 118 -56.36 -18.92 -86.78
CA ALA C 118 -55.80 -17.79 -86.04
C ALA C 118 -54.83 -18.26 -84.95
N THR C 119 -55.19 -19.30 -84.20
CA THR C 119 -54.27 -19.92 -83.24
C THR C 119 -53.09 -20.58 -83.93
N ALA C 120 -53.27 -21.21 -85.09
CA ALA C 120 -52.17 -21.81 -85.81
C ALA C 120 -51.14 -20.77 -86.25
N ILE C 121 -51.58 -19.58 -86.65
CA ILE C 121 -50.71 -18.45 -86.96
C ILE C 121 -49.92 -18.00 -85.74
N ALA C 122 -50.55 -17.86 -84.57
CA ALA C 122 -49.83 -17.53 -83.35
C ALA C 122 -48.75 -18.59 -83.02
N MET C 123 -49.05 -19.89 -83.13
CA MET C 123 -48.05 -20.91 -82.88
C MET C 123 -46.93 -20.91 -83.92
N ALA C 124 -47.24 -20.68 -85.19
CA ALA C 124 -46.25 -20.63 -86.25
C ALA C 124 -45.30 -19.43 -86.12
N PHE C 125 -45.72 -18.38 -85.42
CA PHE C 125 -44.84 -17.27 -85.08
C PHE C 125 -43.84 -17.69 -83.99
N ASP C 126 -44.31 -18.25 -82.88
CA ASP C 126 -43.42 -18.72 -81.81
C ASP C 126 -42.41 -19.75 -82.30
N ASN C 127 -42.81 -20.76 -83.07
CA ASN C 127 -41.83 -21.74 -83.56
C ASN C 127 -40.81 -21.15 -84.54
N ALA C 128 -41.16 -20.09 -85.29
CA ALA C 128 -40.19 -19.41 -86.15
C ALA C 128 -39.24 -18.53 -85.35
N ALA C 129 -39.70 -17.89 -84.28
CA ALA C 129 -38.87 -17.05 -83.43
C ALA C 129 -37.94 -17.84 -82.51
N LEU C 130 -38.42 -18.89 -81.87
CA LEU C 130 -37.66 -19.67 -80.92
C LEU C 130 -36.77 -20.69 -81.63
N HIS C 131 -37.39 -21.66 -82.30
CA HIS C 131 -36.70 -22.85 -82.82
C HIS C 131 -36.28 -22.71 -84.28
N GLY C 132 -36.83 -21.75 -85.00
CA GLY C 132 -36.49 -21.46 -86.40
C GLY C 132 -37.03 -22.48 -87.40
N THR C 133 -38.12 -23.18 -87.08
CA THR C 133 -38.52 -24.41 -87.81
C THR C 133 -38.83 -24.20 -89.29
N ASN C 134 -39.45 -23.08 -89.62
CA ASN C 134 -39.98 -22.78 -90.96
C ASN C 134 -39.76 -21.30 -91.32
N ALA C 135 -38.79 -20.65 -90.69
CA ALA C 135 -38.69 -19.20 -90.72
C ALA C 135 -38.42 -18.67 -92.14
N PRO C 136 -39.06 -17.57 -92.55
CA PRO C 136 -38.80 -16.95 -93.82
C PRO C 136 -37.45 -16.23 -93.78
N SER C 137 -36.80 -16.02 -94.92
CA SER C 137 -35.49 -15.38 -94.96
C SER C 137 -35.48 -13.96 -94.38
N ALA C 138 -36.62 -13.28 -94.37
CA ALA C 138 -36.78 -11.93 -93.85
C ALA C 138 -36.87 -11.84 -92.31
N PHE C 139 -37.09 -12.95 -91.58
CA PHE C 139 -36.89 -12.96 -90.13
C PHE C 139 -35.41 -13.05 -89.84
N GLN C 140 -34.86 -12.11 -89.07
CA GLN C 140 -33.43 -12.09 -88.78
C GLN C 140 -33.13 -12.73 -87.43
N GLY C 141 -32.51 -13.91 -87.47
CA GLY C 141 -32.15 -14.73 -86.33
C GLY C 141 -33.30 -15.54 -85.71
N TYR C 142 -32.95 -16.55 -84.92
CA TYR C 142 -33.86 -17.27 -84.02
C TYR C 142 -33.08 -17.79 -82.81
N LEU C 143 -33.72 -17.94 -81.65
CA LEU C 143 -32.99 -18.12 -80.39
C LEU C 143 -32.14 -19.39 -80.32
N ASP C 144 -32.53 -20.47 -80.97
CA ASP C 144 -31.72 -21.69 -81.01
C ASP C 144 -30.36 -21.52 -81.71
N GLN C 145 -30.11 -20.44 -82.45
CA GLN C 145 -28.80 -20.16 -83.03
C GLN C 145 -27.71 -19.81 -82.01
N SER C 146 -28.06 -19.49 -80.77
CA SER C 146 -27.09 -19.10 -79.75
C SER C 146 -26.02 -20.17 -79.54
N ASN C 147 -24.78 -19.75 -79.31
CA ASN C 147 -23.67 -20.63 -79.03
C ASN C 147 -23.52 -20.99 -77.53
N LYS C 148 -24.53 -20.71 -76.69
CA LYS C 148 -24.52 -20.93 -75.25
C LYS C 148 -25.59 -21.93 -74.82
N THR C 149 -25.21 -23.03 -74.19
CA THR C 149 -26.13 -24.01 -73.58
C THR C 149 -25.74 -24.26 -72.12
N GLN C 150 -26.73 -24.38 -71.23
CA GLN C 150 -26.49 -24.70 -69.82
C GLN C 150 -27.46 -25.75 -69.32
N SER C 151 -26.94 -26.80 -68.69
CA SER C 151 -27.77 -27.75 -67.95
C SER C 151 -28.30 -27.14 -66.66
N ILE C 152 -29.60 -27.27 -66.41
CA ILE C 152 -30.25 -26.89 -65.15
C ILE C 152 -30.65 -28.13 -64.33
N SER C 153 -30.07 -29.28 -64.63
CA SER C 153 -30.69 -30.58 -64.35
C SER C 153 -30.74 -30.99 -62.87
N PRO C 154 -29.62 -31.17 -62.15
CA PRO C 154 -29.70 -31.58 -60.75
C PRO C 154 -30.10 -30.43 -59.83
N ASN C 155 -29.69 -29.19 -60.13
CA ASN C 155 -29.92 -28.02 -59.29
C ASN C 155 -30.06 -26.77 -60.16
N ALA C 156 -31.26 -26.19 -60.21
CA ALA C 156 -31.55 -25.06 -61.07
C ALA C 156 -30.86 -23.77 -60.62
N TYR C 157 -30.64 -23.56 -59.33
CA TYR C 157 -29.94 -22.37 -58.85
C TYR C 157 -28.50 -22.32 -59.34
N GLN C 158 -27.79 -23.44 -59.24
CA GLN C 158 -26.43 -23.61 -59.78
C GLN C 158 -26.38 -23.60 -61.31
N GLY C 159 -27.52 -23.68 -61.99
CA GLY C 159 -27.61 -23.56 -63.43
C GLY C 159 -27.86 -22.14 -63.89
N LEU C 160 -28.74 -21.39 -63.23
CA LEU C 160 -29.15 -20.05 -63.65
C LEU C 160 -28.34 -18.93 -63.01
N GLY C 161 -28.25 -18.89 -61.68
CA GLY C 161 -27.64 -17.77 -60.94
C GLY C 161 -26.12 -17.76 -60.96
N VAL C 162 -25.54 -18.89 -61.34
CA VAL C 162 -24.12 -19.22 -61.39
C VAL C 162 -23.93 -20.08 -62.62
N SER C 163 -22.78 -20.07 -63.27
CA SER C 163 -22.49 -20.87 -64.47
C SER C 163 -23.27 -20.46 -65.72
N GLY C 164 -24.61 -20.45 -65.71
CA GLY C 164 -25.40 -19.86 -66.78
C GLY C 164 -25.15 -18.36 -66.89
N LEU C 165 -25.29 -17.62 -65.79
CA LEU C 165 -24.96 -16.20 -65.75
C LEU C 165 -23.48 -15.93 -66.09
N THR C 166 -22.56 -16.83 -65.76
CA THR C 166 -21.16 -16.70 -66.13
C THR C 166 -20.96 -16.68 -67.64
N LYS C 167 -21.62 -17.57 -68.38
CA LYS C 167 -21.57 -17.59 -69.86
C LYS C 167 -22.10 -16.30 -70.48
N LEU C 168 -23.03 -15.58 -69.83
CA LEU C 168 -23.54 -14.30 -70.29
C LEU C 168 -22.59 -13.15 -69.99
N VAL C 169 -22.23 -12.92 -68.72
CA VAL C 169 -21.47 -11.72 -68.33
C VAL C 169 -20.05 -11.73 -68.87
N THR C 170 -19.49 -12.90 -69.19
CA THR C 170 -18.18 -13.02 -69.84
C THR C 170 -18.14 -12.31 -71.21
N ASP C 171 -19.29 -12.14 -71.88
CA ASP C 171 -19.40 -11.42 -73.14
C ASP C 171 -20.07 -10.04 -73.01
N GLY C 172 -20.29 -9.56 -71.78
CA GLY C 172 -20.92 -8.25 -71.55
C GLY C 172 -22.39 -8.21 -71.93
N LYS C 173 -23.14 -9.29 -71.69
CA LYS C 173 -24.58 -9.39 -71.97
C LYS C 173 -25.36 -9.62 -70.68
N LYS C 174 -26.61 -9.17 -70.61
CA LYS C 174 -27.34 -8.98 -69.35
C LYS C 174 -28.50 -9.96 -69.18
N TRP C 175 -28.48 -10.79 -68.15
CA TRP C 175 -29.63 -11.63 -67.81
C TRP C 175 -30.78 -10.75 -67.33
N THR C 176 -31.87 -10.68 -68.10
CA THR C 176 -32.96 -9.74 -67.86
C THR C 176 -34.29 -10.45 -67.59
N HIS C 177 -34.53 -11.61 -68.21
CA HIS C 177 -35.67 -12.50 -67.92
C HIS C 177 -35.26 -13.96 -68.10
N THR C 178 -36.07 -14.88 -67.59
CA THR C 178 -36.03 -16.27 -68.02
C THR C 178 -37.41 -16.73 -68.50
N LEU C 179 -37.43 -17.48 -69.58
CA LEU C 179 -38.62 -18.07 -70.20
C LEU C 179 -38.52 -19.59 -70.07
N LEU C 180 -39.46 -20.22 -69.36
CA LEU C 180 -39.40 -21.64 -69.00
C LEU C 180 -40.63 -22.40 -69.47
N ASP C 181 -40.43 -23.65 -69.89
CA ASP C 181 -41.51 -24.57 -70.19
C ASP C 181 -42.14 -25.18 -68.92
N ASP C 182 -43.44 -25.46 -68.91
CA ASP C 182 -44.10 -26.15 -67.79
C ASP C 182 -43.42 -27.47 -67.38
N THR C 183 -42.81 -28.20 -68.31
CA THR C 183 -42.09 -29.44 -67.99
C THR C 183 -40.84 -29.23 -67.12
N VAL C 184 -40.45 -27.99 -66.83
CA VAL C 184 -39.38 -27.66 -65.89
C VAL C 184 -39.80 -27.85 -64.43
N GLU C 185 -41.10 -27.86 -64.11
CA GLU C 185 -41.54 -27.91 -62.70
C GLU C 185 -40.90 -29.03 -61.87
N PRO C 186 -40.87 -30.30 -62.29
CA PRO C 186 -40.29 -31.34 -61.45
C PRO C 186 -38.80 -31.15 -61.17
N VAL C 187 -38.00 -30.67 -62.12
CA VAL C 187 -36.57 -30.41 -61.83
C VAL C 187 -36.37 -29.18 -60.96
N LEU C 188 -37.36 -28.29 -60.91
CA LEU C 188 -37.31 -27.14 -60.03
C LEU C 188 -37.74 -27.51 -58.61
N ASN C 189 -38.84 -28.25 -58.44
CA ASN C 189 -39.28 -28.77 -57.14
C ASN C 189 -38.23 -29.67 -56.50
N GLY C 190 -37.48 -30.41 -57.31
CA GLY C 190 -36.44 -31.33 -56.87
C GLY C 190 -35.07 -30.71 -56.71
N SER C 191 -34.92 -29.39 -56.83
CA SER C 191 -33.67 -28.70 -56.52
C SER C 191 -33.55 -28.44 -55.03
N VAL C 192 -32.52 -28.99 -54.41
CA VAL C 192 -32.40 -29.13 -52.96
C VAL C 192 -30.98 -28.88 -52.47
N ASP C 193 -30.85 -28.49 -51.22
CA ASP C 193 -29.54 -28.42 -50.56
C ASP C 193 -29.05 -29.83 -50.17
N ALA C 194 -27.87 -29.93 -49.56
CA ALA C 194 -27.31 -31.23 -49.17
C ALA C 194 -28.14 -32.00 -48.13
N ASN C 195 -29.03 -31.35 -47.39
CA ASN C 195 -29.94 -32.01 -46.46
C ASN C 195 -31.23 -32.48 -47.12
N GLY C 196 -31.53 -32.05 -48.35
CA GLY C 196 -32.75 -32.40 -49.04
C GLY C 196 -33.91 -31.43 -48.82
N ARG C 197 -33.69 -30.26 -48.22
CA ARG C 197 -34.72 -29.21 -48.18
C ARG C 197 -34.80 -28.52 -49.55
N PRO C 198 -35.99 -28.24 -50.09
CA PRO C 198 -36.14 -27.43 -51.29
C PRO C 198 -35.50 -26.03 -51.21
N LEU C 199 -35.05 -25.49 -52.34
CA LEU C 199 -34.56 -24.11 -52.43
C LEU C 199 -35.67 -23.09 -52.67
N PHE C 200 -36.51 -23.29 -53.67
CA PHE C 200 -37.44 -22.27 -54.16
C PHE C 200 -38.84 -22.30 -53.52
N VAL C 201 -39.02 -23.03 -52.43
CA VAL C 201 -40.27 -23.13 -51.68
C VAL C 201 -39.97 -23.38 -50.20
N GLU C 202 -40.86 -23.00 -49.30
CA GLU C 202 -40.55 -22.84 -47.87
C GLU C 202 -41.50 -23.62 -46.95
N SER C 203 -41.08 -23.73 -45.69
CA SER C 203 -41.92 -24.13 -44.56
C SER C 203 -42.53 -25.51 -44.74
N THR C 204 -43.86 -25.62 -44.76
CA THR C 204 -44.61 -26.87 -44.90
C THR C 204 -44.97 -27.23 -46.34
N TYR C 205 -44.44 -26.51 -47.34
CA TYR C 205 -44.60 -26.82 -48.76
C TYR C 205 -46.05 -26.81 -49.25
N GLU C 206 -46.91 -26.01 -48.62
CA GLU C 206 -48.31 -25.89 -48.98
C GLU C 206 -48.60 -24.84 -50.07
N SER C 207 -47.58 -24.42 -50.82
CA SER C 207 -47.68 -23.42 -51.88
C SER C 207 -46.75 -23.74 -53.05
N LEU C 208 -46.97 -23.16 -54.23
CA LEU C 208 -46.13 -23.40 -55.41
C LEU C 208 -44.69 -22.95 -55.18
N THR C 209 -43.76 -23.57 -55.89
CA THR C 209 -42.39 -23.05 -56.01
C THR C 209 -42.41 -21.69 -56.67
N THR C 210 -41.69 -20.70 -56.14
CA THR C 210 -42.01 -19.29 -56.44
C THR C 210 -41.77 -18.84 -57.88
N PRO C 211 -40.82 -19.37 -58.66
CA PRO C 211 -40.78 -19.10 -60.09
C PRO C 211 -42.06 -19.55 -60.80
N PHE C 212 -42.71 -20.62 -60.37
CA PHE C 212 -43.97 -21.09 -60.95
C PHE C 212 -45.20 -20.29 -60.52
N ARG C 213 -45.02 -19.27 -59.67
CA ARG C 213 -46.01 -18.23 -59.40
C ARG C 213 -45.80 -17.00 -60.30
N GLU C 214 -44.95 -17.13 -61.31
CA GLU C 214 -44.33 -16.01 -62.05
C GLU C 214 -43.62 -15.01 -61.14
N GLY C 215 -43.05 -15.51 -60.05
CA GLY C 215 -42.09 -14.76 -59.24
C GLY C 215 -40.71 -14.67 -59.89
N ARG C 216 -39.80 -13.98 -59.24
CA ARG C 216 -38.46 -13.73 -59.75
C ARG C 216 -37.48 -14.83 -59.36
N ILE C 217 -36.35 -14.91 -60.06
CA ILE C 217 -35.15 -15.58 -59.57
C ILE C 217 -34.03 -14.54 -59.57
N LEU C 218 -33.41 -14.28 -58.43
CA LEU C 218 -32.32 -13.33 -58.29
C LEU C 218 -32.62 -12.00 -59.01
N GLY C 219 -33.82 -11.47 -58.81
CA GLY C 219 -34.28 -10.20 -59.37
C GLY C 219 -34.92 -10.28 -60.76
N ARG C 220 -34.64 -11.30 -61.58
CA ARG C 220 -35.14 -11.41 -62.95
C ARG C 220 -36.53 -12.06 -62.97
N PRO C 221 -37.53 -11.52 -63.68
CA PRO C 221 -38.84 -12.14 -63.80
C PRO C 221 -38.79 -13.51 -64.49
N THR C 222 -39.69 -14.41 -64.10
CA THR C 222 -39.89 -15.70 -64.76
C THR C 222 -41.13 -15.65 -65.60
N ILE C 223 -41.05 -16.06 -66.86
CA ILE C 223 -42.18 -16.19 -67.78
C ILE C 223 -42.44 -17.66 -68.03
N LEU C 224 -43.67 -18.15 -67.83
CA LEU C 224 -44.01 -19.57 -67.94
C LEU C 224 -44.77 -19.84 -69.22
N SER C 225 -44.50 -20.95 -69.91
CA SER C 225 -45.26 -21.34 -71.09
C SER C 225 -45.40 -22.84 -71.25
N ASP C 226 -46.48 -23.30 -71.86
CA ASP C 226 -46.75 -24.73 -72.08
C ASP C 226 -46.16 -25.29 -73.38
N HIS C 227 -45.52 -24.45 -74.22
CA HIS C 227 -45.15 -24.84 -75.60
C HIS C 227 -43.79 -24.32 -76.08
N VAL C 228 -42.85 -24.04 -75.19
CA VAL C 228 -41.52 -23.54 -75.58
C VAL C 228 -40.45 -24.61 -75.64
N ALA C 229 -40.62 -25.77 -74.99
CA ALA C 229 -39.66 -26.85 -75.10
C ALA C 229 -39.71 -27.55 -76.46
N GLU C 230 -38.54 -27.93 -76.99
CA GLU C 230 -38.40 -28.77 -78.17
C GLU C 230 -36.99 -29.37 -78.22
N GLY C 231 -36.87 -30.68 -78.40
CA GLY C 231 -35.59 -31.36 -78.30
C GLY C 231 -35.02 -31.25 -76.89
N ASP C 232 -33.72 -30.96 -76.77
CA ASP C 232 -33.07 -30.78 -75.47
C ASP C 232 -33.50 -29.50 -74.74
N VAL C 233 -33.94 -28.47 -75.47
CA VAL C 233 -34.19 -27.15 -74.91
C VAL C 233 -35.49 -27.12 -74.12
N VAL C 234 -35.46 -26.57 -72.91
CA VAL C 234 -36.62 -26.43 -72.02
C VAL C 234 -36.86 -24.99 -71.58
N GLY C 235 -36.04 -24.05 -72.02
CA GLY C 235 -36.22 -22.63 -71.75
C GLY C 235 -35.05 -21.79 -72.24
N TYR C 236 -35.17 -20.47 -72.14
CA TYR C 236 -34.13 -19.51 -72.50
C TYR C 236 -33.97 -18.47 -71.41
N ALA C 237 -32.73 -18.10 -71.09
CA ALA C 237 -32.43 -17.00 -70.19
C ALA C 237 -31.57 -15.98 -70.93
N GLY C 238 -31.93 -14.70 -70.90
CA GLY C 238 -31.17 -13.70 -71.64
C GLY C 238 -31.72 -12.30 -71.53
N ASP C 239 -31.30 -11.46 -72.46
CA ASP C 239 -31.78 -10.09 -72.61
C ASP C 239 -32.95 -9.99 -73.60
N PHE C 240 -34.18 -10.16 -73.13
CA PHE C 240 -35.34 -10.10 -74.01
C PHE C 240 -35.65 -8.70 -74.55
N SER C 241 -34.89 -7.66 -74.19
CA SER C 241 -35.00 -6.36 -74.87
C SER C 241 -34.34 -6.34 -76.24
N GLN C 242 -33.50 -7.34 -76.56
CA GLN C 242 -32.89 -7.50 -77.87
C GLN C 242 -33.87 -7.96 -78.96
N ILE C 243 -35.12 -8.29 -78.63
CA ILE C 243 -36.11 -8.80 -79.57
C ILE C 243 -37.18 -7.74 -79.85
N ILE C 244 -37.40 -7.41 -81.12
CA ILE C 244 -38.48 -6.53 -81.56
C ILE C 244 -39.33 -7.17 -82.65
N TRP C 245 -40.62 -6.85 -82.70
CA TRP C 245 -41.53 -7.39 -83.70
C TRP C 245 -42.62 -6.40 -84.08
N GLY C 246 -43.32 -6.66 -85.18
CA GLY C 246 -44.50 -5.91 -85.56
C GLY C 246 -45.42 -6.72 -86.45
N GLN C 247 -46.62 -6.21 -86.68
CA GLN C 247 -47.65 -6.79 -87.53
C GLN C 247 -48.13 -5.72 -88.50
N VAL C 248 -48.35 -6.07 -89.76
CA VAL C 248 -48.94 -5.18 -90.76
C VAL C 248 -50.41 -5.52 -90.89
N GLY C 249 -51.30 -4.56 -90.70
CA GLY C 249 -52.75 -4.81 -90.77
C GLY C 249 -53.21 -5.87 -89.77
N GLY C 250 -53.90 -6.90 -90.25
CA GLY C 250 -54.40 -8.01 -89.43
C GLY C 250 -54.86 -9.19 -90.26
N LEU C 251 -55.51 -10.17 -89.62
CA LEU C 251 -56.03 -11.36 -90.29
C LEU C 251 -57.03 -10.98 -91.39
N SER C 252 -56.89 -11.61 -92.55
CA SER C 252 -57.75 -11.36 -93.71
C SER C 252 -58.17 -12.68 -94.34
N PHE C 253 -59.44 -12.79 -94.73
CA PHE C 253 -60.07 -14.01 -95.23
C PHE C 253 -60.65 -13.78 -96.63
N ASP C 254 -60.60 -14.80 -97.46
CA ASP C 254 -61.14 -14.80 -98.82
C ASP C 254 -61.73 -16.17 -99.14
N VAL C 255 -62.75 -16.23 -100.00
CA VAL C 255 -63.47 -17.46 -100.32
C VAL C 255 -63.73 -17.58 -101.81
N THR C 256 -63.63 -18.77 -102.38
CA THR C 256 -63.87 -18.99 -103.80
C THR C 256 -64.48 -20.37 -104.06
N ASP C 257 -65.27 -20.47 -105.11
CA ASP C 257 -65.77 -21.71 -105.68
C ASP C 257 -65.18 -22.01 -107.06
N GLN C 258 -64.16 -21.27 -107.53
CA GLN C 258 -63.69 -21.40 -108.91
C GLN C 258 -62.21 -21.11 -109.17
N ALA C 259 -61.35 -21.13 -108.17
CA ALA C 259 -59.92 -21.30 -108.42
C ALA C 259 -59.60 -22.75 -108.86
N THR C 260 -58.36 -23.00 -109.29
CA THR C 260 -57.86 -24.33 -109.59
C THR C 260 -56.64 -24.60 -108.74
N LEU C 261 -56.84 -25.16 -107.54
CA LEU C 261 -55.79 -25.36 -106.56
C LEU C 261 -54.82 -26.45 -106.98
N ASN C 262 -53.59 -26.37 -106.50
CA ASN C 262 -52.59 -27.42 -106.63
C ASN C 262 -52.47 -28.17 -105.31
N LEU C 263 -52.70 -29.48 -105.31
CA LEU C 263 -52.59 -30.35 -104.13
C LEU C 263 -51.19 -30.94 -103.96
N GLY C 264 -50.36 -30.89 -105.00
CA GLY C 264 -48.99 -31.37 -104.98
C GLY C 264 -48.02 -30.29 -104.48
N SER C 265 -46.93 -30.08 -105.22
CA SER C 265 -45.98 -28.99 -104.99
C SER C 265 -45.60 -28.33 -106.31
N GLN C 266 -44.99 -27.15 -106.30
CA GLN C 266 -44.67 -26.43 -107.54
C GLN C 266 -43.74 -27.24 -108.47
N GLU C 267 -42.88 -28.09 -107.90
CA GLU C 267 -41.98 -28.99 -108.65
C GLU C 267 -42.67 -30.26 -109.19
N SER C 268 -43.85 -30.62 -108.68
CA SER C 268 -44.60 -31.82 -109.08
C SER C 268 -46.09 -31.62 -108.78
N PRO C 269 -46.84 -31.02 -109.71
CA PRO C 269 -48.18 -30.54 -109.46
C PRO C 269 -49.24 -31.64 -109.59
N ASN C 270 -50.41 -31.37 -108.99
CA ASN C 270 -51.58 -32.23 -109.03
C ASN C 270 -52.81 -31.34 -108.83
N PHE C 271 -53.39 -30.84 -109.93
CA PHE C 271 -54.42 -29.81 -109.86
C PHE C 271 -55.84 -30.37 -109.66
N VAL C 272 -56.69 -29.62 -108.96
CA VAL C 272 -58.14 -29.87 -108.88
C VAL C 272 -58.88 -28.58 -109.18
N SER C 273 -59.80 -28.58 -110.13
CA SER C 273 -60.68 -27.43 -110.34
C SER C 273 -61.79 -27.39 -109.30
N LEU C 274 -61.88 -26.33 -108.50
CA LEU C 274 -62.94 -26.21 -107.51
C LEU C 274 -64.33 -26.05 -108.13
N TRP C 275 -64.40 -25.79 -109.43
CA TRP C 275 -65.67 -25.63 -110.13
C TRP C 275 -66.13 -26.92 -110.80
N GLN C 276 -65.21 -27.66 -111.41
CA GLN C 276 -65.53 -28.90 -112.12
C GLN C 276 -65.73 -30.10 -111.19
N HIS C 277 -65.12 -30.10 -110.00
CA HIS C 277 -65.56 -30.90 -108.86
C HIS C 277 -66.26 -29.90 -107.95
N ASN C 278 -67.46 -30.15 -107.46
CA ASN C 278 -68.22 -29.12 -106.76
C ASN C 278 -67.66 -28.82 -105.36
N LEU C 279 -66.67 -27.94 -105.24
CA LEU C 279 -65.89 -27.67 -104.04
C LEU C 279 -65.82 -26.17 -103.73
N VAL C 280 -65.46 -25.80 -102.51
CA VAL C 280 -65.28 -24.41 -102.06
C VAL C 280 -64.02 -24.31 -101.23
N ALA C 281 -63.23 -23.26 -101.40
CA ALA C 281 -61.99 -23.04 -100.66
C ALA C 281 -62.01 -21.70 -99.92
N VAL C 282 -61.45 -21.69 -98.71
CA VAL C 282 -61.19 -20.49 -97.90
C VAL C 282 -59.69 -20.28 -97.79
N ARG C 283 -59.26 -19.03 -97.97
CA ARG C 283 -57.87 -18.56 -98.07
C ARG C 283 -57.63 -17.49 -97.02
N VAL C 284 -56.52 -17.60 -96.28
CA VAL C 284 -56.26 -16.81 -95.07
C VAL C 284 -54.85 -16.23 -95.09
N GLU C 285 -54.68 -14.95 -94.75
CA GLU C 285 -53.36 -14.29 -94.70
C GLU C 285 -53.21 -13.34 -93.51
N ALA C 286 -51.98 -13.27 -92.97
CA ALA C 286 -51.49 -12.22 -92.08
C ALA C 286 -50.00 -11.93 -92.34
N GLU C 287 -49.47 -10.83 -91.84
CA GLU C 287 -48.11 -10.36 -92.15
C GLU C 287 -47.37 -9.80 -90.93
N TYR C 288 -46.14 -10.26 -90.69
CA TYR C 288 -45.37 -10.03 -89.46
C TYR C 288 -43.91 -9.74 -89.75
N GLY C 289 -43.22 -9.05 -88.85
CA GLY C 289 -41.78 -8.84 -88.92
C GLY C 289 -41.11 -9.04 -87.57
N LEU C 290 -39.90 -9.59 -87.56
CA LEU C 290 -39.16 -9.96 -86.36
C LEU C 290 -37.68 -9.65 -86.53
N LEU C 291 -37.06 -9.07 -85.52
CA LEU C 291 -35.62 -8.94 -85.41
C LEU C 291 -35.17 -9.35 -84.02
N ILE C 292 -34.18 -10.22 -83.95
CA ILE C 292 -33.44 -10.53 -82.74
C ILE C 292 -32.05 -9.91 -82.93
N ASN C 293 -31.79 -8.81 -82.24
CA ASN C 293 -30.64 -7.95 -82.51
C ASN C 293 -29.29 -8.64 -82.30
N ASP C 294 -29.20 -9.57 -81.35
CA ASP C 294 -28.05 -10.43 -81.13
C ASP C 294 -28.49 -11.78 -80.58
N VAL C 295 -28.33 -12.85 -81.36
CA VAL C 295 -28.74 -14.19 -80.94
C VAL C 295 -27.86 -14.75 -79.82
N ASN C 296 -26.64 -14.25 -79.63
CA ASN C 296 -25.76 -14.72 -78.57
C ASN C 296 -26.03 -14.07 -77.20
N ALA C 297 -27.08 -13.26 -77.08
CA ALA C 297 -27.53 -12.66 -75.83
C ALA C 297 -28.40 -13.59 -74.97
N PHE C 298 -28.58 -14.85 -75.37
CA PHE C 298 -29.45 -15.82 -74.73
C PHE C 298 -28.72 -17.13 -74.46
N VAL C 299 -29.01 -17.79 -73.35
CA VAL C 299 -28.58 -19.15 -73.02
C VAL C 299 -29.74 -20.10 -73.23
N LYS C 300 -29.51 -21.20 -73.94
CA LYS C 300 -30.43 -22.32 -74.10
C LYS C 300 -30.36 -23.21 -72.85
N LEU C 301 -31.47 -23.39 -72.14
CA LEU C 301 -31.51 -24.18 -70.91
C LEU C 301 -31.94 -25.62 -71.22
N THR C 302 -31.28 -26.60 -70.63
CA THR C 302 -31.41 -28.03 -70.99
C THR C 302 -31.34 -28.94 -69.77
N PHE C 303 -31.74 -30.22 -69.92
CA PHE C 303 -31.69 -31.23 -68.86
C PHE C 303 -30.50 -32.19 -68.93
N ASP C 304 -29.59 -32.08 -69.89
CA ASP C 304 -28.53 -33.07 -70.08
C ASP C 304 -27.57 -33.15 -68.87
N PRO C 305 -27.01 -34.33 -68.58
CA PRO C 305 -26.15 -34.54 -67.42
C PRO C 305 -24.76 -33.91 -67.59
N VAL C 306 -24.06 -33.70 -66.48
CA VAL C 306 -22.68 -33.21 -66.52
C VAL C 306 -21.73 -34.28 -67.08
N LEU C 307 -20.88 -33.89 -68.03
CA LEU C 307 -19.90 -34.77 -68.66
C LEU C 307 -18.55 -34.74 -67.93
N THR C 308 -17.76 -35.80 -68.10
CA THR C 308 -16.34 -35.87 -67.72
C THR C 308 -15.52 -36.39 -68.89
N THR C 309 -14.33 -35.84 -69.10
CA THR C 309 -13.41 -36.27 -70.15
C THR C 309 -12.22 -37.02 -69.56
N TYR C 310 -11.88 -38.15 -70.17
CA TYR C 310 -10.81 -39.05 -69.78
C TYR C 310 -9.81 -39.23 -70.93
N ALA C 311 -8.53 -39.38 -70.58
CA ALA C 311 -7.50 -39.92 -71.46
C ALA C 311 -7.33 -41.41 -71.14
N LEU C 312 -7.45 -42.26 -72.15
CA LEU C 312 -7.25 -43.70 -72.08
C LEU C 312 -6.08 -44.06 -73.00
N ASP C 313 -5.05 -44.73 -72.49
CA ASP C 313 -3.93 -45.17 -73.32
C ASP C 313 -3.41 -46.56 -72.95
N LEU C 314 -2.83 -47.20 -73.96
CA LEU C 314 -2.13 -48.48 -73.87
C LEU C 314 -0.65 -48.18 -74.11
N ASP C 315 0.27 -48.70 -73.28
CA ASP C 315 1.68 -48.34 -73.38
C ASP C 315 2.39 -49.07 -74.54
N GLY C 316 2.05 -48.72 -75.78
CA GLY C 316 2.57 -49.34 -77.00
C GLY C 316 2.09 -50.78 -77.24
N ALA C 317 0.96 -51.18 -76.66
CA ALA C 317 0.45 -52.55 -76.74
C ALA C 317 0.22 -53.03 -78.19
N SER C 318 0.40 -54.32 -78.42
CA SER C 318 0.32 -54.98 -79.72
C SER C 318 -0.52 -56.26 -79.71
N ALA C 319 -1.02 -56.71 -78.56
CA ALA C 319 -1.91 -57.86 -78.46
C ALA C 319 -2.84 -57.82 -77.23
N GLY C 320 -3.92 -58.62 -77.27
CA GLY C 320 -4.86 -58.77 -76.17
C GLY C 320 -6.01 -57.75 -76.17
N ASN C 321 -6.74 -57.70 -75.07
CA ASN C 321 -7.98 -56.92 -74.95
C ASN C 321 -8.20 -56.38 -73.52
N PHE C 322 -9.05 -55.37 -73.39
CA PHE C 322 -9.38 -54.69 -72.13
C PHE C 322 -10.89 -54.48 -72.01
N THR C 323 -11.39 -54.16 -70.83
CA THR C 323 -12.82 -53.79 -70.65
C THR C 323 -12.95 -52.40 -70.04
N LEU C 324 -14.02 -51.70 -70.40
CA LEU C 324 -14.38 -50.41 -69.82
C LEU C 324 -15.62 -50.61 -68.94
N SER C 325 -15.58 -50.11 -67.72
CA SER C 325 -16.69 -50.17 -66.77
C SER C 325 -17.18 -48.77 -66.43
N LEU C 326 -18.46 -48.53 -66.70
CA LEU C 326 -19.14 -47.25 -66.57
C LEU C 326 -20.17 -47.35 -65.46
N ASP C 327 -19.98 -46.56 -64.40
CA ASP C 327 -20.85 -46.51 -63.22
C ASP C 327 -21.27 -47.90 -62.67
N GLY C 328 -20.33 -48.85 -62.66
CA GLY C 328 -20.55 -50.23 -62.19
C GLY C 328 -21.07 -51.23 -63.23
N LYS C 329 -21.56 -50.78 -64.39
CA LYS C 329 -21.82 -51.66 -65.55
C LYS C 329 -20.52 -51.94 -66.30
N THR C 330 -20.48 -52.95 -67.18
CA THR C 330 -19.25 -53.35 -67.89
C THR C 330 -19.49 -53.62 -69.38
N SER C 331 -18.58 -53.16 -70.24
CA SER C 331 -18.61 -53.37 -71.69
C SER C 331 -18.37 -54.84 -72.08
N ALA C 332 -18.60 -55.16 -73.35
CA ALA C 332 -17.88 -56.26 -74.00
C ALA C 332 -16.38 -55.92 -74.05
N ASN C 333 -15.49 -56.92 -74.16
CA ASN C 333 -14.05 -56.63 -74.25
C ASN C 333 -13.68 -55.95 -75.59
N ILE C 334 -12.62 -55.14 -75.55
CA ILE C 334 -12.16 -54.25 -76.62
C ILE C 334 -10.71 -54.60 -76.95
N ALA C 335 -10.40 -54.84 -78.23
CA ALA C 335 -9.05 -55.18 -78.68
C ALA C 335 -8.06 -54.00 -78.57
N TYR C 336 -6.78 -54.31 -78.37
CA TYR C 336 -5.70 -53.31 -78.27
C TYR C 336 -5.61 -52.34 -79.46
N ASN C 337 -6.09 -52.74 -80.64
CA ASN C 337 -6.04 -51.99 -81.90
C ASN C 337 -7.37 -51.25 -82.26
N ALA C 338 -8.34 -51.21 -81.35
CA ALA C 338 -9.69 -50.72 -81.65
C ALA C 338 -9.75 -49.26 -82.15
N SER C 339 -10.59 -48.99 -83.15
CA SER C 339 -10.87 -47.63 -83.64
C SER C 339 -11.64 -46.80 -82.61
N THR C 340 -11.61 -45.47 -82.71
CA THR C 340 -12.48 -44.57 -81.93
C THR C 340 -13.97 -44.94 -82.09
N ALA C 341 -14.41 -45.31 -83.30
CA ALA C 341 -15.77 -45.79 -83.55
C ALA C 341 -16.06 -47.12 -82.84
N THR C 342 -15.08 -48.03 -82.76
CA THR C 342 -15.21 -49.27 -81.99
C THR C 342 -15.33 -48.98 -80.50
N VAL C 343 -14.49 -48.11 -79.95
CA VAL C 343 -14.58 -47.72 -78.53
C VAL C 343 -15.91 -47.05 -78.21
N LYS C 344 -16.40 -46.13 -79.06
CA LYS C 344 -17.71 -45.50 -78.88
C LYS C 344 -18.83 -46.55 -78.91
N SER C 345 -18.88 -47.37 -79.96
CA SER C 345 -19.90 -48.43 -80.11
C SER C 345 -19.79 -49.58 -79.10
N ALA C 346 -18.69 -49.69 -78.35
CA ALA C 346 -18.57 -50.57 -77.19
C ALA C 346 -18.94 -49.90 -75.85
N ILE C 347 -18.95 -48.56 -75.77
CA ILE C 347 -19.41 -47.80 -74.61
C ILE C 347 -20.92 -47.59 -74.65
N VAL C 348 -21.49 -47.17 -75.78
CA VAL C 348 -22.95 -47.27 -75.95
C VAL C 348 -23.35 -48.74 -76.08
N ALA C 349 -24.61 -49.06 -75.84
CA ALA C 349 -25.08 -50.43 -75.59
C ALA C 349 -24.51 -51.11 -74.32
N ILE C 350 -23.74 -50.41 -73.49
CA ILE C 350 -23.71 -50.74 -72.06
C ILE C 350 -25.10 -50.40 -71.51
N ASP C 351 -25.67 -51.30 -70.71
CA ASP C 351 -27.13 -51.40 -70.55
C ASP C 351 -27.81 -50.18 -69.90
N ASP C 352 -27.08 -49.43 -69.07
CA ASP C 352 -27.64 -48.34 -68.27
C ASP C 352 -27.78 -47.00 -69.02
N GLY C 353 -28.68 -46.96 -70.00
CA GLY C 353 -29.32 -45.73 -70.49
C GLY C 353 -28.51 -44.74 -71.32
N VAL C 354 -27.18 -44.75 -71.26
CA VAL C 354 -26.31 -43.89 -72.09
C VAL C 354 -26.40 -44.27 -73.58
N SER C 355 -26.33 -43.27 -74.45
CA SER C 355 -26.70 -43.38 -75.87
C SER C 355 -25.72 -42.67 -76.80
N ALA C 356 -25.89 -42.87 -78.11
CA ALA C 356 -25.00 -42.33 -79.15
C ALA C 356 -24.82 -40.80 -79.15
N ASP C 357 -25.74 -40.04 -78.57
CA ASP C 357 -25.63 -38.58 -78.47
C ASP C 357 -24.95 -38.11 -77.16
N ASP C 358 -24.85 -38.97 -76.15
CA ASP C 358 -24.26 -38.64 -74.84
C ASP C 358 -22.72 -38.76 -74.82
N VAL C 359 -22.12 -39.38 -75.83
CA VAL C 359 -20.74 -39.90 -75.78
C VAL C 359 -19.91 -39.43 -76.97
N THR C 360 -18.67 -39.00 -76.73
CA THR C 360 -17.70 -38.68 -77.81
C THR C 360 -16.35 -39.33 -77.55
N VAL C 361 -15.70 -39.76 -78.63
CA VAL C 361 -14.38 -40.41 -78.60
C VAL C 361 -13.50 -39.84 -79.71
N THR C 362 -12.25 -39.53 -79.39
CA THR C 362 -11.27 -38.91 -80.29
C THR C 362 -9.87 -39.45 -80.01
N GLY C 363 -8.93 -39.20 -80.92
CA GLY C 363 -7.55 -39.71 -80.80
C GLY C 363 -7.27 -40.86 -81.77
N SER C 364 -6.70 -41.95 -81.25
CA SER C 364 -6.01 -42.97 -82.05
C SER C 364 -6.08 -44.36 -81.41
N ALA C 365 -5.85 -45.42 -82.19
CA ALA C 365 -5.77 -46.77 -81.64
C ALA C 365 -4.69 -46.86 -80.55
N GLY C 366 -5.05 -47.30 -79.35
CA GLY C 366 -4.16 -47.36 -78.19
C GLY C 366 -3.87 -46.02 -77.49
N ASP C 367 -4.43 -44.90 -77.94
CA ASP C 367 -4.32 -43.61 -77.23
C ASP C 367 -5.49 -42.68 -77.60
N TYR C 368 -6.47 -42.61 -76.70
CA TYR C 368 -7.79 -42.03 -76.90
C TYR C 368 -8.09 -40.91 -75.89
N THR C 369 -8.92 -39.96 -76.31
CA THR C 369 -9.71 -39.12 -75.40
C THR C 369 -11.18 -39.52 -75.49
N ILE C 370 -11.84 -39.69 -74.35
CA ILE C 370 -13.22 -40.19 -74.22
C ILE C 370 -14.01 -39.24 -73.34
N THR C 371 -15.23 -38.87 -73.72
CA THR C 371 -16.12 -38.05 -72.91
C THR C 371 -17.45 -38.72 -72.68
N VAL C 372 -17.87 -38.84 -71.42
CA VAL C 372 -19.08 -39.56 -70.98
C VAL C 372 -19.73 -38.91 -69.76
N PRO C 373 -21.03 -39.11 -69.52
CA PRO C 373 -21.63 -38.91 -68.20
C PRO C 373 -21.05 -39.87 -67.16
N GLY C 374 -21.24 -39.58 -65.87
CA GLY C 374 -20.90 -40.52 -64.78
C GLY C 374 -19.41 -40.82 -64.61
N THR C 375 -19.08 -41.93 -63.94
CA THR C 375 -17.70 -42.33 -63.62
C THR C 375 -17.24 -43.47 -64.53
N LEU C 376 -16.10 -43.29 -65.20
CA LEU C 376 -15.50 -44.28 -66.09
C LEU C 376 -14.27 -44.93 -65.45
N THR C 377 -14.15 -46.25 -65.63
CA THR C 377 -13.06 -47.08 -65.12
C THR C 377 -12.69 -48.15 -66.14
N ALA C 378 -11.56 -48.82 -65.97
CA ALA C 378 -11.08 -49.84 -66.91
C ALA C 378 -10.46 -51.05 -66.20
N ASP C 379 -10.40 -52.19 -66.89
CA ASP C 379 -9.56 -53.33 -66.53
C ASP C 379 -8.66 -53.72 -67.72
N PHE C 380 -7.36 -53.63 -67.50
CA PHE C 380 -6.31 -53.90 -68.49
C PHE C 380 -5.73 -55.32 -68.39
N SER C 381 -6.15 -56.13 -67.41
CA SER C 381 -5.79 -57.54 -67.39
C SER C 381 -6.43 -58.27 -68.59
N GLY C 382 -5.67 -59.14 -69.24
CA GLY C 382 -6.04 -59.69 -70.56
C GLY C 382 -5.51 -58.89 -71.76
N LEU C 383 -4.92 -57.71 -71.54
CA LEU C 383 -4.03 -57.07 -72.50
C LEU C 383 -2.67 -57.77 -72.43
N THR C 384 -2.11 -58.18 -73.57
CA THR C 384 -0.92 -59.05 -73.60
C THR C 384 0.37 -58.33 -73.24
N ASP C 385 0.45 -57.05 -73.57
CA ASP C 385 1.66 -56.22 -73.49
C ASP C 385 1.29 -54.73 -73.32
N GLY C 386 2.30 -53.86 -73.15
CA GLY C 386 2.05 -52.44 -72.91
C GLY C 386 1.33 -52.19 -71.57
N GLU C 387 1.67 -52.97 -70.55
CA GLU C 387 0.99 -53.03 -69.24
C GLU C 387 1.19 -51.78 -68.36
N GLY C 388 1.88 -50.75 -68.87
CA GLY C 388 1.78 -49.38 -68.39
C GLY C 388 0.48 -48.65 -68.80
N ALA C 389 -0.43 -49.33 -69.48
CA ALA C 389 -1.75 -48.84 -69.90
C ALA C 389 -2.53 -48.18 -68.74
N SER C 390 -3.26 -47.10 -69.04
CA SER C 390 -3.89 -46.26 -68.02
C SER C 390 -5.17 -45.57 -68.50
N ILE C 391 -5.99 -45.16 -67.54
CA ILE C 391 -7.09 -44.20 -67.77
C ILE C 391 -7.07 -43.13 -66.67
N SER C 392 -7.25 -41.85 -67.04
CA SER C 392 -7.24 -40.73 -66.08
C SER C 392 -8.01 -39.50 -66.56
N VAL C 393 -8.43 -38.65 -65.64
CA VAL C 393 -9.29 -37.49 -65.89
C VAL C 393 -8.51 -36.35 -66.57
N VAL C 394 -9.01 -35.89 -67.72
CA VAL C 394 -8.51 -34.69 -68.43
C VAL C 394 -9.17 -33.41 -67.91
N SER C 395 -10.39 -33.49 -67.37
CA SER C 395 -11.19 -32.35 -66.91
C SER C 395 -10.65 -31.60 -65.68
N VAL C 396 -9.53 -32.01 -65.08
CA VAL C 396 -8.98 -31.43 -63.83
C VAL C 396 -7.45 -31.27 -63.88
N GLY C 397 -6.91 -30.38 -63.06
CA GLY C 397 -5.46 -30.10 -62.94
C GLY C 397 -5.14 -29.07 -61.86
N GLY D 2 -68.51 -66.06 1.98
CA GLY D 2 -69.91 -65.66 1.73
C GLY D 2 -70.84 -66.86 1.70
N PHE D 3 -72.02 -66.70 1.12
CA PHE D 3 -73.05 -67.73 1.04
C PHE D 3 -73.36 -68.11 -0.40
N SER D 4 -73.71 -69.37 -0.63
CA SER D 4 -74.15 -69.89 -1.92
C SER D 4 -75.37 -69.14 -2.46
N ALA D 5 -75.60 -69.17 -3.76
CA ALA D 5 -76.93 -68.83 -4.31
C ALA D 5 -77.94 -69.91 -3.90
N ASP D 6 -79.21 -69.53 -3.73
CA ASP D 6 -80.27 -70.40 -3.21
C ASP D 6 -79.91 -71.06 -1.88
N HIS D 7 -79.19 -70.34 -1.01
CA HIS D 7 -78.96 -70.74 0.39
C HIS D 7 -80.29 -70.87 1.14
N SER D 8 -80.38 -71.79 2.08
CA SER D 8 -81.66 -72.16 2.71
C SER D 8 -82.26 -71.09 3.62
N GLN D 9 -81.47 -70.14 4.13
CA GLN D 9 -81.90 -69.21 5.18
C GLN D 9 -81.83 -67.72 4.82
N ILE D 10 -81.08 -67.32 3.79
CA ILE D 10 -80.81 -65.91 3.49
C ILE D 10 -81.28 -65.58 2.08
N ALA D 11 -82.15 -64.59 1.90
CA ALA D 11 -82.60 -64.16 0.59
C ALA D 11 -81.60 -63.18 -0.04
N GLN D 12 -81.03 -63.52 -1.20
CA GLN D 12 -80.02 -62.73 -1.90
C GLN D 12 -80.46 -62.38 -3.32
N THR D 13 -79.99 -61.23 -3.82
CA THR D 13 -80.24 -60.76 -5.18
C THR D 13 -79.89 -61.79 -6.27
N LYS D 14 -78.92 -62.69 -6.02
CA LYS D 14 -78.51 -63.75 -6.94
C LYS D 14 -79.35 -65.03 -6.89
N ASP D 15 -80.36 -65.13 -6.02
CA ASP D 15 -81.21 -66.32 -5.92
C ASP D 15 -82.15 -66.49 -7.13
N THR D 16 -82.50 -67.74 -7.44
CA THR D 16 -83.34 -68.08 -8.59
C THR D 16 -84.69 -67.37 -8.56
N MET D 17 -85.29 -67.22 -7.38
CA MET D 17 -86.63 -66.67 -7.25
C MET D 17 -86.80 -65.23 -7.74
N PHE D 18 -85.71 -64.46 -7.88
CA PHE D 18 -85.77 -63.08 -8.38
C PHE D 18 -85.54 -62.95 -9.88
N THR D 19 -85.36 -64.06 -10.60
CA THR D 19 -85.13 -64.06 -12.05
C THR D 19 -86.24 -63.32 -12.79
N GLY D 20 -85.89 -62.36 -13.63
CA GLY D 20 -86.84 -61.52 -14.36
C GLY D 20 -87.32 -60.28 -13.63
N TYR D 21 -87.06 -60.12 -12.33
CA TYR D 21 -87.38 -58.89 -11.58
C TYR D 21 -86.22 -57.90 -11.54
N LEU D 22 -85.02 -58.32 -11.98
CA LEU D 22 -83.75 -57.61 -11.84
C LEU D 22 -83.01 -57.50 -13.17
N ASP D 23 -83.73 -57.26 -14.26
CA ASP D 23 -83.12 -57.14 -15.59
C ASP D 23 -82.38 -55.80 -15.78
N PRO D 24 -81.26 -55.77 -16.50
CA PRO D 24 -80.48 -54.56 -16.73
C PRO D 24 -81.21 -53.57 -17.64
N VAL D 25 -80.96 -52.28 -17.45
CA VAL D 25 -81.63 -51.19 -18.19
C VAL D 25 -81.08 -51.02 -19.61
N GLN D 26 -81.93 -50.76 -20.58
CA GLN D 26 -81.53 -50.52 -21.97
C GLN D 26 -80.83 -49.17 -22.12
N ALA D 27 -79.62 -49.14 -22.69
CA ALA D 27 -78.88 -47.91 -22.97
C ALA D 27 -78.87 -47.54 -24.47
N LYS D 28 -78.44 -46.32 -24.79
CA LYS D 28 -78.02 -45.93 -26.14
C LYS D 28 -76.73 -46.66 -26.54
N ASP D 29 -76.42 -46.69 -27.83
CA ASP D 29 -75.13 -47.20 -28.28
C ASP D 29 -74.05 -46.10 -28.18
N TYR D 30 -73.13 -46.24 -27.23
CA TYR D 30 -72.01 -45.32 -27.04
C TYR D 30 -70.88 -45.51 -28.05
N PHE D 31 -70.81 -46.66 -28.72
CA PHE D 31 -69.73 -47.02 -29.64
C PHE D 31 -70.18 -46.96 -31.11
N ALA D 32 -71.29 -46.29 -31.39
CA ALA D 32 -71.84 -46.14 -32.72
C ALA D 32 -70.88 -45.40 -33.66
N GLU D 33 -70.95 -45.69 -34.94
CA GLU D 33 -70.12 -45.05 -35.98
C GLU D 33 -71.00 -44.36 -37.02
N ALA D 34 -70.53 -43.24 -37.57
CA ALA D 34 -71.23 -42.52 -38.61
C ALA D 34 -71.28 -43.33 -39.92
N GLU D 35 -72.31 -43.12 -40.73
CA GLU D 35 -72.39 -43.72 -42.06
C GLU D 35 -71.29 -43.15 -42.96
N LYS D 36 -70.53 -44.01 -43.64
CA LYS D 36 -69.61 -43.58 -44.70
C LYS D 36 -70.37 -42.91 -45.84
N THR D 37 -69.69 -42.14 -46.66
CA THR D 37 -70.29 -41.43 -47.80
C THR D 37 -69.38 -41.48 -49.03
N SER D 38 -69.95 -41.44 -50.22
CA SER D 38 -69.17 -41.62 -51.44
C SER D 38 -68.18 -40.48 -51.64
N ILE D 39 -66.92 -40.81 -51.90
CA ILE D 39 -65.87 -39.82 -52.10
C ILE D 39 -65.84 -39.31 -53.54
N VAL D 40 -66.04 -40.19 -54.52
CA VAL D 40 -66.04 -39.82 -55.94
C VAL D 40 -67.12 -38.79 -56.24
N GLN D 41 -68.27 -38.87 -55.58
CA GLN D 41 -69.33 -37.88 -55.76
C GLN D 41 -69.01 -36.49 -55.17
N ARG D 42 -67.96 -36.34 -54.34
CA ARG D 42 -67.44 -35.02 -53.96
C ARG D 42 -66.42 -34.48 -54.96
N VAL D 43 -65.47 -35.30 -55.38
CA VAL D 43 -64.35 -34.84 -56.21
C VAL D 43 -64.69 -34.72 -57.70
N ALA D 44 -65.51 -35.60 -58.27
CA ALA D 44 -65.88 -35.56 -59.68
C ALA D 44 -67.03 -34.58 -59.96
N GLN D 45 -67.15 -34.09 -61.19
CA GLN D 45 -68.25 -33.22 -61.59
C GLN D 45 -69.53 -33.99 -61.89
N LYS D 46 -70.63 -33.61 -61.24
CA LYS D 46 -71.96 -34.13 -61.54
C LYS D 46 -72.56 -33.42 -62.75
N ILE D 47 -73.12 -34.16 -63.71
CA ILE D 47 -73.72 -33.61 -64.94
C ILE D 47 -75.12 -34.16 -65.19
N PRO D 48 -76.02 -33.42 -65.86
CA PRO D 48 -77.34 -33.92 -66.20
C PRO D 48 -77.25 -35.18 -67.07
N MET D 49 -78.09 -36.18 -66.81
CA MET D 49 -78.10 -37.42 -67.58
C MET D 49 -79.48 -38.07 -67.57
N GLY D 50 -80.06 -38.25 -68.76
CA GLY D 50 -81.32 -38.96 -68.96
C GLY D 50 -81.13 -40.45 -69.22
N ALA D 51 -82.23 -41.20 -69.27
CA ALA D 51 -82.20 -42.65 -69.33
C ALA D 51 -81.51 -43.22 -70.57
N THR D 52 -81.54 -42.51 -71.71
CA THR D 52 -80.87 -42.97 -72.94
C THR D 52 -79.38 -42.70 -72.95
N GLY D 53 -78.86 -41.89 -72.03
CA GLY D 53 -77.46 -41.48 -71.96
C GLY D 53 -77.16 -40.19 -72.72
N ILE D 54 -75.88 -39.96 -72.98
CA ILE D 54 -75.37 -38.72 -73.59
C ILE D 54 -74.28 -39.00 -74.62
N VAL D 55 -74.10 -38.09 -75.57
CA VAL D 55 -72.98 -38.02 -76.51
C VAL D 55 -72.18 -36.76 -76.26
N ILE D 56 -70.85 -36.90 -76.22
CA ILE D 56 -69.90 -35.83 -75.92
C ILE D 56 -69.00 -35.60 -77.16
N PRO D 57 -68.95 -34.39 -77.75
CA PRO D 57 -68.09 -34.09 -78.89
C PRO D 57 -66.67 -33.72 -78.46
N HIS D 58 -65.67 -33.90 -79.32
CA HIS D 58 -64.28 -33.50 -79.04
C HIS D 58 -63.48 -33.16 -80.30
N TRP D 59 -62.93 -31.95 -80.37
CA TRP D 59 -62.03 -31.52 -81.45
C TRP D 59 -60.66 -32.17 -81.37
N THR D 60 -60.09 -32.62 -82.48
CA THR D 60 -58.80 -33.33 -82.51
C THR D 60 -57.85 -32.88 -83.63
N GLY D 61 -58.18 -31.83 -84.38
CA GLY D 61 -57.42 -31.44 -85.57
C GLY D 61 -56.17 -30.60 -85.28
N ASP D 62 -55.03 -31.01 -85.83
CA ASP D 62 -53.78 -30.23 -85.88
C ASP D 62 -53.73 -29.34 -87.13
N VAL D 63 -54.48 -28.23 -87.11
CA VAL D 63 -54.49 -27.21 -88.17
C VAL D 63 -53.12 -26.55 -88.30
N SER D 64 -52.71 -26.14 -89.50
CA SER D 64 -51.36 -25.61 -89.77
C SER D 64 -51.33 -24.42 -90.74
N ALA D 65 -50.27 -23.63 -90.67
CA ALA D 65 -49.96 -22.52 -91.58
C ALA D 65 -48.46 -22.48 -91.86
N GLN D 66 -48.02 -21.76 -92.90
CA GLN D 66 -46.61 -21.67 -93.25
C GLN D 66 -46.23 -20.26 -93.68
N TRP D 67 -44.96 -19.93 -93.49
CA TRP D 67 -44.34 -18.71 -93.99
C TRP D 67 -44.04 -18.85 -95.49
N ILE D 68 -44.37 -17.83 -96.26
CA ILE D 68 -44.23 -17.82 -97.72
C ILE D 68 -43.63 -16.51 -98.22
N GLY D 69 -42.83 -16.56 -99.27
CA GLY D 69 -42.32 -15.36 -99.94
C GLY D 69 -43.35 -14.72 -100.87
N GLU D 70 -43.02 -13.58 -101.46
CA GLU D 70 -43.83 -13.02 -102.55
C GLU D 70 -43.81 -13.99 -103.74
N GLY D 71 -44.99 -14.34 -104.26
CA GLY D 71 -45.15 -15.25 -105.39
C GLY D 71 -44.98 -16.73 -105.08
N ASP D 72 -44.70 -17.12 -103.83
CA ASP D 72 -44.82 -18.52 -103.42
C ASP D 72 -46.29 -18.92 -103.32
N MET D 73 -46.59 -20.19 -103.55
CA MET D 73 -47.97 -20.66 -103.63
C MET D 73 -48.39 -21.31 -102.31
N LYS D 74 -49.53 -20.88 -101.75
CA LYS D 74 -50.00 -21.21 -100.41
C LYS D 74 -50.20 -22.72 -100.17
N PRO D 75 -50.00 -23.23 -98.94
CA PRO D 75 -50.28 -24.62 -98.55
C PRO D 75 -51.75 -24.87 -98.20
N ILE D 76 -52.16 -26.14 -98.09
CA ILE D 76 -53.54 -26.57 -97.79
C ILE D 76 -53.61 -27.41 -96.51
N THR D 77 -54.62 -27.20 -95.68
CA THR D 77 -54.77 -27.84 -94.35
C THR D 77 -56.20 -28.32 -94.06
N LYS D 78 -56.38 -29.21 -93.06
CA LYS D 78 -57.67 -29.83 -92.71
C LYS D 78 -57.83 -30.02 -91.20
N GLY D 79 -59.04 -29.81 -90.67
CA GLY D 79 -59.38 -30.09 -89.28
C GLY D 79 -59.74 -31.55 -89.00
N ASN D 80 -60.16 -31.88 -87.78
CA ASN D 80 -60.66 -33.20 -87.41
C ASN D 80 -61.51 -33.17 -86.13
N MET D 81 -62.40 -34.13 -85.94
CA MET D 81 -63.32 -34.23 -84.79
C MET D 81 -63.62 -35.68 -84.42
N THR D 82 -64.07 -35.91 -83.19
CA THR D 82 -64.53 -37.21 -82.68
C THR D 82 -65.69 -37.05 -81.72
N LYS D 83 -66.32 -38.16 -81.30
CA LYS D 83 -67.35 -38.19 -80.26
C LYS D 83 -67.29 -39.47 -79.44
N ARG D 84 -67.87 -39.45 -78.24
CA ARG D 84 -68.01 -40.59 -77.32
C ARG D 84 -69.41 -40.62 -76.71
N ASP D 85 -69.99 -41.78 -76.50
CA ASP D 85 -71.30 -41.95 -75.86
C ASP D 85 -71.22 -42.67 -74.51
N VAL D 86 -72.11 -42.33 -73.57
CA VAL D 86 -72.15 -42.86 -72.20
C VAL D 86 -73.59 -43.19 -71.80
N HIS D 87 -73.84 -44.38 -71.22
CA HIS D 87 -75.17 -44.84 -70.78
C HIS D 87 -75.19 -45.22 -69.30
N PRO D 88 -76.29 -45.00 -68.56
CA PRO D 88 -76.42 -45.43 -67.17
C PRO D 88 -76.35 -46.94 -66.95
N ALA D 89 -76.22 -47.34 -65.69
CA ALA D 89 -76.37 -48.69 -65.17
C ALA D 89 -77.21 -48.67 -63.88
N LYS D 90 -77.78 -49.83 -63.53
CA LYS D 90 -78.74 -50.03 -62.45
C LYS D 90 -78.10 -50.74 -61.26
N ILE D 91 -78.27 -50.23 -60.05
CA ILE D 91 -77.99 -50.93 -58.79
C ILE D 91 -79.31 -51.30 -58.14
N ALA D 92 -79.46 -52.51 -57.63
CA ALA D 92 -80.66 -52.89 -56.88
C ALA D 92 -80.42 -53.94 -55.79
N THR D 93 -81.34 -54.03 -54.82
CA THR D 93 -81.30 -55.06 -53.77
C THR D 93 -82.68 -55.29 -53.14
N ILE D 94 -82.89 -56.45 -52.52
CA ILE D 94 -84.15 -56.84 -51.86
C ILE D 94 -83.87 -57.27 -50.41
N PHE D 95 -84.78 -57.00 -49.49
CA PHE D 95 -84.79 -57.65 -48.18
C PHE D 95 -86.19 -58.14 -47.80
N VAL D 96 -86.25 -59.19 -46.98
CA VAL D 96 -87.47 -59.97 -46.72
C VAL D 96 -87.65 -60.19 -45.22
N ALA D 97 -88.88 -60.12 -44.73
CA ALA D 97 -89.21 -60.29 -43.32
C ALA D 97 -90.52 -61.05 -43.15
N SER D 98 -90.73 -61.71 -42.02
CA SER D 98 -92.03 -62.28 -41.66
C SER D 98 -93.05 -61.18 -41.42
N ALA D 99 -94.34 -61.38 -41.71
CA ALA D 99 -95.37 -60.41 -41.33
C ALA D 99 -95.46 -60.22 -39.81
N GLU D 100 -95.01 -61.19 -39.00
CA GLU D 100 -94.88 -61.07 -37.56
C GLU D 100 -93.83 -60.02 -37.19
N THR D 101 -92.67 -60.06 -37.85
CA THR D 101 -91.60 -59.07 -37.71
C THR D 101 -92.05 -57.70 -38.16
N VAL D 102 -92.83 -57.58 -39.23
CA VAL D 102 -93.28 -56.28 -39.74
C VAL D 102 -94.20 -55.55 -38.76
N ARG D 103 -95.10 -56.22 -38.04
CA ARG D 103 -95.92 -55.52 -37.03
C ARG D 103 -95.16 -55.20 -35.75
N ALA D 104 -94.16 -55.99 -35.38
CA ALA D 104 -93.33 -55.73 -34.21
C ALA D 104 -92.29 -54.62 -34.43
N ASN D 105 -91.61 -54.63 -35.58
CA ASN D 105 -90.49 -53.76 -35.93
C ASN D 105 -89.47 -53.61 -34.77
N PRO D 106 -88.86 -54.72 -34.30
CA PRO D 106 -87.98 -54.69 -33.15
C PRO D 106 -86.75 -53.83 -33.44
N ALA D 107 -86.33 -53.01 -32.48
CA ALA D 107 -85.21 -52.09 -32.61
C ALA D 107 -85.28 -51.15 -33.83
N ASN D 108 -86.49 -50.91 -34.37
CA ASN D 108 -86.69 -50.26 -35.65
C ASN D 108 -85.84 -50.86 -36.80
N TYR D 109 -85.71 -52.17 -36.85
CA TYR D 109 -84.91 -52.87 -37.84
C TYR D 109 -85.30 -52.51 -39.27
N LEU D 110 -86.59 -52.42 -39.58
CA LEU D 110 -87.05 -52.16 -40.94
C LEU D 110 -86.83 -50.72 -41.39
N GLY D 111 -86.80 -49.76 -40.46
CA GLY D 111 -86.37 -48.40 -40.77
C GLY D 111 -84.86 -48.33 -40.95
N THR D 112 -84.11 -49.02 -40.08
CA THR D 112 -82.64 -49.06 -40.13
C THR D 112 -82.12 -49.63 -41.44
N MET D 113 -82.79 -50.65 -41.99
CA MET D 113 -82.39 -51.24 -43.27
C MET D 113 -82.39 -50.22 -44.41
N ARG D 114 -83.29 -49.23 -44.39
CA ARG D 114 -83.43 -48.30 -45.52
C ARG D 114 -82.28 -47.30 -45.60
N THR D 115 -81.66 -46.93 -44.48
CA THR D 115 -80.42 -46.15 -44.49
C THR D 115 -79.21 -47.02 -44.77
N LYS D 116 -79.14 -48.24 -44.24
CA LYS D 116 -78.01 -49.14 -44.47
C LYS D 116 -77.84 -49.53 -45.93
N VAL D 117 -78.91 -49.76 -46.69
CA VAL D 117 -78.80 -49.99 -48.15
C VAL D 117 -78.36 -48.75 -48.89
N ALA D 118 -78.77 -47.55 -48.47
CA ALA D 118 -78.34 -46.33 -49.12
C ALA D 118 -76.82 -46.13 -49.01
N THR D 119 -76.26 -46.41 -47.85
CA THR D 119 -74.80 -46.46 -47.67
C THR D 119 -74.18 -47.57 -48.50
N ALA D 120 -74.74 -48.77 -48.52
CA ALA D 120 -74.18 -49.85 -49.33
C ALA D 120 -74.17 -49.51 -50.83
N ILE D 121 -75.17 -48.80 -51.32
CA ILE D 121 -75.19 -48.25 -52.68
C ILE D 121 -74.09 -47.23 -52.86
N ALA D 122 -73.97 -46.24 -51.97
CA ALA D 122 -72.94 -45.22 -52.08
C ALA D 122 -71.52 -45.80 -52.07
N MET D 123 -71.27 -46.88 -51.32
CA MET D 123 -70.00 -47.61 -51.32
C MET D 123 -69.81 -48.50 -52.55
N ALA D 124 -70.86 -49.10 -53.10
CA ALA D 124 -70.75 -49.90 -54.30
C ALA D 124 -70.34 -49.05 -55.50
N PHE D 125 -70.79 -47.80 -55.53
CA PHE D 125 -70.48 -46.85 -56.60
C PHE D 125 -68.98 -46.61 -56.73
N ASP D 126 -68.31 -46.08 -55.71
CA ASP D 126 -66.89 -45.78 -55.85
C ASP D 126 -65.95 -46.97 -55.69
N ASN D 127 -66.39 -48.11 -55.16
CA ASN D 127 -65.67 -49.35 -55.40
C ASN D 127 -65.59 -49.68 -56.90
N ALA D 128 -66.63 -49.41 -57.69
CA ALA D 128 -66.55 -49.57 -59.13
C ALA D 128 -65.67 -48.48 -59.77
N ALA D 129 -65.83 -47.22 -59.38
CA ALA D 129 -65.12 -46.11 -59.99
C ALA D 129 -63.60 -46.09 -59.74
N LEU D 130 -63.14 -46.44 -58.54
CA LEU D 130 -61.72 -46.47 -58.20
C LEU D 130 -61.07 -47.80 -58.59
N HIS D 131 -61.62 -48.91 -58.13
CA HIS D 131 -60.98 -50.23 -58.19
C HIS D 131 -61.55 -51.16 -59.25
N GLY D 132 -62.70 -50.84 -59.85
CA GLY D 132 -63.30 -51.65 -60.89
C GLY D 132 -63.94 -52.96 -60.41
N THR D 133 -64.07 -53.19 -59.10
CA THR D 133 -64.63 -54.44 -58.57
C THR D 133 -66.11 -54.55 -58.86
N ASN D 134 -66.54 -55.65 -59.49
CA ASN D 134 -67.93 -55.88 -59.91
C ASN D 134 -68.52 -54.77 -60.79
N ALA D 135 -67.71 -53.96 -61.47
CA ALA D 135 -68.21 -52.81 -62.21
C ALA D 135 -69.15 -53.22 -63.35
N PRO D 136 -70.21 -52.45 -63.64
CA PRO D 136 -71.07 -52.70 -64.77
C PRO D 136 -70.32 -52.39 -66.07
N SER D 137 -70.65 -53.08 -67.16
CA SER D 137 -69.97 -52.84 -68.45
C SER D 137 -70.20 -51.43 -68.99
N ALA D 138 -71.27 -50.77 -68.58
CA ALA D 138 -71.62 -49.42 -69.03
C ALA D 138 -70.79 -48.31 -68.38
N PHE D 139 -70.09 -48.56 -67.28
CA PHE D 139 -69.11 -47.61 -66.74
C PHE D 139 -67.85 -47.64 -67.60
N GLN D 140 -67.34 -46.48 -68.02
CA GLN D 140 -66.15 -46.41 -68.86
C GLN D 140 -64.93 -45.95 -68.07
N GLY D 141 -63.94 -46.84 -67.98
CA GLY D 141 -62.74 -46.69 -67.18
C GLY D 141 -62.96 -46.85 -65.69
N TYR D 142 -61.88 -47.10 -64.96
CA TYR D 142 -61.77 -46.95 -63.51
C TYR D 142 -60.33 -46.59 -63.18
N LEU D 143 -60.08 -45.83 -62.11
CA LEU D 143 -58.76 -45.20 -61.92
C LEU D 143 -57.61 -46.20 -61.83
N ASP D 144 -57.82 -47.39 -61.27
CA ASP D 144 -56.80 -48.42 -61.21
C ASP D 144 -56.33 -48.95 -62.58
N GLN D 145 -56.98 -48.62 -63.69
CA GLN D 145 -56.48 -48.97 -65.03
C GLN D 145 -55.23 -48.19 -65.47
N SER D 146 -54.83 -47.14 -64.76
CA SER D 146 -53.67 -46.34 -65.14
C SER D 146 -52.37 -47.14 -65.20
N ASN D 147 -51.52 -46.84 -66.17
CA ASN D 147 -50.18 -47.41 -66.34
C ASN D 147 -49.07 -46.68 -65.57
N LYS D 148 -49.40 -45.81 -64.63
CA LYS D 148 -48.45 -45.03 -63.80
C LYS D 148 -48.56 -45.37 -62.32
N THR D 149 -47.45 -45.73 -61.69
CA THR D 149 -47.35 -45.99 -60.25
C THR D 149 -46.17 -45.27 -59.63
N GLN D 150 -46.31 -44.70 -58.44
CA GLN D 150 -45.18 -44.11 -57.72
C GLN D 150 -45.12 -44.57 -56.26
N SER D 151 -43.95 -45.08 -55.86
CA SER D 151 -43.57 -45.32 -54.47
C SER D 151 -43.44 -44.01 -53.70
N ILE D 152 -44.02 -43.92 -52.49
CA ILE D 152 -43.91 -42.73 -51.63
C ILE D 152 -43.34 -43.01 -50.24
N SER D 153 -43.00 -44.25 -49.89
CA SER D 153 -42.71 -44.62 -48.49
C SER D 153 -41.50 -43.93 -47.84
N PRO D 154 -40.30 -43.89 -48.43
CA PRO D 154 -39.13 -43.39 -47.72
C PRO D 154 -39.18 -41.86 -47.56
N ASN D 155 -39.80 -41.15 -48.50
CA ASN D 155 -39.90 -39.70 -48.50
C ASN D 155 -41.04 -39.25 -49.42
N ALA D 156 -42.17 -38.87 -48.85
CA ALA D 156 -43.36 -38.53 -49.62
C ALA D 156 -43.19 -37.30 -50.50
N TYR D 157 -42.37 -36.32 -50.12
CA TYR D 157 -42.24 -35.07 -50.86
C TYR D 157 -41.68 -35.30 -52.25
N GLN D 158 -40.51 -35.93 -52.36
CA GLN D 158 -39.95 -36.24 -53.68
C GLN D 158 -40.61 -37.44 -54.35
N GLY D 159 -41.40 -38.22 -53.60
CA GLY D 159 -42.41 -39.08 -54.17
C GLY D 159 -43.39 -38.30 -55.04
N LEU D 160 -44.23 -37.45 -54.46
CA LEU D 160 -45.24 -36.69 -55.20
C LEU D 160 -44.64 -35.61 -56.12
N GLY D 161 -43.86 -34.70 -55.57
CA GLY D 161 -43.50 -33.44 -56.22
C GLY D 161 -42.37 -33.51 -57.23
N VAL D 162 -41.66 -34.64 -57.33
CA VAL D 162 -40.51 -34.81 -58.22
C VAL D 162 -40.68 -36.03 -59.10
N SER D 163 -40.62 -37.23 -58.53
CA SER D 163 -40.70 -38.45 -59.32
C SER D 163 -42.11 -38.70 -59.85
N GLY D 164 -43.14 -38.37 -59.07
CA GLY D 164 -44.53 -38.53 -59.46
C GLY D 164 -44.93 -37.55 -60.55
N LEU D 165 -44.72 -36.26 -60.33
CA LEU D 165 -45.04 -35.23 -61.31
C LEU D 165 -44.32 -35.42 -62.65
N THR D 166 -43.10 -35.95 -62.65
CA THR D 166 -42.37 -36.25 -63.89
C THR D 166 -43.15 -37.19 -64.81
N LYS D 167 -43.80 -38.22 -64.26
CA LYS D 167 -44.60 -39.16 -65.06
C LYS D 167 -45.81 -38.50 -65.69
N LEU D 168 -46.39 -37.48 -65.06
CA LEU D 168 -47.54 -36.76 -65.60
C LEU D 168 -47.13 -35.75 -66.68
N VAL D 169 -46.16 -34.87 -66.41
CA VAL D 169 -45.82 -33.81 -67.37
C VAL D 169 -45.07 -34.32 -68.59
N THR D 170 -44.40 -35.47 -68.50
CA THR D 170 -43.83 -36.14 -69.67
C THR D 170 -44.91 -36.55 -70.69
N ASP D 171 -46.11 -36.91 -70.24
CA ASP D 171 -47.27 -37.18 -71.09
C ASP D 171 -48.19 -35.96 -71.29
N GLY D 172 -47.80 -34.77 -70.83
CA GLY D 172 -48.60 -33.56 -70.99
C GLY D 172 -49.89 -33.52 -70.17
N LYS D 173 -50.01 -34.35 -69.13
CA LYS D 173 -51.10 -34.29 -68.14
C LYS D 173 -50.82 -33.22 -67.08
N LYS D 174 -51.82 -32.78 -66.33
CA LYS D 174 -51.68 -31.82 -65.22
C LYS D 174 -52.00 -32.46 -63.87
N TRP D 175 -51.10 -32.37 -62.90
CA TRP D 175 -51.43 -32.71 -61.50
C TRP D 175 -52.26 -31.60 -60.87
N THR D 176 -53.56 -31.82 -60.64
CA THR D 176 -54.42 -30.80 -60.03
C THR D 176 -54.89 -31.12 -58.62
N HIS D 177 -55.03 -32.40 -58.24
CA HIS D 177 -55.45 -32.84 -56.91
C HIS D 177 -54.71 -34.09 -56.48
N THR D 178 -54.70 -34.36 -55.17
CA THR D 178 -54.29 -35.66 -54.64
C THR D 178 -55.32 -36.22 -53.68
N LEU D 179 -55.62 -37.50 -53.77
CA LEU D 179 -56.61 -38.22 -52.97
C LEU D 179 -55.91 -39.31 -52.18
N LEU D 180 -55.96 -39.26 -50.86
CA LEU D 180 -55.18 -40.12 -49.97
C LEU D 180 -56.07 -40.89 -49.00
N ASP D 181 -55.71 -42.14 -48.71
CA ASP D 181 -56.33 -42.92 -47.65
C ASP D 181 -55.78 -42.54 -46.27
N ASP D 182 -56.58 -42.64 -45.20
CA ASP D 182 -56.12 -42.41 -43.83
C ASP D 182 -54.86 -43.19 -43.45
N THR D 183 -54.63 -44.39 -43.98
CA THR D 183 -53.42 -45.17 -43.71
C THR D 183 -52.13 -44.50 -44.20
N VAL D 184 -52.21 -43.44 -45.00
CA VAL D 184 -51.05 -42.68 -45.45
C VAL D 184 -50.43 -41.84 -44.34
N GLU D 185 -51.17 -41.47 -43.28
CA GLU D 185 -50.66 -40.58 -42.24
C GLU D 185 -49.27 -40.97 -41.70
N PRO D 186 -49.00 -42.21 -41.29
CA PRO D 186 -47.67 -42.57 -40.78
C PRO D 186 -46.55 -42.43 -41.80
N VAL D 187 -46.74 -42.76 -43.08
CA VAL D 187 -45.66 -42.60 -44.06
C VAL D 187 -45.42 -41.15 -44.42
N LEU D 188 -46.41 -40.29 -44.22
CA LEU D 188 -46.28 -38.86 -44.41
C LEU D 188 -45.63 -38.18 -43.20
N ASN D 189 -46.07 -38.48 -41.97
CA ASN D 189 -45.41 -38.05 -40.73
C ASN D 189 -43.93 -38.46 -40.69
N GLY D 190 -43.63 -39.63 -41.23
CA GLY D 190 -42.27 -40.19 -41.26
C GLY D 190 -41.41 -39.73 -42.43
N SER D 191 -41.89 -38.82 -43.27
CA SER D 191 -41.03 -38.19 -44.29
C SER D 191 -40.16 -37.10 -43.67
N VAL D 192 -38.85 -37.18 -43.85
CA VAL D 192 -37.86 -36.38 -43.15
C VAL D 192 -36.71 -35.96 -44.05
N ASP D 193 -36.02 -34.89 -43.68
CA ASP D 193 -34.75 -34.49 -44.30
C ASP D 193 -33.56 -35.34 -43.80
N ALA D 194 -32.35 -35.08 -44.29
CA ALA D 194 -31.17 -35.85 -43.88
C ALA D 194 -30.75 -35.64 -42.42
N ASN D 195 -31.16 -34.54 -41.77
CA ASN D 195 -30.98 -34.35 -40.34
C ASN D 195 -32.00 -35.15 -39.52
N GLY D 196 -33.03 -35.68 -40.15
CA GLY D 196 -34.09 -36.45 -39.52
C GLY D 196 -35.29 -35.64 -39.06
N ARG D 197 -35.38 -34.34 -39.40
CA ARG D 197 -36.54 -33.53 -39.00
C ARG D 197 -37.69 -33.67 -40.01
N PRO D 198 -38.95 -33.74 -39.54
CA PRO D 198 -40.13 -33.81 -40.39
C PRO D 198 -40.21 -32.73 -41.46
N LEU D 199 -40.79 -33.07 -42.63
CA LEU D 199 -41.03 -32.12 -43.72
C LEU D 199 -42.37 -31.39 -43.62
N PHE D 200 -43.49 -32.08 -43.37
CA PHE D 200 -44.83 -31.51 -43.47
C PHE D 200 -45.43 -30.95 -42.17
N VAL D 201 -44.62 -30.78 -41.13
CA VAL D 201 -45.02 -30.22 -39.83
C VAL D 201 -43.84 -29.50 -39.20
N GLU D 202 -44.06 -28.52 -38.32
CA GLU D 202 -43.01 -27.61 -37.85
C GLU D 202 -42.94 -27.46 -36.32
N SER D 203 -41.88 -26.81 -35.86
CA SER D 203 -41.64 -26.39 -34.47
C SER D 203 -41.53 -27.58 -33.53
N THR D 204 -42.34 -27.63 -32.47
CA THR D 204 -42.38 -28.70 -31.45
C THR D 204 -43.31 -29.86 -31.80
N TYR D 205 -43.88 -29.88 -33.01
CA TYR D 205 -44.72 -30.97 -33.52
C TYR D 205 -46.06 -31.13 -32.81
N GLU D 206 -46.64 -30.02 -32.39
CA GLU D 206 -47.91 -30.01 -31.67
C GLU D 206 -49.14 -30.17 -32.58
N SER D 207 -49.12 -29.59 -33.79
CA SER D 207 -50.24 -29.63 -34.75
C SER D 207 -50.20 -30.84 -35.68
N LEU D 208 -51.29 -31.09 -36.42
CA LEU D 208 -51.32 -32.08 -37.49
C LEU D 208 -50.44 -31.69 -38.69
N THR D 209 -49.94 -32.70 -39.37
CA THR D 209 -49.20 -32.66 -40.64
C THR D 209 -50.04 -32.01 -41.72
N THR D 210 -49.54 -31.02 -42.46
CA THR D 210 -50.42 -30.07 -43.19
C THR D 210 -51.40 -30.69 -44.19
N PRO D 211 -51.08 -31.74 -44.97
CA PRO D 211 -52.07 -32.36 -45.84
C PRO D 211 -53.24 -32.99 -45.09
N PHE D 212 -53.04 -33.45 -43.86
CA PHE D 212 -54.08 -34.06 -43.04
C PHE D 212 -54.99 -33.04 -42.34
N ARG D 213 -54.71 -31.74 -42.48
CA ARG D 213 -55.69 -30.67 -42.25
C ARG D 213 -56.47 -30.32 -43.53
N GLU D 214 -56.38 -31.15 -44.56
CA GLU D 214 -56.79 -30.86 -45.93
C GLU D 214 -56.13 -29.58 -46.46
N GLY D 215 -54.86 -29.38 -46.11
CA GLY D 215 -54.01 -28.39 -46.75
C GLY D 215 -53.56 -28.85 -48.13
N ARG D 216 -52.94 -27.95 -48.86
CA ARG D 216 -52.35 -28.22 -50.18
C ARG D 216 -50.97 -28.87 -50.05
N ILE D 217 -50.51 -29.55 -51.09
CA ILE D 217 -49.11 -29.90 -51.29
C ILE D 217 -48.68 -29.23 -52.58
N LEU D 218 -47.66 -28.38 -52.58
CA LEU D 218 -47.19 -27.67 -53.76
C LEU D 218 -48.33 -27.01 -54.55
N GLY D 219 -49.27 -26.40 -53.83
CA GLY D 219 -50.43 -25.73 -54.40
C GLY D 219 -51.63 -26.62 -54.77
N ARG D 220 -51.48 -27.94 -54.86
CA ARG D 220 -52.59 -28.86 -55.22
C ARG D 220 -53.34 -29.30 -53.97
N PRO D 221 -54.67 -29.18 -53.88
CA PRO D 221 -55.47 -29.65 -52.75
C PRO D 221 -55.31 -31.14 -52.42
N THR D 222 -55.42 -31.47 -51.14
CA THR D 222 -55.47 -32.85 -50.63
C THR D 222 -56.89 -33.22 -50.25
N ILE D 223 -57.36 -34.37 -50.69
CA ILE D 223 -58.62 -34.96 -50.29
C ILE D 223 -58.35 -36.22 -49.47
N LEU D 224 -58.99 -36.37 -48.31
CA LEU D 224 -58.77 -37.50 -47.39
C LEU D 224 -60.00 -38.39 -47.30
N SER D 225 -59.82 -39.71 -47.24
CA SER D 225 -60.92 -40.65 -47.07
C SER D 225 -60.48 -41.94 -46.39
N ASP D 226 -61.41 -42.64 -45.73
CA ASP D 226 -61.12 -43.84 -44.93
C ASP D 226 -61.36 -45.18 -45.67
N HIS D 227 -61.67 -45.14 -46.96
CA HIS D 227 -62.02 -46.32 -47.75
C HIS D 227 -61.43 -46.36 -49.16
N VAL D 228 -60.43 -45.52 -49.48
CA VAL D 228 -59.88 -45.45 -50.84
C VAL D 228 -58.67 -46.35 -51.07
N ALA D 229 -58.02 -46.88 -50.04
CA ALA D 229 -56.98 -47.88 -50.23
C ALA D 229 -57.56 -49.25 -50.62
N GLU D 230 -56.82 -50.01 -51.41
CA GLU D 230 -57.04 -51.44 -51.62
C GLU D 230 -55.76 -52.09 -52.15
N GLY D 231 -55.37 -53.24 -51.59
CA GLY D 231 -54.13 -53.89 -51.97
C GLY D 231 -52.92 -52.98 -51.72
N ASP D 232 -52.03 -52.89 -52.69
CA ASP D 232 -50.83 -52.04 -52.60
C ASP D 232 -51.09 -50.54 -52.83
N VAL D 233 -52.27 -50.13 -53.27
CA VAL D 233 -52.56 -48.75 -53.66
C VAL D 233 -53.21 -47.99 -52.52
N VAL D 234 -52.71 -46.79 -52.22
CA VAL D 234 -53.10 -46.00 -51.04
C VAL D 234 -53.63 -44.62 -51.37
N GLY D 235 -53.64 -44.25 -52.64
CA GLY D 235 -54.12 -42.95 -53.08
C GLY D 235 -53.85 -42.71 -54.56
N TYR D 236 -54.35 -41.61 -55.09
CA TYR D 236 -54.20 -41.22 -56.48
C TYR D 236 -53.85 -39.75 -56.59
N ALA D 237 -52.87 -39.41 -57.42
CA ALA D 237 -52.56 -38.04 -57.79
C ALA D 237 -52.90 -37.86 -59.26
N GLY D 238 -53.60 -36.80 -59.66
CA GLY D 238 -53.90 -36.62 -61.07
C GLY D 238 -54.79 -35.45 -61.39
N ASP D 239 -55.40 -35.50 -62.57
CA ASP D 239 -56.35 -34.50 -63.04
C ASP D 239 -57.79 -34.93 -62.78
N PHE D 240 -58.32 -34.62 -61.60
CA PHE D 240 -59.69 -34.98 -61.23
C PHE D 240 -60.77 -34.19 -61.99
N SER D 241 -60.41 -33.29 -62.91
CA SER D 241 -61.39 -32.72 -63.83
C SER D 241 -61.77 -33.67 -64.96
N GLN D 242 -61.00 -34.73 -65.19
CA GLN D 242 -61.24 -35.72 -66.23
C GLN D 242 -62.36 -36.71 -65.91
N ILE D 243 -63.03 -36.59 -64.77
CA ILE D 243 -64.07 -37.51 -64.30
C ILE D 243 -65.44 -36.81 -64.30
N ILE D 244 -66.44 -37.41 -64.92
CA ILE D 244 -67.83 -36.95 -64.86
C ILE D 244 -68.76 -38.09 -64.45
N TRP D 245 -69.81 -37.76 -63.71
CA TRP D 245 -70.82 -38.73 -63.29
C TRP D 245 -72.21 -38.12 -63.31
N GLY D 246 -73.23 -38.97 -63.30
CA GLY D 246 -74.61 -38.55 -63.26
C GLY D 246 -75.50 -39.62 -62.66
N GLN D 247 -76.70 -39.22 -62.25
CA GLN D 247 -77.68 -40.09 -61.64
C GLN D 247 -79.04 -39.87 -62.31
N VAL D 248 -79.75 -40.95 -62.60
CA VAL D 248 -81.08 -40.88 -63.20
C VAL D 248 -82.11 -40.96 -62.08
N GLY D 249 -82.94 -39.93 -61.91
CA GLY D 249 -83.92 -39.89 -60.82
C GLY D 249 -83.26 -39.90 -59.43
N GLY D 250 -83.78 -40.72 -58.52
CA GLY D 250 -83.28 -40.87 -57.14
C GLY D 250 -83.37 -42.30 -56.62
N LEU D 251 -82.94 -42.51 -55.39
CA LEU D 251 -83.07 -43.80 -54.70
C LEU D 251 -84.55 -44.09 -54.44
N SER D 252 -85.02 -45.27 -54.82
CA SER D 252 -86.45 -45.62 -54.86
C SER D 252 -86.75 -46.94 -54.19
N PHE D 253 -87.92 -47.05 -53.55
CA PHE D 253 -88.34 -48.17 -52.72
C PHE D 253 -89.73 -48.67 -53.13
N ASP D 254 -89.87 -49.98 -53.30
CA ASP D 254 -91.15 -50.67 -53.49
C ASP D 254 -91.35 -51.70 -52.38
N VAL D 255 -92.59 -51.90 -51.95
CA VAL D 255 -92.95 -52.87 -50.91
C VAL D 255 -94.02 -53.82 -51.41
N THR D 256 -93.92 -55.10 -51.09
CA THR D 256 -94.84 -56.12 -51.60
C THR D 256 -95.06 -57.26 -50.62
N ASP D 257 -96.28 -57.80 -50.65
CA ASP D 257 -96.73 -58.94 -49.88
C ASP D 257 -97.29 -60.06 -50.78
N GLN D 258 -97.12 -59.95 -52.09
CA GLN D 258 -97.78 -60.79 -53.10
C GLN D 258 -96.85 -61.34 -54.18
N ALA D 259 -95.61 -60.88 -54.28
CA ALA D 259 -94.63 -61.43 -55.21
C ALA D 259 -94.25 -62.88 -54.87
N THR D 260 -93.44 -63.49 -55.73
CA THR D 260 -92.85 -64.81 -55.50
C THR D 260 -91.36 -64.73 -55.79
N LEU D 261 -90.55 -64.62 -54.74
CA LEU D 261 -89.11 -64.47 -54.87
C LEU D 261 -88.47 -65.81 -55.20
N ASN D 262 -87.33 -65.77 -55.89
CA ASN D 262 -86.46 -66.91 -56.06
C ASN D 262 -85.28 -66.74 -55.10
N LEU D 263 -85.07 -67.69 -54.20
CA LEU D 263 -83.97 -67.66 -53.25
C LEU D 263 -82.70 -68.32 -53.79
N GLY D 264 -82.79 -69.02 -54.92
CA GLY D 264 -81.67 -69.69 -55.58
C GLY D 264 -81.02 -68.84 -56.66
N SER D 265 -80.34 -69.50 -57.59
CA SER D 265 -79.92 -68.91 -58.86
C SER D 265 -81.07 -68.90 -59.87
N GLN D 266 -81.00 -68.10 -60.93
CA GLN D 266 -81.88 -68.26 -62.09
C GLN D 266 -81.63 -69.61 -62.79
N GLU D 267 -80.41 -70.13 -62.72
CA GLU D 267 -80.02 -71.42 -63.34
C GLU D 267 -80.51 -72.64 -62.55
N SER D 268 -80.85 -72.50 -61.27
CA SER D 268 -81.26 -73.59 -60.38
C SER D 268 -82.13 -73.05 -59.23
N PRO D 269 -83.43 -72.83 -59.47
CA PRO D 269 -84.26 -71.99 -58.61
C PRO D 269 -84.74 -72.67 -57.33
N ASN D 270 -85.27 -71.85 -56.43
CA ASN D 270 -85.86 -72.21 -55.14
C ASN D 270 -86.88 -71.14 -54.77
N PHE D 271 -88.11 -71.27 -55.27
CA PHE D 271 -89.13 -70.24 -55.12
C PHE D 271 -89.83 -70.26 -53.76
N VAL D 272 -90.26 -69.09 -53.29
CA VAL D 272 -91.15 -68.94 -52.14
C VAL D 272 -92.23 -67.92 -52.46
N SER D 273 -93.49 -68.28 -52.37
CA SER D 273 -94.58 -67.31 -52.44
C SER D 273 -94.62 -66.47 -51.18
N LEU D 274 -94.52 -65.14 -51.26
CA LEU D 274 -94.60 -64.30 -50.08
C LEU D 274 -95.98 -64.41 -49.44
N TRP D 275 -97.03 -64.45 -50.25
CA TRP D 275 -98.40 -64.45 -49.77
C TRP D 275 -98.75 -65.75 -49.04
N GLN D 276 -98.34 -66.90 -49.59
CA GLN D 276 -98.66 -68.18 -48.97
C GLN D 276 -97.83 -68.46 -47.72
N HIS D 277 -96.62 -67.93 -47.60
CA HIS D 277 -95.77 -68.03 -46.41
C HIS D 277 -95.94 -66.87 -45.42
N ASN D 278 -96.87 -65.94 -45.63
CA ASN D 278 -97.10 -64.78 -44.76
C ASN D 278 -95.84 -63.93 -44.56
N LEU D 279 -95.07 -63.69 -45.62
CA LEU D 279 -93.87 -62.85 -45.64
C LEU D 279 -94.16 -61.47 -46.26
N VAL D 280 -93.22 -60.54 -46.13
CA VAL D 280 -93.22 -59.21 -46.75
C VAL D 280 -91.83 -58.90 -47.28
N ALA D 281 -91.73 -58.28 -48.46
CA ALA D 281 -90.45 -57.87 -49.04
C ALA D 281 -90.40 -56.38 -49.37
N VAL D 282 -89.20 -55.83 -49.37
CA VAL D 282 -88.89 -54.47 -49.83
C VAL D 282 -87.82 -54.56 -50.91
N ARG D 283 -87.97 -53.80 -51.98
CA ARG D 283 -87.10 -53.79 -53.16
C ARG D 283 -86.62 -52.38 -53.44
N VAL D 284 -85.33 -52.23 -53.70
CA VAL D 284 -84.65 -50.93 -53.74
C VAL D 284 -83.88 -50.77 -55.05
N GLU D 285 -84.02 -49.63 -55.73
CA GLU D 285 -83.32 -49.33 -56.97
C GLU D 285 -82.71 -47.93 -56.99
N ALA D 286 -81.52 -47.82 -57.59
CA ALA D 286 -80.87 -46.57 -57.98
C ALA D 286 -80.18 -46.74 -59.33
N GLU D 287 -79.88 -45.65 -60.04
CA GLU D 287 -79.34 -45.70 -61.40
C GLU D 287 -78.33 -44.58 -61.67
N TYR D 288 -77.14 -44.93 -62.16
CA TYR D 288 -75.95 -44.08 -62.19
C TYR D 288 -75.17 -44.20 -63.49
N GLY D 289 -74.38 -43.20 -63.86
CA GLY D 289 -73.40 -43.27 -64.95
C GLY D 289 -72.07 -42.62 -64.59
N LEU D 290 -70.97 -43.16 -65.10
CA LEU D 290 -69.60 -42.70 -64.87
C LEU D 290 -68.81 -42.68 -66.18
N LEU D 291 -68.04 -41.62 -66.43
CA LEU D 291 -66.98 -41.62 -67.44
C LEU D 291 -65.69 -41.04 -66.86
N ILE D 292 -64.59 -41.73 -67.08
CA ILE D 292 -63.24 -41.18 -66.91
C ILE D 292 -62.69 -40.96 -68.31
N ASN D 293 -62.36 -39.72 -68.66
CA ASN D 293 -61.98 -39.36 -70.02
C ASN D 293 -60.66 -39.96 -70.48
N ASP D 294 -59.68 -40.07 -69.60
CA ASP D 294 -58.41 -40.77 -69.84
C ASP D 294 -57.84 -41.33 -68.55
N VAL D 295 -57.85 -42.66 -68.40
CA VAL D 295 -57.36 -43.31 -67.18
C VAL D 295 -55.88 -43.06 -66.95
N ASN D 296 -55.12 -42.65 -67.96
CA ASN D 296 -53.68 -42.40 -67.83
C ASN D 296 -53.36 -40.99 -67.31
N ALA D 297 -54.36 -40.18 -66.97
CA ALA D 297 -54.19 -38.88 -66.34
C ALA D 297 -53.97 -38.94 -64.82
N PHE D 298 -53.83 -40.13 -64.24
CA PHE D 298 -53.70 -40.37 -62.80
C PHE D 298 -52.50 -41.25 -62.50
N VAL D 299 -51.82 -41.00 -61.40
CA VAL D 299 -50.75 -41.84 -60.85
C VAL D 299 -51.30 -42.55 -59.63
N LYS D 300 -51.12 -43.87 -59.57
CA LYS D 300 -51.42 -44.68 -58.39
C LYS D 300 -50.28 -44.59 -57.39
N LEU D 301 -50.57 -44.33 -56.13
CA LEU D 301 -49.57 -44.16 -55.08
C LEU D 301 -49.45 -45.44 -54.28
N THR D 302 -48.24 -45.89 -53.98
CA THR D 302 -47.97 -47.13 -53.25
C THR D 302 -46.89 -46.88 -52.20
N PHE D 303 -46.79 -47.71 -51.16
CA PHE D 303 -45.71 -47.58 -50.19
C PHE D 303 -44.38 -48.05 -50.79
N ASP D 304 -44.24 -49.34 -51.05
CA ASP D 304 -43.06 -49.88 -51.75
C ASP D 304 -43.17 -49.65 -53.28
N PRO D 305 -42.05 -49.73 -54.01
CA PRO D 305 -42.09 -49.90 -55.46
C PRO D 305 -42.64 -51.27 -55.84
N VAL D 306 -43.30 -51.37 -56.99
CA VAL D 306 -44.01 -52.58 -57.44
C VAL D 306 -43.76 -52.86 -58.92
N LEU D 307 -43.86 -54.12 -59.32
CA LEU D 307 -43.94 -54.51 -60.72
C LEU D 307 -45.38 -54.35 -61.23
N THR D 308 -45.56 -53.94 -62.47
CA THR D 308 -46.88 -53.86 -63.10
C THR D 308 -47.05 -55.02 -64.07
N THR D 309 -48.21 -55.68 -64.05
CA THR D 309 -48.54 -56.73 -65.01
C THR D 309 -49.56 -56.24 -66.03
N TYR D 310 -49.24 -56.43 -67.30
CA TYR D 310 -50.03 -56.00 -68.45
C TYR D 310 -50.55 -57.20 -69.24
N ALA D 311 -51.78 -57.12 -69.72
CA ALA D 311 -52.29 -57.99 -70.77
C ALA D 311 -52.12 -57.30 -72.12
N LEU D 312 -51.41 -57.95 -73.04
CA LEU D 312 -51.18 -57.48 -74.40
C LEU D 312 -51.88 -58.43 -75.38
N ASP D 313 -52.88 -57.94 -76.10
CA ASP D 313 -53.65 -58.72 -77.06
C ASP D 313 -53.42 -58.17 -78.47
N LEU D 314 -52.94 -59.01 -79.40
CA LEU D 314 -52.78 -58.60 -80.80
C LEU D 314 -54.07 -58.79 -81.60
N ASP D 315 -55.20 -59.07 -80.94
CA ASP D 315 -56.53 -59.18 -81.55
C ASP D 315 -56.60 -60.21 -82.71
N GLY D 316 -55.76 -61.24 -82.66
CA GLY D 316 -55.65 -62.24 -83.72
C GLY D 316 -55.16 -61.67 -85.07
N ALA D 317 -54.42 -60.56 -85.08
CA ALA D 317 -53.89 -59.93 -86.28
C ALA D 317 -53.09 -60.90 -87.17
N SER D 318 -53.14 -60.67 -88.49
CA SER D 318 -52.75 -61.68 -89.48
C SER D 318 -51.25 -61.72 -89.78
N ALA D 319 -50.57 -60.59 -89.82
CA ALA D 319 -49.15 -60.48 -90.16
C ALA D 319 -48.55 -59.13 -89.71
N GLY D 320 -47.24 -58.98 -89.91
CA GLY D 320 -46.53 -57.71 -89.71
C GLY D 320 -45.82 -57.61 -88.36
N ASN D 321 -45.66 -56.38 -87.87
CA ASN D 321 -44.85 -56.06 -86.71
C ASN D 321 -45.51 -55.03 -85.79
N PHE D 322 -45.06 -54.99 -84.54
CA PHE D 322 -45.38 -53.96 -83.56
C PHE D 322 -44.13 -53.62 -82.75
N THR D 323 -44.12 -52.49 -82.03
CA THR D 323 -43.03 -52.13 -81.11
C THR D 323 -43.57 -51.79 -79.75
N LEU D 324 -42.98 -52.35 -78.70
CA LEU D 324 -43.22 -51.93 -77.33
C LEU D 324 -42.33 -50.74 -76.98
N SER D 325 -42.73 -49.96 -75.99
CA SER D 325 -41.97 -48.82 -75.51
C SER D 325 -42.14 -48.65 -74.01
N LEU D 326 -41.04 -48.79 -73.28
CA LEU D 326 -40.97 -48.86 -71.82
C LEU D 326 -40.35 -47.58 -71.27
N ASP D 327 -41.06 -46.86 -70.41
CA ASP D 327 -40.64 -45.55 -69.90
C ASP D 327 -40.16 -44.59 -71.01
N GLY D 328 -40.84 -44.61 -72.17
CA GLY D 328 -40.54 -43.77 -73.33
C GLY D 328 -39.42 -44.27 -74.26
N LYS D 329 -38.79 -45.42 -73.97
CA LYS D 329 -37.73 -46.01 -74.82
C LYS D 329 -38.24 -47.24 -75.57
N THR D 330 -37.96 -47.32 -76.87
CA THR D 330 -38.68 -48.21 -77.80
C THR D 330 -37.86 -49.42 -78.24
N SER D 331 -38.51 -50.58 -78.32
CA SER D 331 -37.89 -51.85 -78.73
C SER D 331 -37.51 -51.89 -80.21
N ALA D 332 -36.76 -52.93 -80.62
CA ALA D 332 -36.76 -53.38 -82.01
C ALA D 332 -38.17 -53.84 -82.43
N ASN D 333 -38.42 -53.99 -83.74
CA ASN D 333 -39.69 -54.54 -84.23
C ASN D 333 -39.90 -55.99 -83.75
N ILE D 334 -41.10 -56.28 -83.27
CA ILE D 334 -41.53 -57.60 -82.80
C ILE D 334 -42.55 -58.16 -83.79
N ALA D 335 -42.33 -59.39 -84.26
CA ALA D 335 -43.24 -60.05 -85.19
C ALA D 335 -44.58 -60.41 -84.53
N TYR D 336 -45.67 -60.30 -85.30
CA TYR D 336 -47.06 -60.53 -84.84
C TYR D 336 -47.36 -61.88 -84.18
N ASN D 337 -46.44 -62.85 -84.24
CA ASN D 337 -46.59 -64.21 -83.73
C ASN D 337 -45.36 -64.66 -82.90
N ALA D 338 -44.55 -63.73 -82.41
CA ALA D 338 -43.33 -64.04 -81.66
C ALA D 338 -43.60 -64.89 -80.41
N SER D 339 -42.69 -65.80 -80.07
CA SER D 339 -42.78 -66.58 -78.84
C SER D 339 -42.54 -65.74 -77.59
N THR D 340 -42.96 -66.22 -76.42
CA THR D 340 -42.77 -65.52 -75.13
C THR D 340 -41.30 -65.20 -74.87
N ALA D 341 -40.40 -66.16 -75.10
CA ALA D 341 -38.96 -65.96 -74.94
C ALA D 341 -38.38 -64.91 -75.90
N THR D 342 -38.95 -64.80 -77.11
CA THR D 342 -38.57 -63.74 -78.05
C THR D 342 -39.00 -62.38 -77.49
N VAL D 343 -40.25 -62.24 -77.06
CA VAL D 343 -40.78 -60.98 -76.52
C VAL D 343 -39.99 -60.52 -75.28
N LYS D 344 -39.64 -61.43 -74.35
CA LYS D 344 -38.77 -61.09 -73.22
C LYS D 344 -37.45 -60.47 -73.70
N SER D 345 -36.75 -61.12 -74.61
CA SER D 345 -35.47 -60.60 -75.12
C SER D 345 -35.61 -59.24 -75.80
N ALA D 346 -36.69 -59.00 -76.54
CA ALA D 346 -36.93 -57.74 -77.23
C ALA D 346 -37.20 -56.57 -76.27
N ILE D 347 -37.78 -56.82 -75.09
CA ILE D 347 -37.93 -55.81 -74.03
C ILE D 347 -36.61 -55.60 -73.31
N VAL D 348 -35.93 -56.67 -72.90
CA VAL D 348 -34.65 -56.60 -72.16
C VAL D 348 -33.56 -55.90 -72.97
N ALA D 349 -33.60 -55.97 -74.30
CA ALA D 349 -32.64 -55.30 -75.19
C ALA D 349 -32.67 -53.76 -75.15
N ILE D 350 -33.68 -53.11 -74.56
CA ILE D 350 -33.76 -51.65 -74.49
C ILE D 350 -32.68 -51.09 -73.53
N ASP D 351 -32.00 -50.00 -73.91
CA ASP D 351 -31.05 -49.28 -73.06
C ASP D 351 -31.73 -48.55 -71.90
N ASP D 352 -32.00 -49.24 -70.79
CA ASP D 352 -32.57 -48.60 -69.59
C ASP D 352 -32.17 -49.25 -68.25
N GLY D 353 -31.13 -50.08 -68.23
CA GLY D 353 -30.60 -50.72 -67.03
C GLY D 353 -31.43 -51.88 -66.46
N VAL D 354 -32.72 -51.97 -66.79
CA VAL D 354 -33.58 -53.13 -66.49
C VAL D 354 -33.10 -54.37 -67.25
N SER D 355 -33.31 -55.55 -66.67
CA SER D 355 -32.57 -56.76 -67.00
C SER D 355 -33.45 -58.01 -67.13
N ALA D 356 -32.87 -59.10 -67.62
CA ALA D 356 -33.52 -60.40 -67.69
C ALA D 356 -33.97 -60.97 -66.32
N ASP D 357 -33.48 -60.42 -65.20
CA ASP D 357 -33.97 -60.76 -63.86
C ASP D 357 -35.25 -60.00 -63.47
N ASP D 358 -35.50 -58.84 -64.10
CA ASP D 358 -36.65 -57.98 -63.82
C ASP D 358 -37.86 -58.31 -64.70
N VAL D 359 -37.66 -58.39 -66.01
CA VAL D 359 -38.73 -58.62 -66.99
C VAL D 359 -39.23 -60.06 -66.94
N THR D 360 -40.55 -60.28 -66.93
CA THR D 360 -41.15 -61.63 -66.99
C THR D 360 -42.29 -61.67 -68.01
N VAL D 361 -42.36 -62.72 -68.84
CA VAL D 361 -43.36 -62.85 -69.91
C VAL D 361 -43.95 -64.26 -69.95
N THR D 362 -45.27 -64.37 -70.09
CA THR D 362 -46.02 -65.62 -70.26
C THR D 362 -47.18 -65.42 -71.25
N GLY D 363 -47.84 -66.49 -71.70
CA GLY D 363 -48.96 -66.42 -72.64
C GLY D 363 -48.75 -67.34 -73.84
N SER D 364 -49.06 -66.86 -75.05
CA SER D 364 -48.83 -67.58 -76.31
C SER D 364 -48.76 -66.60 -77.49
N ALA D 365 -48.27 -67.06 -78.64
CA ALA D 365 -48.23 -66.24 -79.84
C ALA D 365 -49.59 -65.57 -80.12
N GLY D 366 -49.62 -64.24 -80.16
CA GLY D 366 -50.82 -63.44 -80.38
C GLY D 366 -51.46 -62.82 -79.11
N ASP D 367 -51.20 -63.34 -77.91
CA ASP D 367 -51.62 -62.66 -76.67
C ASP D 367 -50.77 -63.06 -75.44
N TYR D 368 -50.35 -62.06 -74.68
CA TYR D 368 -49.27 -62.16 -73.69
C TYR D 368 -49.65 -61.51 -72.37
N THR D 369 -49.10 -62.05 -71.29
CA THR D 369 -49.03 -61.40 -69.98
C THR D 369 -47.59 -60.99 -69.72
N ILE D 370 -47.36 -59.70 -69.53
CA ILE D 370 -46.02 -59.11 -69.40
C ILE D 370 -45.93 -58.44 -68.04
N THR D 371 -44.91 -58.74 -67.25
CA THR D 371 -44.64 -58.11 -65.96
C THR D 371 -43.32 -57.36 -66.00
N VAL D 372 -43.33 -56.05 -65.75
CA VAL D 372 -42.16 -55.17 -65.83
C VAL D 372 -42.19 -54.09 -64.73
N PRO D 373 -41.05 -53.47 -64.38
CA PRO D 373 -41.02 -52.35 -63.46
C PRO D 373 -41.77 -51.09 -63.91
N GLY D 374 -41.67 -50.72 -65.18
CA GLY D 374 -42.04 -49.37 -65.64
C GLY D 374 -43.45 -49.21 -66.20
N THR D 375 -43.69 -48.05 -66.81
CA THR D 375 -44.85 -47.77 -67.67
C THR D 375 -44.61 -48.37 -69.06
N LEU D 376 -45.44 -49.31 -69.49
CA LEU D 376 -45.32 -49.98 -70.78
C LEU D 376 -46.41 -49.53 -71.75
N THR D 377 -46.01 -49.27 -72.99
CA THR D 377 -46.87 -48.81 -74.08
C THR D 377 -46.55 -49.54 -75.37
N ALA D 378 -47.42 -49.51 -76.37
CA ALA D 378 -47.26 -50.26 -77.61
C ALA D 378 -47.72 -49.46 -78.83
N ASP D 379 -47.03 -49.62 -79.96
CA ASP D 379 -47.45 -49.10 -81.25
C ASP D 379 -47.73 -50.25 -82.23
N PHE D 380 -48.99 -50.36 -82.66
CA PHE D 380 -49.49 -51.39 -83.56
C PHE D 380 -49.56 -50.92 -85.02
N SER D 381 -48.95 -49.79 -85.37
CA SER D 381 -48.73 -49.41 -86.77
C SER D 381 -47.85 -50.48 -87.44
N GLY D 382 -48.24 -50.95 -88.62
CA GLY D 382 -47.53 -52.03 -89.31
C GLY D 382 -47.93 -53.44 -88.88
N LEU D 383 -49.01 -53.56 -88.11
CA LEU D 383 -49.67 -54.83 -87.78
C LEU D 383 -50.94 -54.96 -88.65
N THR D 384 -51.13 -56.06 -89.38
CA THR D 384 -52.18 -56.17 -90.41
C THR D 384 -53.43 -56.86 -89.91
N ASP D 385 -54.60 -56.30 -90.24
CA ASP D 385 -55.90 -56.76 -89.75
C ASP D 385 -55.97 -56.85 -88.21
N GLY D 386 -55.39 -55.86 -87.55
CA GLY D 386 -55.18 -55.81 -86.10
C GLY D 386 -55.65 -54.50 -85.45
N GLU D 387 -56.67 -53.85 -86.00
CA GLU D 387 -57.13 -52.53 -85.55
C GLU D 387 -57.61 -52.51 -84.08
N GLY D 388 -58.08 -53.64 -83.55
CA GLY D 388 -58.44 -53.80 -82.14
C GLY D 388 -57.29 -54.23 -81.22
N ALA D 389 -56.07 -54.43 -81.71
CA ALA D 389 -54.93 -54.80 -80.88
C ALA D 389 -54.71 -53.78 -79.76
N SER D 390 -54.47 -54.26 -78.55
CA SER D 390 -54.57 -53.46 -77.33
C SER D 390 -53.62 -53.93 -76.23
N ILE D 391 -53.27 -53.01 -75.33
CA ILE D 391 -52.52 -53.29 -74.11
C ILE D 391 -53.25 -52.65 -72.93
N SER D 392 -53.35 -53.37 -71.80
CA SER D 392 -54.03 -52.87 -70.60
C SER D 392 -53.44 -53.44 -69.32
N VAL D 393 -53.63 -52.74 -68.21
CA VAL D 393 -53.12 -53.17 -66.88
C VAL D 393 -54.01 -54.23 -66.28
N VAL D 394 -53.41 -55.32 -65.80
CA VAL D 394 -54.10 -56.36 -65.02
C VAL D 394 -54.02 -56.05 -63.54
N SER D 395 -52.81 -55.90 -63.00
CA SER D 395 -52.55 -55.80 -61.56
C SER D 395 -51.15 -55.25 -61.26
N VAL D 396 -50.88 -54.90 -60.01
CA VAL D 396 -49.56 -54.46 -59.51
C VAL D 396 -49.09 -55.30 -58.32
N GLY D 397 -47.77 -55.48 -58.20
CA GLY D 397 -47.13 -56.20 -57.08
C GLY D 397 -45.74 -56.72 -57.41
N GLY E 2 -16.23 -32.00 27.46
CA GLY E 2 -17.36 -31.53 28.28
C GLY E 2 -17.39 -32.23 29.62
N PHE E 3 -18.58 -32.58 30.08
CA PHE E 3 -18.82 -33.26 31.36
C PHE E 3 -19.82 -34.41 31.23
N SER E 4 -19.85 -35.31 32.20
CA SER E 4 -20.70 -36.50 32.21
C SER E 4 -22.20 -36.20 32.06
N ALA E 5 -22.97 -37.22 31.71
CA ALA E 5 -24.40 -37.10 31.43
C ALA E 5 -25.26 -36.70 32.65
N ASP E 6 -24.72 -36.79 33.86
CA ASP E 6 -25.41 -36.45 35.11
C ASP E 6 -24.39 -36.08 36.19
N HIS E 7 -23.61 -35.03 35.90
CA HIS E 7 -22.43 -34.63 36.68
C HIS E 7 -22.79 -34.14 38.09
N SER E 8 -21.90 -34.35 39.05
CA SER E 8 -22.17 -34.10 40.47
C SER E 8 -22.13 -32.61 40.89
N GLN E 9 -21.74 -31.71 39.99
CA GLN E 9 -21.43 -30.30 40.34
C GLN E 9 -21.96 -29.26 39.37
N ILE E 10 -22.41 -29.62 38.16
CA ILE E 10 -22.83 -28.67 37.11
C ILE E 10 -24.21 -29.08 36.61
N ALA E 11 -25.16 -28.14 36.51
CA ALA E 11 -26.51 -28.42 36.03
C ALA E 11 -26.59 -28.21 34.51
N GLN E 12 -26.94 -29.24 33.76
CA GLN E 12 -26.97 -29.25 32.28
C GLN E 12 -28.34 -29.73 31.80
N THR E 13 -28.79 -29.30 30.62
CA THR E 13 -30.09 -29.75 30.11
C THR E 13 -30.14 -31.25 29.82
N LYS E 14 -29.00 -31.91 29.61
CA LYS E 14 -28.93 -33.37 29.52
C LYS E 14 -29.20 -34.11 30.84
N ASP E 15 -29.18 -33.44 31.99
CA ASP E 15 -29.34 -34.09 33.29
C ASP E 15 -30.75 -34.67 33.49
N THR E 16 -30.85 -35.86 34.09
CA THR E 16 -32.12 -36.59 34.22
C THR E 16 -33.17 -35.85 35.04
N MET E 17 -32.75 -35.01 35.97
CA MET E 17 -33.66 -34.20 36.78
C MET E 17 -34.52 -33.23 35.98
N PHE E 18 -34.15 -32.89 34.74
CA PHE E 18 -34.95 -32.02 33.87
C PHE E 18 -35.88 -32.78 32.93
N THR E 19 -35.84 -34.12 32.88
CA THR E 19 -36.73 -34.89 31.99
C THR E 19 -38.20 -34.55 32.23
N GLY E 20 -38.96 -34.45 31.14
CA GLY E 20 -40.36 -34.01 31.16
C GLY E 20 -40.52 -32.50 31.01
N TYR E 21 -39.54 -31.70 31.42
CA TYR E 21 -39.35 -30.36 30.87
C TYR E 21 -38.49 -30.45 29.61
N LEU E 22 -38.37 -29.36 28.87
CA LEU E 22 -37.46 -29.29 27.72
C LEU E 22 -37.78 -30.28 26.58
N ASP E 23 -39.02 -30.76 26.47
CA ASP E 23 -39.44 -31.60 25.34
C ASP E 23 -39.46 -30.83 24.02
N PRO E 24 -39.16 -31.48 22.88
CA PRO E 24 -39.19 -30.84 21.58
C PRO E 24 -40.62 -30.51 21.14
N VAL E 25 -40.77 -29.43 20.39
CA VAL E 25 -42.07 -28.87 19.99
C VAL E 25 -42.69 -29.62 18.81
N GLN E 26 -44.01 -29.78 18.77
CA GLN E 26 -44.72 -30.36 17.62
C GLN E 26 -44.64 -29.45 16.40
N ALA E 27 -44.14 -29.96 15.28
CA ALA E 27 -44.14 -29.26 14.00
C ALA E 27 -45.19 -29.82 13.04
N LYS E 28 -45.51 -29.05 11.99
CA LYS E 28 -46.20 -29.52 10.79
C LYS E 28 -45.39 -30.62 10.11
N ASP E 29 -46.02 -31.53 9.37
CA ASP E 29 -45.28 -32.40 8.46
C ASP E 29 -44.87 -31.64 7.19
N TYR E 30 -43.61 -31.22 7.10
CA TYR E 30 -43.07 -30.51 5.94
C TYR E 30 -42.86 -31.40 4.72
N PHE E 31 -42.98 -32.72 4.84
CA PHE E 31 -42.70 -33.68 3.78
C PHE E 31 -43.94 -34.47 3.34
N ALA E 32 -45.13 -33.98 3.66
CA ALA E 32 -46.40 -34.60 3.28
C ALA E 32 -46.61 -34.54 1.76
N GLU E 33 -46.82 -35.68 1.12
CA GLU E 33 -47.25 -35.75 -0.28
C GLU E 33 -48.76 -35.45 -0.41
N ALA E 34 -49.18 -34.83 -1.51
CA ALA E 34 -50.59 -34.71 -1.83
C ALA E 34 -51.22 -36.09 -2.10
N GLU E 35 -52.49 -36.27 -1.78
CA GLU E 35 -53.18 -37.55 -2.02
C GLU E 35 -53.47 -37.74 -3.51
N LYS E 36 -53.21 -38.94 -4.03
CA LYS E 36 -53.46 -39.30 -5.42
C LYS E 36 -54.96 -39.33 -5.75
N THR E 37 -55.28 -39.33 -7.03
CA THR E 37 -56.66 -39.48 -7.51
C THR E 37 -56.67 -40.28 -8.82
N SER E 38 -57.79 -40.93 -9.14
CA SER E 38 -57.86 -41.85 -10.28
C SER E 38 -57.59 -41.16 -11.61
N ILE E 39 -56.80 -41.82 -12.47
CA ILE E 39 -56.52 -41.33 -13.83
C ILE E 39 -57.62 -41.72 -14.79
N VAL E 40 -58.14 -42.94 -14.69
CA VAL E 40 -59.18 -43.47 -15.60
C VAL E 40 -60.46 -42.65 -15.51
N GLN E 41 -60.83 -42.19 -14.33
CA GLN E 41 -62.01 -41.34 -14.17
C GLN E 41 -61.86 -39.96 -14.80
N ARG E 42 -60.65 -39.52 -15.19
CA ARG E 42 -60.46 -38.30 -16.00
C ARG E 42 -60.65 -38.57 -17.48
N VAL E 43 -60.05 -39.65 -18.02
CA VAL E 43 -60.00 -39.89 -19.47
C VAL E 43 -61.22 -40.61 -20.03
N ALA E 44 -61.84 -41.54 -19.30
CA ALA E 44 -62.98 -42.31 -19.79
C ALA E 44 -64.31 -41.61 -19.53
N GLN E 45 -65.32 -41.85 -20.37
CA GLN E 45 -66.64 -41.26 -20.22
C GLN E 45 -67.42 -41.89 -19.06
N LYS E 46 -68.11 -41.06 -18.28
CA LYS E 46 -68.95 -41.49 -17.16
C LYS E 46 -70.40 -41.71 -17.59
N ILE E 47 -70.97 -42.83 -17.21
CA ILE E 47 -72.27 -43.35 -17.64
C ILE E 47 -73.27 -43.35 -16.47
N PRO E 48 -74.54 -42.99 -16.69
CA PRO E 48 -75.58 -43.18 -15.68
C PRO E 48 -75.89 -44.66 -15.54
N MET E 49 -75.70 -45.23 -14.35
CA MET E 49 -75.80 -46.67 -14.09
C MET E 49 -76.54 -46.96 -12.78
N GLY E 50 -77.45 -47.93 -12.79
CA GLY E 50 -78.20 -48.39 -11.63
C GLY E 50 -77.70 -49.74 -11.12
N ALA E 51 -78.22 -50.19 -9.98
CA ALA E 51 -77.71 -51.37 -9.28
C ALA E 51 -77.77 -52.68 -10.07
N THR E 52 -78.69 -52.80 -11.04
CA THR E 52 -78.84 -53.98 -11.89
C THR E 52 -77.87 -54.02 -13.07
N GLY E 53 -77.29 -52.89 -13.46
CA GLY E 53 -76.47 -52.77 -14.67
C GLY E 53 -77.24 -52.30 -15.90
N ILE E 54 -76.62 -52.37 -17.07
CA ILE E 54 -77.19 -51.88 -18.33
C ILE E 54 -76.86 -52.78 -19.52
N VAL E 55 -77.63 -52.64 -20.60
CA VAL E 55 -77.43 -53.31 -21.89
C VAL E 55 -77.06 -52.30 -22.98
N ILE E 56 -75.99 -52.57 -23.72
CA ILE E 56 -75.54 -51.78 -24.86
C ILE E 56 -75.87 -52.53 -26.17
N PRO E 57 -76.66 -51.97 -27.10
CA PRO E 57 -76.96 -52.57 -28.39
C PRO E 57 -75.93 -52.22 -29.46
N HIS E 58 -75.74 -53.05 -30.48
CA HIS E 58 -74.76 -52.79 -31.55
C HIS E 58 -75.12 -53.43 -32.89
N TRP E 59 -75.21 -52.63 -33.97
CA TRP E 59 -75.40 -53.13 -35.33
C TRP E 59 -74.16 -53.82 -35.87
N THR E 60 -74.30 -54.93 -36.60
CA THR E 60 -73.15 -55.63 -37.19
C THR E 60 -73.47 -56.32 -38.51
N GLY E 61 -74.50 -55.87 -39.23
CA GLY E 61 -74.91 -56.45 -40.51
C GLY E 61 -74.09 -55.92 -41.69
N ASP E 62 -73.59 -56.83 -42.52
CA ASP E 62 -72.93 -56.53 -43.80
C ASP E 62 -73.94 -56.40 -44.95
N VAL E 63 -74.74 -55.33 -44.93
CA VAL E 63 -75.73 -55.04 -45.97
C VAL E 63 -75.03 -54.77 -47.30
N SER E 64 -75.64 -55.15 -48.42
CA SER E 64 -75.02 -55.04 -49.76
C SER E 64 -76.04 -54.80 -50.88
N ALA E 65 -75.54 -54.45 -52.06
CA ALA E 65 -76.31 -54.26 -53.28
C ALA E 65 -75.46 -54.69 -54.48
N GLN E 66 -76.06 -54.90 -55.65
CA GLN E 66 -75.32 -55.30 -56.85
C GLN E 66 -75.76 -54.55 -58.09
N TRP E 67 -74.87 -54.51 -59.06
CA TRP E 67 -75.13 -54.05 -60.43
C TRP E 67 -75.85 -55.12 -61.22
N ILE E 68 -76.83 -54.74 -62.04
CA ILE E 68 -77.66 -55.67 -62.81
C ILE E 68 -77.94 -55.16 -64.22
N GLY E 69 -78.27 -56.07 -65.14
CA GLY E 69 -78.74 -55.71 -66.48
C GLY E 69 -80.20 -55.26 -66.50
N GLU E 70 -80.72 -54.90 -67.67
CA GLU E 70 -82.17 -54.88 -67.86
C GLU E 70 -82.72 -56.31 -67.79
N GLY E 71 -83.89 -56.49 -67.16
CA GLY E 71 -84.57 -57.78 -67.13
C GLY E 71 -83.73 -58.86 -66.46
N ASP E 72 -83.22 -58.56 -65.27
CA ASP E 72 -82.19 -59.34 -64.60
C ASP E 72 -82.46 -59.46 -63.10
N MET E 73 -82.08 -60.57 -62.48
CA MET E 73 -82.60 -60.98 -61.18
C MET E 73 -81.99 -60.19 -60.03
N LYS E 74 -82.80 -59.37 -59.35
CA LYS E 74 -82.40 -58.52 -58.22
C LYS E 74 -82.10 -59.39 -56.99
N PRO E 75 -80.93 -59.27 -56.34
CA PRO E 75 -80.50 -60.18 -55.27
C PRO E 75 -81.08 -59.81 -53.91
N ILE E 76 -80.99 -60.72 -52.94
CA ILE E 76 -81.62 -60.63 -51.62
C ILE E 76 -80.56 -60.55 -50.51
N THR E 77 -80.80 -59.74 -49.48
CA THR E 77 -79.86 -59.45 -48.37
C THR E 77 -80.52 -59.40 -46.99
N LYS E 78 -79.73 -59.43 -45.91
CA LYS E 78 -80.19 -59.41 -44.51
C LYS E 78 -79.25 -58.62 -43.60
N GLY E 79 -79.78 -57.90 -42.62
CA GLY E 79 -79.01 -57.21 -41.57
C GLY E 79 -78.63 -58.12 -40.40
N ASN E 80 -77.98 -57.58 -39.36
CA ASN E 80 -77.67 -58.32 -38.13
C ASN E 80 -77.39 -57.38 -36.95
N MET E 81 -77.65 -57.83 -35.72
CA MET E 81 -77.51 -57.03 -34.50
C MET E 81 -77.04 -57.86 -33.32
N THR E 82 -76.37 -57.25 -32.36
CA THR E 82 -75.89 -57.88 -31.11
C THR E 82 -76.12 -56.96 -29.92
N LYS E 83 -75.91 -57.50 -28.72
CA LYS E 83 -75.98 -56.75 -27.46
C LYS E 83 -74.93 -57.24 -26.48
N ARG E 84 -74.56 -56.39 -25.54
CA ARG E 84 -73.66 -56.67 -24.41
C ARG E 84 -74.26 -56.13 -23.13
N ASP E 85 -74.15 -56.84 -22.02
CA ASP E 85 -74.59 -56.37 -20.71
C ASP E 85 -73.40 -56.14 -19.76
N VAL E 86 -73.51 -55.17 -18.86
CA VAL E 86 -72.47 -54.84 -17.89
C VAL E 86 -73.08 -54.60 -16.50
N HIS E 87 -72.44 -55.11 -15.45
CA HIS E 87 -72.91 -55.06 -14.06
C HIS E 87 -71.89 -54.40 -13.12
N PRO E 88 -72.32 -53.63 -12.11
CA PRO E 88 -71.42 -53.10 -11.10
C PRO E 88 -70.73 -54.16 -10.24
N ALA E 89 -69.68 -53.76 -9.52
CA ALA E 89 -68.93 -54.50 -8.52
C ALA E 89 -68.73 -53.66 -7.26
N LYS E 90 -68.77 -54.30 -6.09
CA LYS E 90 -68.79 -53.67 -4.76
C LYS E 90 -67.40 -53.73 -4.13
N ILE E 91 -66.95 -52.62 -3.56
CA ILE E 91 -65.68 -52.51 -2.84
C ILE E 91 -65.92 -51.94 -1.45
N ALA E 92 -65.31 -52.53 -0.43
CA ALA E 92 -65.63 -52.25 0.96
C ALA E 92 -64.46 -52.48 1.92
N THR E 93 -64.51 -51.87 3.10
CA THR E 93 -63.52 -52.05 4.18
C THR E 93 -64.05 -51.59 5.53
N ILE E 94 -63.48 -52.07 6.63
CA ILE E 94 -63.86 -51.72 8.02
C ILE E 94 -62.61 -51.31 8.80
N PHE E 95 -62.71 -50.37 9.73
CA PHE E 95 -61.68 -50.14 10.75
C PHE E 95 -62.28 -49.95 12.14
N VAL E 96 -61.48 -50.22 13.17
CA VAL E 96 -61.92 -50.42 14.55
C VAL E 96 -61.02 -49.68 15.54
N ALA E 97 -61.59 -49.08 16.59
CA ALA E 97 -60.85 -48.40 17.65
C ALA E 97 -61.56 -48.52 19.00
N SER E 98 -60.87 -48.32 20.11
CA SER E 98 -61.49 -48.28 21.44
C SER E 98 -62.35 -47.05 21.64
N ALA E 99 -63.38 -47.10 22.48
CA ALA E 99 -64.14 -45.91 22.82
C ALA E 99 -63.27 -44.86 23.52
N GLU E 100 -62.25 -45.32 24.25
CA GLU E 100 -61.17 -44.51 24.80
C GLU E 100 -60.43 -43.70 23.72
N THR E 101 -60.00 -44.35 22.64
CA THR E 101 -59.33 -43.71 21.51
C THR E 101 -60.26 -42.77 20.75
N VAL E 102 -61.52 -43.13 20.58
CA VAL E 102 -62.50 -42.25 19.89
C VAL E 102 -62.70 -40.94 20.64
N ARG E 103 -62.70 -40.93 21.97
CA ARG E 103 -62.77 -39.68 22.74
C ARG E 103 -61.55 -38.79 22.56
N ALA E 104 -60.35 -39.38 22.55
CA ALA E 104 -59.11 -38.62 22.42
C ALA E 104 -58.83 -38.14 20.99
N ASN E 105 -59.14 -38.94 19.98
CA ASN E 105 -58.83 -38.72 18.56
C ASN E 105 -57.40 -38.18 18.33
N PRO E 106 -56.36 -38.90 18.76
CA PRO E 106 -54.98 -38.43 18.64
C PRO E 106 -54.59 -38.20 17.18
N ALA E 107 -53.87 -37.12 16.90
CA ALA E 107 -53.43 -36.75 15.55
C ALA E 107 -54.56 -36.66 14.49
N ASN E 108 -55.81 -36.49 14.92
CA ASN E 108 -56.99 -36.62 14.06
C ASN E 108 -57.00 -37.94 13.26
N TYR E 109 -56.62 -39.05 13.89
CA TYR E 109 -56.52 -40.35 13.24
C TYR E 109 -57.83 -40.79 12.59
N LEU E 110 -58.96 -40.58 13.25
CA LEU E 110 -60.25 -41.02 12.72
C LEU E 110 -60.74 -40.18 11.55
N GLY E 111 -60.35 -38.91 11.47
CA GLY E 111 -60.60 -38.08 10.29
C GLY E 111 -59.70 -38.47 9.13
N THR E 112 -58.43 -38.73 9.43
CA THR E 112 -57.42 -39.13 8.44
C THR E 112 -57.78 -40.45 7.77
N MET E 113 -58.21 -41.45 8.54
CA MET E 113 -58.56 -42.76 7.98
C MET E 113 -59.63 -42.67 6.90
N ARG E 114 -60.57 -41.73 6.97
CA ARG E 114 -61.57 -41.52 5.91
C ARG E 114 -60.95 -41.08 4.59
N THR E 115 -59.94 -40.20 4.58
CA THR E 115 -59.28 -39.81 3.34
C THR E 115 -58.36 -40.90 2.83
N LYS E 116 -57.73 -41.66 3.73
CA LYS E 116 -56.93 -42.82 3.31
C LYS E 116 -57.77 -43.91 2.67
N VAL E 117 -58.93 -44.28 3.20
CA VAL E 117 -59.76 -45.29 2.52
C VAL E 117 -60.32 -44.77 1.21
N ALA E 118 -60.73 -43.51 1.12
CA ALA E 118 -61.19 -42.95 -0.15
C ALA E 118 -60.11 -43.03 -1.24
N THR E 119 -58.87 -42.75 -0.87
CA THR E 119 -57.72 -42.86 -1.76
C THR E 119 -57.41 -44.31 -2.11
N ALA E 120 -57.47 -45.23 -1.16
CA ALA E 120 -57.23 -46.65 -1.42
C ALA E 120 -58.27 -47.24 -2.38
N ILE E 121 -59.52 -46.78 -2.29
CA ILE E 121 -60.59 -47.14 -3.20
C ILE E 121 -60.33 -46.57 -4.59
N ALA E 122 -59.97 -45.29 -4.72
CA ALA E 122 -59.64 -44.73 -6.02
C ALA E 122 -58.48 -45.46 -6.71
N MET E 123 -57.45 -45.88 -5.97
CA MET E 123 -56.35 -46.66 -6.53
C MET E 123 -56.74 -48.07 -6.90
N ALA E 124 -57.60 -48.72 -6.11
CA ALA E 124 -58.07 -50.05 -6.44
C ALA E 124 -58.87 -50.07 -7.75
N PHE E 125 -59.61 -49.01 -8.05
CA PHE E 125 -60.40 -48.91 -9.27
C PHE E 125 -59.53 -48.98 -10.52
N ASP E 126 -58.50 -48.13 -10.66
CA ASP E 126 -57.70 -48.13 -11.87
C ASP E 126 -56.47 -49.03 -11.85
N ASN E 127 -56.06 -49.59 -10.72
CA ASN E 127 -55.24 -50.81 -10.78
C ASN E 127 -56.01 -51.96 -11.44
N ALA E 128 -57.33 -52.06 -11.28
CA ALA E 128 -58.12 -53.03 -12.01
C ALA E 128 -58.27 -52.61 -13.47
N ALA E 129 -58.64 -51.36 -13.77
CA ALA E 129 -58.88 -50.92 -15.14
C ALA E 129 -57.66 -50.97 -16.08
N LEU E 130 -56.46 -50.70 -15.60
CA LEU E 130 -55.26 -50.74 -16.44
C LEU E 130 -54.58 -52.11 -16.44
N HIS E 131 -54.28 -52.64 -15.26
CA HIS E 131 -53.43 -53.82 -15.11
C HIS E 131 -54.19 -55.08 -14.71
N GLY E 132 -55.46 -54.98 -14.37
CA GLY E 132 -56.32 -56.13 -14.07
C GLY E 132 -55.97 -56.87 -12.79
N THR E 133 -55.27 -56.26 -11.83
CA THR E 133 -54.57 -56.99 -10.76
C THR E 133 -55.48 -57.79 -9.82
N ASN E 134 -56.36 -57.14 -9.09
CA ASN E 134 -57.34 -57.78 -8.20
C ASN E 134 -58.75 -57.70 -8.79
N ALA E 135 -58.87 -57.54 -10.10
CA ALA E 135 -60.10 -57.08 -10.73
C ALA E 135 -61.30 -57.97 -10.41
N PRO E 136 -62.47 -57.40 -10.10
CA PRO E 136 -63.67 -58.17 -9.86
C PRO E 136 -64.14 -58.76 -11.18
N SER E 137 -64.77 -59.93 -11.16
CA SER E 137 -65.15 -60.63 -12.40
C SER E 137 -66.14 -59.85 -13.26
N ALA E 138 -66.83 -58.86 -12.71
CA ALA E 138 -67.82 -58.06 -13.41
C ALA E 138 -67.23 -56.94 -14.30
N PHE E 139 -65.96 -56.57 -14.14
CA PHE E 139 -65.31 -55.62 -15.05
C PHE E 139 -64.95 -56.32 -16.36
N GLN E 140 -65.23 -55.69 -17.49
CA GLN E 140 -64.95 -56.27 -18.80
C GLN E 140 -63.78 -55.54 -19.48
N GLY E 141 -62.66 -56.25 -19.63
CA GLY E 141 -61.43 -55.77 -20.25
C GLY E 141 -60.53 -54.96 -19.32
N TYR E 142 -59.22 -54.99 -19.57
CA TYR E 142 -58.24 -54.06 -19.00
C TYR E 142 -57.12 -53.78 -20.01
N LEU E 143 -56.51 -52.59 -19.99
CA LEU E 143 -55.66 -52.17 -21.10
C LEU E 143 -54.44 -53.05 -21.37
N ASP E 144 -53.84 -53.66 -20.35
CA ASP E 144 -52.71 -54.57 -20.58
C ASP E 144 -53.04 -55.81 -21.43
N GLN E 145 -54.29 -56.12 -21.73
CA GLN E 145 -54.66 -57.25 -22.59
C GLN E 145 -54.38 -57.04 -24.09
N SER E 146 -54.12 -55.81 -24.54
CA SER E 146 -53.92 -55.51 -25.97
C SER E 146 -52.85 -56.36 -26.64
N ASN E 147 -53.07 -56.77 -27.89
CA ASN E 147 -52.07 -57.47 -28.67
C ASN E 147 -51.00 -56.57 -29.31
N LYS E 148 -51.05 -55.25 -29.12
CA LYS E 148 -50.12 -54.27 -29.73
C LYS E 148 -49.14 -53.68 -28.74
N THR E 149 -47.84 -53.87 -28.97
CA THR E 149 -46.76 -53.26 -28.20
C THR E 149 -45.83 -52.48 -29.11
N GLN E 150 -45.39 -51.30 -28.68
CA GLN E 150 -44.43 -50.49 -29.43
C GLN E 150 -43.31 -50.04 -28.50
N SER E 151 -42.06 -50.08 -28.98
CA SER E 151 -40.96 -49.42 -28.30
C SER E 151 -40.96 -47.92 -28.58
N ILE E 152 -40.87 -47.09 -27.55
CA ILE E 152 -40.74 -45.64 -27.66
C ILE E 152 -39.26 -45.19 -27.51
N SER E 153 -38.32 -46.14 -27.43
CA SER E 153 -37.06 -45.96 -26.71
C SER E 153 -36.10 -44.88 -27.24
N PRO E 154 -35.46 -44.99 -28.42
CA PRO E 154 -34.43 -44.04 -28.81
C PRO E 154 -35.00 -42.70 -29.32
N ASN E 155 -36.20 -42.71 -29.90
CA ASN E 155 -36.81 -41.54 -30.53
C ASN E 155 -38.33 -41.62 -30.48
N ALA E 156 -38.95 -40.89 -29.55
CA ALA E 156 -40.38 -40.96 -29.33
C ALA E 156 -41.24 -40.44 -30.49
N TYR E 157 -40.71 -39.60 -31.38
CA TYR E 157 -41.47 -39.21 -32.57
C TYR E 157 -41.63 -40.38 -33.53
N GLN E 158 -40.54 -41.07 -33.86
CA GLN E 158 -40.59 -42.28 -34.69
C GLN E 158 -41.41 -43.38 -34.00
N GLY E 159 -41.33 -43.47 -32.67
CA GLY E 159 -42.14 -44.37 -31.87
C GLY E 159 -43.64 -44.10 -32.04
N LEU E 160 -44.14 -42.94 -31.65
CA LEU E 160 -45.58 -42.66 -31.65
C LEU E 160 -46.14 -42.32 -33.03
N GLY E 161 -45.51 -41.39 -33.73
CA GLY E 161 -46.06 -40.78 -34.95
C GLY E 161 -45.90 -41.62 -36.22
N VAL E 162 -45.05 -42.66 -36.18
CA VAL E 162 -44.75 -43.48 -37.35
C VAL E 162 -44.96 -44.95 -37.06
N SER E 163 -44.11 -45.58 -36.23
CA SER E 163 -44.19 -47.01 -36.03
C SER E 163 -45.42 -47.43 -35.22
N GLY E 164 -45.76 -46.67 -34.18
CA GLY E 164 -46.94 -46.91 -33.35
C GLY E 164 -48.23 -46.67 -34.09
N LEU E 165 -48.38 -45.52 -34.74
CA LEU E 165 -49.56 -45.21 -35.54
C LEU E 165 -49.77 -46.21 -36.68
N THR E 166 -48.71 -46.78 -37.26
CA THR E 166 -48.82 -47.84 -38.26
C THR E 166 -49.56 -49.06 -37.74
N LYS E 167 -49.30 -49.50 -36.50
CA LYS E 167 -50.00 -50.65 -35.92
C LYS E 167 -51.49 -50.39 -35.74
N LEU E 168 -51.89 -49.16 -35.41
CA LEU E 168 -53.29 -48.80 -35.24
C LEU E 168 -54.03 -48.70 -36.57
N VAL E 169 -53.56 -47.91 -37.54
CA VAL E 169 -54.31 -47.68 -38.79
C VAL E 169 -54.44 -48.94 -39.62
N THR E 170 -53.51 -49.87 -39.52
CA THR E 170 -53.56 -51.18 -40.19
C THR E 170 -54.77 -52.02 -39.76
N ASP E 171 -55.26 -51.86 -38.54
CA ASP E 171 -56.47 -52.53 -38.05
C ASP E 171 -57.73 -51.64 -38.09
N GLY E 172 -57.67 -50.47 -38.72
CA GLY E 172 -58.79 -49.53 -38.76
C GLY E 172 -59.11 -48.85 -37.42
N LYS E 173 -58.24 -48.99 -36.41
CA LYS E 173 -58.32 -48.28 -35.13
C LYS E 173 -57.77 -46.87 -35.29
N LYS E 174 -58.32 -45.89 -34.56
CA LYS E 174 -57.81 -44.51 -34.54
C LYS E 174 -56.81 -44.29 -33.42
N TRP E 175 -56.07 -43.18 -33.46
CA TRP E 175 -55.29 -42.67 -32.33
C TRP E 175 -55.86 -41.30 -31.95
N THR E 176 -56.35 -41.14 -30.72
CA THR E 176 -57.06 -39.92 -30.31
C THR E 176 -56.45 -39.27 -29.06
N HIS E 177 -55.82 -40.02 -28.18
CA HIS E 177 -55.07 -39.51 -27.03
C HIS E 177 -53.84 -40.35 -26.76
N THR E 178 -52.90 -39.84 -25.98
CA THR E 178 -51.86 -40.67 -25.37
C THR E 178 -51.75 -40.42 -23.88
N LEU E 179 -51.60 -41.49 -23.12
CA LEU E 179 -51.48 -41.49 -21.67
C LEU E 179 -50.09 -41.96 -21.28
N LEU E 180 -49.33 -41.10 -20.60
CA LEU E 180 -47.92 -41.31 -20.30
C LEU E 180 -47.64 -41.25 -18.79
N ASP E 181 -46.71 -42.08 -18.34
CA ASP E 181 -46.18 -42.00 -16.99
C ASP E 181 -45.13 -40.88 -16.83
N ASP E 182 -44.98 -40.30 -15.64
CA ASP E 182 -43.90 -39.35 -15.34
C ASP E 182 -42.51 -39.89 -15.71
N THR E 183 -42.28 -41.20 -15.59
CA THR E 183 -41.01 -41.83 -15.97
C THR E 183 -40.69 -41.74 -17.46
N VAL E 184 -41.62 -41.32 -18.32
CA VAL E 184 -41.36 -41.13 -19.76
C VAL E 184 -40.58 -39.85 -20.04
N GLU E 185 -40.54 -38.86 -19.15
CA GLU E 185 -39.93 -37.56 -19.43
C GLU E 185 -38.52 -37.61 -20.02
N PRO E 186 -37.55 -38.36 -19.48
CA PRO E 186 -36.20 -38.34 -20.02
C PRO E 186 -36.08 -38.86 -21.46
N VAL E 187 -36.96 -39.75 -21.93
CA VAL E 187 -36.88 -40.22 -23.33
C VAL E 187 -37.55 -39.28 -24.32
N LEU E 188 -38.40 -38.34 -23.88
CA LEU E 188 -38.79 -37.22 -24.73
C LEU E 188 -37.68 -36.19 -24.83
N ASN E 189 -37.03 -35.86 -23.71
CA ASN E 189 -35.86 -34.98 -23.72
C ASN E 189 -34.77 -35.56 -24.61
N GLY E 190 -34.55 -36.86 -24.54
CA GLY E 190 -33.49 -37.56 -25.28
C GLY E 190 -33.78 -37.85 -26.73
N SER E 191 -34.83 -37.28 -27.33
CA SER E 191 -35.19 -37.54 -28.73
C SER E 191 -34.77 -36.36 -29.60
N VAL E 192 -33.98 -36.65 -30.64
CA VAL E 192 -33.10 -35.69 -31.29
C VAL E 192 -32.94 -35.89 -32.79
N ASP E 193 -32.51 -34.85 -33.49
CA ASP E 193 -31.94 -34.92 -34.85
C ASP E 193 -30.70 -35.82 -34.92
N ALA E 194 -30.26 -36.14 -36.13
CA ALA E 194 -28.88 -36.57 -36.37
C ALA E 194 -27.85 -35.54 -35.87
N ASN E 195 -28.21 -34.26 -35.78
CA ASN E 195 -27.38 -33.21 -35.19
C ASN E 195 -27.39 -33.14 -33.66
N GLY E 196 -28.29 -33.83 -32.97
CA GLY E 196 -28.38 -33.78 -31.51
C GLY E 196 -29.24 -32.66 -30.94
N ARG E 197 -29.89 -31.82 -31.76
CA ARG E 197 -30.91 -30.88 -31.27
C ARG E 197 -32.15 -31.65 -30.81
N PRO E 198 -32.78 -31.33 -29.67
CA PRO E 198 -34.07 -31.87 -29.28
C PRO E 198 -35.17 -31.68 -30.33
N LEU E 199 -36.19 -32.55 -30.31
CA LEU E 199 -37.41 -32.37 -31.11
C LEU E 199 -38.49 -31.57 -30.40
N PHE E 200 -38.80 -31.88 -29.14
CA PHE E 200 -40.01 -31.41 -28.47
C PHE E 200 -39.86 -30.12 -27.66
N VAL E 201 -38.72 -29.43 -27.75
CA VAL E 201 -38.40 -28.19 -27.04
C VAL E 201 -37.42 -27.35 -27.86
N GLU E 202 -37.36 -26.03 -27.66
CA GLU E 202 -36.73 -25.09 -28.61
C GLU E 202 -35.74 -24.10 -27.97
N SER E 203 -34.98 -23.40 -28.82
CA SER E 203 -34.11 -22.29 -28.44
C SER E 203 -33.11 -22.71 -27.37
N THR E 204 -33.05 -22.03 -26.23
CA THR E 204 -32.10 -22.25 -25.15
C THR E 204 -32.50 -23.38 -24.20
N TYR E 205 -33.61 -24.07 -24.46
CA TYR E 205 -34.09 -25.21 -23.67
C TYR E 205 -34.43 -24.88 -22.22
N GLU E 206 -34.85 -23.66 -21.93
CA GLU E 206 -35.23 -23.25 -20.59
C GLU E 206 -36.67 -23.61 -20.21
N SER E 207 -37.59 -23.65 -21.17
CA SER E 207 -38.96 -24.14 -20.97
C SER E 207 -39.05 -25.66 -20.88
N LEU E 208 -40.10 -26.18 -20.24
CA LEU E 208 -40.38 -27.61 -20.13
C LEU E 208 -40.91 -28.23 -21.43
N THR E 209 -40.53 -29.48 -21.72
CA THR E 209 -40.78 -30.20 -22.99
C THR E 209 -42.26 -30.36 -23.34
N THR E 210 -42.64 -30.20 -24.60
CA THR E 210 -44.03 -29.82 -24.99
C THR E 210 -45.16 -30.83 -24.77
N PRO E 211 -44.96 -32.16 -24.81
CA PRO E 211 -46.00 -33.08 -24.37
C PRO E 211 -46.28 -32.99 -22.87
N PHE E 212 -45.24 -32.79 -22.06
CA PHE E 212 -45.39 -32.27 -20.71
C PHE E 212 -45.90 -30.82 -20.78
N ARG E 213 -46.39 -30.24 -19.67
CA ARG E 213 -47.34 -29.11 -19.75
C ARG E 213 -48.68 -29.46 -20.42
N GLU E 214 -48.93 -30.74 -20.68
CA GLU E 214 -50.14 -31.27 -21.33
C GLU E 214 -50.44 -30.64 -22.69
N GLY E 215 -49.41 -30.37 -23.49
CA GLY E 215 -49.57 -30.04 -24.90
C GLY E 215 -49.96 -31.26 -25.74
N ARG E 216 -50.15 -31.07 -27.04
CA ARG E 216 -50.50 -32.16 -27.97
C ARG E 216 -49.25 -32.78 -28.60
N ILE E 217 -49.37 -33.96 -29.19
CA ILE E 217 -48.42 -34.48 -30.18
C ILE E 217 -49.20 -34.73 -31.45
N LEU E 218 -48.78 -34.18 -32.58
CA LEU E 218 -49.43 -34.39 -33.88
C LEU E 218 -50.96 -34.28 -33.80
N GLY E 219 -51.44 -33.26 -33.07
CA GLY E 219 -52.86 -33.01 -32.80
C GLY E 219 -53.48 -33.77 -31.62
N ARG E 220 -52.97 -34.93 -31.20
CA ARG E 220 -53.56 -35.75 -30.12
C ARG E 220 -53.19 -35.19 -28.74
N PRO E 221 -54.13 -34.94 -27.81
CA PRO E 221 -53.80 -34.50 -26.46
C PRO E 221 -52.95 -35.50 -25.67
N THR E 222 -52.06 -34.99 -24.83
CA THR E 222 -51.21 -35.80 -23.92
C THR E 222 -51.79 -35.75 -22.52
N ILE E 223 -51.98 -36.91 -21.89
CA ILE E 223 -52.41 -37.03 -20.51
C ILE E 223 -51.27 -37.58 -19.67
N LEU E 224 -50.97 -36.97 -18.53
CA LEU E 224 -49.81 -37.31 -17.68
C LEU E 224 -50.26 -37.91 -16.36
N SER E 225 -49.52 -38.88 -15.83
CA SER E 225 -49.76 -39.43 -14.49
C SER E 225 -48.48 -39.95 -13.85
N ASP E 226 -48.41 -39.92 -12.53
CA ASP E 226 -47.28 -40.44 -11.76
C ASP E 226 -47.35 -41.96 -11.49
N HIS E 227 -48.42 -42.65 -11.88
CA HIS E 227 -48.68 -44.02 -11.43
C HIS E 227 -49.30 -44.96 -12.46
N VAL E 228 -49.07 -44.76 -13.77
CA VAL E 228 -49.57 -45.68 -14.81
C VAL E 228 -48.53 -46.69 -15.26
N ALA E 229 -47.25 -46.47 -15.04
CA ALA E 229 -46.23 -47.45 -15.41
C ALA E 229 -46.35 -48.72 -14.56
N GLU E 230 -46.10 -49.87 -15.15
CA GLU E 230 -46.09 -51.17 -14.46
C GLU E 230 -45.28 -52.18 -15.27
N GLY E 231 -44.34 -52.87 -14.64
CA GLY E 231 -43.41 -53.74 -15.36
C GLY E 231 -42.69 -52.98 -16.48
N ASP E 232 -42.75 -53.48 -17.71
CA ASP E 232 -42.15 -52.85 -18.89
C ASP E 232 -43.00 -51.74 -19.51
N VAL E 233 -44.29 -51.64 -19.17
CA VAL E 233 -45.21 -50.68 -19.80
C VAL E 233 -45.04 -49.30 -19.19
N VAL E 234 -44.93 -48.26 -20.02
CA VAL E 234 -44.74 -46.87 -19.59
C VAL E 234 -45.84 -45.92 -20.04
N GLY E 235 -46.82 -46.41 -20.81
CA GLY E 235 -47.93 -45.60 -21.27
C GLY E 235 -48.80 -46.33 -22.28
N TYR E 236 -49.91 -45.71 -22.65
CA TYR E 236 -50.85 -46.26 -23.63
C TYR E 236 -51.25 -45.19 -24.64
N ALA E 237 -51.23 -45.52 -25.93
CA ALA E 237 -51.77 -44.66 -26.99
C ALA E 237 -52.95 -45.33 -27.66
N GLY E 238 -54.05 -44.63 -27.92
CA GLY E 238 -55.23 -45.24 -28.55
C GLY E 238 -56.38 -44.26 -28.67
N ASP E 239 -57.61 -44.75 -28.78
CA ASP E 239 -58.81 -43.93 -28.58
C ASP E 239 -59.52 -44.30 -27.28
N PHE E 240 -59.42 -43.42 -26.30
CA PHE E 240 -60.00 -43.62 -24.97
C PHE E 240 -61.53 -43.46 -24.97
N SER E 241 -62.12 -43.13 -26.12
CA SER E 241 -63.54 -43.27 -26.39
C SER E 241 -64.05 -44.72 -26.27
N GLN E 242 -63.19 -45.73 -26.43
CA GLN E 242 -63.61 -47.13 -26.29
C GLN E 242 -63.82 -47.56 -24.83
N ILE E 243 -63.56 -46.70 -23.85
CA ILE E 243 -63.69 -47.02 -22.42
C ILE E 243 -64.88 -46.25 -21.85
N ILE E 244 -65.73 -46.90 -21.07
CA ILE E 244 -66.79 -46.26 -20.29
C ILE E 244 -66.81 -46.80 -18.86
N TRP E 245 -67.26 -46.00 -17.91
CA TRP E 245 -67.40 -46.38 -16.51
C TRP E 245 -68.60 -45.73 -15.85
N GLY E 246 -69.06 -46.27 -14.73
CA GLY E 246 -70.14 -45.68 -13.95
C GLY E 246 -70.01 -46.00 -12.47
N GLN E 247 -70.72 -45.27 -11.62
CA GLN E 247 -70.71 -45.48 -10.17
C GLN E 247 -72.13 -45.50 -9.64
N VAL E 248 -72.46 -46.49 -8.82
CA VAL E 248 -73.77 -46.58 -8.17
C VAL E 248 -73.74 -45.78 -6.88
N GLY E 249 -74.48 -44.67 -6.81
CA GLY E 249 -74.47 -43.80 -5.63
C GLY E 249 -73.11 -43.14 -5.39
N GLY E 250 -72.60 -43.21 -4.17
CA GLY E 250 -71.32 -42.61 -3.79
C GLY E 250 -70.69 -43.28 -2.58
N LEU E 251 -69.48 -42.86 -2.22
CA LEU E 251 -68.73 -43.42 -1.09
C LEU E 251 -69.49 -43.19 0.21
N SER E 252 -69.70 -44.25 0.99
CA SER E 252 -70.62 -44.22 2.14
C SER E 252 -69.99 -44.79 3.39
N PHE E 253 -70.26 -44.15 4.54
CA PHE E 253 -69.75 -44.51 5.86
C PHE E 253 -70.89 -44.83 6.83
N ASP E 254 -70.81 -45.95 7.53
CA ASP E 254 -71.63 -46.26 8.70
C ASP E 254 -70.74 -46.44 9.93
N VAL E 255 -71.20 -46.03 11.11
CA VAL E 255 -70.48 -46.20 12.38
C VAL E 255 -71.32 -46.98 13.38
N THR E 256 -70.70 -47.83 14.20
CA THR E 256 -71.40 -48.69 15.15
C THR E 256 -70.62 -48.88 16.44
N ASP E 257 -71.33 -49.05 17.55
CA ASP E 257 -70.79 -49.48 18.84
C ASP E 257 -71.44 -50.79 19.33
N GLN E 258 -72.17 -51.50 18.46
CA GLN E 258 -73.01 -52.64 18.83
C GLN E 258 -72.87 -53.89 17.97
N ALA E 259 -72.17 -53.85 16.84
CA ALA E 259 -71.92 -55.06 16.08
C ALA E 259 -71.07 -56.08 16.85
N THR E 260 -71.01 -57.31 16.37
CA THR E 260 -69.98 -58.28 16.71
C THR E 260 -69.18 -58.57 15.46
N LEU E 261 -67.86 -58.42 15.50
CA LEU E 261 -67.00 -58.60 14.33
C LEU E 261 -66.28 -59.93 14.41
N ASN E 262 -66.19 -60.64 13.29
CA ASN E 262 -65.29 -61.76 13.16
C ASN E 262 -63.90 -61.24 12.80
N LEU E 263 -62.93 -61.39 13.69
CA LEU E 263 -61.55 -61.00 13.41
C LEU E 263 -60.76 -62.09 12.67
N GLY E 264 -61.32 -63.30 12.57
CA GLY E 264 -60.77 -64.43 11.83
C GLY E 264 -61.35 -64.53 10.42
N SER E 265 -61.76 -65.74 10.02
CA SER E 265 -62.38 -66.01 8.73
C SER E 265 -63.54 -66.99 8.88
N GLN E 266 -64.47 -67.06 7.93
CA GLN E 266 -65.69 -67.88 8.08
C GLN E 266 -65.43 -69.38 8.26
N GLU E 267 -64.27 -69.88 7.87
CA GLU E 267 -63.85 -71.27 8.09
C GLU E 267 -63.38 -71.54 9.52
N SER E 268 -62.90 -70.52 10.24
CA SER E 268 -62.29 -70.61 11.57
C SER E 268 -62.41 -69.26 12.28
N PRO E 269 -63.57 -68.97 12.89
CA PRO E 269 -63.90 -67.64 13.37
C PRO E 269 -63.21 -67.28 14.67
N ASN E 270 -63.25 -65.99 15.01
CA ASN E 270 -62.74 -65.42 16.24
C ASN E 270 -63.52 -64.13 16.54
N PHE E 271 -64.71 -64.25 17.12
CA PHE E 271 -65.61 -63.12 17.28
C PHE E 271 -65.25 -62.23 18.46
N VAL E 272 -65.43 -60.92 18.32
CA VAL E 272 -65.32 -59.97 19.42
C VAL E 272 -66.54 -59.06 19.42
N SER E 273 -67.21 -58.93 20.57
CA SER E 273 -68.34 -58.02 20.73
C SER E 273 -67.86 -56.59 20.92
N LEU E 274 -68.28 -55.65 20.09
CA LEU E 274 -67.86 -54.26 20.25
C LEU E 274 -68.43 -53.65 21.52
N TRP E 275 -69.65 -54.01 21.89
CA TRP E 275 -70.33 -53.41 23.04
C TRP E 275 -69.74 -53.89 24.36
N GLN E 276 -69.46 -55.19 24.49
CA GLN E 276 -68.91 -55.73 25.73
C GLN E 276 -67.43 -55.38 25.92
N HIS E 277 -66.68 -55.12 24.87
CA HIS E 277 -65.27 -54.69 24.95
C HIS E 277 -65.09 -53.17 24.86
N ASN E 278 -66.16 -52.38 24.86
CA ASN E 278 -66.10 -50.92 24.80
C ASN E 278 -65.31 -50.41 23.57
N LEU E 279 -65.63 -50.95 22.39
CA LEU E 279 -65.04 -50.60 21.10
C LEU E 279 -66.05 -49.90 20.17
N VAL E 280 -65.57 -49.28 19.10
CA VAL E 280 -66.34 -48.64 18.04
C VAL E 280 -65.77 -49.04 16.69
N ALA E 281 -66.59 -49.20 15.67
CA ALA E 281 -66.13 -49.53 14.31
C ALA E 281 -66.78 -48.66 13.24
N VAL E 282 -66.10 -48.48 12.12
CA VAL E 282 -66.57 -47.75 10.95
C VAL E 282 -66.51 -48.64 9.73
N ARG E 283 -67.57 -48.68 8.94
CA ARG E 283 -67.77 -49.54 7.78
C ARG E 283 -67.96 -48.70 6.53
N VAL E 284 -67.33 -49.08 5.43
CA VAL E 284 -67.20 -48.23 4.24
C VAL E 284 -67.55 -48.98 2.97
N GLU E 285 -68.32 -48.39 2.06
CA GLU E 285 -68.69 -49.00 0.78
C GLU E 285 -68.75 -48.02 -0.39
N ALA E 286 -68.34 -48.50 -1.57
CA ALA E 286 -68.54 -47.87 -2.88
C ALA E 286 -68.80 -48.95 -3.94
N GLU E 287 -69.24 -48.57 -5.13
CA GLU E 287 -69.68 -49.53 -6.15
C GLU E 287 -69.57 -49.00 -7.57
N TYR E 288 -68.88 -49.73 -8.45
CA TYR E 288 -68.40 -49.27 -9.75
C TYR E 288 -68.72 -50.24 -10.87
N GLY E 289 -68.85 -49.77 -12.11
CA GLY E 289 -68.82 -50.62 -13.31
C GLY E 289 -67.87 -50.07 -14.36
N LEU E 290 -67.22 -50.95 -15.12
CA LEU E 290 -66.25 -50.62 -16.17
C LEU E 290 -66.44 -51.50 -17.41
N LEU E 291 -66.44 -50.90 -18.59
CA LEU E 291 -66.35 -51.62 -19.86
C LEU E 291 -65.28 -51.00 -20.76
N ILE E 292 -64.38 -51.83 -21.28
CA ILE E 292 -63.52 -51.49 -22.40
C ILE E 292 -64.03 -52.24 -23.61
N ASN E 293 -64.51 -51.51 -24.62
CA ASN E 293 -65.21 -52.08 -25.76
C ASN E 293 -64.32 -52.94 -26.67
N ASP E 294 -63.07 -52.52 -26.89
CA ASP E 294 -62.05 -53.31 -27.58
C ASP E 294 -60.66 -53.00 -27.02
N VAL E 295 -60.04 -53.97 -26.35
CA VAL E 295 -58.71 -53.77 -25.77
C VAL E 295 -57.63 -53.59 -26.84
N ASN E 296 -57.87 -53.99 -28.08
CA ASN E 296 -56.90 -53.92 -29.16
C ASN E 296 -56.87 -52.56 -29.88
N ALA E 297 -57.64 -51.58 -29.39
CA ALA E 297 -57.61 -50.19 -29.83
C ALA E 297 -56.53 -49.34 -29.13
N PHE E 298 -55.63 -49.97 -28.36
CA PHE E 298 -54.58 -49.35 -27.55
C PHE E 298 -53.23 -49.99 -27.82
N VAL E 299 -52.18 -49.20 -27.88
CA VAL E 299 -50.80 -49.67 -28.00
C VAL E 299 -50.10 -49.48 -26.67
N LYS E 300 -49.52 -50.55 -26.15
CA LYS E 300 -48.70 -50.57 -24.94
C LYS E 300 -47.32 -50.02 -25.27
N LEU E 301 -46.95 -48.88 -24.71
CA LEU E 301 -45.66 -48.24 -24.95
C LEU E 301 -44.60 -48.81 -24.00
N THR E 302 -43.38 -49.04 -24.46
CA THR E 302 -42.30 -49.68 -23.68
C THR E 302 -40.93 -49.08 -24.01
N PHE E 303 -39.92 -49.25 -23.15
CA PHE E 303 -38.53 -48.88 -23.48
C PHE E 303 -37.74 -50.01 -24.15
N ASP E 304 -38.41 -51.05 -24.61
CA ASP E 304 -37.80 -52.31 -25.08
C ASP E 304 -36.83 -52.07 -26.27
N PRO E 305 -35.59 -52.59 -26.26
CA PRO E 305 -34.71 -52.56 -27.42
C PRO E 305 -35.33 -53.18 -28.68
N VAL E 306 -34.89 -52.74 -29.86
CA VAL E 306 -35.34 -53.32 -31.14
C VAL E 306 -34.75 -54.71 -31.36
N LEU E 307 -35.60 -55.71 -31.66
CA LEU E 307 -35.17 -57.07 -31.97
C LEU E 307 -34.86 -57.25 -33.46
N THR E 308 -33.92 -58.13 -33.76
CA THR E 308 -33.63 -58.60 -35.13
C THR E 308 -33.70 -60.12 -35.19
N THR E 309 -34.25 -60.66 -36.27
CA THR E 309 -34.32 -62.11 -36.52
C THR E 309 -33.19 -62.54 -37.45
N TYR E 310 -32.51 -63.63 -37.11
CA TYR E 310 -31.44 -64.25 -37.86
C TYR E 310 -31.76 -65.72 -38.14
N ALA E 311 -31.31 -66.23 -39.28
CA ALA E 311 -31.21 -67.65 -39.56
C ALA E 311 -29.77 -68.12 -39.38
N LEU E 312 -29.56 -69.14 -38.56
CA LEU E 312 -28.27 -69.79 -38.36
C LEU E 312 -28.37 -71.19 -38.96
N ASP E 313 -27.51 -71.50 -39.92
CA ASP E 313 -27.58 -72.73 -40.70
C ASP E 313 -26.18 -73.27 -40.94
N LEU E 314 -25.87 -74.37 -40.25
CA LEU E 314 -24.55 -75.01 -40.29
C LEU E 314 -24.29 -75.78 -41.59
N ASP E 315 -25.17 -75.70 -42.60
CA ASP E 315 -24.99 -76.32 -43.91
C ASP E 315 -24.77 -77.84 -43.84
N GLY E 316 -25.54 -78.50 -42.97
CA GLY E 316 -25.44 -79.94 -42.74
C GLY E 316 -24.14 -80.40 -42.06
N ALA E 317 -23.49 -79.55 -41.27
CA ALA E 317 -22.23 -79.91 -40.59
C ALA E 317 -22.33 -81.20 -39.78
N SER E 318 -21.26 -81.99 -39.87
CA SER E 318 -21.21 -83.39 -39.42
C SER E 318 -20.77 -83.57 -37.97
N ALA E 319 -19.93 -82.66 -37.45
CA ALA E 319 -19.37 -82.70 -36.11
C ALA E 319 -18.76 -81.34 -35.71
N GLY E 320 -18.31 -81.21 -34.46
CA GLY E 320 -17.58 -80.05 -33.96
C GLY E 320 -18.45 -79.02 -33.22
N ASN E 321 -17.95 -77.79 -33.11
CA ASN E 321 -18.58 -76.70 -32.36
C ASN E 321 -18.31 -75.32 -32.98
N PHE E 322 -19.09 -74.32 -32.60
CA PHE E 322 -19.02 -72.94 -33.12
C PHE E 322 -19.25 -71.93 -31.99
N THR E 323 -18.75 -70.69 -32.15
CA THR E 323 -18.95 -69.61 -31.18
C THR E 323 -19.80 -68.48 -31.78
N LEU E 324 -20.94 -68.19 -31.17
CA LEU E 324 -21.70 -66.97 -31.44
C LEU E 324 -21.12 -65.79 -30.66
N SER E 325 -21.13 -64.60 -31.26
CA SER E 325 -20.68 -63.37 -30.60
C SER E 325 -21.69 -62.24 -30.84
N LEU E 326 -22.08 -61.56 -29.77
CA LEU E 326 -23.18 -60.60 -29.72
C LEU E 326 -22.64 -59.23 -29.35
N ASP E 327 -22.82 -58.23 -30.21
CA ASP E 327 -22.17 -56.91 -30.08
C ASP E 327 -20.65 -56.98 -29.82
N GLY E 328 -19.99 -58.03 -30.30
CA GLY E 328 -18.56 -58.30 -30.11
C GLY E 328 -18.19 -59.06 -28.83
N LYS E 329 -19.15 -59.45 -27.98
CA LYS E 329 -18.91 -60.24 -26.76
C LYS E 329 -19.30 -61.69 -27.00
N THR E 330 -18.42 -62.63 -26.67
CA THR E 330 -18.45 -63.99 -27.24
C THR E 330 -18.92 -65.05 -26.25
N SER E 331 -19.85 -65.90 -26.69
CA SER E 331 -20.38 -67.04 -25.93
C SER E 331 -19.36 -68.15 -25.71
N ALA E 332 -19.61 -69.04 -24.74
CA ALA E 332 -18.98 -70.36 -24.70
C ALA E 332 -19.47 -71.19 -25.91
N ASN E 333 -18.57 -71.96 -26.54
CA ASN E 333 -18.88 -72.62 -27.81
C ASN E 333 -20.02 -73.65 -27.70
N ILE E 334 -20.79 -73.76 -28.78
CA ILE E 334 -21.99 -74.59 -28.91
C ILE E 334 -21.71 -75.74 -29.87
N ALA E 335 -22.09 -76.97 -29.51
CA ALA E 335 -21.91 -78.13 -30.37
C ALA E 335 -22.82 -78.08 -31.62
N TYR E 336 -22.35 -78.65 -32.72
CA TYR E 336 -23.04 -78.69 -34.03
C TYR E 336 -24.48 -79.23 -34.00
N ASN E 337 -24.81 -80.05 -33.00
CA ASN E 337 -26.07 -80.76 -32.86
C ASN E 337 -26.92 -80.27 -31.65
N ALA E 338 -26.53 -79.16 -31.01
CA ALA E 338 -27.15 -78.69 -29.78
C ALA E 338 -28.62 -78.24 -29.95
N SER E 339 -29.45 -78.42 -28.91
CA SER E 339 -30.86 -78.01 -28.92
C SER E 339 -31.07 -76.49 -28.94
N THR E 340 -32.27 -76.05 -29.28
CA THR E 340 -32.69 -74.63 -29.25
C THR E 340 -32.48 -74.03 -27.85
N ALA E 341 -32.93 -74.70 -26.80
CA ALA E 341 -32.75 -74.27 -25.42
C ALA E 341 -31.26 -74.18 -25.03
N THR E 342 -30.42 -75.07 -25.55
CA THR E 342 -28.98 -74.99 -25.34
C THR E 342 -28.40 -73.72 -25.94
N VAL E 343 -28.58 -73.46 -27.24
CA VAL E 343 -28.00 -72.27 -27.88
C VAL E 343 -28.61 -70.97 -27.33
N LYS E 344 -29.90 -70.96 -26.95
CA LYS E 344 -30.50 -69.85 -26.21
C LYS E 344 -29.75 -69.58 -24.91
N SER E 345 -29.55 -70.60 -24.08
CA SER E 345 -28.81 -70.45 -22.82
C SER E 345 -27.35 -70.00 -23.04
N ALA E 346 -26.69 -70.43 -24.13
CA ALA E 346 -25.34 -70.02 -24.46
C ALA E 346 -25.25 -68.55 -24.91
N ILE E 347 -26.30 -67.99 -25.51
CA ILE E 347 -26.40 -66.56 -25.80
C ILE E 347 -26.61 -65.76 -24.51
N VAL E 348 -27.63 -66.07 -23.71
CA VAL E 348 -27.96 -65.27 -22.52
C VAL E 348 -26.95 -65.44 -21.37
N ALA E 349 -25.97 -66.33 -21.52
CA ALA E 349 -24.80 -66.40 -20.64
C ALA E 349 -23.77 -65.28 -20.90
N ILE E 350 -23.86 -64.51 -21.97
CA ILE E 350 -23.03 -63.32 -22.20
C ILE E 350 -23.45 -62.20 -21.25
N ASP E 351 -22.49 -61.50 -20.63
CA ASP E 351 -22.75 -60.56 -19.53
C ASP E 351 -23.65 -59.35 -19.85
N ASP E 352 -23.72 -58.92 -21.11
CA ASP E 352 -24.14 -57.56 -21.44
C ASP E 352 -25.67 -57.35 -21.45
N GLY E 353 -26.31 -57.44 -20.29
CA GLY E 353 -27.69 -57.04 -20.03
C GLY E 353 -28.78 -57.94 -20.62
N VAL E 354 -28.49 -58.72 -21.66
CA VAL E 354 -29.43 -59.66 -22.28
C VAL E 354 -29.75 -60.84 -21.36
N SER E 355 -31.00 -61.27 -21.38
CA SER E 355 -31.57 -62.27 -20.46
C SER E 355 -32.52 -63.22 -21.19
N ALA E 356 -32.94 -64.29 -20.52
CA ALA E 356 -33.82 -65.32 -21.08
C ALA E 356 -35.18 -64.80 -21.58
N ASP E 357 -35.63 -63.62 -21.16
CA ASP E 357 -36.86 -62.99 -21.67
C ASP E 357 -36.64 -62.14 -22.94
N ASP E 358 -35.38 -61.81 -23.26
CA ASP E 358 -35.03 -60.96 -24.41
C ASP E 358 -34.77 -61.75 -25.71
N VAL E 359 -34.71 -63.09 -25.62
CA VAL E 359 -34.18 -63.95 -26.69
C VAL E 359 -35.13 -65.10 -27.01
N THR E 360 -35.30 -65.42 -28.30
CA THR E 360 -36.05 -66.59 -28.75
C THR E 360 -35.24 -67.39 -29.76
N VAL E 361 -35.25 -68.71 -29.64
CA VAL E 361 -34.67 -69.62 -30.64
C VAL E 361 -35.63 -70.74 -30.97
N THR E 362 -35.77 -71.04 -32.26
CA THR E 362 -36.62 -72.10 -32.82
C THR E 362 -35.91 -72.81 -33.97
N GLY E 363 -36.47 -73.91 -34.47
CA GLY E 363 -35.89 -74.69 -35.56
C GLY E 363 -35.39 -76.06 -35.09
N SER E 364 -34.14 -76.38 -35.41
CA SER E 364 -33.61 -77.76 -35.36
C SER E 364 -32.11 -77.80 -35.13
N ALA E 365 -31.59 -78.95 -34.69
CA ALA E 365 -30.14 -79.14 -34.57
C ALA E 365 -29.45 -78.87 -35.92
N GLY E 366 -28.50 -77.92 -35.93
CA GLY E 366 -27.79 -77.48 -37.14
C GLY E 366 -28.51 -76.45 -38.02
N ASP E 367 -29.78 -76.11 -37.77
CA ASP E 367 -30.53 -75.10 -38.53
C ASP E 367 -31.63 -74.43 -37.69
N TYR E 368 -31.40 -73.18 -37.31
CA TYR E 368 -32.13 -72.42 -36.28
C TYR E 368 -32.62 -71.05 -36.79
N THR E 369 -33.74 -70.57 -36.24
CA THR E 369 -34.11 -69.14 -36.26
C THR E 369 -33.90 -68.55 -34.87
N ILE E 370 -33.21 -67.40 -34.79
CA ILE E 370 -32.80 -66.74 -33.55
C ILE E 370 -33.28 -65.30 -33.57
N THR E 371 -33.81 -64.77 -32.46
CA THR E 371 -34.15 -63.34 -32.33
C THR E 371 -33.47 -62.71 -31.13
N VAL E 372 -32.78 -61.59 -31.31
CA VAL E 372 -32.01 -60.90 -30.26
C VAL E 372 -32.01 -59.38 -30.45
N PRO E 373 -31.79 -58.59 -29.39
CA PRO E 373 -31.30 -57.21 -29.51
C PRO E 373 -29.93 -57.14 -30.19
N GLY E 374 -29.54 -55.99 -30.72
CA GLY E 374 -28.17 -55.74 -31.20
C GLY E 374 -27.77 -56.53 -32.45
N THR E 375 -26.45 -56.69 -32.68
CA THR E 375 -25.90 -57.40 -33.85
C THR E 375 -25.28 -58.75 -33.49
N LEU E 376 -25.68 -59.80 -34.20
CA LEU E 376 -25.26 -61.18 -33.96
C LEU E 376 -24.27 -61.64 -35.03
N THR E 377 -23.18 -62.28 -34.61
CA THR E 377 -22.11 -62.77 -35.49
C THR E 377 -21.67 -64.17 -35.06
N ALA E 378 -20.96 -64.89 -35.92
CA ALA E 378 -20.55 -66.27 -35.66
C ALA E 378 -19.12 -66.56 -36.16
N ASP E 379 -18.46 -67.53 -35.53
CA ASP E 379 -17.25 -68.18 -36.03
C ASP E 379 -17.40 -69.70 -35.98
N PHE E 380 -17.19 -70.35 -37.13
CA PHE E 380 -17.34 -71.79 -37.34
C PHE E 380 -15.99 -72.55 -37.31
N SER E 381 -14.91 -71.89 -36.91
CA SER E 381 -13.63 -72.56 -36.65
C SER E 381 -13.78 -73.55 -35.49
N GLY E 382 -13.42 -74.81 -35.71
CA GLY E 382 -13.74 -75.92 -34.80
C GLY E 382 -15.01 -76.70 -35.17
N LEU E 383 -15.69 -76.34 -36.26
CA LEU E 383 -16.79 -77.08 -36.86
C LEU E 383 -16.29 -77.87 -38.08
N THR E 384 -16.65 -79.15 -38.18
CA THR E 384 -16.06 -80.08 -39.17
C THR E 384 -16.36 -79.73 -40.63
N ASP E 385 -17.41 -78.94 -40.89
CA ASP E 385 -17.81 -78.46 -42.22
C ASP E 385 -17.89 -76.92 -42.28
N GLY E 386 -17.09 -76.24 -41.45
CA GLY E 386 -17.19 -74.81 -41.17
C GLY E 386 -17.03 -73.85 -42.37
N GLU E 387 -16.52 -74.32 -43.51
CA GLU E 387 -16.50 -73.53 -44.75
C GLU E 387 -17.89 -73.36 -45.39
N GLY E 388 -18.82 -74.30 -45.13
CA GLY E 388 -20.22 -74.23 -45.59
C GLY E 388 -21.15 -73.49 -44.62
N ALA E 389 -20.95 -73.67 -43.31
CA ALA E 389 -21.81 -73.12 -42.26
C ALA E 389 -21.97 -71.59 -42.34
N SER E 390 -23.15 -71.10 -41.96
CA SER E 390 -23.64 -69.78 -42.38
C SER E 390 -24.59 -69.15 -41.35
N ILE E 391 -24.67 -67.81 -41.36
CA ILE E 391 -25.64 -67.03 -40.59
C ILE E 391 -26.10 -65.80 -41.40
N SER E 392 -27.37 -65.41 -41.31
CA SER E 392 -27.92 -64.32 -42.11
C SER E 392 -29.10 -63.61 -41.43
N VAL E 393 -29.34 -62.36 -41.83
CA VAL E 393 -30.49 -61.55 -41.39
C VAL E 393 -31.78 -62.03 -42.08
N VAL E 394 -32.84 -62.23 -41.30
CA VAL E 394 -34.20 -62.54 -41.78
C VAL E 394 -35.14 -61.33 -41.68
N SER E 395 -34.98 -60.48 -40.65
CA SER E 395 -35.70 -59.19 -40.52
C SER E 395 -35.14 -58.12 -41.47
N VAL E 396 -35.00 -58.43 -42.76
CA VAL E 396 -34.41 -57.56 -43.78
C VAL E 396 -35.31 -56.35 -44.07
N GLY E 397 -34.73 -55.14 -44.13
CA GLY E 397 -35.43 -53.87 -44.42
C GLY E 397 -34.55 -52.65 -44.20
N GLY F 2 23.82 9.66 -14.97
CA GLY F 2 23.38 10.10 -13.63
C GLY F 2 24.51 9.95 -12.62
N PHE F 3 24.15 9.85 -11.34
CA PHE F 3 25.11 9.74 -10.23
C PHE F 3 24.81 8.52 -9.37
N SER F 4 25.83 8.01 -8.68
CA SER F 4 25.67 6.94 -7.69
C SER F 4 24.74 7.35 -6.56
N ALA F 5 24.06 6.41 -5.90
CA ALA F 5 23.60 6.67 -4.54
C ALA F 5 24.79 7.02 -3.64
N ASP F 6 24.59 7.90 -2.67
CA ASP F 6 25.65 8.42 -1.80
C ASP F 6 26.78 9.12 -2.57
N HIS F 7 26.45 9.80 -3.67
CA HIS F 7 27.38 10.71 -4.35
C HIS F 7 27.83 11.82 -3.39
N SER F 8 29.08 12.25 -3.47
CA SER F 8 29.67 13.13 -2.47
C SER F 8 29.14 14.56 -2.47
N GLN F 9 28.49 15.02 -3.54
CA GLN F 9 28.06 16.41 -3.70
C GLN F 9 26.56 16.63 -3.91
N ILE F 10 25.77 15.60 -4.26
CA ILE F 10 24.37 15.77 -4.67
C ILE F 10 23.46 14.93 -3.78
N ALA F 11 22.43 15.52 -3.18
CA ALA F 11 21.48 14.80 -2.34
C ALA F 11 20.35 14.18 -3.17
N GLN F 12 20.14 12.87 -3.04
CA GLN F 12 19.12 12.12 -3.78
C GLN F 12 18.27 11.30 -2.83
N THR F 13 17.00 11.06 -3.13
CA THR F 13 16.14 10.23 -2.28
C THR F 13 16.66 8.80 -2.16
N LYS F 14 17.36 8.29 -3.18
CA LYS F 14 18.04 7.00 -3.12
C LYS F 14 19.29 6.93 -2.23
N ASP F 15 19.77 8.04 -1.66
CA ASP F 15 20.88 8.03 -0.71
C ASP F 15 20.52 7.31 0.60
N THR F 16 21.48 6.65 1.22
CA THR F 16 21.25 5.87 2.45
C THR F 16 20.79 6.72 3.63
N MET F 17 21.20 7.99 3.70
CA MET F 17 20.86 8.87 4.81
C MET F 17 19.36 9.15 4.96
N PHE F 18 18.56 8.96 3.90
CA PHE F 18 17.11 9.16 3.95
C PHE F 18 16.32 7.88 4.19
N THR F 19 16.98 6.73 4.31
CA THR F 19 16.28 5.44 4.47
C THR F 19 15.33 5.45 5.67
N GLY F 20 14.07 5.10 5.42
CA GLY F 20 13.03 5.10 6.44
C GLY F 20 12.48 6.48 6.83
N TYR F 21 12.71 7.54 6.05
CA TYR F 21 11.96 8.80 6.14
C TYR F 21 10.92 8.97 5.03
N LEU F 22 10.99 8.15 3.97
CA LEU F 22 10.16 8.25 2.78
C LEU F 22 9.12 7.13 2.76
N ASP F 23 8.20 7.15 3.71
CA ASP F 23 7.17 6.13 3.86
C ASP F 23 6.02 6.29 2.86
N PRO F 24 5.49 5.20 2.26
CA PRO F 24 4.28 5.23 1.45
C PRO F 24 3.06 5.73 2.22
N VAL F 25 2.09 6.31 1.52
CA VAL F 25 0.76 6.57 2.08
C VAL F 25 -0.05 5.27 2.15
N GLN F 26 -0.78 5.05 3.25
CA GLN F 26 -1.63 3.88 3.43
C GLN F 26 -2.90 3.99 2.56
N ALA F 27 -3.15 2.99 1.70
CA ALA F 27 -4.31 2.93 0.82
C ALA F 27 -5.32 1.86 1.26
N LYS F 28 -6.53 1.86 0.70
CA LYS F 28 -7.50 0.77 0.85
C LYS F 28 -7.10 -0.45 0.02
N ASP F 29 -7.68 -1.62 0.29
CA ASP F 29 -7.47 -2.80 -0.55
C ASP F 29 -8.34 -2.74 -1.82
N TYR F 30 -7.75 -2.40 -2.96
CA TYR F 30 -8.44 -2.34 -4.24
C TYR F 30 -8.76 -3.71 -4.83
N PHE F 31 -8.23 -4.80 -4.26
CA PHE F 31 -8.31 -6.15 -4.80
C PHE F 31 -9.13 -7.11 -3.92
N ALA F 32 -9.91 -6.59 -2.97
CA ALA F 32 -10.69 -7.42 -2.06
C ALA F 32 -11.81 -8.17 -2.81
N GLU F 33 -11.90 -9.49 -2.63
CA GLU F 33 -13.09 -10.24 -3.04
C GLU F 33 -14.24 -9.98 -2.05
N ALA F 34 -15.49 -10.06 -2.51
CA ALA F 34 -16.65 -9.94 -1.64
C ALA F 34 -16.73 -11.10 -0.64
N GLU F 35 -17.37 -10.88 0.51
CA GLU F 35 -17.59 -11.95 1.50
C GLU F 35 -18.53 -13.03 0.93
N LYS F 36 -18.11 -14.29 0.99
CA LYS F 36 -18.97 -15.44 0.67
C LYS F 36 -20.16 -15.52 1.61
N THR F 37 -21.22 -16.18 1.18
CA THR F 37 -22.44 -16.36 1.98
C THR F 37 -23.01 -17.76 1.82
N SER F 38 -23.82 -18.22 2.77
CA SER F 38 -24.32 -19.59 2.77
C SER F 38 -25.23 -19.85 1.57
N ILE F 39 -24.93 -20.89 0.79
CA ILE F 39 -25.75 -21.27 -0.36
C ILE F 39 -26.94 -22.13 0.04
N VAL F 40 -26.78 -22.98 1.04
CA VAL F 40 -27.86 -23.85 1.54
C VAL F 40 -29.02 -23.02 2.06
N GLN F 41 -28.75 -21.88 2.70
CA GLN F 41 -29.77 -20.96 3.17
C GLN F 41 -30.56 -20.24 2.05
N ARG F 42 -30.15 -20.32 0.78
CA ARG F 42 -31.04 -19.91 -0.34
C ARG F 42 -32.01 -21.02 -0.74
N VAL F 43 -31.53 -22.25 -0.87
CA VAL F 43 -32.29 -23.33 -1.51
C VAL F 43 -33.20 -24.07 -0.55
N ALA F 44 -32.78 -24.31 0.70
CA ALA F 44 -33.57 -25.05 1.67
C ALA F 44 -34.59 -24.15 2.37
N GLN F 45 -35.71 -24.70 2.82
CA GLN F 45 -36.73 -23.95 3.55
C GLN F 45 -36.29 -23.66 4.99
N LYS F 46 -36.46 -22.41 5.44
CA LYS F 46 -36.21 -22.02 6.83
C LYS F 46 -37.42 -22.32 7.70
N ILE F 47 -37.21 -23.05 8.78
CA ILE F 47 -38.24 -23.58 9.67
C ILE F 47 -38.15 -22.94 11.07
N PRO F 48 -39.27 -22.55 11.70
CA PRO F 48 -39.27 -22.07 13.08
C PRO F 48 -38.63 -23.09 14.02
N MET F 49 -37.63 -22.66 14.78
CA MET F 49 -36.75 -23.54 15.56
C MET F 49 -36.54 -22.95 16.95
N GLY F 50 -36.51 -23.79 17.98
CA GLY F 50 -36.25 -23.40 19.36
C GLY F 50 -35.14 -24.23 19.98
N ALA F 51 -34.73 -23.89 21.20
CA ALA F 51 -33.60 -24.50 21.86
C ALA F 51 -33.76 -26.01 22.10
N THR F 52 -34.98 -26.49 22.27
CA THR F 52 -35.27 -27.91 22.51
C THR F 52 -35.29 -28.75 21.24
N GLY F 53 -35.52 -28.13 20.08
CA GLY F 53 -35.75 -28.82 18.82
C GLY F 53 -37.23 -29.08 18.54
N ILE F 54 -37.51 -29.89 17.52
CA ILE F 54 -38.86 -30.13 16.99
C ILE F 54 -39.11 -31.60 16.68
N VAL F 55 -40.38 -31.99 16.66
CA VAL F 55 -40.87 -33.31 16.25
C VAL F 55 -41.65 -33.20 14.94
N ILE F 56 -41.28 -33.99 13.95
CA ILE F 56 -41.94 -34.09 12.65
C ILE F 56 -42.75 -35.40 12.62
N PRO F 57 -44.08 -35.36 12.50
CA PRO F 57 -44.92 -36.54 12.39
C PRO F 57 -45.03 -37.01 10.95
N HIS F 58 -45.29 -38.30 10.70
CA HIS F 58 -45.37 -38.83 9.34
C HIS F 58 -46.32 -40.03 9.23
N TRP F 59 -47.33 -39.94 8.35
CA TRP F 59 -48.23 -41.06 8.08
C TRP F 59 -47.53 -42.19 7.34
N THR F 60 -47.74 -43.43 7.73
CA THR F 60 -47.07 -44.58 7.10
C THR F 60 -47.95 -45.84 6.96
N GLY F 61 -49.27 -45.72 7.13
CA GLY F 61 -50.18 -46.85 7.03
C GLY F 61 -50.51 -47.22 5.59
N ASP F 62 -50.32 -48.50 5.25
CA ASP F 62 -50.75 -49.12 3.99
C ASP F 62 -52.24 -49.51 4.07
N VAL F 63 -53.13 -48.53 4.12
CA VAL F 63 -54.58 -48.71 4.25
C VAL F 63 -55.15 -49.35 2.98
N SER F 64 -56.11 -50.26 3.13
CA SER F 64 -56.57 -51.12 2.02
C SER F 64 -58.09 -51.31 2.00
N ALA F 65 -58.61 -51.64 0.81
CA ALA F 65 -59.99 -52.04 0.59
C ALA F 65 -60.02 -53.18 -0.45
N GLN F 66 -61.07 -53.99 -0.44
CA GLN F 66 -61.15 -55.16 -1.32
C GLN F 66 -62.50 -55.24 -2.03
N TRP F 67 -62.50 -55.82 -3.22
CA TRP F 67 -63.71 -56.19 -3.92
C TRP F 67 -64.39 -57.37 -3.24
N ILE F 68 -65.71 -57.30 -3.08
CA ILE F 68 -66.51 -58.33 -2.39
C ILE F 68 -67.73 -58.73 -3.20
N GLY F 69 -68.21 -59.96 -3.00
CA GLY F 69 -69.50 -60.39 -3.54
C GLY F 69 -70.67 -59.73 -2.83
N GLU F 70 -71.87 -59.87 -3.38
CA GLU F 70 -73.10 -59.53 -2.67
C GLU F 70 -73.28 -60.50 -1.49
N GLY F 71 -73.57 -59.97 -0.29
CA GLY F 71 -73.73 -60.77 0.91
C GLY F 71 -72.44 -61.43 1.43
N ASP F 72 -71.25 -60.95 1.06
CA ASP F 72 -69.96 -61.48 1.48
C ASP F 72 -69.29 -60.67 2.62
N MET F 73 -68.28 -61.24 3.28
CA MET F 73 -67.67 -60.69 4.49
C MET F 73 -66.69 -59.54 4.24
N LYS F 74 -66.98 -58.36 4.80
CA LYS F 74 -66.21 -57.12 4.64
C LYS F 74 -64.93 -57.19 5.49
N PRO F 75 -63.73 -56.95 4.93
CA PRO F 75 -62.45 -57.10 5.62
C PRO F 75 -62.06 -55.90 6.47
N ILE F 76 -61.12 -56.09 7.40
CA ILE F 76 -60.72 -55.11 8.42
C ILE F 76 -59.31 -54.57 8.15
N THR F 77 -59.09 -53.27 8.35
CA THR F 77 -57.81 -52.58 8.12
C THR F 77 -57.44 -51.62 9.25
N LYS F 78 -56.18 -51.18 9.32
CA LYS F 78 -55.64 -50.31 10.37
C LYS F 78 -54.60 -49.34 9.80
N GLY F 79 -54.60 -48.08 10.24
CA GLY F 79 -53.60 -47.08 9.86
C GLY F 79 -52.27 -47.23 10.59
N ASN F 80 -51.30 -46.36 10.33
CA ASN F 80 -50.05 -46.29 11.08
C ASN F 80 -49.36 -44.92 10.96
N MET F 81 -48.53 -44.56 11.95
CA MET F 81 -47.82 -43.28 12.03
C MET F 81 -46.44 -43.47 12.66
N THR F 82 -45.50 -42.59 12.34
CA THR F 82 -44.19 -42.48 13.01
C THR F 82 -43.84 -41.01 13.25
N LYS F 83 -42.74 -40.77 13.95
CA LYS F 83 -42.20 -39.44 14.17
C LYS F 83 -40.68 -39.44 14.13
N ARG F 84 -40.08 -38.27 13.93
CA ARG F 84 -38.63 -38.04 13.99
C ARG F 84 -38.37 -36.70 14.64
N ASP F 85 -37.31 -36.56 15.41
CA ASP F 85 -36.97 -35.35 16.15
C ASP F 85 -35.66 -34.71 15.68
N VAL F 86 -35.58 -33.39 15.72
CA VAL F 86 -34.46 -32.60 15.19
C VAL F 86 -33.98 -31.61 16.26
N HIS F 87 -32.73 -31.74 16.73
CA HIS F 87 -32.13 -30.86 17.74
C HIS F 87 -31.08 -29.93 17.13
N PRO F 88 -31.02 -28.64 17.51
CA PRO F 88 -29.94 -27.75 17.09
C PRO F 88 -28.55 -28.24 17.48
N ALA F 89 -27.53 -27.67 16.85
CA ALA F 89 -26.12 -27.81 17.21
C ALA F 89 -25.47 -26.42 17.32
N LYS F 90 -24.45 -26.31 18.16
CA LYS F 90 -23.75 -25.06 18.48
C LYS F 90 -22.45 -24.94 17.71
N ILE F 91 -22.13 -23.75 17.20
CA ILE F 91 -20.85 -23.44 16.58
C ILE F 91 -20.25 -22.19 17.20
N ALA F 92 -18.96 -22.21 17.54
CA ALA F 92 -18.32 -21.11 18.26
C ALA F 92 -16.81 -21.02 18.06
N THR F 93 -16.22 -19.85 18.32
CA THR F 93 -14.77 -19.62 18.42
C THR F 93 -14.44 -18.48 19.36
N ILE F 94 -13.18 -18.40 19.77
CA ILE F 94 -12.61 -17.28 20.50
C ILE F 94 -11.43 -16.74 19.69
N PHE F 95 -11.20 -15.43 19.68
CA PHE F 95 -9.94 -14.87 19.18
C PHE F 95 -9.33 -13.91 20.19
N VAL F 96 -8.01 -13.88 20.28
CA VAL F 96 -7.27 -13.27 21.40
C VAL F 96 -6.23 -12.30 20.87
N ALA F 97 -6.13 -11.11 21.47
CA ALA F 97 -5.13 -10.11 21.14
C ALA F 97 -4.54 -9.48 22.40
N SER F 98 -3.29 -9.04 22.37
CA SER F 98 -2.71 -8.31 23.49
C SER F 98 -3.31 -6.91 23.62
N ALA F 99 -3.29 -6.34 24.82
CA ALA F 99 -3.86 -5.01 25.05
C ALA F 99 -3.20 -3.92 24.22
N GLU F 100 -1.92 -4.09 23.84
CA GLU F 100 -1.24 -3.26 22.84
C GLU F 100 -1.89 -3.31 21.47
N THR F 101 -2.19 -4.51 20.98
CA THR F 101 -2.85 -4.67 19.68
C THR F 101 -4.25 -4.07 19.72
N VAL F 102 -4.96 -4.19 20.84
CA VAL F 102 -6.27 -3.55 21.00
C VAL F 102 -6.16 -2.03 21.03
N ARG F 103 -5.16 -1.48 21.72
CA ARG F 103 -4.95 -0.02 21.84
C ARG F 103 -4.68 0.62 20.48
N ALA F 104 -3.84 0.00 19.65
CA ALA F 104 -3.52 0.51 18.32
C ALA F 104 -4.60 0.22 17.26
N ASN F 105 -5.27 -0.93 17.34
CA ASN F 105 -6.18 -1.49 16.33
C ASN F 105 -5.64 -1.35 14.90
N PRO F 106 -4.45 -1.91 14.59
CA PRO F 106 -3.80 -1.73 13.30
C PRO F 106 -4.68 -2.29 12.18
N ALA F 107 -4.79 -1.57 11.07
CA ALA F 107 -5.57 -1.98 9.91
C ALA F 107 -7.03 -2.37 10.20
N ASN F 108 -7.60 -1.87 11.30
CA ASN F 108 -8.88 -2.32 11.86
C ASN F 108 -8.98 -3.85 11.97
N TYR F 109 -7.93 -4.52 12.45
CA TYR F 109 -7.90 -5.95 12.64
C TYR F 109 -9.06 -6.47 13.49
N LEU F 110 -9.41 -5.80 14.58
CA LEU F 110 -10.49 -6.25 15.45
C LEU F 110 -11.87 -6.17 14.80
N GLY F 111 -12.14 -5.14 14.00
CA GLY F 111 -13.39 -5.08 13.24
C GLY F 111 -13.42 -6.12 12.12
N THR F 112 -12.28 -6.32 11.46
CA THR F 112 -12.16 -7.27 10.36
C THR F 112 -12.37 -8.71 10.83
N MET F 113 -11.83 -9.09 11.98
CA MET F 113 -12.06 -10.41 12.57
C MET F 113 -13.54 -10.68 12.79
N ARG F 114 -14.29 -9.71 13.30
CA ARG F 114 -15.73 -9.88 13.56
C ARG F 114 -16.55 -10.03 12.28
N THR F 115 -16.04 -9.59 11.13
CA THR F 115 -16.61 -9.96 9.82
C THR F 115 -16.14 -11.34 9.37
N LYS F 116 -14.84 -11.67 9.43
CA LYS F 116 -14.34 -12.96 8.96
C LYS F 116 -14.90 -14.15 9.71
N VAL F 117 -15.14 -14.05 11.02
CA VAL F 117 -15.71 -15.18 11.78
C VAL F 117 -17.15 -15.48 11.34
N ALA F 118 -17.93 -14.47 10.98
CA ALA F 118 -19.29 -14.68 10.52
C ALA F 118 -19.33 -15.46 9.21
N THR F 119 -18.46 -15.12 8.26
CA THR F 119 -18.28 -15.91 7.04
C THR F 119 -17.76 -17.30 7.34
N ALA F 120 -16.84 -17.48 8.27
CA ALA F 120 -16.38 -18.81 8.63
C ALA F 120 -17.52 -19.69 9.15
N ILE F 121 -18.44 -19.13 9.92
CA ILE F 121 -19.63 -19.82 10.43
C ILE F 121 -20.60 -20.16 9.29
N ALA F 122 -20.82 -19.26 8.34
CA ALA F 122 -21.62 -19.59 7.16
C ALA F 122 -20.98 -20.70 6.31
N MET F 123 -19.68 -20.65 6.05
CA MET F 123 -18.97 -21.70 5.32
C MET F 123 -18.99 -23.03 6.07
N ALA F 124 -18.94 -23.00 7.39
CA ALA F 124 -19.00 -24.21 8.20
C ALA F 124 -20.34 -24.92 8.03
N PHE F 125 -21.43 -24.16 8.01
CA PHE F 125 -22.77 -24.71 7.80
C PHE F 125 -22.91 -25.30 6.40
N ASP F 126 -22.48 -24.61 5.34
CA ASP F 126 -22.50 -25.15 3.98
C ASP F 126 -21.68 -26.43 3.83
N ASN F 127 -20.46 -26.49 4.34
CA ASN F 127 -19.65 -27.69 4.22
C ASN F 127 -20.24 -28.86 5.01
N ALA F 128 -20.84 -28.60 6.17
CA ALA F 128 -21.50 -29.64 6.94
C ALA F 128 -22.72 -30.20 6.23
N ALA F 129 -23.50 -29.35 5.55
CA ALA F 129 -24.70 -29.76 4.84
C ALA F 129 -24.44 -30.43 3.49
N LEU F 130 -23.45 -29.98 2.72
CA LEU F 130 -23.14 -30.54 1.43
C LEU F 130 -22.22 -31.75 1.54
N HIS F 131 -21.02 -31.58 2.10
CA HIS F 131 -19.98 -32.60 2.09
C HIS F 131 -19.80 -33.32 3.42
N GLY F 132 -20.52 -32.90 4.47
CA GLY F 132 -20.47 -33.55 5.79
C GLY F 132 -19.09 -33.53 6.45
N THR F 133 -18.29 -32.48 6.25
CA THR F 133 -16.86 -32.50 6.57
C THR F 133 -16.54 -32.67 8.06
N ASN F 134 -17.12 -31.84 8.92
CA ASN F 134 -16.93 -31.84 10.36
C ASN F 134 -18.28 -31.79 11.10
N ALA F 135 -19.33 -32.29 10.47
CA ALA F 135 -20.70 -32.06 10.91
C ALA F 135 -20.97 -32.58 12.33
N PRO F 136 -21.81 -31.91 13.11
CA PRO F 136 -22.20 -32.38 14.42
C PRO F 136 -23.09 -33.60 14.31
N SER F 137 -23.10 -34.47 15.31
CA SER F 137 -23.93 -35.68 15.30
C SER F 137 -25.43 -35.40 15.25
N ALA F 138 -25.86 -34.19 15.58
CA ALA F 138 -27.25 -33.76 15.55
C ALA F 138 -27.78 -33.42 14.15
N PHE F 139 -26.92 -33.19 13.15
CA PHE F 139 -27.36 -32.97 11.79
C PHE F 139 -27.70 -34.31 11.14
N GLN F 140 -28.90 -34.44 10.58
CA GLN F 140 -29.36 -35.68 9.97
C GLN F 140 -29.17 -35.67 8.46
N GLY F 141 -28.06 -36.26 8.01
CA GLY F 141 -27.71 -36.47 6.60
C GLY F 141 -27.03 -35.28 5.92
N TYR F 142 -26.30 -35.55 4.85
CA TYR F 142 -25.65 -34.55 4.00
C TYR F 142 -25.61 -35.01 2.54
N LEU F 143 -25.63 -34.08 1.57
CA LEU F 143 -25.94 -34.45 0.17
C LEU F 143 -24.94 -35.39 -0.47
N ASP F 144 -23.67 -35.34 -0.09
CA ASP F 144 -22.65 -36.23 -0.61
C ASP F 144 -22.88 -37.71 -0.26
N GLN F 145 -23.85 -38.05 0.60
CA GLN F 145 -24.24 -39.44 0.89
C GLN F 145 -25.03 -40.12 -0.23
N SER F 146 -25.56 -39.40 -1.21
CA SER F 146 -26.36 -40.00 -2.29
C SER F 146 -25.61 -41.09 -3.06
N ASN F 147 -26.27 -42.19 -3.36
CA ASN F 147 -25.74 -43.26 -4.20
C ASN F 147 -25.84 -43.02 -5.71
N LYS F 148 -26.22 -41.82 -6.16
CA LYS F 148 -26.33 -41.43 -7.57
C LYS F 148 -25.27 -40.42 -7.99
N THR F 149 -24.55 -40.72 -9.07
CA THR F 149 -23.59 -39.79 -9.69
C THR F 149 -23.83 -39.67 -11.19
N GLN F 150 -23.43 -38.57 -11.81
CA GLN F 150 -23.57 -38.40 -13.25
C GLN F 150 -22.46 -37.53 -13.84
N SER F 151 -21.74 -38.08 -14.82
CA SER F 151 -20.81 -37.36 -15.68
C SER F 151 -21.53 -36.36 -16.58
N ILE F 152 -21.05 -35.13 -16.73
CA ILE F 152 -21.66 -34.11 -17.59
C ILE F 152 -20.72 -33.49 -18.62
N SER F 153 -19.43 -33.86 -18.67
CA SER F 153 -18.44 -33.09 -19.43
C SER F 153 -18.66 -33.01 -20.95
N PRO F 154 -18.92 -34.11 -21.68
CA PRO F 154 -19.02 -34.04 -23.14
C PRO F 154 -20.16 -33.16 -23.64
N ASN F 155 -21.33 -33.24 -22.99
CA ASN F 155 -22.54 -32.51 -23.35
C ASN F 155 -23.48 -32.43 -22.14
N ALA F 156 -23.65 -31.25 -21.57
CA ALA F 156 -24.46 -31.06 -20.37
C ALA F 156 -25.94 -31.32 -20.55
N TYR F 157 -26.49 -31.23 -21.78
CA TYR F 157 -27.90 -31.54 -21.99
C TYR F 157 -28.19 -33.04 -21.86
N GLN F 158 -27.34 -33.89 -22.45
CA GLN F 158 -27.42 -35.33 -22.23
C GLN F 158 -27.17 -35.69 -20.76
N GLY F 159 -26.26 -34.97 -20.12
CA GLY F 159 -25.96 -35.09 -18.70
C GLY F 159 -27.18 -34.84 -17.82
N LEU F 160 -27.71 -33.63 -17.80
CA LEU F 160 -28.83 -33.29 -16.92
C LEU F 160 -30.16 -33.85 -17.42
N GLY F 161 -30.55 -33.52 -18.64
CA GLY F 161 -31.93 -33.68 -19.12
C GLY F 161 -32.33 -35.13 -19.43
N VAL F 162 -31.35 -36.00 -19.63
CA VAL F 162 -31.59 -37.37 -20.10
C VAL F 162 -31.02 -38.38 -19.11
N SER F 163 -29.70 -38.52 -19.05
CA SER F 163 -29.09 -39.56 -18.22
C SER F 163 -29.22 -39.27 -16.73
N GLY F 164 -29.03 -38.02 -16.31
CA GLY F 164 -29.19 -37.60 -14.92
C GLY F 164 -30.63 -37.71 -14.46
N LEU F 165 -31.60 -37.21 -15.23
CA LEU F 165 -33.01 -37.36 -14.90
C LEU F 165 -33.44 -38.82 -14.81
N THR F 166 -32.92 -39.71 -15.66
CA THR F 166 -33.28 -41.14 -15.64
C THR F 166 -33.01 -41.77 -14.28
N LYS F 167 -31.89 -41.44 -13.63
CA LYS F 167 -31.52 -41.98 -12.32
C LYS F 167 -32.49 -41.57 -11.21
N LEU F 168 -33.11 -40.39 -11.29
CA LEU F 168 -34.10 -39.94 -10.31
C LEU F 168 -35.45 -40.59 -10.53
N VAL F 169 -36.02 -40.52 -11.72
CA VAL F 169 -37.38 -41.03 -11.96
C VAL F 169 -37.47 -42.55 -11.88
N THR F 170 -36.38 -43.28 -12.11
CA THR F 170 -36.33 -44.73 -11.87
C THR F 170 -36.60 -45.11 -10.41
N ASP F 171 -36.35 -44.20 -9.47
CA ASP F 171 -36.69 -44.36 -8.05
C ASP F 171 -37.95 -43.59 -7.64
N GLY F 172 -38.70 -43.02 -8.58
CA GLY F 172 -39.90 -42.24 -8.27
C GLY F 172 -39.63 -40.90 -7.60
N LYS F 173 -38.40 -40.37 -7.73
CA LYS F 173 -37.97 -39.09 -7.12
C LYS F 173 -37.96 -37.99 -8.17
N LYS F 174 -38.34 -36.77 -7.79
CA LYS F 174 -38.47 -35.64 -8.72
C LYS F 174 -37.18 -34.84 -8.88
N TRP F 175 -37.04 -34.12 -9.99
CA TRP F 175 -35.98 -33.14 -10.21
C TRP F 175 -36.57 -31.75 -10.12
N THR F 176 -36.14 -30.95 -9.14
CA THR F 176 -36.82 -29.69 -8.80
C THR F 176 -35.93 -28.47 -8.97
N HIS F 177 -34.62 -28.58 -8.71
CA HIS F 177 -33.61 -27.56 -9.00
C HIS F 177 -32.30 -28.22 -9.40
N THR F 178 -31.39 -27.45 -9.98
CA THR F 178 -29.99 -27.83 -10.08
C THR F 178 -29.10 -26.73 -9.52
N LEU F 179 -28.05 -27.12 -8.82
CA LEU F 179 -27.10 -26.29 -8.11
C LEU F 179 -25.70 -26.52 -8.67
N LEU F 180 -25.07 -25.49 -9.24
CA LEU F 180 -23.84 -25.63 -10.02
C LEU F 180 -22.73 -24.70 -9.54
N ASP F 181 -21.50 -25.19 -9.53
CA ASP F 181 -20.32 -24.39 -9.26
C ASP F 181 -19.95 -23.46 -10.43
N ASP F 182 -19.37 -22.29 -10.18
CA ASP F 182 -18.88 -21.41 -11.25
C ASP F 182 -17.88 -22.12 -12.20
N THR F 183 -17.13 -23.11 -11.74
CA THR F 183 -16.21 -23.87 -12.60
C THR F 183 -16.90 -24.71 -13.67
N VAL F 184 -18.23 -24.84 -13.65
CA VAL F 184 -18.99 -25.55 -14.69
C VAL F 184 -19.08 -24.75 -15.99
N GLU F 185 -18.84 -23.44 -15.99
CA GLU F 185 -19.12 -22.61 -17.17
C GLU F 185 -18.46 -23.12 -18.47
N PRO F 186 -17.17 -23.48 -18.53
CA PRO F 186 -16.56 -23.99 -19.74
C PRO F 186 -17.28 -25.17 -20.39
N VAL F 187 -17.72 -26.17 -19.62
CA VAL F 187 -18.40 -27.35 -20.21
C VAL F 187 -19.81 -27.03 -20.65
N LEU F 188 -20.43 -25.99 -20.10
CA LEU F 188 -21.77 -25.55 -20.45
C LEU F 188 -21.79 -24.55 -21.61
N ASN F 189 -20.71 -23.79 -21.80
CA ASN F 189 -20.45 -23.05 -23.04
C ASN F 189 -20.02 -23.99 -24.17
N GLY F 190 -19.33 -25.07 -23.83
CA GLY F 190 -18.71 -26.00 -24.78
C GLY F 190 -19.57 -27.18 -25.21
N SER F 191 -20.80 -27.30 -24.69
CA SER F 191 -21.77 -28.32 -25.13
C SER F 191 -22.45 -27.88 -26.43
N VAL F 192 -22.13 -28.56 -27.51
CA VAL F 192 -22.48 -28.16 -28.88
C VAL F 192 -23.20 -29.27 -29.62
N ASP F 193 -24.02 -28.90 -30.59
CA ASP F 193 -24.58 -29.86 -31.54
C ASP F 193 -23.52 -30.38 -32.52
N ALA F 194 -23.89 -31.30 -33.43
CA ALA F 194 -22.94 -31.88 -34.37
C ALA F 194 -22.31 -30.89 -35.36
N ASN F 195 -22.92 -29.71 -35.54
CA ASN F 195 -22.35 -28.65 -36.37
C ASN F 195 -21.40 -27.74 -35.58
N GLY F 196 -21.35 -27.85 -34.26
CA GLY F 196 -20.52 -26.98 -33.43
C GLY F 196 -21.20 -25.68 -33.02
N ARG F 197 -22.52 -25.51 -33.21
CA ARG F 197 -23.23 -24.40 -32.56
C ARG F 197 -23.46 -24.75 -31.08
N PRO F 198 -23.36 -23.80 -30.15
CA PRO F 198 -23.75 -24.01 -28.76
C PRO F 198 -25.23 -24.36 -28.58
N LEU F 199 -25.57 -25.13 -27.55
CA LEU F 199 -26.95 -25.41 -27.17
C LEU F 199 -27.57 -24.28 -26.34
N PHE F 200 -26.95 -23.86 -25.24
CA PHE F 200 -27.58 -22.98 -24.23
C PHE F 200 -27.46 -21.47 -24.48
N VAL F 201 -27.04 -21.04 -25.66
CA VAL F 201 -26.92 -19.62 -26.03
C VAL F 201 -27.19 -19.44 -27.53
N GLU F 202 -27.78 -18.33 -27.94
CA GLU F 202 -28.28 -18.10 -29.30
C GLU F 202 -27.52 -17.01 -30.07
N SER F 203 -27.93 -16.80 -31.33
CA SER F 203 -27.58 -15.64 -32.14
C SER F 203 -26.07 -15.51 -32.31
N THR F 204 -25.51 -14.32 -32.07
CA THR F 204 -24.10 -13.99 -32.19
C THR F 204 -23.35 -14.08 -30.85
N TYR F 205 -23.85 -14.85 -29.89
CA TYR F 205 -23.14 -15.18 -28.66
C TYR F 205 -22.80 -13.98 -27.78
N GLU F 206 -23.66 -12.97 -27.77
CA GLU F 206 -23.39 -11.76 -27.01
C GLU F 206 -23.69 -11.93 -25.51
N SER F 207 -24.77 -12.61 -25.14
CA SER F 207 -25.15 -12.87 -23.76
C SER F 207 -24.54 -14.14 -23.18
N LEU F 208 -24.50 -14.27 -21.86
CA LEU F 208 -24.19 -15.53 -21.17
C LEU F 208 -25.13 -16.66 -21.56
N THR F 209 -24.69 -17.92 -21.41
CA THR F 209 -25.60 -19.07 -21.48
C THR F 209 -26.71 -18.93 -20.46
N THR F 210 -27.95 -19.26 -20.80
CA THR F 210 -29.08 -18.85 -19.95
C THR F 210 -29.12 -19.51 -18.57
N PRO F 211 -28.56 -20.71 -18.32
CA PRO F 211 -28.35 -21.19 -16.96
C PRO F 211 -27.47 -20.26 -16.12
N PHE F 212 -26.45 -19.65 -16.69
CA PHE F 212 -25.59 -18.69 -15.98
C PHE F 212 -26.20 -17.31 -15.83
N ARG F 213 -27.36 -17.03 -16.41
CA ARG F 213 -28.21 -15.90 -16.02
C ARG F 213 -29.20 -16.27 -14.91
N GLU F 214 -28.97 -17.40 -14.24
CA GLU F 214 -29.90 -18.08 -13.34
C GLU F 214 -31.28 -18.35 -13.96
N GLY F 215 -31.29 -18.62 -15.27
CA GLY F 215 -32.45 -19.14 -15.97
C GLY F 215 -32.67 -20.62 -15.68
N ARG F 216 -33.81 -21.13 -16.12
CA ARG F 216 -34.19 -22.54 -15.96
C ARG F 216 -33.46 -23.43 -16.95
N ILE F 217 -33.33 -24.72 -16.66
CA ILE F 217 -33.07 -25.77 -17.65
C ILE F 217 -34.30 -26.66 -17.62
N LEU F 218 -34.99 -26.84 -18.74
CA LEU F 218 -36.16 -27.71 -18.82
C LEU F 218 -37.16 -27.45 -17.68
N GLY F 219 -37.42 -26.17 -17.39
CA GLY F 219 -38.33 -25.72 -16.35
C GLY F 219 -37.76 -25.64 -14.94
N ARG F 220 -36.69 -26.37 -14.61
CA ARG F 220 -36.09 -26.36 -13.26
C ARG F 220 -35.18 -25.16 -13.09
N PRO F 221 -35.30 -24.33 -12.03
CA PRO F 221 -34.39 -23.22 -11.81
C PRO F 221 -32.93 -23.65 -11.62
N THR F 222 -31.99 -22.83 -12.06
CA THR F 222 -30.55 -23.06 -11.83
C THR F 222 -30.06 -22.15 -10.73
N ILE F 223 -29.29 -22.68 -9.79
CA ILE F 223 -28.69 -21.93 -8.70
C ILE F 223 -27.17 -21.97 -8.83
N LEU F 224 -26.48 -20.84 -8.77
CA LEU F 224 -25.04 -20.75 -9.00
C LEU F 224 -24.28 -20.40 -7.73
N SER F 225 -23.09 -20.95 -7.54
CA SER F 225 -22.23 -20.60 -6.41
C SER F 225 -20.75 -20.80 -6.70
N ASP F 226 -19.87 -20.09 -5.99
CA ASP F 226 -18.42 -20.16 -6.16
C ASP F 226 -17.72 -21.18 -5.23
N HIS F 227 -18.46 -21.89 -4.38
CA HIS F 227 -17.87 -22.74 -3.34
C HIS F 227 -18.60 -24.06 -3.08
N VAL F 228 -19.37 -24.57 -4.05
CA VAL F 228 -20.05 -25.88 -3.92
C VAL F 228 -19.23 -27.05 -4.43
N ALA F 229 -18.26 -26.86 -5.31
CA ALA F 229 -17.42 -27.96 -5.77
C ALA F 229 -16.46 -28.44 -4.68
N GLU F 230 -16.27 -29.76 -4.58
CA GLU F 230 -15.20 -30.39 -3.82
C GLU F 230 -14.85 -31.76 -4.40
N GLY F 231 -13.57 -32.11 -4.41
CA GLY F 231 -13.12 -33.34 -5.06
C GLY F 231 -13.51 -33.34 -6.53
N ASP F 232 -14.12 -34.43 -6.99
CA ASP F 232 -14.64 -34.56 -8.35
C ASP F 232 -16.08 -34.04 -8.53
N VAL F 233 -16.73 -33.53 -7.49
CA VAL F 233 -18.14 -33.15 -7.54
C VAL F 233 -18.27 -31.66 -7.84
N VAL F 234 -19.08 -31.30 -8.84
CA VAL F 234 -19.20 -29.92 -9.35
C VAL F 234 -20.59 -29.33 -9.17
N GLY F 235 -21.55 -30.10 -8.68
CA GLY F 235 -22.91 -29.64 -8.49
C GLY F 235 -23.86 -30.74 -8.04
N TYR F 236 -25.11 -30.38 -7.77
CA TYR F 236 -26.16 -31.30 -7.37
C TYR F 236 -27.44 -31.00 -8.13
N ALA F 237 -28.10 -32.03 -8.64
CA ALA F 237 -29.45 -31.93 -9.18
C ALA F 237 -30.38 -32.76 -8.33
N GLY F 238 -31.57 -32.29 -7.98
CA GLY F 238 -32.47 -33.09 -7.14
C GLY F 238 -33.68 -32.37 -6.61
N ASP F 239 -34.31 -32.97 -5.61
CA ASP F 239 -35.51 -32.45 -4.98
C ASP F 239 -35.20 -31.61 -3.74
N PHE F 240 -34.82 -30.35 -3.93
CA PHE F 240 -34.40 -29.49 -2.83
C PHE F 240 -35.51 -29.20 -1.79
N SER F 241 -36.76 -29.58 -2.04
CA SER F 241 -37.81 -29.59 -1.02
C SER F 241 -37.59 -30.60 0.11
N GLN F 242 -36.70 -31.59 -0.06
CA GLN F 242 -36.37 -32.57 0.97
C GLN F 242 -35.43 -32.04 2.07
N ILE F 243 -35.03 -30.76 2.05
CA ILE F 243 -34.07 -30.17 3.00
C ILE F 243 -34.76 -29.08 3.80
N ILE F 244 -34.66 -29.12 5.12
CA ILE F 244 -35.10 -28.03 6.00
C ILE F 244 -33.99 -27.61 6.96
N TRP F 245 -33.97 -26.34 7.35
CA TRP F 245 -33.00 -25.82 8.29
C TRP F 245 -33.64 -24.77 9.20
N GLY F 246 -33.04 -24.49 10.34
CA GLY F 246 -33.49 -23.41 11.22
C GLY F 246 -32.37 -22.91 12.11
N GLN F 247 -32.39 -21.64 12.46
CA GLN F 247 -31.41 -21.00 13.32
C GLN F 247 -32.06 -20.59 14.63
N VAL F 248 -31.50 -21.00 15.77
CA VAL F 248 -31.98 -20.55 17.09
C VAL F 248 -31.36 -19.21 17.40
N GLY F 249 -32.18 -18.17 17.59
CA GLY F 249 -31.67 -16.83 17.86
C GLY F 249 -30.82 -16.29 16.72
N GLY F 250 -29.66 -15.71 17.02
CA GLY F 250 -28.74 -15.14 16.05
C GLY F 250 -27.28 -15.22 16.50
N LEU F 251 -26.37 -14.81 15.64
CA LEU F 251 -24.94 -14.76 15.93
C LEU F 251 -24.65 -13.73 17.01
N SER F 252 -23.85 -14.10 18.01
CA SER F 252 -23.68 -13.33 19.25
C SER F 252 -22.22 -13.20 19.65
N PHE F 253 -21.85 -12.06 20.23
CA PHE F 253 -20.48 -11.70 20.61
C PHE F 253 -20.37 -11.31 22.08
N ASP F 254 -19.29 -11.74 22.74
CA ASP F 254 -18.86 -11.29 24.05
C ASP F 254 -17.39 -10.91 24.01
N VAL F 255 -16.97 -9.96 24.84
CA VAL F 255 -15.56 -9.56 24.99
C VAL F 255 -15.16 -9.60 26.46
N THR F 256 -13.94 -10.01 26.75
CA THR F 256 -13.44 -10.12 28.12
C THR F 256 -11.97 -9.79 28.21
N ASP F 257 -11.56 -9.28 29.36
CA ASP F 257 -10.20 -8.89 29.68
C ASP F 257 -9.70 -9.59 30.95
N GLN F 258 -10.46 -10.54 31.49
CA GLN F 258 -10.15 -11.18 32.77
C GLN F 258 -10.68 -12.60 32.94
N ALA F 259 -11.20 -13.23 31.90
CA ALA F 259 -11.36 -14.69 31.90
C ALA F 259 -9.99 -15.41 31.90
N THR F 260 -10.02 -16.73 31.90
CA THR F 260 -8.84 -17.60 31.74
C THR F 260 -9.09 -18.64 30.67
N LEU F 261 -8.11 -18.88 29.81
CA LEU F 261 -8.27 -19.76 28.65
C LEU F 261 -7.31 -20.93 28.76
N ASN F 262 -7.75 -22.10 28.31
CA ASN F 262 -6.88 -23.24 28.14
C ASN F 262 -6.35 -23.26 26.71
N LEU F 263 -5.08 -22.96 26.49
CA LEU F 263 -4.49 -22.96 25.15
C LEU F 263 -4.17 -24.38 24.64
N GLY F 264 -4.22 -25.39 25.50
CA GLY F 264 -4.03 -26.80 25.18
C GLY F 264 -5.36 -27.50 24.87
N SER F 265 -5.62 -28.62 25.53
CA SER F 265 -6.87 -29.39 25.39
C SER F 265 -7.43 -29.73 26.77
N GLN F 266 -8.68 -30.18 26.87
CA GLN F 266 -9.25 -30.52 28.18
C GLN F 266 -8.51 -31.69 28.84
N GLU F 267 -7.98 -32.62 28.06
CA GLU F 267 -7.17 -33.75 28.56
C GLU F 267 -5.73 -33.36 28.92
N SER F 268 -5.22 -32.26 28.36
CA SER F 268 -3.82 -31.81 28.53
C SER F 268 -3.77 -30.27 28.63
N PRO F 269 -4.08 -29.72 29.82
CA PRO F 269 -4.25 -28.28 29.99
C PRO F 269 -2.99 -27.46 29.82
N ASN F 270 -3.16 -26.20 29.45
CA ASN F 270 -2.12 -25.17 29.40
C ASN F 270 -2.77 -23.80 29.62
N PHE F 271 -3.08 -23.47 30.86
CA PHE F 271 -3.85 -22.28 31.19
C PHE F 271 -3.07 -20.99 31.05
N VAL F 272 -3.73 -19.93 30.58
CA VAL F 272 -3.24 -18.56 30.55
C VAL F 272 -4.29 -17.63 31.13
N SER F 273 -3.92 -16.81 32.11
CA SER F 273 -4.77 -15.74 32.60
C SER F 273 -4.76 -14.56 31.63
N LEU F 274 -5.92 -14.12 31.15
CA LEU F 274 -6.00 -12.94 30.30
C LEU F 274 -5.69 -11.66 31.07
N TRP F 275 -5.68 -11.71 32.40
CA TRP F 275 -5.42 -10.52 33.22
C TRP F 275 -3.97 -10.43 33.66
N GLN F 276 -3.32 -11.55 33.97
CA GLN F 276 -1.94 -11.55 34.45
C GLN F 276 -0.91 -11.42 33.34
N HIS F 277 -1.18 -12.00 32.17
CA HIS F 277 -0.62 -11.51 30.91
C HIS F 277 -1.54 -10.39 30.45
N ASN F 278 -1.11 -9.39 29.69
CA ASN F 278 -2.03 -8.33 29.24
C ASN F 278 -2.79 -8.73 27.96
N LEU F 279 -3.93 -9.40 28.08
CA LEU F 279 -4.65 -9.93 26.93
C LEU F 279 -6.12 -9.50 26.95
N VAL F 280 -6.77 -9.54 25.79
CA VAL F 280 -8.22 -9.35 25.62
C VAL F 280 -8.71 -10.41 24.66
N ALA F 281 -9.86 -11.02 24.91
CA ALA F 281 -10.43 -12.05 24.06
C ALA F 281 -11.86 -11.72 23.64
N VAL F 282 -12.23 -12.06 22.41
CA VAL F 282 -13.59 -11.96 21.88
C VAL F 282 -14.10 -13.35 21.57
N ARG F 283 -15.31 -13.67 22.03
CA ARG F 283 -15.95 -14.98 21.94
C ARG F 283 -17.20 -14.85 21.10
N VAL F 284 -17.37 -15.70 20.09
CA VAL F 284 -18.49 -15.64 19.14
C VAL F 284 -19.20 -16.98 19.02
N GLU F 285 -20.52 -16.96 19.01
CA GLU F 285 -21.35 -18.16 19.12
C GLU F 285 -22.65 -18.05 18.33
N ALA F 286 -23.05 -19.12 17.64
CA ALA F 286 -24.28 -19.26 16.87
C ALA F 286 -24.81 -20.71 16.92
N GLU F 287 -26.04 -20.96 16.44
CA GLU F 287 -26.73 -22.23 16.65
C GLU F 287 -27.72 -22.60 15.54
N TYR F 288 -27.50 -23.73 14.87
CA TYR F 288 -28.20 -24.18 13.66
C TYR F 288 -28.74 -25.60 13.77
N GLY F 289 -29.84 -25.92 13.11
CA GLY F 289 -30.35 -27.28 12.94
C GLY F 289 -30.65 -27.61 11.48
N LEU F 290 -30.40 -28.85 11.06
CA LEU F 290 -30.54 -29.33 9.68
C LEU F 290 -31.14 -30.73 9.65
N LEU F 291 -32.11 -30.95 8.76
CA LEU F 291 -32.60 -32.27 8.40
C LEU F 291 -32.69 -32.40 6.89
N ILE F 292 -32.18 -33.50 6.36
CA ILE F 292 -32.40 -33.92 4.98
C ILE F 292 -33.24 -35.18 5.00
N ASN F 293 -34.43 -35.14 4.43
CA ASN F 293 -35.43 -36.20 4.59
C ASN F 293 -35.04 -37.50 3.88
N ASP F 294 -34.47 -37.41 2.67
CA ASP F 294 -33.99 -38.56 1.90
C ASP F 294 -32.76 -38.18 1.07
N VAL F 295 -31.58 -38.59 1.51
CA VAL F 295 -30.33 -38.24 0.83
C VAL F 295 -30.19 -38.85 -0.55
N ASN F 296 -30.97 -39.87 -0.90
CA ASN F 296 -30.95 -40.47 -2.23
C ASN F 296 -31.84 -39.75 -3.24
N ALA F 297 -32.43 -38.59 -2.90
CA ALA F 297 -33.20 -37.74 -3.80
C ALA F 297 -32.36 -36.68 -4.56
N PHE F 298 -31.03 -36.87 -4.65
CA PHE F 298 -30.09 -35.96 -5.32
C PHE F 298 -29.09 -36.74 -6.16
N VAL F 299 -28.63 -36.16 -7.27
CA VAL F 299 -27.57 -36.68 -8.12
C VAL F 299 -26.34 -35.81 -7.99
N LYS F 300 -25.18 -36.42 -7.72
CA LYS F 300 -23.89 -35.75 -7.61
C LYS F 300 -23.29 -35.61 -9.00
N LEU F 301 -23.15 -34.40 -9.50
CA LEU F 301 -22.62 -34.14 -10.84
C LEU F 301 -21.09 -34.14 -10.84
N THR F 302 -20.44 -34.77 -11.81
CA THR F 302 -18.98 -34.79 -11.98
C THR F 302 -18.62 -34.47 -13.43
N PHE F 303 -17.40 -34.03 -13.72
CA PHE F 303 -17.02 -33.82 -15.11
C PHE F 303 -16.95 -35.14 -15.86
N ASP F 304 -16.04 -36.04 -15.48
CA ASP F 304 -15.87 -37.35 -16.10
C ASP F 304 -16.57 -38.46 -15.31
N PRO F 305 -16.77 -39.66 -15.89
CA PRO F 305 -17.20 -40.85 -15.15
C PRO F 305 -16.24 -41.21 -14.03
N VAL F 306 -16.76 -41.71 -12.91
CA VAL F 306 -16.00 -42.04 -11.70
C VAL F 306 -16.53 -43.33 -11.09
N LEU F 307 -15.68 -44.06 -10.38
CA LEU F 307 -16.10 -45.18 -9.53
C LEU F 307 -16.64 -44.66 -8.19
N THR F 308 -17.61 -45.36 -7.60
CA THR F 308 -18.11 -45.06 -6.26
C THR F 308 -17.58 -46.07 -5.28
N THR F 309 -17.14 -45.64 -4.09
CA THR F 309 -16.70 -46.54 -3.03
C THR F 309 -17.70 -46.58 -1.90
N TYR F 310 -18.08 -47.78 -1.48
CA TYR F 310 -19.09 -48.06 -0.47
C TYR F 310 -18.48 -48.78 0.73
N ALA F 311 -19.00 -48.50 1.91
CA ALA F 311 -18.81 -49.34 3.09
C ALA F 311 -20.08 -50.17 3.31
N LEU F 312 -19.93 -51.49 3.33
CA LEU F 312 -20.99 -52.46 3.58
C LEU F 312 -20.71 -53.15 4.92
N ASP F 313 -21.58 -52.92 5.89
CA ASP F 313 -21.41 -53.40 7.26
C ASP F 313 -22.57 -54.32 7.65
N LEU F 314 -22.27 -55.58 7.97
CA LEU F 314 -23.27 -56.57 8.34
C LEU F 314 -23.64 -56.56 9.84
N ASP F 315 -23.13 -55.61 10.62
CA ASP F 315 -23.51 -55.42 12.03
C ASP F 315 -23.30 -56.68 12.90
N GLY F 316 -22.30 -57.49 12.57
CA GLY F 316 -22.04 -58.76 13.26
C GLY F 316 -23.18 -59.78 13.17
N ALA F 317 -23.99 -59.77 12.11
CA ALA F 317 -25.07 -60.72 11.85
C ALA F 317 -24.63 -62.19 12.09
N SER F 318 -25.50 -62.99 12.70
CA SER F 318 -25.13 -64.30 13.21
C SER F 318 -25.12 -65.42 12.16
N ALA F 319 -26.04 -65.39 11.19
CA ALA F 319 -26.14 -66.38 10.12
C ALA F 319 -27.00 -65.84 8.94
N GLY F 320 -27.09 -66.62 7.87
CA GLY F 320 -28.00 -66.37 6.75
C GLY F 320 -27.36 -65.75 5.51
N ASN F 321 -28.19 -65.12 4.67
CA ASN F 321 -27.78 -64.58 3.38
C ASN F 321 -28.21 -63.12 3.17
N PHE F 322 -27.49 -62.40 2.31
CA PHE F 322 -27.90 -61.10 1.79
C PHE F 322 -27.69 -61.08 0.27
N THR F 323 -28.31 -60.11 -0.42
CA THR F 323 -28.14 -59.93 -1.87
C THR F 323 -27.81 -58.48 -2.20
N LEU F 324 -27.04 -58.29 -3.26
CA LEU F 324 -26.61 -56.97 -3.74
C LEU F 324 -27.28 -56.70 -5.09
N SER F 325 -27.76 -55.48 -5.30
CA SER F 325 -28.29 -55.06 -6.59
C SER F 325 -27.54 -53.84 -7.11
N LEU F 326 -26.95 -53.98 -8.31
CA LEU F 326 -26.11 -52.98 -8.97
C LEU F 326 -26.84 -52.45 -10.19
N ASP F 327 -27.10 -51.14 -10.25
CA ASP F 327 -27.95 -50.50 -11.25
C ASP F 327 -29.31 -51.22 -11.44
N GLY F 328 -29.87 -51.78 -10.37
CA GLY F 328 -31.16 -52.47 -10.38
C GLY F 328 -31.14 -53.94 -10.80
N LYS F 329 -29.97 -54.52 -11.13
CA LYS F 329 -29.81 -55.94 -11.47
C LYS F 329 -29.16 -56.70 -10.31
N THR F 330 -29.71 -57.85 -9.94
CA THR F 330 -29.49 -58.43 -8.59
C THR F 330 -28.66 -59.71 -8.59
N SER F 331 -27.78 -59.84 -7.60
CA SER F 331 -26.86 -60.97 -7.41
C SER F 331 -27.55 -62.29 -7.05
N ALA F 332 -26.78 -63.38 -7.08
CA ALA F 332 -27.06 -64.57 -6.29
C ALA F 332 -27.01 -64.26 -4.78
N ASN F 333 -27.41 -65.21 -3.93
CA ASN F 333 -27.26 -65.08 -2.48
C ASN F 333 -25.78 -65.07 -2.05
N ILE F 334 -25.44 -64.22 -1.09
CA ILE F 334 -24.12 -64.12 -0.48
C ILE F 334 -24.23 -64.47 1.01
N ALA F 335 -23.40 -65.38 1.50
CA ALA F 335 -23.40 -65.81 2.89
C ALA F 335 -22.88 -64.73 3.85
N TYR F 336 -23.48 -64.60 5.03
CA TYR F 336 -23.15 -63.60 6.05
C TYR F 336 -21.67 -63.52 6.48
N ASN F 337 -20.87 -64.56 6.24
CA ASN F 337 -19.46 -64.65 6.60
C ASN F 337 -18.54 -64.85 5.37
N ALA F 338 -19.03 -64.58 4.16
CA ALA F 338 -18.29 -64.81 2.92
C ALA F 338 -16.97 -64.01 2.83
N SER F 339 -15.96 -64.56 2.17
CA SER F 339 -14.69 -63.87 1.91
C SER F 339 -14.82 -62.74 0.91
N THR F 340 -13.84 -61.83 0.86
CA THR F 340 -13.82 -60.73 -0.12
C THR F 340 -13.87 -61.22 -1.57
N ALA F 341 -13.12 -62.27 -1.92
CA ALA F 341 -13.17 -62.85 -3.26
C ALA F 341 -14.54 -63.50 -3.58
N THR F 342 -15.23 -64.03 -2.57
CA THR F 342 -16.60 -64.53 -2.73
C THR F 342 -17.57 -63.38 -3.01
N VAL F 343 -17.45 -62.26 -2.31
CA VAL F 343 -18.26 -61.05 -2.60
C VAL F 343 -17.95 -60.52 -4.00
N LYS F 344 -16.68 -60.37 -4.38
CA LYS F 344 -16.31 -59.87 -5.72
C LYS F 344 -16.90 -60.74 -6.83
N SER F 345 -16.64 -62.05 -6.79
CA SER F 345 -17.17 -62.98 -7.79
C SER F 345 -18.71 -62.99 -7.82
N ALA F 346 -19.39 -62.87 -6.67
CA ALA F 346 -20.84 -62.75 -6.64
C ALA F 346 -21.36 -61.44 -7.26
N ILE F 347 -20.59 -60.35 -7.25
CA ILE F 347 -20.94 -59.09 -7.90
C ILE F 347 -20.72 -59.20 -9.41
N VAL F 348 -19.52 -59.58 -9.87
CA VAL F 348 -19.22 -59.60 -11.32
C VAL F 348 -19.96 -60.71 -12.08
N ALA F 349 -20.59 -61.65 -11.37
CA ALA F 349 -21.51 -62.62 -11.95
C ALA F 349 -22.86 -62.04 -12.44
N ILE F 350 -23.20 -60.79 -12.12
CA ILE F 350 -24.44 -60.14 -12.58
C ILE F 350 -24.39 -59.87 -14.09
N ASP F 351 -25.53 -60.00 -14.79
CA ASP F 351 -25.69 -59.66 -16.21
C ASP F 351 -25.78 -58.14 -16.45
N ASP F 352 -24.68 -57.42 -16.31
CA ASP F 352 -24.63 -55.95 -16.48
C ASP F 352 -23.54 -55.47 -17.46
N GLY F 353 -22.76 -56.36 -18.05
CA GLY F 353 -21.61 -56.02 -18.88
C GLY F 353 -20.38 -55.47 -18.12
N VAL F 354 -20.42 -55.39 -16.79
CA VAL F 354 -19.29 -55.00 -15.93
C VAL F 354 -18.46 -56.24 -15.58
N SER F 355 -17.15 -56.08 -15.43
CA SER F 355 -16.17 -57.18 -15.52
C SER F 355 -15.10 -57.17 -14.42
N ALA F 356 -14.30 -58.23 -14.37
CA ALA F 356 -13.40 -58.55 -13.26
C ALA F 356 -12.34 -57.50 -12.89
N ASP F 357 -12.05 -56.51 -13.73
CA ASP F 357 -11.16 -55.38 -13.42
C ASP F 357 -11.88 -54.02 -13.35
N ASP F 358 -13.18 -53.97 -13.56
CA ASP F 358 -14.01 -52.79 -13.27
C ASP F 358 -14.36 -52.65 -11.77
N VAL F 359 -14.19 -53.72 -10.99
CA VAL F 359 -14.73 -53.87 -9.62
C VAL F 359 -13.63 -54.32 -8.67
N THR F 360 -13.58 -53.75 -7.47
CA THR F 360 -12.70 -54.24 -6.39
C THR F 360 -13.42 -54.33 -5.05
N VAL F 361 -13.03 -55.30 -4.24
CA VAL F 361 -13.53 -55.54 -2.89
C VAL F 361 -12.33 -55.75 -1.98
N THR F 362 -12.27 -55.10 -0.82
CA THR F 362 -10.99 -55.00 -0.09
C THR F 362 -11.15 -54.77 1.43
N GLY F 363 -12.25 -55.24 2.02
CA GLY F 363 -12.44 -55.25 3.48
C GLY F 363 -12.10 -56.60 4.12
N SER F 364 -13.01 -57.11 4.95
CA SER F 364 -12.93 -58.42 5.63
C SER F 364 -14.33 -59.00 5.85
N ALA F 365 -14.44 -60.28 6.23
CA ALA F 365 -15.75 -60.91 6.44
C ALA F 365 -16.64 -60.11 7.41
N GLY F 366 -17.87 -59.78 6.99
CA GLY F 366 -18.82 -58.96 7.73
C GLY F 366 -18.62 -57.43 7.65
N ASP F 367 -17.52 -56.94 7.06
CA ASP F 367 -17.18 -55.52 6.96
C ASP F 367 -16.37 -55.25 5.69
N TYR F 368 -17.08 -54.97 4.59
CA TYR F 368 -16.51 -54.89 3.25
C TYR F 368 -16.45 -53.45 2.75
N THR F 369 -15.32 -53.05 2.16
CA THR F 369 -15.27 -51.88 1.29
C THR F 369 -15.27 -52.33 -0.16
N ILE F 370 -16.13 -51.72 -0.96
CA ILE F 370 -16.46 -52.14 -2.32
C ILE F 370 -16.37 -50.93 -3.23
N THR F 371 -15.72 -51.06 -4.38
CA THR F 371 -15.61 -49.98 -5.37
C THR F 371 -16.17 -50.44 -6.70
N VAL F 372 -17.16 -49.73 -7.24
CA VAL F 372 -17.92 -50.14 -8.44
C VAL F 372 -18.34 -48.95 -9.31
N PRO F 373 -18.55 -49.15 -10.63
CA PRO F 373 -18.95 -48.11 -11.58
C PRO F 373 -20.47 -47.86 -11.61
N GLY F 374 -21.17 -47.84 -10.48
CA GLY F 374 -22.62 -47.65 -10.49
C GLY F 374 -23.29 -47.47 -9.13
N THR F 375 -24.62 -47.40 -9.12
CA THR F 375 -25.42 -47.38 -7.90
C THR F 375 -25.54 -48.77 -7.32
N LEU F 376 -24.98 -49.00 -6.14
CA LEU F 376 -25.02 -50.27 -5.43
C LEU F 376 -26.01 -50.21 -4.28
N THR F 377 -26.82 -51.24 -4.13
CA THR F 377 -27.84 -51.36 -3.07
C THR F 377 -27.82 -52.79 -2.52
N ALA F 378 -28.41 -53.01 -1.35
CA ALA F 378 -28.38 -54.31 -0.68
C ALA F 378 -29.73 -54.65 -0.05
N ASP F 379 -30.07 -55.93 0.01
CA ASP F 379 -31.17 -56.45 0.83
C ASP F 379 -30.64 -57.44 1.87
N PHE F 380 -30.84 -57.08 3.15
CA PHE F 380 -30.38 -57.82 4.32
C PHE F 380 -31.43 -58.77 4.92
N SER F 381 -32.62 -58.88 4.31
CA SER F 381 -33.74 -59.63 4.91
C SER F 381 -33.44 -61.11 5.17
N GLY F 382 -32.53 -61.72 4.42
CA GLY F 382 -32.10 -63.11 4.62
C GLY F 382 -31.13 -63.33 5.79
N LEU F 383 -30.70 -62.29 6.50
CA LEU F 383 -29.84 -62.41 7.68
C LEU F 383 -30.65 -62.71 8.94
N THR F 384 -30.18 -63.64 9.77
CA THR F 384 -30.91 -64.12 10.96
C THR F 384 -30.88 -63.15 12.14
N ASP F 385 -29.95 -62.21 12.15
CA ASP F 385 -29.75 -61.19 13.19
C ASP F 385 -28.96 -60.03 12.57
N GLY F 386 -28.86 -58.89 13.25
CA GLY F 386 -28.22 -57.69 12.71
C GLY F 386 -29.18 -56.87 11.85
N GLU F 387 -30.33 -56.51 12.41
CA GLU F 387 -31.27 -55.56 11.80
C GLU F 387 -30.64 -54.17 11.53
N GLY F 388 -29.51 -53.87 12.17
CA GLY F 388 -28.70 -52.68 11.94
C GLY F 388 -27.69 -52.78 10.79
N ALA F 389 -27.63 -53.89 10.05
CA ALA F 389 -26.78 -54.00 8.86
C ALA F 389 -27.13 -52.92 7.83
N SER F 390 -26.13 -52.35 7.14
CA SER F 390 -26.35 -51.21 6.24
C SER F 390 -25.23 -51.03 5.21
N ILE F 391 -25.53 -50.24 4.18
CA ILE F 391 -24.58 -49.82 3.15
C ILE F 391 -24.58 -48.30 3.02
N SER F 392 -23.40 -47.69 2.85
CA SER F 392 -23.25 -46.24 2.76
C SER F 392 -22.07 -45.83 1.88
N VAL F 393 -22.08 -44.58 1.42
CA VAL F 393 -21.12 -44.09 0.43
C VAL F 393 -19.93 -43.43 1.13
N VAL F 394 -18.72 -43.85 0.76
CA VAL F 394 -17.46 -43.35 1.32
C VAL F 394 -16.84 -42.25 0.47
N SER F 395 -16.76 -42.44 -0.85
CA SER F 395 -16.14 -41.48 -1.77
C SER F 395 -16.49 -41.75 -3.24
N VAL F 396 -16.11 -40.84 -4.13
CA VAL F 396 -16.14 -41.03 -5.59
C VAL F 396 -14.78 -40.72 -6.21
N GLY F 397 -14.41 -41.43 -7.28
CA GLY F 397 -13.17 -41.21 -8.06
C GLY F 397 -12.69 -42.46 -8.81
N GLY G 2 5.23 6.11 93.95
CA GLY G 2 3.82 6.50 94.04
C GLY G 2 2.97 5.34 94.46
N PHE G 3 2.21 4.77 93.52
CA PHE G 3 1.29 3.65 93.75
C PHE G 3 1.41 2.58 92.67
N SER G 4 1.15 1.33 93.03
CA SER G 4 1.07 0.20 92.10
C SER G 4 0.01 0.43 91.01
N ALA G 5 0.15 -0.20 89.85
CA ALA G 5 -1.02 -0.45 89.00
C ALA G 5 -1.96 -1.42 89.72
N ASP G 6 -3.27 -1.31 89.52
CA ASP G 6 -4.28 -2.08 90.26
C ASP G 6 -4.10 -1.95 91.78
N HIS G 7 -3.81 -0.74 92.25
CA HIS G 7 -3.84 -0.40 93.68
C HIS G 7 -5.27 -0.55 94.24
N SER G 8 -5.40 -0.94 95.50
CA SER G 8 -6.71 -1.26 96.09
C SER G 8 -7.61 -0.06 96.37
N GLN G 9 -7.12 1.18 96.31
CA GLN G 9 -7.91 2.37 96.70
C GLN G 9 -7.96 3.49 95.66
N ILE G 10 -6.98 3.63 94.78
CA ILE G 10 -6.93 4.71 93.79
C ILE G 10 -7.17 4.17 92.39
N ALA G 11 -8.10 4.75 91.62
CA ALA G 11 -8.31 4.42 90.22
C ALA G 11 -7.32 5.19 89.32
N GLN G 12 -6.61 4.50 88.44
CA GLN G 12 -5.60 5.08 87.56
C GLN G 12 -5.74 4.58 86.13
N THR G 13 -5.26 5.31 85.12
CA THR G 13 -5.18 4.78 83.75
C THR G 13 -4.16 3.65 83.59
N LYS G 14 -3.29 3.45 84.58
CA LYS G 14 -2.45 2.25 84.72
C LYS G 14 -3.24 0.97 84.94
N ASP G 15 -4.46 1.05 85.45
CA ASP G 15 -5.19 -0.12 85.94
C ASP G 15 -5.80 -0.95 84.81
N THR G 16 -5.80 -2.27 84.98
CA THR G 16 -6.21 -3.23 83.94
C THR G 16 -7.68 -3.11 83.57
N MET G 17 -8.53 -2.65 84.48
CA MET G 17 -9.97 -2.44 84.22
C MET G 17 -10.26 -1.42 83.10
N PHE G 18 -9.29 -0.60 82.70
CA PHE G 18 -9.47 0.38 81.61
C PHE G 18 -8.92 -0.09 80.27
N THR G 19 -8.46 -1.34 80.16
CA THR G 19 -7.92 -1.89 78.91
C THR G 19 -8.93 -1.73 77.77
N GLY G 20 -8.51 -1.13 76.65
CA GLY G 20 -9.34 -0.94 75.46
C GLY G 20 -10.23 0.31 75.48
N TYR G 21 -10.20 1.12 76.55
CA TYR G 21 -10.89 2.41 76.60
C TYR G 21 -9.96 3.60 76.33
N LEU G 22 -8.68 3.34 76.08
CA LEU G 22 -7.63 4.35 75.93
C LEU G 22 -6.81 4.10 74.66
N ASP G 23 -7.51 3.88 73.54
CA ASP G 23 -6.88 3.60 72.25
C ASP G 23 -6.20 4.85 71.68
N PRO G 24 -4.92 4.79 71.29
CA PRO G 24 -4.24 5.87 70.58
C PRO G 24 -4.93 6.27 69.28
N VAL G 25 -4.74 7.52 68.85
CA VAL G 25 -5.11 7.95 67.50
C VAL G 25 -4.11 7.42 66.47
N GLN G 26 -4.58 6.87 65.35
CA GLN G 26 -3.71 6.50 64.23
C GLN G 26 -3.26 7.73 63.44
N ALA G 27 -2.00 7.78 63.02
CA ALA G 27 -1.42 8.90 62.29
C ALA G 27 -0.51 8.43 61.14
N LYS G 28 -0.15 9.37 60.26
CA LYS G 28 0.77 9.21 59.12
C LYS G 28 2.12 8.62 59.54
N ASP G 29 2.80 7.88 58.65
CA ASP G 29 4.18 7.46 58.89
C ASP G 29 5.15 8.65 58.81
N TYR G 30 5.54 9.19 59.96
CA TYR G 30 6.46 10.30 60.07
C TYR G 30 7.93 9.90 59.90
N PHE G 31 8.28 8.61 60.05
CA PHE G 31 9.66 8.18 59.97
C PHE G 31 10.09 7.86 58.53
N ALA G 32 9.14 7.56 57.64
CA ALA G 32 9.45 7.43 56.23
C ALA G 32 9.97 8.74 55.65
N GLU G 33 11.15 8.69 55.04
CA GLU G 33 11.72 9.76 54.23
C GLU G 33 10.84 10.11 53.03
N ALA G 34 11.05 11.30 52.43
CA ALA G 34 10.34 11.69 51.22
C ALA G 34 10.59 10.67 50.09
N GLU G 35 9.56 10.36 49.32
CA GLU G 35 9.64 9.29 48.33
C GLU G 35 10.70 9.56 47.26
N LYS G 36 11.53 8.56 46.97
CA LYS G 36 12.60 8.62 45.97
C LYS G 36 12.07 8.63 44.55
N THR G 37 12.14 9.77 43.88
CA THR G 37 12.09 9.83 42.41
C THR G 37 13.41 9.36 41.82
N SER G 38 13.43 9.03 40.53
CA SER G 38 14.59 8.43 39.87
C SER G 38 15.65 9.46 39.49
N ILE G 39 16.91 9.24 39.82
CA ILE G 39 17.96 10.23 39.60
C ILE G 39 18.25 10.46 38.12
N VAL G 40 18.14 9.46 37.24
CA VAL G 40 18.37 9.68 35.81
C VAL G 40 17.34 10.64 35.23
N GLN G 41 16.07 10.54 35.59
CA GLN G 41 15.05 11.46 35.09
C GLN G 41 15.24 12.91 35.55
N ARG G 42 16.09 13.16 36.54
CA ARG G 42 16.46 14.52 36.97
C ARG G 42 17.55 15.14 36.10
N VAL G 43 18.40 14.35 35.45
CA VAL G 43 19.54 14.83 34.67
C VAL G 43 19.40 14.62 33.17
N ALA G 44 18.63 13.63 32.73
CA ALA G 44 18.36 13.34 31.34
C ALA G 44 17.22 14.20 30.80
N GLN G 45 17.16 14.41 29.48
CA GLN G 45 16.13 15.24 28.87
C GLN G 45 14.83 14.47 28.65
N LYS G 46 13.72 14.95 29.22
CA LYS G 46 12.38 14.40 28.93
C LYS G 46 11.88 14.85 27.57
N ILE G 47 11.33 13.96 26.77
CA ILE G 47 10.76 14.26 25.45
C ILE G 47 9.30 13.82 25.36
N PRO G 48 8.43 14.49 24.57
CA PRO G 48 7.10 13.99 24.27
C PRO G 48 7.15 12.63 23.59
N MET G 49 6.21 11.72 23.91
CA MET G 49 6.22 10.35 23.40
C MET G 49 4.81 9.74 23.31
N GLY G 50 4.63 8.74 22.44
CA GLY G 50 3.38 8.01 22.26
C GLY G 50 3.63 6.54 21.95
N ALA G 51 2.56 5.74 21.92
CA ALA G 51 2.65 4.28 21.89
C ALA G 51 3.39 3.70 20.67
N THR G 52 3.48 4.45 19.58
CA THR G 52 4.22 4.06 18.37
C THR G 52 5.74 4.08 18.54
N GLY G 53 6.25 4.81 19.53
CA GLY G 53 7.66 5.21 19.55
C GLY G 53 7.96 6.40 18.65
N ILE G 54 9.23 6.82 18.66
CA ILE G 54 9.76 8.05 18.05
C ILE G 54 10.96 7.74 17.16
N VAL G 55 11.18 8.53 16.10
CA VAL G 55 12.44 8.56 15.34
C VAL G 55 13.07 9.95 15.33
N ILE G 56 14.39 9.97 15.41
CA ILE G 56 15.23 11.17 15.51
C ILE G 56 16.26 11.15 14.37
N PRO G 57 16.34 12.18 13.52
CA PRO G 57 17.38 12.34 12.52
C PRO G 57 18.62 12.96 13.15
N HIS G 58 19.55 12.16 13.63
CA HIS G 58 20.78 12.67 14.23
C HIS G 58 21.71 13.22 13.15
N TRP G 59 22.16 14.46 13.26
CA TRP G 59 23.09 15.04 12.29
C TRP G 59 24.53 14.56 12.49
N THR G 60 25.26 14.29 11.41
CA THR G 60 26.66 13.83 11.48
C THR G 60 27.60 14.46 10.46
N GLY G 61 27.11 15.35 9.59
CA GLY G 61 27.89 15.87 8.46
C GLY G 61 28.72 17.11 8.77
N ASP G 62 29.98 17.11 8.36
CA ASP G 62 30.88 18.27 8.39
C ASP G 62 30.61 19.22 7.22
N VAL G 63 29.56 20.02 7.32
CA VAL G 63 29.21 21.10 6.37
C VAL G 63 30.30 22.18 6.37
N SER G 64 30.56 22.84 5.24
CA SER G 64 31.68 23.79 5.12
C SER G 64 31.41 24.98 4.19
N ALA G 65 32.13 26.08 4.39
CA ALA G 65 32.08 27.30 3.60
C ALA G 65 33.48 27.91 3.48
N GLN G 66 33.73 28.73 2.46
CA GLN G 66 35.06 29.30 2.22
C GLN G 66 35.00 30.81 1.97
N TRP G 67 36.09 31.50 2.30
CA TRP G 67 36.30 32.89 1.96
C TRP G 67 36.61 33.02 0.46
N ILE G 68 36.04 34.03 -0.17
CA ILE G 68 35.89 34.12 -1.62
C ILE G 68 36.21 35.55 -2.10
N GLY G 69 36.96 35.70 -3.19
CA GLY G 69 37.17 36.99 -3.86
C GLY G 69 35.97 37.42 -4.72
N GLU G 70 36.13 38.41 -5.59
CA GLU G 70 35.03 38.86 -6.46
C GLU G 70 34.61 37.80 -7.47
N GLY G 71 35.57 37.27 -8.22
CA GLY G 71 35.29 36.36 -9.34
C GLY G 71 35.55 34.90 -9.03
N ASP G 72 35.96 34.55 -7.81
CA ASP G 72 36.23 33.17 -7.43
C ASP G 72 34.91 32.38 -7.43
N MET G 73 34.86 31.27 -8.16
CA MET G 73 33.62 30.51 -8.29
C MET G 73 33.47 29.55 -7.10
N LYS G 74 32.27 29.52 -6.52
CA LYS G 74 32.00 29.11 -5.13
C LYS G 74 32.00 27.58 -4.95
N PRO G 75 32.40 27.07 -3.77
CA PRO G 75 32.48 25.64 -3.50
C PRO G 75 31.11 25.00 -3.25
N ILE G 76 31.04 23.69 -3.36
CA ILE G 76 29.81 22.89 -3.20
C ILE G 76 29.95 21.92 -2.01
N THR G 77 28.92 21.76 -1.20
CA THR G 77 28.94 20.95 0.04
C THR G 77 27.68 20.09 0.20
N LYS G 78 27.71 19.09 1.10
CA LYS G 78 26.61 18.15 1.35
C LYS G 78 26.54 17.76 2.82
N GLY G 79 25.34 17.58 3.37
CA GLY G 79 25.13 17.14 4.76
C GLY G 79 25.26 15.64 4.98
N ASN G 80 25.01 15.17 6.20
CA ASN G 80 24.88 13.74 6.50
C ASN G 80 24.04 13.51 7.77
N MET G 81 23.35 12.38 7.86
CA MET G 81 22.39 12.06 8.93
C MET G 81 22.42 10.58 9.30
N THR G 82 21.85 10.24 10.45
CA THR G 82 21.54 8.86 10.84
C THR G 82 20.19 8.77 11.52
N LYS G 83 19.39 7.75 11.18
CA LYS G 83 18.15 7.42 11.89
C LYS G 83 18.49 6.82 13.25
N ARG G 84 17.90 7.36 14.32
CA ARG G 84 17.85 6.76 15.66
C ARG G 84 16.39 6.62 16.09
N ASP G 85 16.04 5.62 16.88
CA ASP G 85 14.65 5.31 17.23
C ASP G 85 14.46 4.91 18.70
N VAL G 86 13.25 5.11 19.22
CA VAL G 86 12.92 4.83 20.62
C VAL G 86 11.55 4.17 20.70
N HIS G 87 11.46 2.98 21.29
CA HIS G 87 10.21 2.25 21.49
C HIS G 87 9.89 2.13 22.98
N PRO G 88 8.68 2.49 23.42
CA PRO G 88 8.28 2.33 24.81
C PRO G 88 8.28 0.87 25.27
N ALA G 89 8.49 0.63 26.55
CA ALA G 89 8.42 -0.67 27.19
C ALA G 89 7.59 -0.56 28.48
N LYS G 90 6.90 -1.63 28.87
CA LYS G 90 6.10 -1.64 30.10
C LYS G 90 6.89 -2.08 31.31
N ILE G 91 6.46 -1.55 32.44
CA ILE G 91 6.79 -2.00 33.78
C ILE G 91 5.50 -2.17 34.56
N ALA G 92 5.35 -3.26 35.29
CA ALA G 92 4.10 -3.59 35.96
C ALA G 92 4.29 -4.49 37.17
N THR G 93 3.29 -4.52 38.05
CA THR G 93 3.24 -5.38 39.24
C THR G 93 1.80 -5.59 39.72
N ILE G 94 1.52 -6.64 40.46
CA ILE G 94 0.19 -6.96 40.99
C ILE G 94 0.27 -7.18 42.50
N PHE G 95 -0.75 -6.79 43.25
CA PHE G 95 -0.87 -7.16 44.66
C PHE G 95 -2.30 -7.58 45.02
N VAL G 96 -2.43 -8.44 46.04
CA VAL G 96 -3.63 -9.24 46.32
C VAL G 96 -4.00 -9.17 47.80
N ALA G 97 -5.28 -9.11 48.14
CA ALA G 97 -5.80 -8.99 49.51
C ALA G 97 -7.13 -9.72 49.71
N SER G 98 -7.50 -10.11 50.92
CA SER G 98 -8.82 -10.69 51.17
C SER G 98 -9.92 -9.64 51.08
N ALA G 99 -11.15 -9.99 50.71
CA ALA G 99 -12.24 -9.03 50.66
C ALA G 99 -12.52 -8.39 52.03
N GLU G 100 -12.27 -9.11 53.13
CA GLU G 100 -12.31 -8.58 54.50
C GLU G 100 -11.28 -7.45 54.69
N THR G 101 -10.07 -7.62 54.17
CA THR G 101 -9.02 -6.58 54.20
C THR G 101 -9.41 -5.37 53.36
N VAL G 102 -10.05 -5.55 52.22
CA VAL G 102 -10.48 -4.41 51.39
C VAL G 102 -11.63 -3.62 52.03
N ARG G 103 -12.52 -4.23 52.82
CA ARG G 103 -13.45 -3.46 53.65
C ARG G 103 -12.73 -2.69 54.74
N ALA G 104 -11.88 -3.38 55.49
CA ALA G 104 -11.25 -2.81 56.68
C ALA G 104 -10.21 -1.72 56.34
N ASN G 105 -9.42 -1.90 55.29
CA ASN G 105 -8.29 -1.07 54.90
C ASN G 105 -7.41 -0.67 56.10
N PRO G 106 -6.85 -1.62 56.84
CA PRO G 106 -6.11 -1.35 58.06
C PRO G 106 -4.87 -0.52 57.75
N ALA G 107 -4.53 0.45 58.61
CA ALA G 107 -3.41 1.36 58.44
C ALA G 107 -3.38 2.12 57.09
N ASN G 108 -4.52 2.22 56.40
CA ASN G 108 -4.60 2.66 55.01
C ASN G 108 -3.61 1.91 54.09
N TYR G 109 -3.46 0.61 54.29
CA TYR G 109 -2.51 -0.21 53.54
C TYR G 109 -2.71 -0.12 52.03
N LEU G 110 -3.96 -0.16 51.56
CA LEU G 110 -4.25 -0.21 50.14
C LEU G 110 -3.95 1.11 49.44
N GLY G 111 -4.14 2.26 50.10
CA GLY G 111 -3.69 3.54 49.59
C GLY G 111 -2.16 3.65 49.61
N THR G 112 -1.52 3.12 50.65
CA THR G 112 -0.07 3.17 50.82
C THR G 112 0.67 2.32 49.79
N MET G 113 0.13 1.17 49.39
CA MET G 113 0.69 0.38 48.30
C MET G 113 0.75 1.21 47.01
N ARG G 114 -0.27 2.00 46.68
CA ARG G 114 -0.28 2.80 45.46
C ARG G 114 0.81 3.86 45.43
N THR G 115 1.09 4.54 46.52
CA THR G 115 2.20 5.51 46.55
C THR G 115 3.56 4.83 46.58
N LYS G 116 3.69 3.62 47.12
CA LYS G 116 4.98 2.91 47.17
C LYS G 116 5.34 2.14 45.91
N VAL G 117 4.39 1.69 45.10
CA VAL G 117 4.71 1.14 43.76
C VAL G 117 5.28 2.20 42.82
N ALA G 118 4.92 3.48 42.98
CA ALA G 118 5.48 4.57 42.17
C ALA G 118 7.00 4.76 42.42
N THR G 119 7.44 4.58 43.67
CA THR G 119 8.87 4.53 44.04
C THR G 119 9.55 3.24 43.55
N ALA G 120 8.88 2.09 43.64
CA ALA G 120 9.41 0.84 43.09
C ALA G 120 9.65 0.95 41.57
N ILE G 121 8.75 1.60 40.84
CA ILE G 121 8.92 1.87 39.42
C ILE G 121 10.10 2.83 39.18
N ALA G 122 10.23 3.91 39.94
CA ALA G 122 11.38 4.79 39.81
C ALA G 122 12.73 4.08 40.06
N MET G 123 12.81 3.23 41.10
CA MET G 123 14.00 2.43 41.36
C MET G 123 14.32 1.49 40.19
N ALA G 124 13.30 0.80 39.67
CA ALA G 124 13.47 -0.12 38.56
C ALA G 124 13.83 0.60 37.25
N PHE G 125 13.49 1.87 37.09
CA PHE G 125 13.92 2.67 35.96
C PHE G 125 15.41 3.00 36.03
N ASP G 126 15.89 3.55 37.14
CA ASP G 126 17.33 3.83 37.28
C ASP G 126 18.16 2.55 37.14
N ASN G 127 17.77 1.44 37.78
CA ASN G 127 18.52 0.19 37.64
C ASN G 127 18.56 -0.32 36.20
N ALA G 128 17.55 -0.04 35.38
CA ALA G 128 17.60 -0.38 33.96
C ALA G 128 18.46 0.59 33.15
N ALA G 129 18.53 1.87 33.53
CA ALA G 129 19.30 2.86 32.81
C ALA G 129 20.80 2.80 33.11
N LEU G 130 21.16 2.60 34.37
CA LEU G 130 22.56 2.60 34.82
C LEU G 130 23.21 1.24 34.56
N HIS G 131 22.77 0.21 35.30
CA HIS G 131 23.41 -1.11 35.30
C HIS G 131 22.80 -2.09 34.30
N GLY G 132 21.60 -1.79 33.78
CA GLY G 132 20.88 -2.71 32.91
C GLY G 132 20.44 -3.99 33.60
N THR G 133 20.16 -3.96 34.92
CA THR G 133 19.99 -5.19 35.74
C THR G 133 18.93 -6.16 35.21
N ASN G 134 17.86 -5.63 34.64
CA ASN G 134 16.74 -6.38 34.09
C ASN G 134 16.07 -5.57 32.97
N ALA G 135 16.86 -4.82 32.21
CA ALA G 135 16.32 -3.88 31.23
C ALA G 135 15.53 -4.60 30.13
N PRO G 136 14.46 -3.99 29.61
CA PRO G 136 13.75 -4.50 28.46
C PRO G 136 14.63 -4.37 27.22
N SER G 137 14.47 -5.24 26.23
CA SER G 137 15.31 -5.21 25.03
C SER G 137 15.13 -3.95 24.18
N ALA G 138 14.06 -3.19 24.41
CA ALA G 138 13.81 -1.91 23.75
C ALA G 138 14.74 -0.78 24.21
N PHE G 139 15.38 -0.88 25.38
CA PHE G 139 16.38 0.09 25.82
C PHE G 139 17.73 -0.24 25.16
N GLN G 140 18.22 0.64 24.30
CA GLN G 140 19.28 0.30 23.35
C GLN G 140 20.69 0.24 23.94
N GLY G 141 20.89 0.70 25.17
CA GLY G 141 22.16 0.65 25.91
C GLY G 141 22.00 1.19 27.33
N TYR G 142 22.97 0.92 28.19
CA TYR G 142 22.97 1.32 29.59
C TYR G 142 24.39 1.67 30.03
N LEU G 143 24.55 2.58 30.99
CA LEU G 143 25.85 3.22 31.23
C LEU G 143 26.99 2.24 31.56
N ASP G 144 26.73 1.13 32.23
CA ASP G 144 27.78 0.16 32.54
C ASP G 144 28.49 -0.41 31.29
N GLN G 145 27.91 -0.31 30.10
CA GLN G 145 28.58 -0.72 28.85
C GLN G 145 29.78 0.15 28.44
N SER G 146 29.99 1.31 29.06
CA SER G 146 31.10 2.20 28.66
C SER G 146 32.48 1.56 28.81
N ASN G 147 33.41 1.90 27.91
CA ASN G 147 34.78 1.42 27.98
C ASN G 147 35.70 2.24 28.90
N LYS G 148 35.24 3.40 29.41
CA LYS G 148 36.09 4.32 30.19
C LYS G 148 35.84 4.16 31.69
N THR G 149 36.90 3.96 32.46
CA THR G 149 36.82 3.75 33.91
C THR G 149 37.90 4.55 34.64
N GLN G 150 37.68 4.81 35.92
CA GLN G 150 38.61 5.59 36.74
C GLN G 150 38.57 5.13 38.20
N SER G 151 39.69 5.26 38.90
CA SER G 151 39.82 5.03 40.33
C SER G 151 39.88 6.36 41.09
N ILE G 152 39.23 6.48 42.25
CA ILE G 152 39.14 7.74 42.99
C ILE G 152 39.66 7.71 44.44
N SER G 153 40.01 6.54 45.00
CA SER G 153 40.24 6.40 46.45
C SER G 153 41.35 7.28 47.05
N PRO G 154 42.60 7.28 46.56
CA PRO G 154 43.68 7.98 47.26
C PRO G 154 43.60 9.51 47.10
N ASN G 155 43.00 10.02 46.02
CA ASN G 155 42.86 11.45 45.74
C ASN G 155 41.69 11.69 44.77
N ALA G 156 40.50 11.95 45.30
CA ALA G 156 39.31 12.14 44.48
C ALA G 156 39.41 13.37 43.57
N TYR G 157 40.12 14.41 43.99
CA TYR G 157 40.33 15.60 43.16
C TYR G 157 41.14 15.28 41.90
N GLN G 158 42.25 14.56 42.03
CA GLN G 158 43.00 14.05 40.87
C GLN G 158 42.13 13.14 40.02
N GLY G 159 41.36 12.26 40.66
CA GLY G 159 40.48 11.31 39.99
C GLY G 159 39.48 11.98 39.07
N LEU G 160 38.62 12.85 39.59
CA LEU G 160 37.63 13.56 38.78
C LEU G 160 38.27 14.63 37.90
N GLY G 161 39.11 15.48 38.50
CA GLY G 161 39.49 16.75 37.91
C GLY G 161 40.61 16.68 36.88
N VAL G 162 41.38 15.61 36.85
CA VAL G 162 42.54 15.48 35.95
C VAL G 162 42.51 14.16 35.21
N SER G 163 42.63 13.04 35.90
CA SER G 163 42.71 11.72 35.25
C SER G 163 41.42 11.37 34.51
N GLY G 164 40.27 11.49 35.17
CA GLY G 164 38.97 11.21 34.58
C GLY G 164 38.63 12.16 33.42
N LEU G 165 38.70 13.47 33.66
CA LEU G 165 38.36 14.45 32.63
C LEU G 165 39.24 14.32 31.37
N THR G 166 40.52 13.98 31.53
CA THR G 166 41.39 13.78 30.37
C THR G 166 40.87 12.70 29.43
N LYS G 167 40.31 11.61 29.95
CA LYS G 167 39.74 10.53 29.14
C LYS G 167 38.53 10.99 28.32
N LEU G 168 37.81 12.01 28.76
CA LEU G 168 36.70 12.59 28.02
C LEU G 168 37.17 13.62 26.98
N VAL G 169 37.92 14.64 27.38
CA VAL G 169 38.25 15.74 26.45
C VAL G 169 39.21 15.32 25.35
N THR G 170 40.13 14.38 25.61
CA THR G 170 41.01 13.85 24.55
C THR G 170 40.27 12.97 23.55
N ASP G 171 39.06 12.52 23.88
CA ASP G 171 38.15 11.82 22.97
C ASP G 171 37.04 12.75 22.42
N GLY G 172 37.12 14.06 22.68
CA GLY G 172 36.20 15.05 22.14
C GLY G 172 34.79 15.05 22.75
N LYS G 173 34.63 14.60 24.00
CA LYS G 173 33.33 14.48 24.67
C LYS G 173 33.29 15.31 25.95
N LYS G 174 32.13 15.85 26.30
CA LYS G 174 31.95 16.88 27.35
C LYS G 174 31.70 16.27 28.73
N TRP G 175 31.86 17.05 29.79
CA TRP G 175 31.49 16.64 31.15
C TRP G 175 30.50 17.63 31.76
N THR G 176 29.28 17.19 32.08
CA THR G 176 28.18 18.10 32.46
C THR G 176 27.53 17.79 33.80
N HIS G 177 27.55 16.55 34.30
CA HIS G 177 27.01 16.15 35.60
C HIS G 177 27.83 15.02 36.22
N THR G 178 27.61 14.72 37.50
CA THR G 178 28.00 13.43 38.08
C THR G 178 26.95 12.87 39.00
N LEU G 179 26.77 11.55 38.97
CA LEU G 179 25.95 10.81 39.91
C LEU G 179 26.88 10.03 40.83
N LEU G 180 26.71 10.14 42.14
CA LEU G 180 27.58 9.50 43.13
C LEU G 180 26.78 8.79 44.22
N ASP G 181 27.24 7.63 44.64
CA ASP G 181 26.65 6.94 45.78
C ASP G 181 27.00 7.63 47.11
N ASP G 182 26.15 7.59 48.13
CA ASP G 182 26.47 8.14 49.45
C ASP G 182 27.78 7.59 50.03
N THR G 183 28.13 6.33 49.75
CA THR G 183 29.40 5.75 50.19
C THR G 183 30.63 6.40 49.60
N VAL G 184 30.49 7.31 48.62
CA VAL G 184 31.59 8.13 48.09
C VAL G 184 31.92 9.29 49.02
N GLU G 185 31.00 9.78 49.84
CA GLU G 185 31.23 11.05 50.53
C GLU G 185 32.45 11.06 51.47
N PRO G 186 32.72 10.04 52.30
CA PRO G 186 33.97 9.95 53.04
C PRO G 186 35.21 10.00 52.15
N VAL G 187 35.18 9.35 50.99
CA VAL G 187 36.32 9.33 50.07
C VAL G 187 36.55 10.70 49.44
N LEU G 188 35.47 11.42 49.15
CA LEU G 188 35.53 12.79 48.65
C LEU G 188 36.12 13.74 49.71
N ASN G 189 35.64 13.69 50.95
CA ASN G 189 36.18 14.54 52.02
C ASN G 189 37.62 14.17 52.39
N GLY G 190 37.90 12.89 52.49
CA GLY G 190 39.07 12.36 53.20
C GLY G 190 40.32 12.13 52.36
N SER G 191 40.30 12.45 51.06
CA SER G 191 41.46 12.23 50.19
C SER G 191 42.18 13.56 49.92
N VAL G 192 43.46 13.64 50.32
CA VAL G 192 44.09 14.92 50.73
C VAL G 192 45.50 15.16 50.18
N ASP G 193 45.93 16.43 50.27
CA ASP G 193 47.31 16.88 50.05
C ASP G 193 48.30 16.33 51.09
N ALA G 194 49.59 16.60 50.88
CA ALA G 194 50.66 16.12 51.75
C ALA G 194 50.66 16.71 53.18
N ASN G 195 49.91 17.79 53.45
CA ASN G 195 49.81 18.37 54.79
C ASN G 195 48.58 17.85 55.55
N GLY G 196 47.54 17.42 54.84
CA GLY G 196 46.28 16.95 55.40
C GLY G 196 45.14 17.95 55.30
N ARG G 197 45.24 19.03 54.50
CA ARG G 197 44.05 19.87 54.24
C ARG G 197 43.14 19.23 53.18
N PRO G 198 41.83 19.46 53.25
CA PRO G 198 40.89 18.98 52.24
C PRO G 198 41.01 19.75 50.93
N LEU G 199 40.71 19.10 49.81
CA LEU G 199 40.77 19.71 48.48
C LEU G 199 39.43 20.31 48.06
N PHE G 200 38.30 19.74 48.49
CA PHE G 200 36.96 20.22 48.19
C PHE G 200 36.45 21.16 49.30
N VAL G 201 36.76 22.46 49.19
CA VAL G 201 36.05 23.49 49.96
C VAL G 201 34.67 23.77 49.35
N GLU G 202 34.57 23.67 48.02
CA GLU G 202 33.32 23.47 47.28
C GLU G 202 32.56 22.25 47.84
N SER G 203 31.23 22.31 47.93
CA SER G 203 30.46 21.38 48.78
C SER G 203 28.99 21.26 48.37
N THR G 204 28.30 20.28 48.98
CA THR G 204 26.94 19.82 48.65
C THR G 204 25.97 19.99 49.81
N TYR G 205 24.68 20.15 49.50
CA TYR G 205 23.64 20.60 50.43
C TYR G 205 22.36 19.76 50.37
N GLU G 206 21.58 19.83 51.45
CA GLU G 206 20.26 19.22 51.54
C GLU G 206 19.30 19.84 50.54
N SER G 207 18.49 19.02 49.88
CA SER G 207 17.36 19.49 49.10
C SER G 207 16.18 19.84 50.00
N LEU G 208 15.34 20.79 49.58
CA LEU G 208 14.13 21.17 50.32
C LEU G 208 13.11 20.04 50.41
N THR G 209 13.09 19.11 49.44
CA THR G 209 12.05 18.08 49.30
C THR G 209 12.58 16.72 48.88
N THR G 210 13.47 16.64 47.88
CA THR G 210 13.99 15.34 47.40
C THR G 210 14.92 14.69 48.43
N PRO G 211 14.97 13.36 48.50
CA PRO G 211 15.76 12.65 49.51
C PRO G 211 17.27 12.64 49.20
N PHE G 212 17.66 12.72 47.93
CA PHE G 212 19.06 12.84 47.51
C PHE G 212 19.60 14.27 47.69
N ARG G 213 20.90 14.38 48.04
CA ARG G 213 21.61 15.64 48.26
C ARG G 213 22.23 16.14 46.96
N GLU G 214 22.49 17.44 46.84
CA GLU G 214 22.88 18.05 45.57
C GLU G 214 23.89 19.20 45.75
N GLY G 215 24.71 19.48 44.76
CA GLY G 215 25.62 20.64 44.77
C GLY G 215 26.54 20.68 43.55
N ARG G 216 27.46 21.65 43.50
CA ARG G 216 28.51 21.72 42.48
C ARG G 216 29.71 20.91 42.94
N ILE G 217 30.40 20.23 42.03
CA ILE G 217 31.76 19.71 42.23
C ILE G 217 32.55 19.99 40.96
N LEU G 218 33.70 20.64 41.07
CA LEU G 218 34.49 21.18 39.97
C LEU G 218 33.60 21.93 38.96
N GLY G 219 32.63 22.67 39.48
CA GLY G 219 31.63 23.40 38.72
C GLY G 219 30.44 22.57 38.21
N ARG G 220 30.55 21.24 38.07
CA ARG G 220 29.46 20.41 37.53
C ARG G 220 28.40 20.10 38.59
N PRO G 221 27.10 20.27 38.31
CA PRO G 221 26.03 19.76 39.15
C PRO G 221 26.21 18.28 39.48
N THR G 222 25.96 17.91 40.73
CA THR G 222 26.28 16.61 41.29
C THR G 222 25.16 16.10 42.17
N ILE G 223 24.77 14.84 42.04
CA ILE G 223 23.76 14.20 42.89
C ILE G 223 24.41 13.13 43.76
N LEU G 224 24.15 13.16 45.06
CA LEU G 224 24.52 12.09 45.99
C LEU G 224 23.25 11.32 46.40
N SER G 225 23.27 9.99 46.27
CA SER G 225 22.09 9.14 46.54
C SER G 225 22.45 7.75 47.07
N ASP G 226 21.52 7.07 47.74
CA ASP G 226 21.75 5.84 48.50
C ASP G 226 21.89 4.56 47.66
N HIS G 227 21.61 4.60 46.36
CA HIS G 227 21.46 3.41 45.53
C HIS G 227 22.14 3.52 44.15
N VAL G 228 23.08 4.45 43.98
CA VAL G 228 23.82 4.57 42.73
C VAL G 228 24.78 3.40 42.53
N ALA G 229 25.42 2.91 43.61
CA ALA G 229 26.45 1.89 43.49
C ALA G 229 25.91 0.50 43.11
N GLU G 230 26.72 -0.27 42.40
CA GLU G 230 26.46 -1.68 42.06
C GLU G 230 27.78 -2.38 41.76
N GLY G 231 28.09 -3.44 42.51
CA GLY G 231 29.40 -4.09 42.43
C GLY G 231 30.53 -3.11 42.74
N ASP G 232 31.54 -3.06 41.87
CA ASP G 232 32.71 -2.21 42.05
C ASP G 232 32.48 -0.73 41.70
N VAL G 233 31.38 -0.40 41.01
CA VAL G 233 31.08 0.97 40.56
C VAL G 233 30.32 1.75 41.62
N VAL G 234 30.71 3.00 41.83
CA VAL G 234 30.14 3.88 42.86
C VAL G 234 29.68 5.23 42.33
N GLY G 235 29.88 5.52 41.04
CA GLY G 235 29.34 6.72 40.42
C GLY G 235 29.66 6.85 38.94
N TYR G 236 29.11 7.87 38.31
CA TYR G 236 29.28 8.15 36.89
C TYR G 236 29.56 9.62 36.65
N ALA G 237 30.46 9.92 35.72
CA ALA G 237 30.70 11.24 35.19
C ALA G 237 30.53 11.22 33.67
N GLY G 238 30.08 12.30 33.05
CA GLY G 238 29.96 12.36 31.59
C GLY G 238 29.02 13.44 31.09
N ASP G 239 28.57 13.32 29.85
CA ASP G 239 27.56 14.20 29.25
C ASP G 239 26.16 13.56 29.27
N PHE G 240 25.40 13.84 30.33
CA PHE G 240 24.04 13.34 30.49
C PHE G 240 23.00 14.02 29.56
N SER G 241 23.38 15.00 28.72
CA SER G 241 22.51 15.45 27.62
C SER G 241 22.43 14.45 26.46
N GLN G 242 23.33 13.46 26.41
CA GLN G 242 23.24 12.33 25.50
C GLN G 242 22.16 11.30 25.87
N ILE G 243 21.37 11.52 26.92
CA ILE G 243 20.27 10.65 27.32
C ILE G 243 18.94 11.36 27.13
N ILE G 244 18.00 10.71 26.45
CA ILE G 244 16.61 11.14 26.37
C ILE G 244 15.70 10.07 26.93
N TRP G 245 14.61 10.47 27.56
CA TRP G 245 13.59 9.56 28.05
C TRP G 245 12.20 10.13 27.84
N GLY G 246 11.19 9.29 27.90
CA GLY G 246 9.80 9.70 27.79
C GLY G 246 8.89 8.71 28.47
N GLN G 247 7.65 9.12 28.71
CA GLN G 247 6.63 8.32 29.34
C GLN G 247 5.37 8.37 28.48
N VAL G 248 4.72 7.23 28.29
CA VAL G 248 3.48 7.15 27.52
C VAL G 248 2.30 7.15 28.48
N GLY G 249 1.45 8.16 28.41
CA GLY G 249 0.36 8.33 29.36
C GLY G 249 0.87 8.61 30.78
N GLY G 250 0.28 7.97 31.78
CA GLY G 250 0.70 8.03 33.18
C GLY G 250 0.53 6.70 33.90
N LEU G 251 0.86 6.65 35.18
CA LEU G 251 0.74 5.45 36.02
C LEU G 251 -0.73 5.03 36.14
N SER G 252 -1.05 3.77 35.83
CA SER G 252 -2.41 3.27 35.68
C SER G 252 -2.72 2.08 36.58
N PHE G 253 -3.97 1.99 37.06
CA PHE G 253 -4.43 0.98 38.01
C PHE G 253 -5.75 0.32 37.58
N ASP G 254 -5.83 -1.02 37.60
CA ASP G 254 -7.06 -1.79 37.45
C ASP G 254 -7.28 -2.72 38.65
N VAL G 255 -8.52 -3.00 39.01
CA VAL G 255 -8.87 -3.87 40.13
C VAL G 255 -9.86 -4.95 39.71
N THR G 256 -9.70 -6.17 40.22
CA THR G 256 -10.57 -7.31 39.88
C THR G 256 -10.85 -8.17 41.11
N ASP G 257 -12.05 -8.73 41.14
CA ASP G 257 -12.44 -9.82 42.04
C ASP G 257 -12.67 -11.12 41.28
N GLN G 258 -12.55 -11.11 39.95
CA GLN G 258 -12.97 -12.21 39.08
C GLN G 258 -11.84 -12.97 38.43
N ALA G 259 -10.64 -12.39 38.30
CA ALA G 259 -9.55 -13.04 37.60
C ALA G 259 -9.09 -14.34 38.28
N THR G 260 -8.28 -15.13 37.56
CA THR G 260 -7.47 -16.20 38.14
C THR G 260 -6.01 -15.87 37.92
N LEU G 261 -5.18 -16.09 38.93
CA LEU G 261 -3.76 -15.74 38.91
C LEU G 261 -2.92 -17.00 39.03
N ASN G 262 -1.74 -17.01 38.42
CA ASN G 262 -0.71 -17.98 38.67
C ASN G 262 0.25 -17.41 39.71
N LEU G 263 0.41 -18.09 40.84
CA LEU G 263 1.36 -17.73 41.90
C LEU G 263 2.74 -18.37 41.69
N GLY G 264 2.87 -19.34 40.79
CA GLY G 264 4.13 -19.98 40.44
C GLY G 264 4.78 -19.27 39.25
N SER G 265 5.17 -20.04 38.24
CA SER G 265 5.72 -19.54 36.98
C SER G 265 5.25 -20.40 35.80
N GLN G 266 5.52 -19.98 34.57
CA GLN G 266 5.11 -20.73 33.37
C GLN G 266 5.67 -22.16 33.31
N GLU G 267 6.81 -22.41 33.94
CA GLU G 267 7.45 -23.73 34.03
C GLU G 267 6.89 -24.61 35.16
N SER G 268 6.14 -24.06 36.11
CA SER G 268 5.58 -24.78 37.27
C SER G 268 4.39 -24.03 37.86
N PRO G 269 3.21 -24.12 37.22
CA PRO G 269 2.06 -23.31 37.58
C PRO G 269 1.50 -23.60 38.97
N ASN G 270 0.83 -22.62 39.55
CA ASN G 270 0.08 -22.76 40.79
C ASN G 270 -1.06 -21.73 40.81
N PHE G 271 -2.21 -22.09 40.25
CA PHE G 271 -3.31 -21.14 40.07
C PHE G 271 -4.17 -20.95 41.32
N VAL G 272 -4.72 -19.75 41.51
CA VAL G 272 -5.75 -19.47 42.51
C VAL G 272 -6.84 -18.61 41.90
N SER G 273 -8.10 -19.03 42.00
CA SER G 273 -9.24 -18.22 41.59
C SER G 273 -9.53 -17.14 42.61
N LEU G 274 -9.49 -15.86 42.25
CA LEU G 274 -9.80 -14.81 43.19
C LEU G 274 -11.25 -14.90 43.65
N TRP G 275 -12.15 -15.27 42.74
CA TRP G 275 -13.59 -15.27 42.98
C TRP G 275 -14.01 -16.40 43.91
N GLN G 276 -13.40 -17.58 43.79
CA GLN G 276 -13.72 -18.71 44.65
C GLN G 276 -13.09 -18.59 46.05
N HIS G 277 -12.00 -17.83 46.18
CA HIS G 277 -11.34 -17.59 47.46
C HIS G 277 -11.73 -16.27 48.12
N ASN G 278 -12.67 -15.51 47.57
CA ASN G 278 -13.10 -14.21 48.10
C ASN G 278 -11.93 -13.21 48.25
N LEU G 279 -11.04 -13.16 47.26
CA LEU G 279 -9.89 -12.26 47.20
C LEU G 279 -10.11 -11.11 46.21
N VAL G 280 -9.29 -10.07 46.29
CA VAL G 280 -9.30 -8.91 45.39
C VAL G 280 -7.87 -8.62 44.97
N ALA G 281 -7.63 -8.28 43.70
CA ALA G 281 -6.29 -7.96 43.20
C ALA G 281 -6.24 -6.64 42.45
N VAL G 282 -5.13 -5.92 42.56
CA VAL G 282 -4.89 -4.65 41.89
C VAL G 282 -3.69 -4.78 40.98
N ARG G 283 -3.83 -4.38 39.72
CA ARG G 283 -2.82 -4.45 38.67
C ARG G 283 -2.33 -3.04 38.36
N VAL G 284 -1.03 -2.84 38.48
CA VAL G 284 -0.35 -1.54 38.34
C VAL G 284 0.51 -1.54 37.09
N GLU G 285 0.42 -0.50 36.27
CA GLU G 285 1.15 -0.45 35.00
C GLU G 285 1.62 0.96 34.62
N ALA G 286 2.85 1.07 34.13
CA ALA G 286 3.39 2.27 33.52
C ALA G 286 4.27 1.89 32.32
N GLU G 287 4.58 2.86 31.47
CA GLU G 287 5.21 2.64 30.19
C GLU G 287 6.18 3.78 29.85
N TYR G 288 7.43 3.45 29.55
CA TYR G 288 8.53 4.40 29.39
C TYR G 288 9.40 4.06 28.19
N GLY G 289 10.07 5.06 27.63
CA GLY G 289 11.11 4.91 26.62
C GLY G 289 12.40 5.58 27.04
N LEU G 290 13.54 5.03 26.65
CA LEU G 290 14.89 5.51 26.96
C LEU G 290 15.81 5.31 25.77
N LEU G 291 16.66 6.29 25.46
CA LEU G 291 17.78 6.11 24.55
C LEU G 291 18.99 6.88 25.04
N ILE G 292 20.15 6.22 25.02
CA ILE G 292 21.46 6.83 25.24
C ILE G 292 22.14 6.92 23.88
N ASN G 293 22.49 8.11 23.42
CA ASN G 293 23.02 8.32 22.08
C ASN G 293 24.35 7.60 21.87
N ASP G 294 25.27 7.76 22.83
CA ASP G 294 26.62 7.20 22.78
C ASP G 294 27.09 6.77 24.16
N VAL G 295 27.05 5.47 24.46
CA VAL G 295 27.43 4.95 25.79
C VAL G 295 28.91 5.17 26.10
N ASN G 296 29.76 5.41 25.10
CA ASN G 296 31.18 5.67 25.32
C ASN G 296 31.46 7.10 25.81
N ALA G 297 30.44 7.91 26.06
CA ALA G 297 30.56 9.29 26.54
C ALA G 297 30.62 9.44 28.07
N PHE G 298 30.69 8.34 28.83
CA PHE G 298 30.64 8.36 30.30
C PHE G 298 31.79 7.59 30.93
N VAL G 299 32.29 8.05 32.08
CA VAL G 299 33.37 7.43 32.84
C VAL G 299 32.78 6.75 34.07
N LYS G 300 33.01 5.45 34.22
CA LYS G 300 32.60 4.71 35.42
C LYS G 300 33.58 4.97 36.55
N LEU G 301 33.09 5.30 37.73
CA LEU G 301 33.90 5.64 38.88
C LEU G 301 33.92 4.48 39.88
N THR G 302 35.11 4.10 40.33
CA THR G 302 35.37 2.98 41.24
C THR G 302 36.38 3.40 42.29
N PHE G 303 36.50 2.71 43.42
CA PHE G 303 37.51 3.10 44.40
C PHE G 303 38.95 2.87 43.91
N ASP G 304 39.24 1.74 43.27
CA ASP G 304 40.60 1.32 42.89
C ASP G 304 40.62 0.47 41.61
N GLY H 2 37.19 67.90 97.27
CA GLY H 2 36.06 68.83 97.49
C GLY H 2 35.74 68.90 98.97
N PHE H 3 34.59 68.33 99.36
CA PHE H 3 34.12 68.31 100.75
C PHE H 3 33.78 66.91 101.24
N SER H 4 33.93 66.67 102.53
CA SER H 4 33.47 65.46 103.20
C SER H 4 31.96 65.25 103.01
N ALA H 5 31.47 64.01 103.15
CA ALA H 5 30.08 63.80 103.51
C ALA H 5 29.83 64.32 104.93
N ASP H 6 28.63 64.76 105.24
CA ASP H 6 28.29 65.42 106.52
C ASP H 6 29.24 66.60 106.82
N HIS H 7 29.59 67.38 105.81
CA HIS H 7 30.31 68.65 105.98
C HIS H 7 29.49 69.61 106.84
N SER H 8 30.15 70.42 107.66
CA SER H 8 29.47 71.26 108.63
C SER H 8 28.72 72.45 108.00
N GLN H 9 28.96 72.79 106.74
CA GLN H 9 28.40 74.00 106.12
C GLN H 9 27.65 73.79 104.81
N ILE H 10 27.89 72.71 104.06
CA ILE H 10 27.31 72.51 102.73
C ILE H 10 26.48 71.23 102.72
N ALA H 11 25.20 71.32 102.36
CA ALA H 11 24.34 70.16 102.18
C ALA H 11 24.66 69.41 100.88
N GLN H 12 24.79 68.09 100.94
CA GLN H 12 25.05 67.20 99.80
C GLN H 12 24.16 65.96 99.89
N THR H 13 23.76 65.34 98.78
CA THR H 13 23.02 64.07 98.84
C THR H 13 23.89 62.89 99.29
N LYS H 14 25.20 63.06 99.42
CA LYS H 14 26.09 62.19 100.21
C LYS H 14 25.76 62.15 101.70
N ASP H 15 25.10 63.16 102.24
CA ASP H 15 24.92 63.32 103.69
C ASP H 15 23.96 62.29 104.28
N THR H 16 24.24 61.86 105.50
CA THR H 16 23.47 60.81 106.18
C THR H 16 22.01 61.21 106.40
N MET H 17 21.74 62.50 106.56
CA MET H 17 20.38 63.00 106.75
C MET H 17 19.42 62.68 105.59
N PHE H 18 19.92 62.37 104.38
CA PHE H 18 19.07 62.05 103.24
C PHE H 18 18.84 60.55 103.05
N THR H 19 19.30 59.71 103.96
CA THR H 19 19.13 58.25 103.86
C THR H 19 17.65 57.88 103.70
N GLY H 20 17.33 57.10 102.66
CA GLY H 20 15.97 56.65 102.36
C GLY H 20 15.11 57.63 101.55
N TYR H 21 15.59 58.84 101.25
CA TYR H 21 14.91 59.76 100.34
C TYR H 21 15.35 59.65 98.88
N LEU H 22 16.37 58.83 98.62
CA LEU H 22 17.07 58.74 97.33
C LEU H 22 16.96 57.32 96.72
N ASP H 23 15.86 56.61 96.96
CA ASP H 23 15.71 55.22 96.53
C ASP H 23 15.76 55.07 95.00
N PRO H 24 16.61 54.17 94.47
CA PRO H 24 16.67 53.85 93.05
C PRO H 24 15.34 53.34 92.47
N VAL H 25 15.16 53.50 91.17
CA VAL H 25 14.07 52.86 90.42
C VAL H 25 14.39 51.38 90.21
N GLN H 26 13.44 50.46 90.44
CA GLN H 26 13.64 49.04 90.12
C GLN H 26 13.48 48.77 88.62
N ALA H 27 14.27 47.85 88.09
CA ALA H 27 14.34 47.54 86.67
C ALA H 27 14.34 46.04 86.38
N LYS H 28 14.14 45.67 85.11
CA LYS H 28 14.29 44.32 84.56
C LYS H 28 15.69 43.74 84.82
N ASP H 29 15.83 42.41 84.90
CA ASP H 29 17.15 41.77 84.88
C ASP H 29 17.75 41.82 83.47
N TYR H 30 18.75 42.67 83.25
CA TYR H 30 19.45 42.81 81.98
C TYR H 30 20.60 41.82 81.78
N PHE H 31 21.09 41.17 82.82
CA PHE H 31 22.30 40.35 82.72
C PHE H 31 21.99 38.90 82.34
N ALA H 32 20.82 38.40 82.69
CA ALA H 32 20.37 37.11 82.18
C ALA H 32 19.97 37.22 80.70
N GLU H 33 20.34 36.23 79.90
CA GLU H 33 19.73 36.01 78.58
C GLU H 33 18.22 35.66 78.69
N ALA H 34 17.49 35.78 77.58
CA ALA H 34 16.08 35.41 77.52
C ALA H 34 15.85 33.91 77.83
N GLU H 35 14.63 33.54 78.24
CA GLU H 35 14.30 32.16 78.61
C GLU H 35 14.58 31.15 77.50
N LYS H 36 15.06 29.95 77.87
CA LYS H 36 15.77 29.03 76.96
C LYS H 36 14.83 27.96 76.44
N THR H 37 14.82 27.75 75.12
CA THR H 37 14.18 26.58 74.51
C THR H 37 15.12 25.37 74.57
N SER H 38 14.58 24.17 74.36
CA SER H 38 15.37 22.93 74.31
C SER H 38 15.99 22.73 72.94
N ILE H 39 17.22 22.23 72.83
CA ILE H 39 17.83 21.97 71.51
C ILE H 39 17.15 20.83 70.75
N VAL H 40 16.67 19.77 71.40
CA VAL H 40 16.02 18.67 70.68
C VAL H 40 14.77 19.13 69.95
N GLN H 41 13.92 19.97 70.56
CA GLN H 41 12.73 20.49 69.89
C GLN H 41 13.03 21.38 68.69
N ARG H 42 14.25 21.90 68.55
CA ARG H 42 14.64 22.72 67.40
C ARG H 42 15.03 21.88 66.18
N VAL H 43 15.53 20.66 66.38
CA VAL H 43 15.97 19.78 65.29
C VAL H 43 15.00 18.64 64.98
N ALA H 44 14.31 18.09 65.97
CA ALA H 44 13.35 17.00 65.79
C ALA H 44 12.00 17.49 65.23
N GLN H 45 11.22 16.59 64.63
CA GLN H 45 9.91 16.91 64.09
C GLN H 45 8.82 16.94 65.17
N LYS H 46 8.12 18.07 65.30
CA LYS H 46 6.94 18.18 66.16
C LYS H 46 5.73 17.58 65.47
N ILE H 47 4.96 16.75 66.17
CA ILE H 47 3.71 16.15 65.66
C ILE H 47 2.51 16.57 66.52
N PRO H 48 1.30 16.68 65.96
CA PRO H 48 0.07 16.80 66.75
C PRO H 48 -0.08 15.62 67.72
N MET H 49 -0.56 15.87 68.93
CA MET H 49 -0.71 14.83 69.96
C MET H 49 -1.88 15.11 70.90
N GLY H 50 -2.45 14.05 71.48
CA GLY H 50 -3.51 14.10 72.49
C GLY H 50 -3.26 13.11 73.61
N ALA H 51 -4.00 13.22 74.70
CA ALA H 51 -3.71 12.52 75.96
C ALA H 51 -3.70 10.98 75.86
N THR H 52 -4.38 10.42 74.86
CA THR H 52 -4.41 8.98 74.58
C THR H 52 -3.12 8.45 73.93
N GLY H 53 -2.29 9.32 73.38
CA GLY H 53 -1.15 8.93 72.56
C GLY H 53 -1.46 8.74 71.08
N ILE H 54 -0.45 8.34 70.31
CA ILE H 54 -0.43 8.23 68.85
C ILE H 54 0.09 6.86 68.43
N VAL H 55 -0.41 6.31 67.33
CA VAL H 55 0.11 5.11 66.66
C VAL H 55 0.59 5.41 65.25
N ILE H 56 1.82 5.02 64.93
CA ILE H 56 2.49 5.25 63.66
C ILE H 56 2.72 3.90 62.95
N PRO H 57 2.20 3.68 61.74
CA PRO H 57 2.41 2.46 60.98
C PRO H 57 3.69 2.52 60.16
N HIS H 58 4.85 2.22 60.76
CA HIS H 58 6.13 2.32 60.08
C HIS H 58 6.28 1.30 58.96
N TRP H 59 6.55 1.73 57.74
CA TRP H 59 6.73 0.83 56.59
C TRP H 59 8.10 0.14 56.57
N THR H 60 8.15 -1.14 56.19
CA THR H 60 9.42 -1.91 56.13
C THR H 60 9.54 -2.84 54.92
N GLY H 61 8.55 -2.88 54.03
CA GLY H 61 8.51 -3.83 52.91
C GLY H 61 9.23 -3.37 51.65
N ASP H 62 9.96 -4.28 51.00
CA ASP H 62 10.50 -4.11 49.66
C ASP H 62 9.45 -4.40 48.58
N VAL H 63 8.65 -3.39 48.23
CA VAL H 63 7.74 -3.44 47.09
C VAL H 63 8.55 -3.49 45.79
N SER H 64 8.07 -4.18 44.76
CA SER H 64 8.85 -4.41 43.53
C SER H 64 8.00 -4.44 42.25
N ALA H 65 8.63 -4.14 41.13
CA ALA H 65 8.05 -4.09 39.81
C ALA H 65 9.08 -4.53 38.76
N GLN H 66 8.64 -5.04 37.61
CA GLN H 66 9.55 -5.60 36.61
C GLN H 66 9.24 -5.14 35.20
N TRP H 67 10.29 -4.90 34.42
CA TRP H 67 10.19 -4.65 33.00
C TRP H 67 9.69 -5.89 32.29
N ILE H 68 8.69 -5.72 31.43
CA ILE H 68 7.86 -6.81 30.94
C ILE H 68 7.50 -6.63 29.46
N GLY H 69 7.60 -7.68 28.66
CA GLY H 69 7.26 -7.62 27.23
C GLY H 69 5.76 -7.72 26.98
N GLU H 70 5.32 -7.51 25.74
CA GLU H 70 3.94 -7.76 25.35
C GLU H 70 3.56 -9.22 25.61
N GLY H 71 2.46 -9.44 26.32
CA GLY H 71 1.99 -10.78 26.64
C GLY H 71 2.86 -11.59 27.60
N ASP H 72 3.86 -11.00 28.27
CA ASP H 72 4.55 -11.66 29.39
C ASP H 72 3.73 -11.64 30.68
N MET H 73 4.03 -12.55 31.62
CA MET H 73 3.35 -12.67 32.89
C MET H 73 3.84 -11.68 33.93
N LYS H 74 2.92 -10.98 34.61
CA LYS H 74 3.22 -10.03 35.67
C LYS H 74 3.49 -10.68 37.03
N PRO H 75 4.50 -10.23 37.79
CA PRO H 75 4.80 -10.75 39.11
C PRO H 75 3.80 -10.25 40.16
N ILE H 76 3.73 -10.94 41.28
CA ILE H 76 2.88 -10.60 42.43
C ILE H 76 3.75 -10.19 43.62
N THR H 77 3.37 -9.13 44.33
CA THR H 77 4.14 -8.57 45.46
C THR H 77 3.29 -8.21 46.67
N LYS H 78 3.93 -7.98 47.83
CA LYS H 78 3.30 -7.68 49.11
C LYS H 78 4.13 -6.67 49.90
N GLY H 79 3.48 -5.77 50.63
CA GLY H 79 4.14 -4.81 51.51
C GLY H 79 4.54 -5.38 52.87
N ASN H 80 5.05 -4.53 53.77
CA ASN H 80 5.25 -4.89 55.16
C ASN H 80 5.23 -3.65 56.07
N MET H 81 4.82 -3.80 57.33
CA MET H 81 4.63 -2.72 58.29
C MET H 81 4.98 -3.12 59.71
N THR H 82 5.14 -2.16 60.60
CA THR H 82 5.29 -2.36 62.05
C THR H 82 4.70 -1.18 62.80
N LYS H 83 3.64 -1.37 63.59
CA LYS H 83 3.04 -0.28 64.35
C LYS H 83 3.88 0.07 65.56
N ARG H 84 4.12 1.37 65.76
CA ARG H 84 4.87 1.99 66.87
C ARG H 84 3.94 2.95 67.61
N ASP H 85 4.03 3.05 68.93
CA ASP H 85 3.11 3.87 69.72
C ASP H 85 3.81 4.83 70.69
N VAL H 86 3.24 6.01 70.87
CA VAL H 86 3.79 7.10 71.71
C VAL H 86 2.78 7.49 72.78
N HIS H 87 3.15 7.44 74.06
CA HIS H 87 2.31 7.82 75.20
C HIS H 87 2.87 9.04 75.93
N PRO H 88 2.10 10.12 76.16
CA PRO H 88 2.57 11.29 76.89
C PRO H 88 2.98 11.00 78.34
N ALA H 89 3.90 11.81 78.89
CA ALA H 89 4.33 11.78 80.29
C ALA H 89 4.28 13.18 80.91
N LYS H 90 3.96 13.28 82.21
CA LYS H 90 3.96 14.54 82.95
C LYS H 90 5.34 14.95 83.39
N ILE H 91 5.58 16.25 83.33
CA ILE H 91 6.66 16.94 84.02
C ILE H 91 6.04 18.04 84.87
N ALA H 92 6.42 18.14 86.13
CA ALA H 92 5.73 19.00 87.09
C ALA H 92 6.64 19.50 88.21
N THR H 93 6.26 20.60 88.87
CA THR H 93 6.97 21.14 90.04
C THR H 93 6.05 22.03 90.90
N ILE H 94 6.36 22.21 92.18
CA ILE H 94 5.62 23.09 93.10
C ILE H 94 6.57 24.14 93.69
N PHE H 95 6.11 25.37 93.89
CA PHE H 95 6.84 26.39 94.64
C PHE H 95 5.94 27.13 95.63
N VAL H 96 6.49 27.52 96.78
CA VAL H 96 5.74 27.92 97.98
C VAL H 96 6.24 29.25 98.53
N ALA H 97 5.34 30.12 98.98
CA ALA H 97 5.66 31.43 99.55
C ALA H 97 4.70 31.79 100.69
N SER H 98 5.09 32.66 101.62
CA SER H 98 4.18 33.15 102.66
C SER H 98 3.14 34.11 102.09
N ALA H 99 1.95 34.19 102.67
CA ALA H 99 0.90 35.06 102.12
C ALA H 99 1.30 36.55 102.12
N GLU H 100 2.17 36.95 103.04
CA GLU H 100 2.78 38.28 103.06
C GLU H 100 3.63 38.54 101.82
N THR H 101 4.41 37.54 101.38
CA THR H 101 5.18 37.61 100.14
C THR H 101 4.26 37.74 98.93
N VAL H 102 3.14 37.03 98.90
CA VAL H 102 2.18 37.12 97.80
C VAL H 102 1.49 38.47 97.72
N ARG H 103 1.27 39.20 98.83
CA ARG H 103 0.81 40.60 98.75
C ARG H 103 1.86 41.50 98.12
N ALA H 104 3.11 41.39 98.56
CA ALA H 104 4.17 42.29 98.16
C ALA H 104 4.71 42.02 96.76
N ASN H 105 4.79 40.74 96.35
CA ASN H 105 5.44 40.29 95.12
C ASN H 105 6.80 40.98 94.89
N PRO H 106 7.74 40.88 95.84
CA PRO H 106 8.98 41.65 95.80
C PRO H 106 9.82 41.23 94.60
N ALA H 107 10.46 42.20 93.94
CA ALA H 107 11.24 41.97 92.72
C ALA H 107 10.48 41.24 91.61
N ASN H 108 9.14 41.26 91.64
CA ASN H 108 8.29 40.40 90.83
C ASN H 108 8.72 38.92 90.86
N TYR H 109 9.08 38.41 92.03
CA TYR H 109 9.53 37.03 92.22
C TYR H 109 8.52 36.03 91.70
N LEU H 110 7.24 36.20 92.00
CA LEU H 110 6.23 35.22 91.64
C LEU H 110 5.96 35.19 90.13
N GLY H 111 6.07 36.32 89.45
CA GLY H 111 6.04 36.33 87.98
C GLY H 111 7.29 35.73 87.37
N THR H 112 8.46 35.97 87.97
CA THR H 112 9.74 35.46 87.48
C THR H 112 9.86 33.94 87.63
N MET H 113 9.24 33.34 88.64
CA MET H 113 9.15 31.89 88.74
C MET H 113 8.42 31.30 87.54
N ARG H 114 7.29 31.86 87.11
CA ARG H 114 6.51 31.30 86.00
C ARG H 114 7.28 31.25 84.68
N THR H 115 8.15 32.22 84.42
CA THR H 115 9.00 32.16 83.22
C THR H 115 10.17 31.23 83.42
N LYS H 116 10.78 31.16 84.60
CA LYS H 116 11.95 30.30 84.82
C LYS H 116 11.65 28.83 84.98
N VAL H 117 10.46 28.43 85.45
CA VAL H 117 10.05 27.02 85.36
C VAL H 117 9.86 26.56 83.93
N ALA H 118 9.43 27.43 83.01
CA ALA H 118 9.34 27.07 81.60
C ALA H 118 10.73 26.72 81.03
N THR H 119 11.76 27.49 81.38
CA THR H 119 13.14 27.11 81.08
C THR H 119 13.51 25.77 81.71
N ALA H 120 13.25 25.57 83.00
CA ALA H 120 13.60 24.32 83.65
C ALA H 120 12.94 23.11 82.98
N ILE H 121 11.68 23.24 82.59
CA ILE H 121 10.93 22.20 81.89
C ILE H 121 11.55 21.90 80.52
N ALA H 122 11.99 22.93 79.78
CA ALA H 122 12.70 22.70 78.52
C ALA H 122 14.02 21.95 78.74
N MET H 123 14.83 22.34 79.74
CA MET H 123 16.07 21.65 80.07
C MET H 123 15.83 20.18 80.43
N ALA H 124 14.82 19.91 81.25
CA ALA H 124 14.49 18.55 81.64
C ALA H 124 14.01 17.68 80.46
N PHE H 125 13.60 18.26 79.34
CA PHE H 125 13.28 17.52 78.13
C PHE H 125 14.52 17.16 77.32
N ASP H 126 15.48 18.08 77.17
CA ASP H 126 16.77 17.72 76.57
C ASP H 126 17.49 16.64 77.39
N ASN H 127 17.60 16.80 78.70
CA ASN H 127 18.27 15.82 79.54
C ASN H 127 17.59 14.44 79.52
N ALA H 128 16.27 14.37 79.35
CA ALA H 128 15.59 13.10 79.18
C ALA H 128 15.80 12.50 77.79
N ALA H 129 15.90 13.31 76.74
CA ALA H 129 16.03 12.82 75.38
C ALA H 129 17.45 12.37 75.03
N LEU H 130 18.47 13.12 75.42
CA LEU H 130 19.85 12.85 75.06
C LEU H 130 20.53 11.89 76.03
N HIS H 131 20.75 12.33 77.26
CA HIS H 131 21.45 11.58 78.30
C HIS H 131 20.58 10.58 79.05
N GLY H 132 19.26 10.67 78.92
CA GLY H 132 18.32 9.77 79.62
C GLY H 132 18.28 9.94 81.14
N THR H 133 18.67 11.10 81.68
CA THR H 133 19.09 11.23 83.10
C THR H 133 18.04 10.81 84.13
N ASN H 134 16.78 11.07 83.84
CA ASN H 134 15.67 10.83 84.76
C ASN H 134 14.38 10.54 83.99
N ALA H 135 14.50 9.91 82.82
CA ALA H 135 13.43 9.81 81.85
C ALA H 135 12.21 9.05 82.39
N PRO H 136 11.00 9.39 81.96
CA PRO H 136 9.83 8.58 82.23
C PRO H 136 9.93 7.30 81.43
N SER H 137 9.44 6.18 81.96
CA SER H 137 9.45 4.90 81.24
C SER H 137 8.62 4.91 79.95
N ALA H 138 7.74 5.89 79.80
CA ALA H 138 6.96 6.12 78.58
C ALA H 138 7.78 6.63 77.40
N PHE H 139 8.97 7.19 77.60
CA PHE H 139 9.87 7.59 76.51
C PHE H 139 10.67 6.38 76.02
N GLN H 140 10.67 6.14 74.72
CA GLN H 140 11.36 5.00 74.13
C GLN H 140 12.65 5.46 73.44
N GLY H 141 13.77 4.88 73.87
CA GLY H 141 15.12 5.26 73.45
C GLY H 141 15.60 6.58 74.04
N TYR H 142 16.92 6.74 74.14
CA TYR H 142 17.59 8.00 74.40
C TYR H 142 18.98 7.95 73.74
N LEU H 143 19.51 9.06 73.22
CA LEU H 143 20.63 8.94 72.27
C LEU H 143 21.91 8.36 72.88
N ASP H 144 22.18 8.53 74.17
CA ASP H 144 23.33 7.89 74.81
C ASP H 144 23.27 6.34 74.77
N GLN H 145 22.11 5.75 74.51
CA GLN H 145 21.93 4.32 74.33
C GLN H 145 22.50 3.78 73.01
N SER H 146 22.92 4.62 72.06
CA SER H 146 23.53 4.20 70.80
C SER H 146 24.87 3.49 70.97
N ASN H 147 25.17 2.51 70.13
CA ASN H 147 26.44 1.80 70.13
C ASN H 147 27.57 2.50 69.35
N LYS H 148 27.27 3.39 68.41
CA LYS H 148 28.30 4.05 67.59
C LYS H 148 28.98 5.19 68.35
N THR H 149 30.30 5.23 68.40
CA THR H 149 31.07 6.32 69.03
C THR H 149 32.27 6.73 68.18
N GLN H 150 32.75 7.97 68.38
CA GLN H 150 33.89 8.52 67.64
C GLN H 150 34.60 9.61 68.44
N SER H 151 35.90 9.48 68.65
CA SER H 151 36.69 10.57 69.23
C SER H 151 37.00 11.65 68.19
N ILE H 152 37.10 12.90 68.62
CA ILE H 152 37.40 14.05 67.74
C ILE H 152 38.64 14.85 68.17
N SER H 153 39.30 14.45 69.26
CA SER H 153 40.28 15.28 69.97
C SER H 153 41.51 15.76 69.17
N PRO H 154 42.26 14.90 68.46
CA PRO H 154 43.45 15.37 67.75
C PRO H 154 43.12 16.16 66.48
N ASN H 155 42.02 15.83 65.79
CA ASN H 155 41.67 16.39 64.49
C ASN H 155 40.16 16.22 64.26
N ALA H 156 39.40 17.29 64.52
CA ALA H 156 37.94 17.25 64.41
C ALA H 156 37.44 17.00 62.98
N TYR H 157 38.16 17.45 61.95
CA TYR H 157 37.77 17.22 60.56
C TYR H 157 37.83 15.73 60.20
N GLN H 158 38.95 15.07 60.49
CA GLN H 158 39.07 13.62 60.31
C GLN H 158 38.12 12.86 61.23
N GLY H 159 37.76 13.45 62.37
CA GLY H 159 36.72 12.97 63.27
C GLY H 159 35.36 12.91 62.59
N LEU H 160 34.73 14.05 62.32
CA LEU H 160 33.37 14.08 61.78
C LEU H 160 33.31 13.63 60.32
N GLY H 161 34.20 14.17 59.48
CA GLY H 161 34.04 14.16 58.02
C GLY H 161 34.47 12.88 57.33
N VAL H 162 35.16 11.98 58.05
CA VAL H 162 35.68 10.73 57.50
C VAL H 162 35.43 9.58 58.47
N SER H 163 36.05 9.59 59.66
CA SER H 163 35.96 8.47 60.60
C SER H 163 34.52 8.28 61.09
N GLY H 164 33.85 9.37 61.48
CA GLY H 164 32.47 9.37 61.91
C GLY H 164 31.52 9.01 60.78
N LEU H 165 31.50 9.81 59.71
CA LEU H 165 30.58 9.60 58.60
C LEU H 165 30.62 8.19 58.00
N THR H 166 31.80 7.56 57.96
CA THR H 166 31.94 6.18 57.49
C THR H 166 31.05 5.21 58.27
N LYS H 167 30.93 5.37 59.59
CA LYS H 167 30.13 4.49 60.44
C LYS H 167 28.63 4.59 60.15
N LEU H 168 28.18 5.70 59.58
CA LEU H 168 26.78 5.89 59.18
C LEU H 168 26.53 5.36 57.77
N VAL H 169 27.30 5.79 56.75
CA VAL H 169 27.00 5.40 55.37
C VAL H 169 27.18 3.90 55.14
N THR H 170 28.14 3.26 55.80
CA THR H 170 28.33 1.80 55.70
C THR H 170 27.23 0.98 56.37
N ASP H 171 26.39 1.61 57.20
CA ASP H 171 25.21 1.01 57.81
C ASP H 171 23.90 1.40 57.09
N GLY H 172 23.99 2.18 56.00
CA GLY H 172 22.83 2.61 55.22
C GLY H 172 22.01 3.74 55.85
N LYS H 173 22.61 4.56 56.72
CA LYS H 173 21.92 5.65 57.45
C LYS H 173 22.51 7.01 57.12
N LYS H 174 21.68 8.04 57.04
CA LYS H 174 22.06 9.41 56.64
C LYS H 174 22.66 10.20 57.80
N TRP H 175 23.40 11.27 57.49
CA TRP H 175 23.83 12.27 58.47
C TRP H 175 23.23 13.63 58.11
N THR H 176 22.42 14.23 58.99
CA THR H 176 21.66 15.44 58.64
C THR H 176 21.81 16.62 59.59
N HIS H 177 22.14 16.43 60.87
CA HIS H 177 22.39 17.51 61.83
C HIS H 177 23.49 17.14 62.81
N THR H 178 24.03 18.11 63.54
CA THR H 178 24.84 17.85 64.74
C THR H 178 24.53 18.78 65.89
N LEU H 179 24.59 18.26 67.10
CA LEU H 179 24.58 19.02 68.34
C LEU H 179 25.97 18.98 68.96
N LEU H 180 26.54 20.12 69.34
CA LEU H 180 27.87 20.22 69.95
C LEU H 180 27.84 21.10 71.20
N ASP H 181 28.62 20.75 72.20
CA ASP H 181 28.81 21.61 73.38
C ASP H 181 29.74 22.78 73.08
N ASP H 182 29.56 23.95 73.69
CA ASP H 182 30.50 25.07 73.55
C ASP H 182 31.95 24.68 73.85
N THR H 183 32.19 23.74 74.76
CA THR H 183 33.54 23.23 75.03
C THR H 183 34.18 22.52 73.85
N VAL H 184 33.43 22.20 72.80
CA VAL H 184 33.95 21.66 71.54
C VAL H 184 34.45 22.76 70.61
N GLU H 185 34.04 24.02 70.73
CA GLU H 185 34.49 25.03 69.78
C GLU H 185 36.02 25.23 69.77
N PRO H 186 36.75 25.23 70.90
CA PRO H 186 38.21 25.22 70.91
C PRO H 186 38.86 23.96 70.33
N VAL H 187 38.08 22.92 70.00
CA VAL H 187 38.54 21.70 69.34
C VAL H 187 38.18 21.71 67.86
N LEU H 188 37.10 22.39 67.49
CA LEU H 188 36.74 22.69 66.12
C LEU H 188 37.73 23.71 65.53
N ASN H 189 37.89 24.88 66.16
CA ASN H 189 39.08 25.71 65.99
C ASN H 189 40.32 24.93 66.42
N GLY H 190 41.49 25.29 65.92
CA GLY H 190 42.72 24.60 66.32
C GLY H 190 42.86 23.17 65.81
N SER H 191 41.85 22.64 65.10
CA SER H 191 42.07 21.54 64.18
C SER H 191 42.81 22.08 62.95
N VAL H 192 44.01 21.56 62.72
CA VAL H 192 44.98 22.11 61.77
C VAL H 192 45.66 21.00 60.99
N ASP H 193 46.24 21.36 59.86
CA ASP H 193 47.10 20.47 59.07
C ASP H 193 48.48 20.22 59.73
N ALA H 194 49.35 19.48 59.04
CA ALA H 194 50.70 19.17 59.50
C ALA H 194 51.68 20.38 59.61
N ASN H 195 51.32 21.59 59.18
CA ASN H 195 52.20 22.77 59.28
C ASN H 195 51.54 24.02 59.88
N GLY H 196 50.28 23.94 60.28
CA GLY H 196 49.63 24.84 61.22
C GLY H 196 48.37 25.54 60.70
N ARG H 197 47.90 25.29 59.48
CA ARG H 197 46.75 26.02 58.91
C ARG H 197 45.41 25.37 59.29
N PRO H 198 44.37 26.13 59.66
CA PRO H 198 43.09 25.56 60.09
C PRO H 198 42.35 24.84 58.98
N LEU H 199 41.63 23.78 59.36
CA LEU H 199 40.92 22.91 58.43
C LEU H 199 39.52 23.44 58.10
N PHE H 200 38.74 23.84 59.10
CA PHE H 200 37.47 24.53 58.87
C PHE H 200 37.69 25.99 58.51
N VAL H 201 37.19 26.42 57.36
CA VAL H 201 36.88 27.85 57.12
C VAL H 201 35.41 28.14 57.48
N GLU H 202 34.60 27.09 57.51
CA GLU H 202 33.23 27.04 58.03
C GLU H 202 33.16 27.54 59.49
N SER H 203 32.11 28.29 59.81
CA SER H 203 31.98 29.00 61.09
C SER H 203 30.53 29.29 61.44
N THR H 204 30.29 29.72 62.68
CA THR H 204 28.97 29.75 63.32
C THR H 204 28.66 31.11 63.96
N TYR H 205 27.38 31.42 64.13
CA TYR H 205 26.87 32.77 64.41
C TYR H 205 25.81 32.77 65.50
N GLU H 206 25.61 33.90 66.16
CA GLU H 206 24.47 34.12 67.07
C GLU H 206 23.16 34.28 66.28
N SER H 207 22.04 34.39 66.98
CA SER H 207 20.78 34.89 66.42
C SER H 207 20.02 35.70 67.47
N LEU H 208 19.24 36.69 67.02
CA LEU H 208 18.89 37.86 67.84
C LEU H 208 18.04 37.58 69.09
N THR H 209 17.28 36.48 69.08
CA THR H 209 16.37 36.08 70.18
C THR H 209 16.59 34.64 70.61
N THR H 210 17.81 34.12 70.45
CA THR H 210 18.15 32.71 70.65
C THR H 210 19.45 32.57 71.46
N PRO H 211 19.55 31.69 72.45
CA PRO H 211 20.76 31.51 73.25
C PRO H 211 21.83 30.68 72.53
N PHE H 212 21.43 29.84 71.59
CA PHE H 212 22.30 28.96 70.80
C PHE H 212 23.20 29.75 69.83
N ARG H 213 24.17 29.05 69.25
CA ARG H 213 24.89 29.51 68.06
C ARG H 213 24.76 28.46 66.97
N GLU H 214 24.74 28.88 65.72
CA GLU H 214 24.34 28.01 64.60
C GLU H 214 25.14 28.27 63.33
N GLY H 215 25.28 27.28 62.46
CA GLY H 215 25.91 27.41 61.15
C GLY H 215 25.92 26.08 60.38
N ARG H 216 26.57 26.04 59.20
CA ARG H 216 26.73 24.83 58.40
C ARG H 216 28.14 24.28 58.61
N ILE H 217 28.28 23.00 58.92
CA ILE H 217 29.57 22.31 59.05
C ILE H 217 29.55 21.10 58.12
N LEU H 218 30.51 21.01 57.19
CA LEU H 218 30.50 19.99 56.13
C LEU H 218 29.13 19.88 55.44
N GLY H 219 28.52 21.03 55.22
CA GLY H 219 27.16 21.19 54.71
C GLY H 219 26.03 21.00 55.73
N ARG H 220 26.19 20.22 56.81
CA ARG H 220 25.08 19.91 57.73
C ARG H 220 24.77 21.07 58.67
N PRO H 221 23.50 21.45 58.87
CA PRO H 221 23.08 22.33 59.95
C PRO H 221 23.62 21.87 61.31
N THR H 222 24.18 22.80 62.06
CA THR H 222 24.90 22.51 63.30
C THR H 222 24.51 23.49 64.39
N ILE H 223 24.25 23.01 65.61
CA ILE H 223 23.95 23.83 66.77
C ILE H 223 25.05 23.69 67.81
N LEU H 224 25.51 24.81 68.37
CA LEU H 224 26.38 24.88 69.54
C LEU H 224 25.57 25.33 70.76
N SER H 225 25.77 24.69 71.90
CA SER H 225 24.96 24.90 73.11
C SER H 225 25.76 24.71 74.40
N ASP H 226 25.30 25.27 75.51
CA ASP H 226 26.04 25.37 76.77
C ASP H 226 25.89 24.18 77.72
N HIS H 227 25.10 23.16 77.38
CA HIS H 227 24.75 22.08 78.32
C HIS H 227 24.57 20.69 77.70
N VAL H 228 24.96 20.48 76.44
CA VAL H 228 24.78 19.18 75.78
C VAL H 228 25.84 18.15 76.20
N ALA H 229 27.00 18.54 76.72
CA ALA H 229 27.97 17.57 77.20
C ALA H 229 27.58 16.89 78.53
N GLU H 230 27.85 15.60 78.65
CA GLU H 230 27.87 14.87 79.93
C GLU H 230 28.87 13.70 79.88
N GLY H 231 29.60 13.48 80.97
CA GLY H 231 30.63 12.44 81.02
C GLY H 231 31.69 12.64 79.92
N ASP H 232 32.02 11.56 79.22
CA ASP H 232 32.95 11.61 78.09
C ASP H 232 32.32 12.14 76.78
N VAL H 233 31.00 12.35 76.73
CA VAL H 233 30.28 12.69 75.50
C VAL H 233 30.05 14.20 75.40
N VAL H 234 30.41 14.78 74.26
CA VAL H 234 30.40 16.23 74.04
C VAL H 234 29.58 16.66 72.84
N GLY H 235 28.98 15.72 72.12
CA GLY H 235 28.12 16.03 70.99
C GLY H 235 27.52 14.79 70.33
N TYR H 236 26.59 15.02 69.42
CA TYR H 236 25.89 13.98 68.69
C TYR H 236 25.80 14.34 67.22
N ALA H 237 25.91 13.34 66.35
CA ALA H 237 25.74 13.48 64.92
C ALA H 237 24.86 12.33 64.40
N GLY H 238 23.90 12.60 63.52
CA GLY H 238 23.04 11.54 63.00
C GLY H 238 21.91 12.04 62.13
N ASP H 239 20.92 11.19 61.89
CA ASP H 239 19.68 11.56 61.24
C ASP H 239 18.60 11.91 62.27
N PHE H 240 18.50 13.20 62.62
CA PHE H 240 17.51 13.65 63.57
C PHE H 240 16.06 13.55 63.07
N SER H 241 15.80 13.25 61.80
CA SER H 241 14.42 12.97 61.37
C SER H 241 13.85 11.68 61.98
N GLN H 242 14.70 10.84 62.56
CA GLN H 242 14.28 9.66 63.32
C GLN H 242 13.69 9.99 64.70
N ILE H 243 13.61 11.26 65.11
CA ILE H 243 13.02 11.68 66.38
C ILE H 243 11.70 12.41 66.13
N ILE H 244 10.63 12.01 66.78
CA ILE H 244 9.37 12.77 66.82
C ILE H 244 9.00 13.08 68.25
N TRP H 245 8.45 14.26 68.46
CA TRP H 245 8.01 14.73 69.76
C TRP H 245 6.69 15.47 69.64
N GLY H 246 5.96 15.62 70.74
CA GLY H 246 4.73 16.39 70.76
C GLY H 246 4.38 16.85 72.15
N GLN H 247 3.56 17.88 72.26
CA GLN H 247 3.10 18.45 73.51
C GLN H 247 1.59 18.32 73.60
N VAL H 248 1.08 17.97 74.78
CA VAL H 248 -0.37 17.86 75.00
C VAL H 248 -0.85 19.09 75.74
N GLY H 249 -1.77 19.83 75.15
CA GLY H 249 -2.25 21.10 75.69
C GLY H 249 -1.12 22.13 75.75
N GLY H 250 -0.89 22.71 76.92
CA GLY H 250 0.18 23.67 77.16
C GLY H 250 0.55 23.77 78.63
N LEU H 251 1.56 24.57 78.94
CA LEU H 251 2.06 24.76 80.30
C LEU H 251 0.96 25.31 81.20
N SER H 252 0.66 24.63 82.31
CA SER H 252 -0.51 24.91 83.14
C SER H 252 -0.15 25.17 84.60
N PHE H 253 -0.87 26.12 85.23
CA PHE H 253 -0.61 26.62 86.58
C PHE H 253 -1.87 26.55 87.46
N ASP H 254 -1.75 26.00 88.66
CA ASP H 254 -2.75 26.07 89.73
C ASP H 254 -2.17 26.75 90.96
N VAL H 255 -2.99 27.46 91.73
CA VAL H 255 -2.58 28.10 92.99
C VAL H 255 -3.53 27.72 94.11
N THR H 256 -3.01 27.50 95.32
CA THR H 256 -3.81 27.05 96.46
C THR H 256 -3.28 27.58 97.79
N ASP H 257 -4.18 27.77 98.75
CA ASP H 257 -3.88 28.09 100.13
C ASP H 257 -4.42 27.05 101.12
N GLN H 258 -5.18 26.05 100.66
CA GLN H 258 -5.84 25.07 101.53
C GLN H 258 -5.11 23.73 101.66
N ALA H 259 -4.21 23.40 100.75
CA ALA H 259 -3.56 22.10 100.72
C ALA H 259 -2.65 21.84 101.93
N THR H 260 -2.23 20.60 102.10
CA THR H 260 -1.15 20.18 103.02
C THR H 260 -0.08 19.48 102.21
N LEU H 261 1.18 19.88 102.32
CA LEU H 261 2.25 19.38 101.46
C LEU H 261 3.27 18.58 102.25
N ASN H 262 3.83 17.53 101.65
CA ASN H 262 4.94 16.81 102.23
C ASN H 262 6.25 17.44 101.79
N LEU H 263 6.98 18.08 102.71
CA LEU H 263 8.30 18.63 102.46
C LEU H 263 9.41 17.58 102.47
N GLY H 264 9.12 16.37 102.99
CA GLY H 264 10.04 15.24 103.02
C GLY H 264 9.89 14.37 101.79
N SER H 265 9.74 13.06 101.99
CA SER H 265 9.40 12.10 100.93
C SER H 265 8.34 11.11 101.42
N GLN H 266 7.70 10.35 100.54
CA GLN H 266 6.61 9.45 100.94
C GLN H 266 7.11 8.30 101.84
N GLU H 267 8.42 8.02 101.84
CA GLU H 267 9.09 7.05 102.71
C GLU H 267 9.49 7.61 104.08
N SER H 268 9.50 8.93 104.27
CA SER H 268 9.92 9.60 105.52
C SER H 268 9.28 11.00 105.61
N PRO H 269 7.97 11.08 105.90
CA PRO H 269 7.19 12.30 105.74
C PRO H 269 7.59 13.47 106.63
N ASN H 270 7.24 14.67 106.19
CA ASN H 270 7.32 15.90 106.94
C ASN H 270 6.25 16.87 106.41
N PHE H 271 5.03 16.79 106.94
CA PHE H 271 3.90 17.55 106.41
C PHE H 271 3.84 18.98 106.95
N VAL H 272 3.37 19.91 106.12
CA VAL H 272 3.00 21.28 106.52
C VAL H 272 1.66 21.66 105.91
N SER H 273 0.73 22.13 106.74
CA SER H 273 -0.56 22.64 106.26
C SER H 273 -0.39 24.07 105.78
N LEU H 274 -0.68 24.37 104.51
CA LEU H 274 -0.54 25.73 104.00
C LEU H 274 -1.49 26.67 104.74
N TRP H 275 -2.71 26.21 105.00
CA TRP H 275 -3.75 27.03 105.62
C TRP H 275 -3.44 27.38 107.06
N GLN H 276 -2.91 26.45 107.85
CA GLN H 276 -2.56 26.71 109.24
C GLN H 276 -1.28 27.54 109.40
N HIS H 277 -0.37 27.53 108.43
CA HIS H 277 0.85 28.35 108.43
C HIS H 277 0.72 29.63 107.62
N ASN H 278 -0.45 29.94 107.05
CA ASN H 278 -0.67 31.12 106.21
C ASN H 278 0.27 31.18 105.00
N LEU H 279 0.52 30.04 104.35
CA LEU H 279 1.35 29.92 103.15
C LEU H 279 0.49 29.82 101.88
N VAL H 280 1.09 29.96 100.71
CA VAL H 280 0.44 29.78 99.39
C VAL H 280 1.37 28.96 98.49
N ALA H 281 0.84 28.02 97.72
CA ALA H 281 1.63 27.19 96.82
C ALA H 281 1.14 27.28 95.37
N VAL H 282 2.06 27.23 94.41
CA VAL H 282 1.79 27.20 92.97
C VAL H 282 2.28 25.90 92.38
N ARG H 283 1.44 25.19 91.63
CA ARG H 283 1.67 23.85 91.08
C ARG H 283 1.67 23.92 89.57
N VAL H 284 2.76 23.50 88.94
CA VAL H 284 3.02 23.65 87.51
C VAL H 284 3.08 22.30 86.82
N GLU H 285 2.46 22.14 85.66
CA GLU H 285 2.47 20.91 84.87
C GLU H 285 2.61 21.16 83.38
N ALA H 286 3.26 20.24 82.67
CA ALA H 286 3.18 20.08 81.23
C ALA H 286 3.26 18.60 80.87
N GLU H 287 2.79 18.22 79.69
CA GLU H 287 2.87 16.84 79.19
C GLU H 287 3.47 16.78 77.80
N TYR H 288 4.44 15.90 77.62
CA TYR H 288 5.15 15.69 76.36
C TYR H 288 5.21 14.21 76.02
N GLY H 289 5.33 13.90 74.73
CA GLY H 289 5.72 12.58 74.24
C GLY H 289 6.95 12.68 73.37
N LEU H 290 7.78 11.64 73.37
CA LEU H 290 8.99 11.51 72.55
C LEU H 290 9.12 10.08 72.07
N LEU H 291 9.48 9.87 70.81
CA LEU H 291 9.90 8.57 70.31
C LEU H 291 11.12 8.75 69.41
N ILE H 292 12.14 7.92 69.63
CA ILE H 292 13.31 7.80 68.77
C ILE H 292 13.19 6.49 68.00
N ASN H 293 13.12 6.55 66.67
CA ASN H 293 12.78 5.38 65.86
C ASN H 293 13.82 4.26 65.98
N ASP H 294 15.10 4.62 65.93
CA ASP H 294 16.24 3.72 65.98
C ASP H 294 17.44 4.47 66.58
N VAL H 295 17.79 4.18 67.84
CA VAL H 295 18.90 4.87 68.50
C VAL H 295 20.25 4.59 67.83
N ASN H 296 20.41 3.46 67.16
CA ASN H 296 21.66 3.11 66.50
C ASN H 296 21.93 3.97 65.26
N ALA H 297 21.05 4.90 64.91
CA ALA H 297 21.25 5.87 63.83
C ALA H 297 22.16 7.06 64.19
N PHE H 298 22.62 7.19 65.44
CA PHE H 298 23.35 8.36 65.90
C PHE H 298 24.73 8.00 66.44
N VAL H 299 25.72 8.85 66.16
CA VAL H 299 27.10 8.70 66.60
C VAL H 299 27.37 9.62 67.79
N LYS H 300 27.90 9.06 68.88
CA LYS H 300 28.27 9.84 70.08
C LYS H 300 29.71 10.34 69.96
N LEU H 301 29.95 11.62 70.22
CA LEU H 301 31.25 12.28 70.00
C LEU H 301 31.99 12.52 71.31
N THR H 302 33.29 12.24 71.38
CA THR H 302 34.07 12.30 72.64
C THR H 302 35.45 12.95 72.48
N PHE H 303 36.06 13.36 73.59
CA PHE H 303 37.45 13.83 73.62
C PHE H 303 38.49 12.74 73.93
N ASP H 304 38.14 11.46 73.82
CA ASP H 304 39.10 10.38 74.17
C ASP H 304 40.40 10.50 73.36
N PRO H 305 41.58 10.44 74.01
CA PRO H 305 42.84 10.65 73.34
C PRO H 305 43.23 9.44 72.49
N VAL H 306 44.19 9.62 71.59
CA VAL H 306 44.82 8.49 70.89
C VAL H 306 45.72 7.76 71.88
N LEU H 307 45.23 6.66 72.44
CA LEU H 307 46.01 5.80 73.33
C LEU H 307 47.10 5.05 72.56
N THR H 308 48.03 4.45 73.29
CA THR H 308 49.04 3.51 72.81
C THR H 308 49.38 2.54 73.93
N THR H 309 49.79 1.34 73.56
CA THR H 309 50.02 0.21 74.45
C THR H 309 51.44 -0.30 74.35
N TYR H 310 51.99 -0.73 75.47
CA TYR H 310 53.41 -1.06 75.63
C TYR H 310 53.58 -2.26 76.56
N ALA H 311 54.72 -2.94 76.45
CA ALA H 311 55.17 -3.96 77.39
C ALA H 311 56.56 -3.65 77.95
N LEU H 312 56.79 -3.97 79.22
CA LEU H 312 58.01 -3.66 79.97
C LEU H 312 58.71 -4.94 80.45
N ASP H 313 59.48 -5.57 79.56
CA ASP H 313 60.28 -6.75 79.88
C ASP H 313 61.49 -6.37 80.74
N LEU H 314 61.51 -6.81 82.00
CA LEU H 314 62.59 -6.52 82.94
C LEU H 314 63.84 -7.40 82.78
N ASP H 315 63.93 -8.25 81.75
CA ASP H 315 65.10 -9.10 81.48
C ASP H 315 65.48 -10.01 82.67
N GLY H 316 64.46 -10.53 83.36
CA GLY H 316 64.64 -11.38 84.54
C GLY H 316 65.25 -10.69 85.77
N ALA H 317 65.33 -9.36 85.80
CA ALA H 317 65.99 -8.62 86.87
C ALA H 317 65.37 -8.85 88.26
N SER H 318 66.21 -8.81 89.29
CA SER H 318 65.86 -9.11 90.69
C SER H 318 66.40 -8.09 91.70
N ALA H 319 67.02 -7.00 91.23
CA ALA H 319 67.55 -5.93 92.07
C ALA H 319 67.52 -4.58 91.34
N GLY H 320 67.41 -3.50 92.11
CA GLY H 320 67.41 -2.12 91.60
C GLY H 320 66.04 -1.57 91.24
N ASN H 321 66.04 -0.45 90.52
CA ASN H 321 64.82 0.31 90.19
C ASN H 321 64.94 1.02 88.82
N PHE H 322 63.80 1.37 88.23
CA PHE H 322 63.72 1.97 86.90
C PHE H 322 62.82 3.21 86.90
N THR H 323 63.08 4.18 86.02
CA THR H 323 62.22 5.38 85.91
C THR H 323 61.42 5.33 84.62
N LEU H 324 60.09 5.37 84.71
CA LEU H 324 59.22 5.56 83.54
C LEU H 324 59.02 7.04 83.25
N SER H 325 58.87 7.40 81.98
CA SER H 325 58.58 8.77 81.57
C SER H 325 57.59 8.85 80.40
N LEU H 326 56.66 9.80 80.48
CA LEU H 326 55.75 10.17 79.40
C LEU H 326 56.23 11.48 78.77
N ASP H 327 56.51 11.47 77.47
CA ASP H 327 56.93 12.66 76.72
C ASP H 327 58.07 13.48 77.39
N GLY H 328 58.98 12.81 78.09
CA GLY H 328 60.10 13.43 78.82
C GLY H 328 59.79 13.87 80.25
N LYS H 329 58.53 13.86 80.71
CA LYS H 329 58.16 14.08 82.12
C LYS H 329 58.44 12.81 82.93
N THR H 330 59.16 12.87 84.03
CA THR H 330 59.71 11.69 84.72
C THR H 330 58.96 11.32 85.99
N SER H 331 58.60 10.05 86.14
CA SER H 331 58.03 9.49 87.38
C SER H 331 59.06 9.42 88.51
N ALA H 332 58.60 9.19 89.75
CA ALA H 332 59.46 8.63 90.80
C ALA H 332 59.75 7.16 90.47
N ASN H 333 61.00 6.70 90.68
CA ASN H 333 61.44 5.38 90.23
C ASN H 333 60.71 4.22 90.92
N ILE H 334 60.64 3.09 90.20
CA ILE H 334 59.85 1.90 90.54
C ILE H 334 60.80 0.71 90.77
N ALA H 335 60.61 -0.01 91.88
CA ALA H 335 61.42 -1.18 92.21
C ALA H 335 61.14 -2.38 91.31
N TYR H 336 62.14 -3.25 91.14
CA TYR H 336 62.16 -4.41 90.24
C TYR H 336 60.97 -5.40 90.36
N ASN H 337 60.22 -5.37 91.46
CA ASN H 337 59.12 -6.29 91.77
C ASN H 337 57.82 -5.58 92.21
N ALA H 338 57.68 -4.29 91.91
CA ALA H 338 56.51 -3.50 92.31
C ALA H 338 55.17 -4.01 91.70
N SER H 339 54.06 -3.85 92.42
CA SER H 339 52.73 -4.24 91.95
C SER H 339 52.21 -3.38 90.80
N THR H 340 51.27 -3.88 90.01
CA THR H 340 50.61 -3.11 88.93
C THR H 340 49.97 -1.82 89.43
N ALA H 341 49.33 -1.84 90.61
CA ALA H 341 48.78 -0.65 91.25
C ALA H 341 49.86 0.36 91.66
N THR H 342 51.06 -0.12 92.04
CA THR H 342 52.21 0.75 92.26
C THR H 342 52.63 1.42 90.95
N VAL H 343 52.67 0.68 89.84
CA VAL H 343 53.01 1.26 88.53
C VAL H 343 51.98 2.30 88.09
N LYS H 344 50.67 1.98 88.14
CA LYS H 344 49.62 2.92 87.72
C LYS H 344 49.69 4.21 88.56
N SER H 345 49.74 4.09 89.87
CA SER H 345 49.84 5.25 90.76
C SER H 345 51.13 6.05 90.53
N ALA H 346 52.28 5.39 90.38
CA ALA H 346 53.54 6.08 90.07
C ALA H 346 53.52 6.81 88.73
N ILE H 347 52.78 6.30 87.73
CA ILE H 347 52.59 7.00 86.46
C ILE H 347 51.65 8.20 86.60
N VAL H 348 50.44 8.05 87.15
CA VAL H 348 49.54 9.22 87.23
C VAL H 348 50.10 10.32 88.13
N ALA H 349 50.92 9.95 89.12
CA ALA H 349 51.67 10.88 89.95
C ALA H 349 52.86 11.57 89.26
N ILE H 350 53.08 11.38 87.95
CA ILE H 350 54.06 12.20 87.20
C ILE H 350 53.68 13.69 87.27
N ASP H 351 52.38 14.00 87.37
CA ASP H 351 51.86 15.37 87.25
C ASP H 351 52.37 16.02 85.95
N ASP H 352 52.66 17.32 85.94
CA ASP H 352 53.33 17.97 84.81
C ASP H 352 52.55 17.78 83.48
N GLY H 353 51.22 17.69 83.58
CA GLY H 353 50.26 17.41 82.51
C GLY H 353 49.61 16.01 82.60
N VAL H 354 50.26 15.06 83.26
CA VAL H 354 49.77 13.68 83.45
C VAL H 354 48.76 13.61 84.59
N SER H 355 47.65 12.88 84.38
CA SER H 355 46.46 12.97 85.21
C SER H 355 45.75 11.62 85.40
N ALA H 356 44.86 11.55 86.39
CA ALA H 356 44.18 10.31 86.76
C ALA H 356 43.38 9.69 85.60
N ASP H 357 43.48 8.37 85.43
CA ASP H 357 42.82 7.59 84.38
C ASP H 357 43.10 8.04 82.93
N ASP H 358 44.18 8.81 82.71
CA ASP H 358 44.90 8.78 81.43
C ASP H 358 45.42 7.36 81.11
N VAL H 359 45.58 6.51 82.13
CA VAL H 359 46.45 5.34 82.11
C VAL H 359 45.75 4.10 82.66
N THR H 360 46.04 2.92 82.12
CA THR H 360 45.78 1.66 82.84
C THR H 360 46.80 0.57 82.51
N VAL H 361 46.97 -0.36 83.45
CA VAL H 361 48.12 -1.28 83.55
C VAL H 361 47.64 -2.69 83.94
N THR H 362 48.27 -3.72 83.37
CA THR H 362 47.98 -5.14 83.62
C THR H 362 49.24 -6.01 83.59
N GLY H 363 49.14 -7.24 84.09
CA GLY H 363 50.22 -8.24 84.00
C GLY H 363 50.87 -8.61 85.34
N SER H 364 51.98 -9.33 85.26
CA SER H 364 52.79 -9.77 86.40
C SER H 364 53.56 -8.63 87.07
N ALA H 365 54.13 -8.90 88.25
CA ALA H 365 55.19 -8.07 88.81
C ALA H 365 56.47 -8.22 87.97
N GLY H 366 56.87 -7.16 87.27
CA GLY H 366 57.77 -7.24 86.13
C GLY H 366 57.09 -7.87 84.89
N ASP H 367 57.59 -7.57 83.70
CA ASP H 367 56.91 -7.92 82.43
C ASP H 367 55.48 -7.31 82.35
N TYR H 368 55.35 -6.05 82.75
CA TYR H 368 54.08 -5.32 82.76
C TYR H 368 53.57 -5.03 81.35
N THR H 369 52.25 -4.88 81.21
CA THR H 369 51.59 -4.25 80.07
C THR H 369 50.98 -2.91 80.48
N ILE H 370 51.30 -1.85 79.73
CA ILE H 370 50.99 -0.46 80.04
C ILE H 370 50.17 0.15 78.90
N THR H 371 49.18 0.99 79.20
CA THR H 371 48.41 1.72 78.19
C THR H 371 48.24 3.19 78.58
N VAL H 372 48.52 4.12 77.66
CA VAL H 372 48.64 5.57 77.92
C VAL H 372 48.40 6.39 76.65
N PRO H 373 48.06 7.69 76.74
CA PRO H 373 48.26 8.63 75.65
C PRO H 373 49.75 8.97 75.49
N GLY H 374 50.14 9.48 74.33
CA GLY H 374 51.51 9.98 74.10
C GLY H 374 52.59 8.89 74.08
N THR H 375 53.85 9.31 74.22
CA THR H 375 55.01 8.41 74.11
C THR H 375 55.49 7.97 75.49
N LEU H 376 55.48 6.66 75.73
CA LEU H 376 56.08 6.07 76.92
C LEU H 376 57.57 5.79 76.68
N THR H 377 58.37 5.94 77.73
CA THR H 377 59.81 5.63 77.73
C THR H 377 60.19 5.04 79.09
N ALA H 378 61.26 4.25 79.12
CA ALA H 378 61.69 3.56 80.33
C ALA H 378 63.23 3.60 80.50
N ASP H 379 63.66 3.97 81.70
CA ASP H 379 65.06 4.10 82.10
C ASP H 379 65.45 2.96 83.05
N PHE H 380 65.91 1.85 82.49
CA PHE H 380 66.35 0.67 83.25
C PHE H 380 67.77 0.80 83.84
N SER H 381 68.37 1.99 83.78
CA SER H 381 69.77 2.22 84.16
C SER H 381 70.09 1.90 85.63
N GLY H 382 69.12 2.03 86.53
CA GLY H 382 69.23 1.63 87.94
C GLY H 382 68.81 0.18 88.25
N LEU H 383 68.29 -0.55 87.26
CA LEU H 383 67.77 -1.92 87.40
C LEU H 383 68.90 -2.92 87.11
N THR H 384 69.85 -3.02 88.05
CA THR H 384 71.23 -3.49 87.81
C THR H 384 71.37 -4.85 87.12
N ASP H 385 70.49 -5.82 87.40
CA ASP H 385 70.54 -7.15 86.76
C ASP H 385 70.13 -7.13 85.28
N GLY H 386 69.21 -6.24 84.90
CA GLY H 386 68.50 -6.28 83.63
C GLY H 386 69.21 -5.52 82.52
N GLU H 387 70.43 -5.92 82.15
CA GLU H 387 71.21 -5.20 81.13
C GLU H 387 70.52 -5.15 79.75
N GLY H 388 69.63 -6.11 79.45
CA GLY H 388 68.76 -6.13 78.27
C GLY H 388 67.30 -5.74 78.55
N ALA H 389 66.96 -5.19 79.72
CA ALA H 389 65.59 -4.78 80.03
C ALA H 389 65.07 -3.74 79.02
N SER H 390 63.80 -3.87 78.61
CA SER H 390 63.29 -3.30 77.37
C SER H 390 61.84 -2.86 77.43
N ILE H 391 61.52 -1.79 76.69
CA ILE H 391 60.16 -1.31 76.43
C ILE H 391 59.78 -1.60 74.97
N SER H 392 58.65 -2.27 74.76
CA SER H 392 58.13 -2.64 73.43
C SER H 392 56.80 -1.97 73.16
N VAL H 393 56.65 -1.25 72.03
CA VAL H 393 55.34 -0.82 71.54
C VAL H 393 54.55 -2.05 71.08
N VAL H 394 53.40 -2.30 71.69
CA VAL H 394 52.53 -3.43 71.35
C VAL H 394 51.55 -3.03 70.24
N SER H 395 50.82 -1.92 70.43
CA SER H 395 49.97 -1.30 69.41
C SER H 395 49.64 0.15 69.77
N VAL H 396 49.41 1.01 68.78
CA VAL H 396 48.64 2.26 68.96
C VAL H 396 47.16 1.89 69.18
N GLY H 397 46.41 2.76 69.88
CA GLY H 397 45.04 2.52 70.36
C GLY H 397 44.99 1.83 71.71
N GLY I 2 57.47 86.39 31.38
CA GLY I 2 57.79 85.88 32.72
C GLY I 2 58.50 86.98 33.49
N PHE I 3 57.93 87.39 34.62
CA PHE I 3 58.29 88.66 35.27
C PHE I 3 58.38 88.52 36.78
N SER I 4 59.24 89.32 37.41
CA SER I 4 59.28 89.48 38.86
C SER I 4 57.92 89.92 39.41
N ALA I 5 57.67 89.72 40.70
CA ALA I 5 56.70 90.57 41.41
C ALA I 5 57.22 92.01 41.45
N ASP I 6 56.32 92.99 41.55
CA ASP I 6 56.66 94.42 41.53
C ASP I 6 57.52 94.80 40.30
N HIS I 7 57.23 94.20 39.15
CA HIS I 7 57.80 94.55 37.85
C HIS I 7 57.37 95.96 37.45
N SER I 8 58.25 96.71 36.79
CA SER I 8 58.03 98.13 36.53
C SER I 8 56.93 98.45 35.52
N GLN I 9 56.46 97.48 34.73
CA GLN I 9 55.57 97.73 33.59
C GLN I 9 54.25 96.96 33.59
N ILE I 10 54.08 95.92 34.41
CA ILE I 10 52.92 95.03 34.36
C ILE I 10 52.28 94.90 35.75
N ALA I 11 50.95 94.99 35.83
CA ALA I 11 50.23 94.77 37.08
C ALA I 11 49.90 93.28 37.27
N GLN I 12 50.37 92.69 38.34
CA GLN I 12 50.18 91.27 38.67
C GLN I 12 49.56 91.11 40.05
N THR I 13 48.79 90.05 40.27
CA THR I 13 48.25 89.72 41.60
C THR I 13 49.36 89.48 42.62
N LYS I 14 50.54 89.03 42.18
CA LYS I 14 51.78 88.95 42.95
C LYS I 14 52.24 90.27 43.58
N ASP I 15 51.87 91.42 43.03
CA ASP I 15 52.45 92.71 43.44
C ASP I 15 52.07 93.10 44.86
N THR I 16 53.01 93.69 45.59
CA THR I 16 52.82 94.08 46.99
C THR I 16 51.71 95.12 47.17
N MET I 17 51.46 95.96 46.18
CA MET I 17 50.37 96.93 46.20
C MET I 17 48.97 96.33 46.40
N PHE I 18 48.75 95.04 46.12
CA PHE I 18 47.46 94.38 46.31
C PHE I 18 47.33 93.63 47.64
N THR I 19 48.31 93.75 48.53
CA THR I 19 48.30 93.08 49.84
C THR I 19 47.02 93.40 50.62
N GLY I 20 46.31 92.37 51.07
CA GLY I 20 45.09 92.52 51.85
C GLY I 20 43.80 92.73 51.05
N TYR I 21 43.87 92.81 49.72
CA TYR I 21 42.68 92.80 48.85
C TYR I 21 42.33 91.40 48.32
N LEU I 22 43.10 90.39 48.72
CA LEU I 22 43.13 89.06 48.12
C LEU I 22 42.89 87.97 49.18
N ASP I 23 42.09 88.27 50.22
CA ASP I 23 41.90 87.37 51.35
C ASP I 23 41.17 86.08 50.94
N PRO I 24 41.72 84.89 51.25
CA PRO I 24 41.03 83.62 51.07
C PRO I 24 39.70 83.56 51.80
N VAL I 25 38.77 82.72 51.34
CA VAL I 25 37.56 82.42 52.10
C VAL I 25 37.86 81.45 53.24
N GLN I 26 37.35 81.70 54.44
CA GLN I 26 37.46 80.75 55.56
C GLN I 26 36.53 79.56 55.32
N ALA I 27 37.03 78.34 55.56
CA ALA I 27 36.27 77.11 55.35
C ALA I 27 36.38 76.14 56.53
N LYS I 28 35.52 75.12 56.53
CA LYS I 28 35.51 74.00 57.48
C LYS I 28 36.86 73.28 57.56
N ASP I 29 37.18 72.68 58.70
CA ASP I 29 38.32 71.76 58.81
C ASP I 29 38.00 70.43 58.13
N TYR I 30 38.52 70.23 56.92
CA TYR I 30 38.34 69.00 56.15
C TYR I 30 39.28 67.87 56.57
N PHE I 31 40.40 68.16 57.22
CA PHE I 31 41.39 67.14 57.56
C PHE I 31 41.05 66.38 58.85
N ALA I 32 40.25 66.96 59.75
CA ALA I 32 39.81 66.27 60.96
C ALA I 32 38.92 65.05 60.66
N GLU I 33 39.12 63.97 61.40
CA GLU I 33 38.30 62.75 61.31
C GLU I 33 36.87 62.96 61.83
N ALA I 34 35.96 62.03 61.51
CA ALA I 34 34.66 61.96 62.17
C ALA I 34 34.83 61.81 63.69
N GLU I 35 33.99 62.47 64.49
CA GLU I 35 34.23 62.57 65.93
C GLU I 35 34.15 61.21 66.65
N LYS I 36 35.19 60.91 67.44
CA LYS I 36 35.36 59.64 68.15
C LYS I 36 34.37 59.51 69.30
N THR I 37 33.25 58.85 69.03
CA THR I 37 32.37 58.24 70.05
C THR I 37 33.10 57.14 70.83
N SER I 38 32.54 56.68 71.94
CA SER I 38 33.19 55.69 72.80
C SER I 38 32.93 54.26 72.34
N ILE I 39 33.94 53.41 72.20
CA ILE I 39 33.74 52.04 71.73
C ILE I 39 32.89 51.23 72.70
N VAL I 40 33.01 51.44 74.02
CA VAL I 40 32.20 50.69 74.99
C VAL I 40 30.73 50.91 74.75
N GLN I 41 30.28 52.15 74.55
CA GLN I 41 28.86 52.42 74.28
C GLN I 41 28.36 51.83 72.96
N ARG I 42 29.24 51.45 72.02
CA ARG I 42 28.85 50.79 70.78
C ARG I 42 28.57 49.30 70.97
N VAL I 43 29.24 48.63 71.90
CA VAL I 43 29.09 47.18 72.13
C VAL I 43 28.26 46.83 73.37
N ALA I 44 28.29 47.63 74.43
CA ALA I 44 27.52 47.42 75.65
C ALA I 44 26.05 47.84 75.51
N GLN I 45 25.16 47.28 76.33
CA GLN I 45 23.74 47.57 76.29
C GLN I 45 23.39 48.91 76.97
N LYS I 46 22.77 49.84 76.25
CA LYS I 46 22.22 51.08 76.82
C LYS I 46 20.91 50.80 77.54
N ILE I 47 20.70 51.34 78.73
CA ILE I 47 19.45 51.20 79.49
C ILE I 47 18.88 52.57 79.92
N PRO I 48 17.56 52.71 80.09
CA PRO I 48 16.97 53.93 80.64
C PRO I 48 17.48 54.20 82.05
N MET I 49 17.81 55.46 82.37
CA MET I 49 18.30 55.82 83.70
C MET I 49 17.90 57.25 84.09
N GLY I 50 17.68 57.48 85.39
CA GLY I 50 17.38 58.79 85.97
C GLY I 50 18.29 59.13 87.15
N ALA I 51 18.14 60.34 87.68
CA ALA I 51 19.08 60.91 88.65
C ALA I 51 19.24 60.11 89.95
N THR I 52 18.24 59.31 90.32
CA THR I 52 18.27 58.44 91.51
C THR I 52 19.14 57.20 91.35
N GLY I 53 19.42 56.77 90.12
CA GLY I 53 19.99 55.45 89.85
C GLY I 53 18.95 54.34 89.69
N ILE I 54 19.44 53.12 89.56
CA ILE I 54 18.69 51.91 89.17
C ILE I 54 19.02 50.74 90.10
N VAL I 55 18.05 49.87 90.39
CA VAL I 55 18.25 48.57 91.04
C VAL I 55 17.82 47.43 90.12
N ILE I 56 18.69 46.44 89.94
CA ILE I 56 18.50 45.27 89.11
C ILE I 56 18.45 44.01 90.00
N PRO I 57 17.38 43.18 89.93
CA PRO I 57 17.29 41.93 90.67
C PRO I 57 17.89 40.77 89.86
N HIS I 58 19.20 40.58 89.94
CA HIS I 58 19.90 39.55 89.17
C HIS I 58 19.53 38.14 89.64
N TRP I 59 19.14 37.25 88.74
CA TRP I 59 18.78 35.88 89.10
C TRP I 59 19.99 34.98 89.33
N THR I 60 19.92 34.04 90.28
CA THR I 60 21.01 33.11 90.57
C THR I 60 20.57 31.69 90.93
N GLY I 61 19.28 31.39 90.98
CA GLY I 61 18.77 30.09 91.46
C GLY I 61 18.67 29.01 90.38
N ASP I 62 19.09 27.79 90.71
CA ASP I 62 18.84 26.59 89.91
C ASP I 62 17.44 26.02 90.19
N VAL I 63 16.44 26.51 89.46
CA VAL I 63 15.06 25.98 89.46
C VAL I 63 15.05 24.58 88.85
N SER I 64 14.13 23.70 89.28
CA SER I 64 14.10 22.31 88.84
C SER I 64 12.68 21.74 88.69
N ALA I 65 12.54 20.73 87.83
CA ALA I 65 11.31 19.99 87.56
C ALA I 65 11.65 18.51 87.34
N GLN I 66 10.69 17.61 87.51
CA GLN I 66 10.93 16.17 87.35
C GLN I 66 9.83 15.49 86.55
N TRP I 67 10.18 14.39 85.89
CA TRP I 67 9.23 13.51 85.23
C TRP I 67 8.49 12.67 86.26
N ILE I 68 7.19 12.52 86.08
CA ILE I 68 6.25 12.05 87.10
C ILE I 68 5.33 10.99 86.50
N GLY I 69 5.17 9.85 87.16
CA GLY I 69 4.14 8.86 86.84
C GLY I 69 2.77 9.29 87.36
N GLU I 70 1.69 8.66 86.93
CA GLU I 70 0.33 9.15 87.19
C GLU I 70 0.01 9.37 88.68
N GLY I 71 0.48 8.49 89.54
CA GLY I 71 0.23 8.57 90.98
C GLY I 71 1.37 9.13 91.82
N ASP I 72 2.51 9.48 91.22
CA ASP I 72 3.66 10.02 91.96
C ASP I 72 3.36 11.44 92.45
N MET I 73 3.91 11.82 93.60
CA MET I 73 3.62 13.12 94.21
C MET I 73 4.78 14.11 93.99
N LYS I 74 4.42 15.30 93.51
CA LYS I 74 5.27 16.25 92.79
C LYS I 74 6.27 16.97 93.70
N PRO I 75 7.48 17.33 93.22
CA PRO I 75 8.54 17.90 94.04
C PRO I 75 8.41 19.41 94.29
N ILE I 76 9.05 19.92 95.34
CA ILE I 76 9.00 21.34 95.75
C ILE I 76 10.34 22.03 95.48
N THR I 77 10.34 23.26 94.94
CA THR I 77 11.56 24.03 94.60
C THR I 77 11.45 25.53 94.95
N LYS I 78 12.58 26.23 94.95
CA LYS I 78 12.71 27.64 95.33
C LYS I 78 13.67 28.40 94.43
N GLY I 79 13.37 29.65 94.08
CA GLY I 79 14.28 30.52 93.31
C GLY I 79 15.40 31.14 94.15
N ASN I 80 16.25 31.95 93.53
CA ASN I 80 17.24 32.76 94.24
C ASN I 80 17.61 34.02 93.45
N MET I 81 17.94 35.11 94.13
CA MET I 81 18.24 36.41 93.54
C MET I 81 19.36 37.13 94.30
N THR I 82 19.99 38.12 93.67
CA THR I 82 20.80 39.15 94.34
C THR I 82 20.54 40.50 93.71
N LYS I 83 20.30 41.55 94.50
CA LYS I 83 20.09 42.90 93.95
C LYS I 83 21.43 43.61 93.72
N ARG I 84 21.50 44.39 92.64
CA ARG I 84 22.65 45.16 92.18
C ARG I 84 22.19 46.57 91.86
N ASP I 85 22.96 47.59 92.22
CA ASP I 85 22.53 48.99 92.09
C ASP I 85 23.53 49.83 91.30
N VAL I 86 23.01 50.77 90.52
CA VAL I 86 23.77 51.61 89.58
C VAL I 86 23.50 53.08 89.88
N HIS I 87 24.54 53.85 90.19
CA HIS I 87 24.43 55.27 90.53
C HIS I 87 25.15 56.14 89.51
N PRO I 88 24.52 57.17 88.92
CA PRO I 88 25.17 58.06 87.99
C PRO I 88 26.37 58.80 88.58
N ALA I 89 27.27 59.26 87.72
CA ALA I 89 28.43 60.09 88.05
C ALA I 89 28.58 61.20 87.02
N LYS I 90 29.04 62.38 87.45
CA LYS I 90 29.25 63.53 86.57
C LYS I 90 30.63 63.56 85.95
N ILE I 91 30.71 64.16 84.77
CA ILE I 91 31.92 64.57 84.09
C ILE I 91 31.74 66.00 83.60
N ALA I 92 32.73 66.86 83.78
CA ALA I 92 32.58 68.28 83.47
C ALA I 92 33.90 69.00 83.18
N THR I 93 33.81 70.14 82.50
CA THR I 93 34.92 71.07 82.22
C THR I 93 34.44 72.50 82.14
N ILE I 94 35.36 73.44 82.30
CA ILE I 94 35.17 74.87 82.04
C ILE I 94 36.16 75.31 80.97
N PHE I 95 35.78 76.23 80.09
CA PHE I 95 36.73 76.91 79.22
C PHE I 95 36.44 78.41 79.15
N VAL I 96 37.48 79.22 78.94
CA VAL I 96 37.48 80.66 79.22
C VAL I 96 38.04 81.44 78.05
N ALA I 97 37.40 82.55 77.70
CA ALA I 97 37.86 83.47 76.67
C ALA I 97 37.53 84.92 77.01
N SER I 98 38.32 85.88 76.56
CA SER I 98 38.02 87.30 76.78
C SER I 98 36.75 87.73 76.05
N ALA I 99 36.00 88.70 76.57
CA ALA I 99 34.78 89.17 75.91
C ALA I 99 35.06 89.75 74.52
N GLU I 100 36.24 90.33 74.31
CA GLU I 100 36.73 90.75 73.00
C GLU I 100 36.81 89.58 72.00
N THR I 101 37.14 88.37 72.46
CA THR I 101 37.13 87.15 71.64
C THR I 101 35.73 86.69 71.35
N VAL I 102 34.83 86.71 72.34
CA VAL I 102 33.45 86.21 72.16
C VAL I 102 32.67 87.00 71.13
N ARG I 103 32.94 88.30 70.94
CA ARG I 103 32.38 89.06 69.80
C ARG I 103 32.87 88.54 68.46
N ALA I 104 34.16 88.27 68.34
CA ALA I 104 34.79 87.92 67.07
C ALA I 104 34.53 86.47 66.66
N ASN I 105 34.52 85.54 67.61
CA ASN I 105 34.38 84.09 67.39
C ASN I 105 35.29 83.59 66.25
N PRO I 106 36.61 83.82 66.33
CA PRO I 106 37.51 83.55 65.22
C PRO I 106 37.55 82.06 64.90
N ALA I 107 37.54 81.71 63.62
CA ALA I 107 37.48 80.32 63.15
C ALA I 107 36.33 79.49 63.77
N ASN I 108 35.25 80.14 64.20
CA ASN I 108 34.19 79.55 65.00
C ASN I 108 34.70 78.76 66.22
N TYR I 109 35.69 79.29 66.93
CA TYR I 109 36.31 78.62 68.07
C TYR I 109 35.31 78.21 69.14
N LEU I 110 34.31 79.03 69.45
CA LEU I 110 33.35 78.70 70.51
C LEU I 110 32.42 77.54 70.11
N GLY I 111 31.91 77.56 68.89
CA GLY I 111 31.10 76.45 68.37
C GLY I 111 31.91 75.17 68.18
N THR I 112 33.21 75.29 67.91
CA THR I 112 34.11 74.14 67.77
C THR I 112 34.43 73.54 69.12
N MET I 113 34.67 74.33 70.16
CA MET I 113 34.87 73.80 71.51
C MET I 113 33.67 72.98 71.97
N ARG I 114 32.45 73.46 71.73
CA ARG I 114 31.24 72.72 72.13
C ARG I 114 31.12 71.33 71.53
N THR I 115 31.66 71.06 70.33
CA THR I 115 31.71 69.67 69.84
C THR I 115 32.94 68.94 70.35
N LYS I 116 34.11 69.56 70.42
CA LYS I 116 35.32 68.84 70.82
C LYS I 116 35.39 68.48 72.30
N VAL I 117 34.72 69.20 73.20
CA VAL I 117 34.48 68.71 74.56
C VAL I 117 33.61 67.46 74.57
N ALA I 118 32.66 67.29 73.65
CA ALA I 118 31.83 66.10 73.62
C ALA I 118 32.68 64.88 73.27
N THR I 119 33.59 65.01 72.32
CA THR I 119 34.57 63.97 72.03
C THR I 119 35.48 63.70 73.22
N ALA I 120 35.95 64.72 73.93
CA ALA I 120 36.75 64.49 75.13
C ALA I 120 35.96 63.71 76.20
N ILE I 121 34.69 64.07 76.41
CA ILE I 121 33.80 63.36 77.33
C ILE I 121 33.56 61.93 76.87
N ALA I 122 33.43 61.65 75.57
CA ALA I 122 33.32 60.28 75.08
C ALA I 122 34.62 59.48 75.32
N MET I 123 35.78 60.04 74.98
CA MET I 123 37.08 59.40 75.24
C MET I 123 37.27 59.07 76.72
N ALA I 124 36.90 60.01 77.60
CA ALA I 124 37.01 59.82 79.03
C ALA I 124 36.05 58.76 79.59
N PHE I 125 35.04 58.31 78.84
CA PHE I 125 34.21 57.18 79.21
C PHE I 125 34.94 55.87 78.99
N ASP I 126 35.53 55.64 77.83
CA ASP I 126 36.27 54.40 77.57
C ASP I 126 37.42 54.22 78.55
N ASN I 127 38.26 55.23 78.77
CA ASN I 127 39.37 55.09 79.72
C ASN I 127 38.91 54.85 81.16
N ALA I 128 37.68 55.21 81.52
CA ALA I 128 37.13 54.88 82.82
C ALA I 128 36.54 53.47 82.86
N ALA I 129 36.04 52.94 81.75
CA ALA I 129 35.41 51.63 81.67
C ALA I 129 36.39 50.49 81.45
N LEU I 130 37.40 50.69 80.61
CA LEU I 130 38.41 49.69 80.29
C LEU I 130 39.52 49.67 81.33
N HIS I 131 40.36 50.72 81.32
CA HIS I 131 41.57 50.81 82.15
C HIS I 131 41.30 51.32 83.56
N GLY I 132 40.17 51.98 83.78
CA GLY I 132 39.81 52.57 85.07
C GLY I 132 40.66 53.77 85.47
N THR I 133 41.26 54.50 84.52
CA THR I 133 42.38 55.43 84.82
C THR I 133 42.03 56.51 85.84
N ASN I 134 40.81 57.03 85.80
CA ASN I 134 40.34 58.04 86.73
C ASN I 134 38.83 57.93 86.92
N ALA I 135 38.34 56.70 87.07
CA ALA I 135 36.92 56.42 87.21
C ALA I 135 36.37 57.03 88.50
N PRO I 136 35.10 57.44 88.52
CA PRO I 136 34.44 57.84 89.75
C PRO I 136 34.19 56.60 90.61
N SER I 137 34.08 56.75 91.93
CA SER I 137 33.82 55.64 92.83
C SER I 137 32.48 54.95 92.59
N ALA I 138 31.54 55.61 91.93
CA ALA I 138 30.24 55.06 91.59
C ALA I 138 30.28 54.02 90.46
N PHE I 139 31.30 54.01 89.60
CA PHE I 139 31.49 52.96 88.61
C PHE I 139 32.03 51.71 89.30
N GLN I 140 31.27 50.61 89.27
CA GLN I 140 31.68 49.36 89.87
C GLN I 140 32.54 48.53 88.92
N GLY I 141 33.85 48.54 89.15
CA GLY I 141 34.83 47.73 88.44
C GLY I 141 35.13 48.17 87.01
N TYR I 142 36.21 47.64 86.46
CA TYR I 142 36.72 47.98 85.12
C TYR I 142 37.48 46.80 84.51
N LEU I 143 37.55 46.70 83.18
CA LEU I 143 38.00 45.46 82.55
C LEU I 143 39.43 45.05 82.88
N ASP I 144 40.36 45.96 83.15
CA ASP I 144 41.71 45.57 83.56
C ASP I 144 41.76 44.70 84.82
N GLN I 145 40.71 44.63 85.63
CA GLN I 145 40.65 43.78 86.82
C GLN I 145 40.48 42.28 86.55
N SER I 146 40.27 41.85 85.32
CA SER I 146 40.06 40.44 85.00
C SER I 146 41.28 39.57 85.31
N ASN I 147 41.04 38.34 85.78
CA ASN I 147 42.07 37.31 86.00
C ASN I 147 42.33 36.42 84.77
N LYS I 148 41.90 36.79 83.57
CA LYS I 148 42.18 36.04 82.34
C LYS I 148 43.01 36.89 81.37
N THR I 149 44.15 36.37 80.91
CA THR I 149 45.04 37.07 79.98
C THR I 149 45.55 36.14 78.90
N GLN I 150 45.96 36.69 77.76
CA GLN I 150 46.45 35.89 76.64
C GLN I 150 47.51 36.65 75.82
N SER I 151 48.48 35.91 75.30
CA SER I 151 49.48 36.42 74.34
C SER I 151 49.06 36.12 72.91
N ILE I 152 49.49 36.94 71.94
CA ILE I 152 49.11 36.75 70.52
C ILE I 152 50.28 36.80 69.51
N SER I 153 51.43 37.37 69.85
CA SER I 153 52.46 37.74 68.87
C SER I 153 53.05 36.63 68.00
N PRO I 154 53.29 35.38 68.45
CA PRO I 154 53.81 34.37 67.52
C PRO I 154 52.74 33.88 66.54
N ASN I 155 51.47 33.83 66.96
CA ASN I 155 50.36 33.31 66.19
C ASN I 155 49.02 33.80 66.78
N ALA I 156 48.45 34.85 66.19
CA ALA I 156 47.22 35.43 66.70
C ALA I 156 46.02 34.48 66.61
N TYR I 157 45.95 33.62 65.59
CA TYR I 157 44.85 32.67 65.43
C TYR I 157 44.82 31.66 66.57
N GLN I 158 45.96 31.11 66.96
CA GLN I 158 46.06 30.27 68.16
C GLN I 158 45.69 31.04 69.43
N GLY I 159 46.15 32.29 69.52
CA GLY I 159 45.90 33.14 70.67
C GLY I 159 44.41 33.36 70.91
N LEU I 160 43.70 33.99 69.96
CA LEU I 160 42.28 34.30 70.12
C LEU I 160 41.42 33.04 70.07
N GLY I 161 41.69 32.15 69.11
CA GLY I 161 40.76 31.09 68.72
C GLY I 161 40.86 29.80 69.54
N VAL I 162 41.94 29.59 70.28
CA VAL I 162 42.18 28.33 70.99
C VAL I 162 42.64 28.56 72.42
N SER I 163 43.84 29.09 72.62
CA SER I 163 44.39 29.29 73.97
C SER I 163 43.55 30.29 74.78
N GLY I 164 43.08 31.36 74.15
CA GLY I 164 42.19 32.33 74.76
C GLY I 164 40.81 31.75 75.03
N LEU I 165 40.08 31.35 73.99
CA LEU I 165 38.70 30.89 74.11
C LEU I 165 38.54 29.73 75.11
N THR I 166 39.53 28.84 75.21
CA THR I 166 39.50 27.76 76.20
C THR I 166 39.29 28.28 77.62
N LYS I 167 39.94 29.39 77.99
CA LYS I 167 39.81 29.97 79.33
C LYS I 167 38.40 30.46 79.62
N LEU I 168 37.64 30.85 78.60
CA LEU I 168 36.24 31.25 78.76
C LEU I 168 35.31 30.04 78.81
N VAL I 169 35.33 29.15 77.82
CA VAL I 169 34.32 28.08 77.76
C VAL I 169 34.51 27.04 78.86
N THR I 170 35.74 26.76 79.30
CA THR I 170 35.95 25.86 80.45
C THR I 170 35.51 26.48 81.79
N ASP I 171 35.33 27.80 81.85
CA ASP I 171 34.72 28.50 82.98
C ASP I 171 33.21 28.75 82.76
N GLY I 172 32.63 28.24 81.67
CA GLY I 172 31.20 28.37 81.37
C GLY I 172 30.75 29.72 80.81
N LYS I 173 31.66 30.57 80.32
CA LYS I 173 31.37 31.94 79.87
C LYS I 173 31.47 32.09 78.35
N LYS I 174 30.59 32.87 77.74
CA LYS I 174 30.51 33.07 76.29
C LYS I 174 31.59 34.03 75.78
N TRP I 175 31.91 33.97 74.49
CA TRP I 175 32.70 35.00 73.81
C TRP I 175 31.89 35.62 72.67
N THR I 176 31.58 36.92 72.73
CA THR I 176 30.62 37.54 71.79
C THR I 176 31.14 38.75 71.04
N HIS I 177 32.11 39.50 71.55
CA HIS I 177 32.72 40.65 70.84
C HIS I 177 34.22 40.71 71.13
N THR I 178 34.96 41.51 70.38
CA THR I 178 36.31 41.91 70.76
C THR I 178 36.68 43.32 70.32
N LEU I 179 37.48 43.98 71.14
CA LEU I 179 38.00 45.33 70.94
C LEU I 179 39.51 45.23 70.77
N LEU I 180 40.08 45.78 69.71
CA LEU I 180 41.51 45.70 69.42
C LEU I 180 42.09 47.08 69.11
N ASP I 181 43.28 47.35 69.60
CA ASP I 181 44.00 48.55 69.22
C ASP I 181 44.51 48.47 67.77
N ASP I 182 44.57 49.57 67.02
CA ASP I 182 45.10 49.57 65.65
C ASP I 182 46.49 48.90 65.55
N THR I 183 47.34 49.02 66.56
CA THR I 183 48.66 48.38 66.58
C THR I 183 48.59 46.85 66.56
N VAL I 184 47.44 46.23 66.78
CA VAL I 184 47.27 44.78 66.63
C VAL I 184 47.30 44.34 65.18
N GLU I 185 46.88 45.16 64.23
CA GLU I 185 46.66 44.68 62.86
C GLU I 185 47.91 44.09 62.18
N PRO I 186 49.11 44.68 62.26
CA PRO I 186 50.29 44.04 61.71
C PRO I 186 50.57 42.65 62.29
N VAL I 187 50.30 42.44 63.57
CA VAL I 187 50.48 41.13 64.22
C VAL I 187 49.40 40.16 63.79
N LEU I 188 48.18 40.64 63.62
CA LEU I 188 47.07 39.85 63.09
C LEU I 188 47.38 39.34 61.67
N ASN I 189 47.75 40.23 60.76
CA ASN I 189 48.17 39.85 59.40
C ASN I 189 49.42 38.96 59.41
N GLY I 190 50.36 39.23 60.30
CA GLY I 190 51.61 38.48 60.40
C GLY I 190 51.44 37.06 60.94
N SER I 191 50.26 36.67 61.39
CA SER I 191 50.00 35.28 61.76
C SER I 191 49.91 34.38 60.53
N VAL I 192 50.75 33.36 60.48
CA VAL I 192 50.91 32.47 59.32
C VAL I 192 51.16 31.04 59.75
N ASP I 193 50.89 30.08 58.87
CA ASP I 193 51.37 28.71 59.04
C ASP I 193 52.90 28.62 58.84
N ALA I 194 53.48 27.46 59.09
CA ALA I 194 54.92 27.24 58.90
C ALA I 194 55.37 27.14 57.43
N ASN I 195 54.51 27.45 56.46
CA ASN I 195 54.86 27.72 55.07
C ASN I 195 54.59 29.18 54.67
N GLY I 196 54.23 30.05 55.61
CA GLY I 196 54.03 31.48 55.36
C GLY I 196 52.65 31.85 54.82
N ARG I 197 51.65 30.96 54.86
CA ARG I 197 50.28 31.30 54.44
C ARG I 197 49.49 32.01 55.56
N PRO I 198 48.80 33.12 55.28
CA PRO I 198 47.92 33.80 56.24
C PRO I 198 46.86 32.89 56.87
N LEU I 199 46.55 33.13 58.15
CA LEU I 199 45.51 32.38 58.88
C LEU I 199 44.14 33.09 58.89
N PHE I 200 44.06 34.36 58.51
CA PHE I 200 42.83 35.15 58.46
C PHE I 200 42.49 35.60 57.03
N VAL I 201 41.77 34.77 56.28
CA VAL I 201 41.13 35.21 55.02
C VAL I 201 39.92 36.10 55.33
N GLU I 202 39.20 35.79 56.41
CA GLU I 202 38.24 36.67 57.07
C GLU I 202 38.89 38.01 57.47
N SER I 203 38.28 39.14 57.16
CA SER I 203 38.96 40.46 57.15
C SER I 203 38.05 41.65 57.50
N THR I 204 38.63 42.83 57.70
CA THR I 204 37.99 44.00 58.36
C THR I 204 37.88 45.23 57.43
N TYR I 205 36.85 46.06 57.68
CA TYR I 205 36.37 47.07 56.73
C TYR I 205 36.20 48.46 57.37
N GLU I 206 36.13 49.47 56.52
CA GLU I 206 35.99 50.88 56.90
C GLU I 206 34.54 51.26 57.27
N SER I 207 34.34 52.52 57.67
CA SER I 207 33.04 53.14 57.91
C SER I 207 32.97 54.52 57.27
N LEU I 208 31.83 54.88 56.70
CA LEU I 208 31.57 56.22 56.17
C LEU I 208 31.17 57.23 57.26
N THR I 209 30.76 56.76 58.44
CA THR I 209 30.08 57.58 59.47
C THR I 209 30.76 57.55 60.83
N THR I 210 31.76 56.69 61.04
CA THR I 210 32.51 56.54 62.30
C THR I 210 34.00 56.37 62.01
N PRO I 211 34.90 56.75 62.94
CA PRO I 211 36.34 56.71 62.71
C PRO I 211 36.95 55.32 62.94
N PHE I 212 36.22 54.39 63.54
CA PHE I 212 36.63 53.01 63.77
C PHE I 212 36.84 52.23 62.47
N ARG I 213 37.42 51.04 62.57
CA ARG I 213 37.27 49.99 61.55
C ARG I 213 36.60 48.79 62.20
N GLU I 214 35.87 48.01 61.44
CA GLU I 214 34.98 47.00 62.00
C GLU I 214 34.89 45.76 61.11
N GLY I 215 34.64 44.59 61.68
CA GLY I 215 34.56 43.34 60.92
C GLY I 215 34.23 42.13 61.79
N ARG I 216 34.51 40.93 61.29
CA ARG I 216 34.30 39.67 62.00
C ARG I 216 35.63 38.96 62.21
N ILE I 217 35.81 38.33 63.36
CA ILE I 217 36.93 37.43 63.64
C ILE I 217 36.35 36.18 64.27
N LEU I 218 36.56 35.02 63.65
CA LEU I 218 36.00 33.75 64.08
C LEU I 218 34.49 33.86 64.35
N GLY I 219 33.82 34.63 63.50
CA GLY I 219 32.39 34.94 63.60
C GLY I 219 32.01 36.05 64.58
N ARG I 220 32.87 36.45 65.52
CA ARG I 220 32.55 37.50 66.50
C ARG I 220 32.73 38.90 65.93
N PRO I 221 31.79 39.83 66.12
CA PRO I 221 31.99 41.25 65.87
C PRO I 221 33.27 41.78 66.50
N THR I 222 34.04 42.52 65.73
CA THR I 222 35.37 43.00 66.09
C THR I 222 35.52 44.45 65.73
N ILE I 223 36.02 45.27 66.66
CA ILE I 223 36.27 46.69 66.44
C ILE I 223 37.77 46.97 66.55
N LEU I 224 38.32 47.71 65.60
CA LEU I 224 39.67 48.25 65.66
C LEU I 224 39.64 49.76 65.88
N SER I 225 40.41 50.26 66.84
CA SER I 225 40.44 51.69 67.18
C SER I 225 41.81 52.15 67.69
N ASP I 226 42.12 53.44 67.61
CA ASP I 226 43.46 54.00 67.86
C ASP I 226 43.85 54.15 69.34
N HIS I 227 42.97 53.83 70.29
CA HIS I 227 43.18 54.11 71.72
C HIS I 227 42.68 53.01 72.66
N VAL I 228 42.51 51.78 72.18
CA VAL I 228 42.16 50.65 73.04
C VAL I 228 43.33 50.29 73.96
N ALA I 229 44.57 50.37 73.46
CA ALA I 229 45.73 49.92 74.23
C ALA I 229 46.04 50.82 75.42
N GLU I 230 46.46 50.21 76.52
CA GLU I 230 47.14 50.89 77.61
C GLU I 230 48.17 49.96 78.25
N GLY I 231 49.37 50.48 78.54
CA GLY I 231 50.47 49.69 79.07
C GLY I 231 50.72 48.41 78.28
N ASP I 232 50.62 47.28 78.94
CA ASP I 232 50.88 45.95 78.39
C ASP I 232 49.71 45.37 77.56
N VAL I 233 48.53 46.00 77.59
CA VAL I 233 47.29 45.47 77.01
C VAL I 233 46.99 46.12 75.68
N VAL I 234 46.62 45.31 74.69
CA VAL I 234 46.32 45.75 73.31
C VAL I 234 44.90 45.49 72.89
N GLY I 235 44.09 44.79 73.70
CA GLY I 235 42.70 44.53 73.37
C GLY I 235 41.98 43.70 74.41
N TYR I 236 40.68 43.49 74.20
CA TYR I 236 39.82 42.73 75.08
C TYR I 236 38.89 41.84 74.26
N ALA I 237 38.58 40.66 74.77
CA ALA I 237 37.63 39.74 74.18
C ALA I 237 36.74 39.15 75.27
N GLY I 238 35.44 39.03 75.04
CA GLY I 238 34.56 38.49 76.08
C GLY I 238 33.08 38.59 75.75
N ASP I 239 32.24 38.44 76.76
CA ASP I 239 30.79 38.65 76.69
C ASP I 239 30.41 40.08 77.08
N PHE I 240 30.37 40.99 76.11
CA PHE I 240 30.01 42.37 76.36
C PHE I 240 28.55 42.58 76.74
N SER I 241 27.68 41.56 76.75
CA SER I 241 26.36 41.70 77.36
C SER I 241 26.39 41.80 78.89
N GLN I 242 27.51 41.47 79.54
CA GLN I 242 27.70 41.67 80.97
C GLN I 242 27.87 43.15 81.37
N ILE I 243 27.86 44.08 80.41
CA ILE I 243 28.07 45.51 80.65
C ILE I 243 26.79 46.27 80.31
N ILE I 244 26.32 47.11 81.22
CA ILE I 244 25.22 48.05 80.97
C ILE I 244 25.67 49.46 81.26
N TRP I 245 25.14 50.43 80.52
CA TRP I 245 25.39 51.85 80.76
C TRP I 245 24.16 52.69 80.50
N GLY I 246 24.13 53.90 81.05
CA GLY I 246 23.04 54.84 80.80
C GLY I 246 23.51 56.28 80.94
N GLN I 247 22.71 57.22 80.46
CA GLN I 247 23.00 58.64 80.48
C GLN I 247 21.79 59.41 81.01
N VAL I 248 22.00 60.34 81.94
CA VAL I 248 20.94 61.14 82.54
C VAL I 248 20.73 62.43 81.75
N GLY I 249 19.81 62.42 80.79
CA GLY I 249 19.52 63.58 79.95
C GLY I 249 20.68 64.01 79.04
N GLY I 250 20.53 65.14 78.35
CA GLY I 250 21.52 65.63 77.38
C GLY I 250 22.78 66.25 77.99
N LEU I 251 23.82 66.41 77.18
CA LEU I 251 25.01 67.20 77.48
C LEU I 251 24.62 68.67 77.70
N SER I 252 25.05 69.28 78.79
CA SER I 252 24.55 70.58 79.26
C SER I 252 25.60 71.67 79.23
N PHE I 253 25.21 72.88 78.81
CA PHE I 253 26.08 74.05 78.66
C PHE I 253 25.54 75.25 79.44
N ASP I 254 26.35 75.84 80.32
CA ASP I 254 26.09 77.11 81.01
C ASP I 254 27.18 78.12 80.68
N VAL I 255 26.83 79.40 80.56
CA VAL I 255 27.77 80.49 80.31
C VAL I 255 27.63 81.57 81.37
N THR I 256 28.75 82.18 81.78
CA THR I 256 28.77 83.22 82.82
C THR I 256 29.85 84.24 82.55
N ASP I 257 29.61 85.47 82.97
CA ASP I 257 30.58 86.56 82.96
C ASP I 257 30.78 87.19 84.35
N GLN I 258 30.22 86.59 85.40
CA GLN I 258 30.25 87.13 86.76
C GLN I 258 31.03 86.27 87.76
N ALA I 259 31.17 84.97 87.52
CA ALA I 259 31.80 84.06 88.46
C ALA I 259 33.28 84.39 88.73
N THR I 260 33.85 83.81 89.79
CA THR I 260 35.28 83.85 90.07
C THR I 260 35.85 82.45 89.99
N LEU I 261 36.86 82.22 89.17
CA LEU I 261 37.42 80.89 88.92
C LEU I 261 38.72 80.72 89.66
N ASN I 262 38.95 79.55 90.23
CA ASN I 262 40.26 79.16 90.74
C ASN I 262 41.07 78.51 89.61
N LEU I 263 42.16 79.14 89.19
CA LEU I 263 43.06 78.58 88.18
C LEU I 263 44.13 77.64 88.76
N GLY I 264 44.25 77.57 90.09
CA GLY I 264 45.17 76.68 90.80
C GLY I 264 44.46 75.39 91.24
N SER I 265 44.62 75.03 92.51
CA SER I 265 43.93 73.90 93.15
C SER I 265 43.42 74.30 94.54
N GLN I 266 42.55 73.49 95.17
CA GLN I 266 42.03 73.82 96.51
C GLN I 266 43.13 73.87 97.59
N GLU I 267 44.28 73.26 97.35
CA GLU I 267 45.46 73.29 98.21
C GLU I 267 46.41 74.48 97.95
N SER I 268 46.26 75.20 96.84
CA SER I 268 47.12 76.33 96.44
C SER I 268 46.39 77.27 95.48
N PRO I 269 45.44 78.08 95.99
CA PRO I 269 44.51 78.83 95.14
C PRO I 269 45.16 79.90 94.28
N ASN I 270 44.50 80.24 93.17
CA ASN I 270 44.91 81.31 92.27
C ASN I 270 43.67 81.86 91.56
N PHE I 271 42.96 82.79 92.19
CA PHE I 271 41.67 83.26 91.69
C PHE I 271 41.78 84.35 90.63
N VAL I 272 40.85 84.35 89.68
CA VAL I 272 40.61 85.45 88.75
C VAL I 272 39.11 85.75 88.72
N SER I 273 38.73 87.01 88.85
CA SER I 273 37.33 87.42 88.71
C SER I 273 36.99 87.63 87.25
N LEU I 274 36.03 86.89 86.69
CA LEU I 274 35.69 87.07 85.28
C LEU I 274 35.17 88.48 85.01
N TRP I 275 34.39 89.03 85.95
CA TRP I 275 33.78 90.34 85.80
C TRP I 275 34.80 91.47 85.84
N GLN I 276 35.81 91.38 86.70
CA GLN I 276 36.83 92.43 86.78
C GLN I 276 37.85 92.37 85.64
N HIS I 277 38.01 91.22 84.98
CA HIS I 277 38.95 91.06 83.87
C HIS I 277 38.26 91.05 82.49
N ASN I 278 36.94 91.26 82.42
CA ASN I 278 36.15 91.22 81.20
C ASN I 278 36.26 89.89 80.45
N LEU I 279 36.23 88.77 81.17
CA LEU I 279 36.29 87.42 80.63
C LEU I 279 34.91 86.77 80.63
N VAL I 280 34.72 85.72 79.83
CA VAL I 280 33.51 84.91 79.78
C VAL I 280 33.90 83.46 79.85
N ALA I 281 33.18 82.65 80.62
CA ALA I 281 33.46 81.24 80.79
C ALA I 281 32.26 80.39 80.43
N VAL I 282 32.48 79.25 79.78
CA VAL I 282 31.48 78.24 79.48
C VAL I 282 31.76 77.00 80.30
N ARG I 283 30.75 76.44 80.95
CA ARG I 283 30.80 75.26 81.80
C ARG I 283 29.97 74.16 81.18
N VAL I 284 30.59 73.00 80.96
CA VAL I 284 30.01 71.87 80.24
C VAL I 284 29.90 70.67 81.16
N GLU I 285 28.75 70.01 81.18
CA GLU I 285 28.46 68.96 82.16
C GLU I 285 27.63 67.82 81.57
N ALA I 286 27.98 66.58 81.89
CA ALA I 286 27.24 65.37 81.51
C ALA I 286 27.29 64.35 82.63
N GLU I 287 26.41 63.35 82.57
CA GLU I 287 26.18 62.44 83.68
C GLU I 287 25.80 61.04 83.20
N TYR I 288 26.59 60.04 83.58
CA TYR I 288 26.51 58.67 83.08
C TYR I 288 26.54 57.65 84.20
N GLY I 289 26.01 56.45 83.97
CA GLY I 289 26.13 55.32 84.88
C GLY I 289 26.62 54.08 84.14
N LEU I 290 27.41 53.23 84.81
CA LEU I 290 28.01 52.01 84.28
C LEU I 290 27.96 50.91 85.34
N LEU I 291 27.62 49.68 84.95
CA LEU I 291 27.85 48.50 85.77
C LEU I 291 28.36 47.35 84.91
N ILE I 292 29.43 46.70 85.37
CA ILE I 292 29.95 45.46 84.79
C ILE I 292 29.60 44.34 85.76
N ASN I 293 28.75 43.40 85.35
CA ASN I 293 28.21 42.38 86.24
C ASN I 293 29.28 41.46 86.82
N ASP I 294 30.23 41.04 85.99
CA ASP I 294 31.23 40.02 86.29
C ASP I 294 32.54 40.34 85.56
N VAL I 295 33.45 41.07 86.20
CA VAL I 295 34.70 41.50 85.56
C VAL I 295 35.58 40.33 85.13
N ASN I 296 35.39 39.15 85.73
CA ASN I 296 36.13 37.94 85.38
C ASN I 296 35.66 37.28 84.08
N ALA I 297 34.68 37.85 83.38
CA ALA I 297 34.14 37.30 82.14
C ALA I 297 34.88 37.72 80.85
N PHE I 298 36.00 38.44 80.94
CA PHE I 298 36.71 39.04 79.80
C PHE I 298 38.19 38.66 79.77
N VAL I 299 38.79 38.46 78.60
CA VAL I 299 40.21 38.13 78.44
C VAL I 299 40.98 39.35 77.99
N LYS I 300 42.03 39.73 78.72
CA LYS I 300 42.94 40.81 78.34
C LYS I 300 43.94 40.31 77.30
N LEU I 301 44.12 41.02 76.20
CA LEU I 301 45.01 40.60 75.12
C LEU I 301 46.30 41.39 75.19
N THR I 302 47.43 40.71 75.03
CA THR I 302 48.79 41.27 75.18
C THR I 302 49.70 40.69 74.10
N PHE I 303 50.79 41.36 73.71
CA PHE I 303 51.62 40.81 72.64
C PHE I 303 52.33 39.52 73.04
N ASP I 304 52.96 39.46 74.21
CA ASP I 304 53.78 38.33 74.65
C ASP I 304 53.54 37.97 76.13
N PRO I 305 53.76 36.70 76.53
CA PRO I 305 53.33 36.20 77.83
C PRO I 305 53.87 36.98 79.02
N VAL I 306 53.07 37.06 80.08
CA VAL I 306 53.46 37.65 81.37
C VAL I 306 52.90 36.83 82.52
N LEU I 307 53.56 36.91 83.68
CA LEU I 307 53.03 36.38 84.93
C LEU I 307 51.96 37.32 85.48
N THR I 308 50.94 36.76 86.14
CA THR I 308 49.87 37.52 86.80
C THR I 308 50.07 37.50 88.30
N THR I 309 49.89 38.64 88.95
CA THR I 309 50.04 38.79 90.40
C THR I 309 48.70 39.05 91.08
N TYR I 310 48.45 38.36 92.19
CA TYR I 310 47.17 38.37 92.90
C TYR I 310 47.37 38.68 94.38
N ALA I 311 46.51 39.50 94.96
CA ALA I 311 46.41 39.68 96.40
C ALA I 311 45.34 38.73 96.96
N LEU I 312 45.71 37.88 97.91
CA LEU I 312 44.84 36.91 98.56
C LEU I 312 44.72 37.25 100.04
N ASP I 313 43.51 37.54 100.49
CA ASP I 313 43.22 38.11 101.81
C ASP I 313 42.20 37.27 102.58
N LEU I 314 42.58 36.73 103.73
CA LEU I 314 41.74 35.91 104.60
C LEU I 314 41.28 36.66 105.86
N ASP I 315 41.13 37.99 105.80
CA ASP I 315 40.54 38.78 106.87
C ASP I 315 39.14 38.26 107.25
N GLY I 316 39.03 37.65 108.43
CA GLY I 316 37.87 36.90 108.88
C GLY I 316 38.21 35.97 110.06
N ALA I 317 37.20 35.29 110.60
CA ALA I 317 37.33 34.35 111.72
C ALA I 317 38.36 33.24 111.43
N SER I 318 39.38 33.15 112.29
CA SER I 318 40.70 32.62 111.93
C SER I 318 40.89 31.11 112.10
N ALA I 319 39.94 30.32 111.60
CA ALA I 319 40.02 28.86 111.59
C ALA I 319 39.26 28.26 110.40
N GLY I 320 39.63 27.04 109.99
CA GLY I 320 39.06 26.35 108.84
C GLY I 320 40.02 26.27 107.64
N ASN I 321 39.48 25.94 106.46
CA ASN I 321 40.26 25.65 105.24
C ASN I 321 39.63 26.25 103.97
N PHE I 322 40.46 26.48 102.95
CA PHE I 322 40.05 26.94 101.62
C PHE I 322 40.74 26.14 100.52
N THR I 323 40.21 26.19 99.30
CA THR I 323 40.86 25.62 98.10
C THR I 323 41.20 26.71 97.11
N LEU I 324 42.44 26.73 96.64
CA LEU I 324 42.80 27.44 95.41
C LEU I 324 42.38 26.59 94.21
N SER I 325 42.22 27.22 93.05
CA SER I 325 42.02 26.51 91.80
C SER I 325 42.65 27.29 90.65
N LEU I 326 43.62 26.67 89.98
CA LEU I 326 44.45 27.27 88.96
C LEU I 326 44.10 26.65 87.60
N ASP I 327 43.75 27.49 86.64
CA ASP I 327 43.33 27.08 85.30
C ASP I 327 42.21 26.02 85.30
N GLY I 328 41.30 26.09 86.28
CA GLY I 328 40.17 25.17 86.43
C GLY I 328 40.47 23.88 87.19
N LYS I 329 41.71 23.67 87.67
CA LYS I 329 42.10 22.49 88.47
C LYS I 329 42.38 22.88 89.91
N THR I 330 41.81 22.13 90.85
CA THR I 330 41.62 22.55 92.25
C THR I 330 42.60 21.88 93.21
N SER I 331 43.20 22.65 94.12
CA SER I 331 44.15 22.17 95.12
C SER I 331 43.50 21.24 96.15
N ALA I 332 44.34 20.58 96.96
CA ALA I 332 43.92 20.08 98.27
C ALA I 332 43.53 21.24 99.22
N ASN I 333 42.92 20.94 100.36
CA ASN I 333 42.59 21.93 101.38
C ASN I 333 43.85 22.62 101.94
N ILE I 334 43.81 23.96 102.04
CA ILE I 334 44.83 24.78 102.70
C ILE I 334 44.21 25.38 103.96
N ALA I 335 44.87 25.21 105.10
CA ALA I 335 44.41 25.73 106.38
C ALA I 335 44.58 27.25 106.51
N TYR I 336 43.74 27.89 107.31
CA TYR I 336 43.75 29.34 107.53
C TYR I 336 45.13 29.90 107.88
N ASN I 337 45.91 29.17 108.67
CA ASN I 337 47.19 29.60 109.20
C ASN I 337 48.41 29.18 108.36
N ALA I 338 48.21 28.69 107.13
CA ALA I 338 49.29 28.11 106.33
C ALA I 338 50.40 29.11 105.95
N SER I 339 51.65 28.66 105.95
CA SER I 339 52.82 29.47 105.55
C SER I 339 52.93 29.69 104.03
N THR I 340 53.72 30.68 103.62
CA THR I 340 54.00 30.96 102.19
C THR I 340 54.56 29.74 101.46
N ALA I 341 55.50 29.01 102.06
CA ALA I 341 56.06 27.80 101.48
C ALA I 341 55.02 26.66 101.39
N THR I 342 54.10 26.57 102.35
CA THR I 342 52.98 25.64 102.28
C THR I 342 52.12 25.94 101.06
N VAL I 343 51.72 27.20 100.89
CA VAL I 343 50.91 27.64 99.74
C VAL I 343 51.64 27.39 98.42
N LYS I 344 52.94 27.73 98.31
CA LYS I 344 53.71 27.42 97.10
C LYS I 344 53.69 25.93 96.77
N SER I 345 53.89 25.07 97.76
CA SER I 345 53.83 23.62 97.55
C SER I 345 52.44 23.15 97.10
N ALA I 346 51.37 23.71 97.69
CA ALA I 346 49.99 23.34 97.36
C ALA I 346 49.59 23.77 95.94
N ILE I 347 50.18 24.86 95.41
CA ILE I 347 49.96 25.29 94.03
C ILE I 347 50.66 24.32 93.06
N VAL I 348 51.97 24.10 93.20
CA VAL I 348 52.72 23.25 92.25
C VAL I 348 52.24 21.80 92.24
N ALA I 349 51.60 21.35 93.32
CA ALA I 349 51.00 20.03 93.45
C ALA I 349 49.80 19.77 92.52
N ILE I 350 49.22 20.78 91.87
CA ILE I 350 48.14 20.59 90.90
C ILE I 350 48.70 19.95 89.63
N ASP I 351 47.98 19.01 89.02
CA ASP I 351 48.58 18.00 88.12
C ASP I 351 48.94 18.47 86.70
N ASP I 352 48.69 19.73 86.33
CA ASP I 352 49.37 20.35 85.18
C ASP I 352 50.82 20.74 85.50
N GLY I 353 51.20 20.73 86.78
CA GLY I 353 52.57 20.75 87.29
C GLY I 353 53.38 21.97 86.88
N VAL I 354 52.81 23.18 86.94
CA VAL I 354 53.62 24.41 86.88
C VAL I 354 54.73 24.33 87.92
N SER I 355 55.94 24.75 87.55
CA SER I 355 57.14 24.51 88.35
C SER I 355 57.20 25.42 89.57
N ALA I 356 57.97 25.01 90.59
CA ALA I 356 58.49 25.92 91.60
C ALA I 356 59.35 27.06 91.00
N ASP I 357 59.78 26.93 89.74
CA ASP I 357 60.37 28.02 88.96
C ASP I 357 59.35 29.06 88.46
N ASP I 358 58.10 28.64 88.23
CA ASP I 358 57.03 29.49 87.72
C ASP I 358 56.29 30.23 88.84
N VAL I 359 55.86 29.48 89.86
CA VAL I 359 55.13 30.01 91.00
C VAL I 359 56.06 30.83 91.90
N THR I 360 55.57 31.94 92.46
CA THR I 360 56.20 32.56 93.63
C THR I 360 55.15 33.15 94.58
N VAL I 361 55.46 33.16 95.88
CA VAL I 361 54.53 33.48 96.97
C VAL I 361 55.23 34.35 98.00
N THR I 362 54.56 35.37 98.52
CA THR I 362 55.06 36.26 99.60
C THR I 362 53.92 36.68 100.53
N GLY I 363 54.23 37.23 101.71
CA GLY I 363 53.25 37.71 102.68
C GLY I 363 53.36 37.01 104.04
N SER I 364 52.22 36.74 104.68
CA SER I 364 52.11 36.18 106.03
C SER I 364 50.89 35.28 106.16
N ALA I 365 50.81 34.45 107.20
CA ALA I 365 49.64 33.61 107.42
C ALA I 365 48.35 34.46 107.50
N GLY I 366 47.40 34.20 106.60
CA GLY I 366 46.16 34.96 106.42
C GLY I 366 46.18 36.11 105.40
N ASP I 367 47.33 36.46 104.81
CA ASP I 367 47.46 37.60 103.90
C ASP I 367 48.68 37.45 102.97
N TYR I 368 48.43 37.16 101.68
CA TYR I 368 49.45 36.71 100.74
C TYR I 368 49.42 37.49 99.43
N THR I 369 50.57 37.57 98.76
CA THR I 369 50.67 37.88 97.33
C THR I 369 51.16 36.66 96.58
N ILE I 370 50.41 36.24 95.57
CA ILE I 370 50.72 35.11 94.70
C ILE I 370 51.10 35.64 93.33
N THR I 371 52.14 35.09 92.69
CA THR I 371 52.43 35.36 91.29
C THR I 371 52.60 34.05 90.54
N VAL I 372 51.87 33.88 89.43
CA VAL I 372 51.84 32.65 88.62
C VAL I 372 51.57 32.95 87.15
N PRO I 373 51.92 32.06 86.22
CA PRO I 373 51.30 32.05 84.91
C PRO I 373 49.88 31.50 85.03
N GLY I 374 48.94 32.01 84.25
CA GLY I 374 47.57 31.49 84.19
C GLY I 374 46.61 32.02 85.25
N THR I 375 45.34 31.65 85.10
CA THR I 375 44.20 32.15 85.87
C THR I 375 44.06 31.48 87.23
N LEU I 376 44.16 32.26 88.30
CA LEU I 376 43.97 31.78 89.67
C LEU I 376 42.60 32.17 90.23
N THR I 377 41.98 31.27 90.97
CA THR I 377 40.72 31.47 91.69
C THR I 377 40.78 30.83 93.07
N ALA I 378 39.87 31.19 93.97
CA ALA I 378 39.80 30.61 95.31
C ALA I 378 38.36 30.42 95.78
N ASP I 379 38.11 29.41 96.60
CA ASP I 379 36.84 29.22 97.31
C ASP I 379 37.07 29.15 98.83
N PHE I 380 36.47 30.09 99.55
CA PHE I 380 36.58 30.24 101.00
C PHE I 380 35.53 29.44 101.80
N SER I 381 34.66 28.70 101.13
CA SER I 381 33.59 27.90 101.76
C SER I 381 34.18 26.76 102.58
N GLY I 382 34.39 26.99 103.86
CA GLY I 382 35.21 26.14 104.73
C GLY I 382 36.07 26.92 105.73
N LEU I 383 36.24 28.23 105.53
CA LEU I 383 36.63 29.15 106.60
C LEU I 383 35.50 29.34 107.61
N THR I 384 35.85 29.75 108.82
CA THR I 384 34.87 30.17 109.84
C THR I 384 34.21 31.51 109.48
N ASP I 385 34.88 32.35 108.68
CA ASP I 385 34.26 33.45 107.93
C ASP I 385 34.55 33.29 106.43
N GLY I 386 33.65 32.60 105.73
CA GLY I 386 33.71 32.41 104.28
C GLY I 386 33.24 33.60 103.45
N GLU I 387 33.06 34.78 104.05
CA GLU I 387 32.52 35.98 103.36
C GLU I 387 33.46 37.19 103.41
N GLY I 388 34.18 37.40 104.51
CA GLY I 388 35.16 38.49 104.61
C GLY I 388 36.40 38.33 103.72
N ALA I 389 36.81 37.09 103.47
CA ALA I 389 37.97 36.77 102.64
C ALA I 389 37.74 37.12 101.15
N SER I 390 38.82 37.39 100.41
CA SER I 390 38.75 37.78 98.99
C SER I 390 40.06 37.53 98.23
N ILE I 391 39.97 37.51 96.89
CA ILE I 391 41.12 37.46 95.98
C ILE I 391 40.94 38.46 94.85
N SER I 392 41.99 39.18 94.45
CA SER I 392 41.91 40.12 93.32
C SER I 392 43.25 40.32 92.62
N VAL I 393 43.21 40.74 91.35
CA VAL I 393 44.41 41.00 90.56
C VAL I 393 45.08 42.28 91.01
N VAL I 394 46.40 42.23 91.24
CA VAL I 394 47.21 43.42 91.49
C VAL I 394 47.47 44.14 90.17
N SER I 395 47.11 45.42 90.09
CA SER I 395 47.46 46.30 88.96
C SER I 395 48.93 46.71 89.03
N VAL I 396 49.83 45.74 88.88
CA VAL I 396 51.27 45.89 89.08
C VAL I 396 51.89 46.91 88.11
N GLY I 397 52.86 47.69 88.59
CA GLY I 397 53.58 48.71 87.82
C GLY I 397 54.45 49.61 88.69
N GLY J 2 40.33 33.12 -9.49
CA GLY J 2 39.18 33.54 -10.33
C GLY J 2 39.66 34.29 -11.55
N PHE J 3 39.59 35.62 -11.50
CA PHE J 3 40.05 36.51 -12.58
C PHE J 3 40.99 37.59 -12.04
N SER J 4 41.94 38.02 -12.87
CA SER J 4 42.81 39.17 -12.59
C SER J 4 42.00 40.44 -12.32
N ALA J 5 42.57 41.43 -11.63
CA ALA J 5 42.09 42.80 -11.79
C ALA J 5 42.38 43.29 -13.21
N ASP J 6 41.58 44.21 -13.74
CA ASP J 6 41.69 44.71 -15.12
C ASP J 6 41.66 43.56 -16.15
N HIS J 7 40.84 42.54 -15.91
CA HIS J 7 40.58 41.46 -16.86
C HIS J 7 39.90 41.99 -18.12
N SER J 8 40.20 41.41 -19.29
CA SER J 8 39.76 41.95 -20.57
C SER J 8 38.26 41.81 -20.84
N GLN J 9 37.53 40.99 -20.09
CA GLN J 9 36.12 40.72 -20.36
C GLN J 9 35.18 41.03 -19.19
N ILE J 10 35.62 40.87 -17.95
CA ILE J 10 34.75 40.97 -16.77
C ILE J 10 35.07 42.24 -15.99
N ALA J 11 34.06 43.06 -15.70
CA ALA J 11 34.21 44.27 -14.89
C ALA J 11 34.07 43.95 -13.39
N GLN J 12 35.06 44.31 -12.58
CA GLN J 12 35.09 44.07 -11.13
C GLN J 12 35.38 45.37 -10.37
N THR J 13 34.91 45.52 -9.14
CA THR J 13 35.25 46.65 -8.26
C THR J 13 36.75 46.78 -7.97
N LYS J 14 37.54 45.71 -8.16
CA LYS J 14 39.01 45.72 -8.13
C LYS J 14 39.64 46.58 -9.22
N ASP J 15 38.94 46.80 -10.34
CA ASP J 15 39.54 47.40 -11.53
C ASP J 15 39.92 48.85 -11.35
N THR J 16 41.00 49.27 -11.99
CA THR J 16 41.54 50.62 -11.88
C THR J 16 40.56 51.70 -12.32
N MET J 17 39.68 51.41 -13.28
CA MET J 17 38.64 52.33 -13.73
C MET J 17 37.66 52.77 -12.63
N PHE J 18 37.56 52.06 -11.51
CA PHE J 18 36.68 52.43 -10.39
C PHE J 18 37.41 53.16 -9.25
N THR J 19 38.69 53.45 -9.38
CA THR J 19 39.47 54.17 -8.36
C THR J 19 38.78 55.47 -7.96
N GLY J 20 38.54 55.68 -6.67
CA GLY J 20 37.92 56.91 -6.17
C GLY J 20 36.39 56.96 -6.26
N TYR J 21 35.72 55.91 -6.74
CA TYR J 21 34.25 55.83 -6.73
C TYR J 21 33.69 55.01 -5.57
N LEU J 22 34.54 54.25 -4.88
CA LEU J 22 34.18 53.34 -3.79
C LEU J 22 34.84 53.79 -2.49
N ASP J 23 34.52 55.00 -2.04
CA ASP J 23 35.13 55.60 -0.84
C ASP J 23 34.64 54.92 0.45
N PRO J 24 35.54 54.54 1.36
CA PRO J 24 35.19 54.13 2.70
C PRO J 24 34.41 55.22 3.45
N VAL J 25 33.48 54.84 4.30
CA VAL J 25 32.83 55.76 5.25
C VAL J 25 33.80 56.12 6.39
N GLN J 26 33.84 57.37 6.83
CA GLN J 26 34.63 57.75 8.01
C GLN J 26 33.93 57.33 9.30
N ALA J 27 34.70 56.86 10.29
CA ALA J 27 34.17 56.44 11.58
C ALA J 27 35.04 56.90 12.76
N LYS J 28 34.47 56.81 13.96
CA LYS J 28 35.10 57.10 15.26
C LYS J 28 36.38 56.29 15.49
N ASP J 29 37.30 56.77 16.34
CA ASP J 29 38.42 55.95 16.82
C ASP J 29 37.91 54.90 17.81
N TYR J 30 37.84 53.65 17.37
CA TYR J 30 37.42 52.52 18.20
C TYR J 30 38.55 51.88 19.00
N PHE J 31 39.82 52.15 18.68
CA PHE J 31 40.93 51.49 19.33
C PHE J 31 41.46 52.23 20.55
N ALA J 32 41.38 53.56 20.59
CA ALA J 32 41.78 54.30 21.78
C ALA J 32 40.86 53.98 22.96
N GLU J 33 41.46 53.74 24.12
CA GLU J 33 40.75 53.52 25.37
C GLU J 33 39.99 54.77 25.85
N ALA J 34 39.06 54.59 26.80
CA ALA J 34 38.34 55.69 27.41
C ALA J 34 39.28 56.73 28.03
N GLU J 35 38.93 58.01 27.91
CA GLU J 35 39.82 59.11 28.30
C GLU J 35 40.15 59.09 29.81
N LYS J 36 41.45 59.03 30.13
CA LYS J 36 41.98 58.85 31.47
C LYS J 36 41.84 60.09 32.36
N THR J 37 40.81 60.11 33.20
CA THR J 37 40.74 61.01 34.36
C THR J 37 41.86 60.69 35.36
N SER J 38 42.20 61.64 36.22
CA SER J 38 43.35 61.52 37.13
C SER J 38 43.07 60.57 38.29
N ILE J 39 44.03 59.76 38.73
CA ILE J 39 43.83 58.87 39.87
C ILE J 39 43.71 59.66 41.18
N VAL J 40 44.46 60.75 41.38
CA VAL J 40 44.41 61.46 42.66
C VAL J 40 43.03 62.05 42.91
N GLN J 41 42.37 62.62 41.91
CA GLN J 41 41.03 63.18 42.10
C GLN J 41 39.96 62.14 42.39
N ARG J 42 40.23 60.85 42.15
CA ARG J 42 39.32 59.75 42.47
C ARG J 42 39.42 59.28 43.91
N VAL J 43 40.57 59.46 44.57
CA VAL J 43 40.77 59.09 45.99
C VAL J 43 40.72 60.27 46.96
N ALA J 44 41.20 61.44 46.57
CA ALA J 44 41.24 62.63 47.41
C ALA J 44 39.87 63.31 47.54
N GLN J 45 39.68 64.13 48.58
CA GLN J 45 38.44 64.85 48.79
C GLN J 45 38.36 66.11 47.92
N LYS J 46 37.37 66.22 47.04
CA LYS J 46 37.08 67.46 46.32
C LYS J 46 36.42 68.48 47.25
N ILE J 47 36.82 69.74 47.20
CA ILE J 47 36.22 70.82 48.00
C ILE J 47 35.77 71.99 47.12
N PRO J 48 34.74 72.76 47.52
CA PRO J 48 34.42 74.04 46.88
C PRO J 48 35.61 74.99 46.91
N MET J 49 35.85 75.75 45.86
CA MET J 49 37.00 76.66 45.76
C MET J 49 36.73 77.85 44.84
N GLY J 50 37.42 78.96 45.05
CA GLY J 50 37.34 80.17 44.22
C GLY J 50 38.70 80.84 44.04
N ALA J 51 38.78 81.84 43.17
CA ALA J 51 40.04 82.39 42.68
C ALA J 51 40.92 83.05 43.76
N THR J 52 40.35 83.45 44.89
CA THR J 52 41.09 83.95 46.06
C THR J 52 41.87 82.88 46.80
N GLY J 53 41.55 81.61 46.58
CA GLY J 53 41.95 80.52 47.46
C GLY J 53 41.04 80.37 48.68
N ILE J 54 41.40 79.43 49.53
CA ILE J 54 40.67 79.00 50.72
C ILE J 54 41.62 78.96 51.92
N VAL J 55 41.14 79.19 53.14
CA VAL J 55 41.92 79.00 54.37
C VAL J 55 41.17 78.16 55.40
N ILE J 56 41.87 77.21 56.01
CA ILE J 56 41.33 76.11 56.80
C ILE J 56 41.94 76.12 58.21
N PRO J 57 41.14 76.17 59.29
CA PRO J 57 41.63 76.18 60.65
C PRO J 57 41.81 74.75 61.18
N HIS J 58 42.95 74.13 60.89
CA HIS J 58 43.22 72.75 61.31
C HIS J 58 43.32 72.65 62.84
N TRP J 59 42.53 71.79 63.47
CA TRP J 59 42.57 71.60 64.92
C TRP J 59 43.76 70.79 65.39
N THR J 60 44.38 71.16 66.52
CA THR J 60 45.56 70.46 67.05
C THR J 60 45.58 70.32 68.58
N GLY J 61 44.53 70.75 69.29
CA GLY J 61 44.52 70.78 70.75
C GLY J 61 43.97 69.53 71.42
N ASP J 62 44.65 69.04 72.45
CA ASP J 62 44.14 68.01 73.36
C ASP J 62 43.24 68.62 74.44
N VAL J 63 41.94 68.65 74.19
CA VAL J 63 40.91 69.01 75.18
C VAL J 63 40.65 67.80 76.08
N SER J 64 40.45 68.01 77.38
CA SER J 64 40.29 66.90 78.34
C SER J 64 39.25 67.21 79.42
N ALA J 65 38.50 66.18 79.82
CA ALA J 65 37.46 66.26 80.84
C ALA J 65 37.71 65.26 81.98
N GLN J 66 37.16 65.52 83.16
CA GLN J 66 37.41 64.69 84.34
C GLN J 66 36.13 64.29 85.06
N TRP J 67 36.08 63.05 85.52
CA TRP J 67 35.02 62.56 86.38
C TRP J 67 35.10 63.25 87.72
N ILE J 68 33.97 63.71 88.23
CA ILE J 68 33.93 64.74 89.26
C ILE J 68 32.94 64.33 90.35
N GLY J 69 33.32 64.46 91.62
CA GLY J 69 32.41 64.22 92.74
C GLY J 69 31.33 65.30 92.86
N GLU J 70 30.41 65.12 93.79
CA GLU J 70 29.24 66.00 93.92
C GLU J 70 29.59 67.45 94.26
N GLY J 71 30.56 67.64 95.15
CA GLY J 71 31.05 68.96 95.56
C GLY J 71 32.47 69.25 95.11
N ASP J 72 33.02 68.50 94.16
CA ASP J 72 34.37 68.69 93.66
C ASP J 72 34.48 69.85 92.68
N MET J 73 35.66 70.46 92.62
CA MET J 73 35.91 71.68 91.87
C MET J 73 36.29 71.38 90.41
N LYS J 74 35.45 71.80 89.47
CA LYS J 74 35.52 71.43 88.04
C LYS J 74 36.75 72.01 87.36
N PRO J 75 37.45 71.28 86.48
CA PRO J 75 38.71 71.69 85.89
C PRO J 75 38.55 72.62 84.67
N ILE J 76 39.60 73.37 84.34
CA ILE J 76 39.63 74.32 83.23
C ILE J 76 40.47 73.79 82.06
N THR J 77 40.02 73.96 80.82
CA THR J 77 40.66 73.45 79.60
C THR J 77 40.69 74.47 78.46
N LYS J 78 41.50 74.25 77.42
CA LYS J 78 41.68 75.16 76.29
C LYS J 78 42.04 74.41 75.00
N GLY J 79 41.55 74.86 73.85
CA GLY J 79 41.83 74.26 72.54
C GLY J 79 43.12 74.74 71.87
N ASN J 80 43.38 74.29 70.64
CA ASN J 80 44.50 74.78 69.83
C ASN J 80 44.24 74.58 68.33
N MET J 81 44.82 75.43 67.48
CA MET J 81 44.59 75.42 66.03
C MET J 81 45.83 75.89 65.27
N THR J 82 45.90 75.57 63.97
CA THR J 82 46.83 76.21 63.03
C THR J 82 46.14 76.43 61.70
N LYS J 83 46.19 77.63 61.13
CA LYS J 83 45.56 77.90 59.83
C LYS J 83 46.47 77.44 58.69
N ARG J 84 45.86 76.86 57.65
CA ARG J 84 46.49 76.37 56.42
C ARG J 84 45.77 76.97 55.23
N ASP J 85 46.48 77.44 54.21
CA ASP J 85 45.87 78.13 53.07
C ASP J 85 46.20 77.48 51.72
N VAL J 86 45.21 77.45 50.84
CA VAL J 86 45.27 76.78 49.53
C VAL J 86 45.06 77.80 48.43
N HIS J 87 46.05 77.98 47.56
CA HIS J 87 46.00 78.93 46.45
C HIS J 87 45.93 78.20 45.10
N PRO J 88 45.00 78.53 44.20
CA PRO J 88 44.94 77.93 42.87
C PRO J 88 46.18 78.23 42.01
N ALA J 89 46.39 77.41 40.99
CA ALA J 89 47.41 77.60 39.96
C ALA J 89 46.86 77.22 38.58
N LYS J 90 47.38 77.85 37.51
CA LYS J 90 46.94 77.61 36.14
C LYS J 90 47.76 76.56 35.43
N ILE J 91 47.08 75.78 34.60
CA ILE J 91 47.66 74.91 33.60
C ILE J 91 47.06 75.27 32.25
N ALA J 92 47.90 75.37 31.23
CA ALA J 92 47.46 75.83 29.92
C ALA J 92 48.27 75.22 28.77
N THR J 93 47.73 75.29 27.56
CA THR J 93 48.40 74.91 26.32
C THR J 93 47.77 75.58 25.11
N ILE J 94 48.50 75.74 24.02
CA ILE J 94 48.03 76.34 22.76
C ILE J 94 48.24 75.33 21.64
N PHE J 95 47.33 75.27 20.66
CA PHE J 95 47.54 74.50 19.44
C PHE J 95 47.11 75.30 18.21
N VAL J 96 47.74 75.03 17.06
CA VAL J 96 47.78 75.92 15.90
C VAL J 96 47.51 75.18 14.60
N ALA J 97 46.76 75.79 13.67
CA ALA J 97 46.48 75.22 12.36
C ALA J 97 46.35 76.32 11.30
N SER J 98 46.57 76.01 10.03
CA SER J 98 46.27 76.93 8.92
C SER J 98 44.78 77.10 8.75
N ALA J 99 44.29 78.25 8.28
CA ALA J 99 42.86 78.47 8.12
C ALA J 99 42.23 77.50 7.11
N GLU J 100 42.99 77.02 6.12
CA GLU J 100 42.60 75.92 5.24
C GLU J 100 42.21 74.66 6.01
N THR J 101 42.96 74.34 7.07
CA THR J 101 42.66 73.22 7.97
C THR J 101 41.41 73.49 8.78
N VAL J 102 41.14 74.73 9.18
CA VAL J 102 39.95 75.06 9.97
C VAL J 102 38.67 74.95 9.13
N ARG J 103 38.68 75.27 7.83
CA ARG J 103 37.52 75.00 6.98
C ARG J 103 37.27 73.50 6.82
N ALA J 104 38.32 72.75 6.52
CA ALA J 104 38.19 71.32 6.24
C ALA J 104 37.87 70.48 7.48
N ASN J 105 38.49 70.77 8.62
CA ASN J 105 38.44 69.97 9.84
C ASN J 105 38.65 68.46 9.57
N PRO J 106 39.76 68.07 8.95
CA PRO J 106 39.96 66.71 8.47
C PRO J 106 39.98 65.73 9.63
N ALA J 107 39.28 64.61 9.51
CA ALA J 107 39.10 63.62 10.58
C ALA J 107 38.55 64.21 11.89
N ASN J 108 37.87 65.35 11.85
CA ASN J 108 37.47 66.11 13.04
C ASN J 108 38.63 66.39 14.00
N TYR J 109 39.81 66.72 13.47
CA TYR J 109 41.01 67.00 14.25
C TYR J 109 40.79 68.08 15.32
N LEU J 110 40.14 69.19 14.98
CA LEU J 110 39.94 70.28 15.93
C LEU J 110 39.01 69.91 17.08
N GLY J 111 37.98 69.10 16.83
CA GLY J 111 37.13 68.59 17.91
C GLY J 111 37.88 67.56 18.76
N THR J 112 38.71 66.74 18.14
CA THR J 112 39.48 65.69 18.80
C THR J 112 40.58 66.25 19.69
N MET J 113 41.20 67.37 19.32
CA MET J 113 42.16 68.05 20.20
C MET J 113 41.52 68.46 21.52
N ARG J 114 40.29 68.99 21.52
CA ARG J 114 39.68 69.54 22.75
C ARG J 114 39.43 68.49 23.83
N THR J 115 39.15 67.24 23.49
CA THR J 115 39.06 66.19 24.51
C THR J 115 40.46 65.78 24.97
N LYS J 116 41.42 65.63 24.06
CA LYS J 116 42.75 65.15 24.43
C LYS J 116 43.57 66.13 25.23
N VAL J 117 43.41 67.44 25.09
CA VAL J 117 43.98 68.41 26.05
C VAL J 117 43.35 68.30 27.44
N ALA J 118 42.06 67.97 27.56
CA ALA J 118 41.46 67.75 28.87
C ALA J 118 42.11 66.56 29.58
N THR J 119 42.42 65.50 28.84
CA THR J 119 43.21 64.38 29.36
C THR J 119 44.64 64.77 29.68
N ALA J 120 45.29 65.59 28.85
CA ALA J 120 46.64 66.05 29.15
C ALA J 120 46.70 66.79 30.48
N ILE J 121 45.71 67.64 30.75
CA ILE J 121 45.57 68.33 32.04
C ILE J 121 45.38 67.33 33.17
N ALA J 122 44.51 66.34 33.03
CA ALA J 122 44.32 65.33 34.07
C ALA J 122 45.61 64.54 34.37
N MET J 123 46.39 64.16 33.36
CA MET J 123 47.70 63.53 33.58
C MET J 123 48.67 64.45 34.31
N ALA J 124 48.78 65.69 33.88
CA ALA J 124 49.70 66.65 34.48
C ALA J 124 49.37 66.98 35.93
N PHE J 125 48.11 66.84 36.35
CA PHE J 125 47.72 66.96 37.75
C PHE J 125 48.30 65.85 38.60
N ASP J 126 48.15 64.58 38.20
CA ASP J 126 48.74 63.47 38.94
C ASP J 126 50.27 63.57 39.01
N ASN J 127 50.95 63.88 37.91
CA ASN J 127 52.40 64.01 37.95
C ASN J 127 52.86 65.12 38.90
N ALA J 128 52.15 66.25 38.96
CA ALA J 128 52.47 67.30 39.92
C ALA J 128 52.11 66.92 41.37
N ALA J 129 51.08 66.12 41.58
CA ALA J 129 50.65 65.72 42.92
C ALA J 129 51.55 64.65 43.54
N LEU J 130 51.99 63.67 42.74
CA LEU J 130 52.76 62.53 43.21
C LEU J 130 54.26 62.80 43.12
N HIS J 131 54.76 62.97 41.90
CA HIS J 131 56.19 63.07 41.59
C HIS J 131 56.73 64.49 41.73
N GLY J 132 55.87 65.50 41.68
CA GLY J 132 56.25 66.91 41.78
C GLY J 132 56.94 67.48 40.52
N THR J 133 57.02 66.72 39.43
CA THR J 133 57.99 66.94 38.34
C THR J 133 57.88 68.26 37.60
N ASN J 134 56.72 68.93 37.65
CA ASN J 134 56.54 70.23 37.04
C ASN J 134 55.68 71.17 37.92
N ALA J 135 55.61 70.89 39.23
CA ALA J 135 54.56 71.42 40.07
C ALA J 135 54.65 72.94 40.23
N PRO J 136 53.52 73.66 40.25
CA PRO J 136 53.51 75.07 40.54
C PRO J 136 53.88 75.28 42.00
N SER J 137 54.51 76.40 42.32
CA SER J 137 54.94 76.71 43.70
C SER J 137 53.77 76.84 44.68
N ALA J 138 52.55 77.06 44.19
CA ALA J 138 51.35 77.09 45.02
C ALA J 138 50.95 75.72 45.60
N PHE J 139 51.38 74.61 45.02
CA PHE J 139 51.11 73.28 45.56
C PHE J 139 52.03 72.99 46.75
N GLN J 140 51.45 72.66 47.90
CA GLN J 140 52.20 72.35 49.12
C GLN J 140 52.19 70.83 49.37
N GLY J 141 53.38 70.26 49.47
CA GLY J 141 53.62 68.82 49.54
C GLY J 141 53.44 68.11 48.20
N TYR J 142 54.24 67.07 47.96
CA TYR J 142 53.97 66.05 46.93
C TYR J 142 54.49 64.70 47.44
N LEU J 143 53.82 63.60 47.14
CA LEU J 143 54.00 62.37 47.94
C LEU J 143 55.41 61.79 47.93
N ASP J 144 56.21 62.02 46.89
CA ASP J 144 57.61 61.58 46.89
C ASP J 144 58.46 62.18 48.01
N GLN J 145 58.04 63.28 48.64
CA GLN J 145 58.72 63.87 49.80
C GLN J 145 58.62 63.04 51.09
N SER J 146 57.82 61.98 51.14
CA SER J 146 57.74 61.15 52.33
C SER J 146 59.09 60.53 52.70
N ASN J 147 59.38 60.45 53.99
CA ASN J 147 60.53 59.74 54.54
C ASN J 147 60.28 58.24 54.78
N LYS J 148 59.08 57.71 54.51
CA LYS J 148 58.77 56.28 54.70
C LYS J 148 58.81 55.54 53.36
N THR J 149 59.56 54.44 53.30
CA THR J 149 59.67 53.58 52.10
C THR J 149 59.51 52.12 52.45
N GLN J 150 59.17 51.29 51.47
CA GLN J 150 59.03 49.86 51.66
C GLN J 150 59.25 49.09 50.35
N SER J 151 60.17 48.12 50.36
CA SER J 151 60.31 47.17 49.27
C SER J 151 59.17 46.15 49.28
N ILE J 152 58.55 45.88 48.14
CA ILE J 152 57.46 44.88 48.02
C ILE J 152 57.82 43.67 47.17
N SER J 153 59.04 43.62 46.61
CA SER J 153 59.43 42.66 45.56
C SER J 153 59.35 41.17 45.93
N PRO J 154 59.97 40.68 47.02
CA PRO J 154 60.04 39.23 47.26
C PRO J 154 58.71 38.64 47.72
N ASN J 155 57.92 39.38 48.50
CA ASN J 155 56.64 38.95 49.05
C ASN J 155 55.74 40.16 49.35
N ALA J 156 54.80 40.45 48.45
CA ALA J 156 53.93 41.60 48.58
C ALA J 156 53.06 41.59 49.85
N TYR J 157 52.60 40.42 50.31
CA TYR J 157 51.78 40.32 51.50
C TYR J 157 52.55 40.71 52.75
N GLN J 158 53.78 40.23 52.91
CA GLN J 158 54.67 40.69 53.98
C GLN J 158 54.98 42.17 53.84
N GLY J 159 55.21 42.61 52.60
CA GLY J 159 55.55 43.99 52.25
C GLY J 159 54.50 44.99 52.71
N LEU J 160 53.25 44.85 52.29
CA LEU J 160 52.17 45.74 52.72
C LEU J 160 51.67 45.39 54.12
N GLY J 161 51.26 44.14 54.31
CA GLY J 161 50.42 43.73 55.43
C GLY J 161 51.13 43.70 56.78
N VAL J 162 52.45 43.65 56.81
CA VAL J 162 53.24 43.60 58.04
C VAL J 162 54.27 44.71 58.06
N SER J 163 55.29 44.67 57.21
CA SER J 163 56.40 45.62 57.28
C SER J 163 55.96 47.05 57.01
N GLY J 164 55.25 47.27 55.90
CA GLY J 164 54.76 48.59 55.51
C GLY J 164 53.76 49.16 56.50
N LEU J 165 52.70 48.43 56.82
CA LEU J 165 51.69 48.91 57.75
C LEU J 165 52.26 49.24 59.14
N THR J 166 53.28 48.51 59.60
CA THR J 166 53.94 48.84 60.87
C THR J 166 54.48 50.26 60.88
N LYS J 167 55.06 50.74 59.77
CA LYS J 167 55.63 52.09 59.69
C LYS J 167 54.55 53.18 59.81
N LEU J 168 53.30 52.89 59.46
CA LEU J 168 52.20 53.85 59.60
C LEU J 168 51.64 53.84 61.03
N VAL J 169 51.23 52.68 61.55
CA VAL J 169 50.52 52.64 62.84
C VAL J 169 51.44 52.98 64.01
N THR J 170 52.72 52.63 63.97
CA THR J 170 53.67 53.02 65.02
C THR J 170 53.94 54.52 65.05
N ASP J 171 53.71 55.24 63.95
CA ASP J 171 53.75 56.69 63.89
C ASP J 171 52.38 57.35 64.11
N GLY J 172 51.35 56.57 64.45
CA GLY J 172 50.02 57.06 64.77
C GLY J 172 49.17 57.50 63.56
N LYS J 173 49.43 56.99 62.36
CA LYS J 173 48.73 57.39 61.13
C LYS J 173 48.02 56.20 60.48
N LYS J 174 46.83 56.42 59.92
CA LYS J 174 45.96 55.36 59.39
C LYS J 174 46.34 54.92 57.99
N TRP J 175 45.90 53.73 57.56
CA TRP J 175 46.00 53.29 56.16
C TRP J 175 44.59 53.11 55.58
N THR J 176 44.23 53.91 54.58
CA THR J 176 42.84 54.03 54.10
C THR J 176 42.67 53.82 52.61
N HIS J 177 43.74 53.87 51.80
CA HIS J 177 43.70 53.69 50.34
C HIS J 177 45.08 53.25 49.84
N THR J 178 45.17 52.74 48.62
CA THR J 178 46.46 52.54 47.96
C THR J 178 46.40 52.64 46.44
N LEU J 179 47.46 53.16 45.84
CA LEU J 179 47.62 53.38 44.41
C LEU J 179 48.78 52.54 43.90
N LEU J 180 48.60 51.77 42.82
CA LEU J 180 49.62 50.87 42.28
C LEU J 180 49.75 50.99 40.76
N ASP J 181 50.97 50.92 40.24
CA ASP J 181 51.22 50.83 38.81
C ASP J 181 50.81 49.46 38.23
N ASP J 182 50.35 49.37 36.98
CA ASP J 182 50.02 48.09 36.32
C ASP J 182 51.15 47.05 36.41
N THR J 183 52.41 47.47 36.41
CA THR J 183 53.55 46.56 36.54
C THR J 183 53.61 45.83 37.89
N VAL J 184 52.79 46.19 38.87
CA VAL J 184 52.68 45.49 40.16
C VAL J 184 51.86 44.22 40.08
N GLU J 185 50.99 43.99 39.08
CA GLU J 185 50.17 42.76 39.09
C GLU J 185 51.00 41.46 39.10
N PRO J 186 52.05 41.28 38.28
CA PRO J 186 52.93 40.13 38.39
C PRO J 186 53.54 39.97 39.78
N VAL J 187 53.93 41.06 40.43
CA VAL J 187 54.54 41.00 41.76
C VAL J 187 53.51 40.58 42.80
N LEU J 188 52.30 41.09 42.69
CA LEU J 188 51.19 40.75 43.57
C LEU J 188 50.81 39.28 43.41
N ASN J 189 50.60 38.81 42.17
CA ASN J 189 50.27 37.41 41.90
C ASN J 189 51.41 36.45 42.29
N GLY J 190 52.66 36.86 42.08
CA GLY J 190 53.84 36.05 42.37
C GLY J 190 54.16 35.87 43.85
N SER J 191 53.43 36.53 44.75
CA SER J 191 53.59 36.31 46.19
C SER J 191 52.99 34.97 46.61
N VAL J 192 53.79 34.11 47.25
CA VAL J 192 53.45 32.70 47.49
C VAL J 192 53.92 32.17 48.86
N ASP J 193 53.26 31.13 49.36
CA ASP J 193 53.79 30.24 50.38
C ASP J 193 55.18 29.68 49.99
N ALA J 194 55.93 29.17 50.97
CA ALA J 194 57.14 28.38 50.73
C ALA J 194 56.91 27.12 49.86
N ASN J 195 55.67 26.62 49.80
CA ASN J 195 55.27 25.50 48.92
C ASN J 195 54.77 25.95 47.52
N GLY J 196 54.62 27.26 47.26
CA GLY J 196 54.22 27.80 45.97
C GLY J 196 52.75 28.22 45.82
N ARG J 197 51.87 28.06 46.83
CA ARG J 197 50.47 28.51 46.74
C ARG J 197 50.35 30.05 46.82
N PRO J 198 49.52 30.74 46.03
CA PRO J 198 49.48 32.21 45.99
C PRO J 198 48.80 32.83 47.21
N LEU J 199 49.27 33.99 47.68
CA LEU J 199 48.74 34.62 48.91
C LEU J 199 47.47 35.45 48.70
N PHE J 200 47.28 36.08 47.54
CA PHE J 200 46.10 36.91 47.28
C PHE J 200 45.00 36.17 46.50
N VAL J 201 44.02 35.62 47.20
CA VAL J 201 42.72 35.26 46.61
C VAL J 201 41.83 36.51 46.46
N GLU J 202 41.99 37.48 47.35
CA GLU J 202 41.41 38.83 47.25
C GLU J 202 41.89 39.53 45.96
N SER J 203 40.97 40.08 45.17
CA SER J 203 41.22 40.34 43.74
C SER J 203 40.60 41.64 43.23
N THR J 204 41.01 42.03 42.01
CA THR J 204 40.72 43.31 41.37
C THR J 204 39.98 43.11 40.04
N TYR J 205 39.14 44.07 39.65
CA TYR J 205 38.16 43.95 38.57
C TYR J 205 38.23 45.14 37.62
N GLU J 206 37.76 44.97 36.37
CA GLU J 206 37.59 46.09 35.45
C GLU J 206 36.50 47.02 35.97
N SER J 207 36.84 48.29 36.18
CA SER J 207 35.84 49.31 36.56
C SER J 207 35.01 49.69 35.34
N LEU J 208 33.70 49.84 35.49
CA LEU J 208 32.82 50.22 34.39
C LEU J 208 33.14 51.64 33.90
N THR J 209 33.03 51.85 32.57
CA THR J 209 33.17 53.15 31.87
C THR J 209 34.40 53.99 32.25
N THR J 210 35.45 53.35 32.75
CA THR J 210 36.69 53.99 33.27
C THR J 210 37.91 53.10 32.99
N PRO J 211 39.12 53.65 32.91
CA PRO J 211 40.31 52.89 32.49
C PRO J 211 40.94 52.07 33.61
N PHE J 212 40.64 52.36 34.88
CA PHE J 212 41.28 51.77 36.04
C PHE J 212 40.85 50.32 36.28
N ARG J 213 41.70 49.56 36.97
CA ARG J 213 41.27 48.31 37.61
C ARG J 213 41.19 48.55 39.11
N GLU J 214 40.11 48.13 39.74
CA GLU J 214 39.79 48.49 41.12
C GLU J 214 39.42 47.26 41.95
N GLY J 215 39.74 47.25 43.24
CA GLY J 215 39.33 46.18 44.15
C GLY J 215 39.75 46.45 45.58
N ARG J 216 39.45 45.52 46.50
CA ARG J 216 40.01 45.53 47.85
C ARG J 216 41.41 44.91 47.80
N ILE J 217 42.35 45.37 48.61
CA ILE J 217 43.55 44.62 49.00
C ILE J 217 43.76 44.83 50.50
N LEU J 218 43.90 43.75 51.26
CA LEU J 218 43.90 43.76 52.73
C LEU J 218 42.77 44.64 53.28
N GLY J 219 41.61 44.58 52.64
CA GLY J 219 40.42 45.37 52.95
C GLY J 219 40.42 46.80 52.41
N ARG J 220 41.58 47.40 52.08
CA ARG J 220 41.67 48.79 51.62
C ARG J 220 41.28 48.92 50.14
N PRO J 221 40.49 49.92 49.74
CA PRO J 221 40.29 50.27 48.34
C PRO J 221 41.62 50.47 47.63
N THR J 222 41.75 49.86 46.46
CA THR J 222 43.00 49.80 45.70
C THR J 222 42.75 50.16 44.25
N ILE J 223 43.55 51.05 43.68
CA ILE J 223 43.45 51.44 42.27
C ILE J 223 44.73 51.04 41.54
N LEU J 224 44.59 50.38 40.40
CA LEU J 224 45.67 50.08 39.48
C LEU J 224 45.57 50.96 38.23
N SER J 225 46.69 51.54 37.79
CA SER J 225 46.73 52.38 36.59
C SER J 225 48.10 52.33 35.87
N ASP J 226 48.15 52.73 34.60
CA ASP J 226 49.30 52.54 33.72
C ASP J 226 50.45 53.58 33.88
N HIS J 227 50.28 54.60 34.71
CA HIS J 227 51.21 55.74 34.79
C HIS J 227 51.51 56.19 36.21
N VAL J 228 51.34 55.33 37.22
CA VAL J 228 51.69 55.67 38.59
C VAL J 228 53.21 55.73 38.78
N ALA J 229 53.96 54.81 38.17
CA ALA J 229 55.38 54.67 38.45
C ALA J 229 56.25 55.76 37.79
N GLU J 230 57.21 56.28 38.54
CA GLU J 230 58.39 56.97 38.02
C GLU J 230 59.58 56.71 38.94
N GLY J 231 60.79 56.55 38.38
CA GLY J 231 61.94 56.10 39.15
C GLY J 231 61.71 54.72 39.74
N ASP J 232 62.17 54.49 40.96
CA ASP J 232 62.02 53.21 41.67
C ASP J 232 60.66 53.06 42.38
N VAL J 233 59.86 54.12 42.47
CA VAL J 233 58.54 54.05 43.12
C VAL J 233 57.50 53.46 42.18
N VAL J 234 56.75 52.47 42.67
CA VAL J 234 55.72 51.76 41.91
C VAL J 234 54.32 51.96 42.46
N GLY J 235 54.18 52.58 43.63
CA GLY J 235 52.88 52.81 44.25
C GLY J 235 52.99 53.47 45.61
N TYR J 236 51.84 53.74 46.22
CA TYR J 236 51.75 54.45 47.49
C TYR J 236 50.64 53.85 48.35
N ALA J 237 50.81 53.92 49.67
CA ALA J 237 49.81 53.52 50.63
C ALA J 237 49.82 54.50 51.81
N GLY J 238 48.67 54.92 52.30
CA GLY J 238 48.62 55.89 53.40
C GLY J 238 47.21 56.34 53.73
N ASP J 239 47.08 57.53 54.29
CA ASP J 239 45.78 58.14 54.53
C ASP J 239 45.43 59.20 53.48
N PHE J 240 44.81 58.79 52.39
CA PHE J 240 44.41 59.72 51.32
C PHE J 240 43.30 60.69 51.72
N SER J 241 42.73 60.62 52.93
CA SER J 241 41.87 61.70 53.43
C SER J 241 42.68 62.94 53.83
N GLN J 242 44.00 62.83 53.96
CA GLN J 242 44.91 63.97 54.17
C GLN J 242 45.18 64.81 52.91
N ILE J 243 44.45 64.59 51.81
CA ILE J 243 44.60 65.34 50.57
C ILE J 243 43.28 66.01 50.19
N ILE J 244 43.30 67.31 49.92
CA ILE J 244 42.16 68.05 49.38
C ILE J 244 42.54 68.72 48.07
N TRP J 245 41.59 68.84 47.16
CA TRP J 245 41.79 69.52 45.89
C TRP J 245 40.51 70.21 45.44
N GLY J 246 40.62 71.17 44.53
CA GLY J 246 39.46 71.87 43.98
C GLY J 246 39.78 72.54 42.66
N GLN J 247 38.76 72.71 41.83
CA GLN J 247 38.87 73.35 40.53
C GLN J 247 38.16 74.70 40.55
N VAL J 248 38.82 75.76 40.10
CA VAL J 248 38.19 77.07 39.94
C VAL J 248 37.45 77.12 38.61
N GLY J 249 36.12 77.15 38.64
CA GLY J 249 35.31 77.21 37.44
C GLY J 249 35.36 75.91 36.63
N GLY J 250 35.74 75.98 35.37
CA GLY J 250 35.83 74.84 34.46
C GLY J 250 36.83 75.08 33.33
N LEU J 251 37.07 74.05 32.51
CA LEU J 251 38.01 74.11 31.40
C LEU J 251 37.57 75.14 30.36
N SER J 252 38.47 76.03 29.95
CA SER J 252 38.15 77.17 29.09
C SER J 252 38.94 77.18 27.79
N PHE J 253 38.29 77.60 26.70
CA PHE J 253 38.86 77.68 25.35
C PHE J 253 38.65 79.06 24.72
N ASP J 254 39.72 79.69 24.25
CA ASP J 254 39.66 80.91 23.42
C ASP J 254 40.30 80.64 22.07
N VAL J 255 39.80 81.25 21.00
CA VAL J 255 40.36 81.10 19.65
C VAL J 255 40.69 82.46 19.05
N THR J 256 41.80 82.57 18.33
CA THR J 256 42.21 83.81 17.69
C THR J 256 42.92 83.57 16.38
N ASP J 257 42.83 84.55 15.50
CA ASP J 257 43.54 84.65 14.23
C ASP J 257 44.36 85.95 14.11
N GLN J 258 44.38 86.80 15.15
CA GLN J 258 45.07 88.08 15.14
C GLN J 258 46.33 88.14 16.00
N ALA J 259 46.52 87.23 16.94
CA ALA J 259 47.68 87.25 17.82
C ALA J 259 48.99 86.99 17.09
N THR J 260 50.11 87.24 17.77
CA THR J 260 51.45 86.77 17.38
C THR J 260 51.93 85.77 18.41
N LEU J 261 52.47 84.63 17.99
CA LEU J 261 52.96 83.61 18.89
C LEU J 261 54.49 83.57 18.87
N ASN J 262 55.12 83.36 20.02
CA ASN J 262 56.53 83.00 20.09
C ASN J 262 56.67 81.48 19.98
N LEU J 263 57.24 80.98 18.90
CA LEU J 263 57.49 79.55 18.72
C LEU J 263 58.78 79.07 19.42
N GLY J 264 59.62 80.00 19.87
CA GLY J 264 60.87 79.71 20.56
C GLY J 264 60.73 79.79 22.08
N SER J 265 61.57 80.59 22.71
CA SER J 265 61.58 80.86 24.16
C SER J 265 61.87 82.35 24.41
N GLN J 266 61.68 82.84 25.63
CA GLN J 266 62.05 84.23 25.96
C GLN J 266 63.56 84.48 25.86
N GLU J 267 64.38 83.44 26.04
CA GLU J 267 65.83 83.48 25.89
C GLU J 267 66.29 83.45 24.42
N SER J 268 65.44 83.04 23.47
CA SER J 268 65.73 83.01 22.02
C SER J 268 64.44 83.04 21.20
N PRO J 269 63.83 84.22 21.02
CA PRO J 269 62.53 84.34 20.39
C PRO J 269 62.47 83.90 18.93
N ASN J 270 61.28 83.54 18.48
CA ASN J 270 60.99 83.17 17.10
C ASN J 270 59.51 83.44 16.82
N PHE J 271 59.15 84.67 16.48
CA PHE J 271 57.75 85.09 16.37
C PHE J 271 57.10 84.74 15.03
N VAL J 272 55.81 84.44 15.04
CA VAL J 272 54.98 84.30 13.84
C VAL J 272 53.65 85.02 14.02
N SER J 273 53.33 85.96 13.15
CA SER J 273 52.01 86.59 13.12
C SER J 273 50.97 85.61 12.59
N LEU J 274 49.94 85.27 13.37
CA LEU J 274 48.91 84.38 12.88
C LEU J 274 48.18 85.00 11.69
N TRP J 275 47.97 86.31 11.75
CA TRP J 275 47.20 87.05 10.75
C TRP J 275 47.93 87.18 9.42
N GLN J 276 49.24 87.43 9.44
CA GLN J 276 50.02 87.50 8.22
C GLN J 276 50.26 86.15 7.55
N HIS J 277 50.32 85.06 8.31
CA HIS J 277 50.51 83.71 7.77
C HIS J 277 49.20 82.95 7.57
N ASN J 278 48.05 83.57 7.80
CA ASN J 278 46.71 82.96 7.63
C ASN J 278 46.50 81.71 8.51
N LEU J 279 46.94 81.79 9.76
CA LEU J 279 46.86 80.73 10.77
C LEU J 279 45.75 81.02 11.79
N VAL J 280 45.40 80.05 12.61
CA VAL J 280 44.45 80.14 13.72
C VAL J 280 45.01 79.38 14.92
N ALA J 281 44.87 79.90 16.13
CA ALA J 281 45.32 79.23 17.34
C ALA J 281 44.23 79.14 18.41
N VAL J 282 44.14 78.01 19.09
CA VAL J 282 43.23 77.78 20.21
C VAL J 282 44.04 77.74 21.50
N ARG J 283 43.63 78.50 22.50
CA ARG J 283 44.30 78.66 23.79
C ARG J 283 43.45 78.04 24.88
N VAL J 284 43.98 77.04 25.55
CA VAL J 284 43.26 76.18 26.49
C VAL J 284 43.75 76.44 27.90
N GLU J 285 42.86 76.63 28.85
CA GLU J 285 43.23 77.04 30.21
C GLU J 285 42.33 76.46 31.29
N ALA J 286 42.91 76.06 32.41
CA ALA J 286 42.19 75.55 33.58
C ALA J 286 42.99 75.84 34.86
N GLU J 287 42.33 75.81 36.01
CA GLU J 287 42.92 76.28 37.27
C GLU J 287 42.53 75.39 38.46
N TYR J 288 43.51 74.91 39.21
CA TYR J 288 43.34 73.94 40.30
C TYR J 288 44.11 74.32 41.56
N GLY J 289 43.59 73.95 42.72
CA GLY J 289 44.31 73.98 44.00
C GLY J 289 44.48 72.58 44.57
N LEU J 290 45.58 72.34 45.28
CA LEU J 290 45.91 71.07 45.91
C LEU J 290 46.68 71.32 47.19
N LEU J 291 46.25 70.71 48.30
CA LEU J 291 46.99 70.69 49.54
C LEU J 291 47.05 69.27 50.09
N ILE J 292 48.24 68.84 50.48
CA ILE J 292 48.48 67.62 51.23
C ILE J 292 48.81 68.05 52.66
N ASN J 293 48.03 67.59 53.64
CA ASN J 293 48.17 68.05 55.01
C ASN J 293 49.51 67.66 55.63
N ASP J 294 49.93 66.41 55.41
CA ASP J 294 51.16 65.84 55.97
C ASP J 294 51.75 64.76 55.05
N VAL J 295 52.82 65.09 54.33
CA VAL J 295 53.44 64.14 53.40
C VAL J 295 54.03 62.92 54.11
N ASN J 296 54.30 62.97 55.41
CA ASN J 296 54.84 61.84 56.15
C ASN J 296 53.79 60.77 56.48
N ALA J 297 52.51 60.98 56.12
CA ALA J 297 51.44 60.00 56.31
C ALA J 297 51.33 58.94 55.20
N PHE J 298 52.34 58.80 54.33
CA PHE J 298 52.30 57.90 53.17
C PHE J 298 53.58 57.09 53.02
N VAL J 299 53.47 55.82 52.69
CA VAL J 299 54.61 54.93 52.43
C VAL J 299 54.82 54.80 50.93
N LYS J 300 56.02 55.11 50.45
CA LYS J 300 56.41 54.90 49.06
C LYS J 300 56.76 53.43 48.83
N LEU J 301 56.16 52.78 47.84
CA LEU J 301 56.36 51.36 47.56
C LEU J 301 57.35 51.17 46.41
N THR J 302 58.31 50.25 46.51
CA THR J 302 59.38 50.07 45.51
C THR J 302 59.70 48.60 45.22
N PHE J 303 60.33 48.31 44.09
CA PHE J 303 60.84 46.97 43.74
C PHE J 303 62.30 46.73 44.20
N ASP J 304 62.80 47.56 45.12
CA ASP J 304 64.15 47.44 45.70
C ASP J 304 64.44 45.99 46.14
N PRO J 305 65.50 45.33 45.64
CA PRO J 305 65.79 43.93 45.95
C PRO J 305 66.28 43.74 47.38
N VAL J 306 66.25 42.49 47.87
CA VAL J 306 66.87 42.13 49.15
C VAL J 306 68.39 42.12 48.99
N LEU J 307 69.07 43.16 49.48
CA LEU J 307 70.52 43.25 49.45
C LEU J 307 71.17 42.29 50.45
N THR J 308 72.47 42.05 50.29
CA THR J 308 73.36 41.46 51.29
C THR J 308 74.73 42.10 51.14
N THR J 309 75.45 42.27 52.24
CA THR J 309 76.78 42.86 52.28
C THR J 309 77.82 41.80 52.57
N TYR J 310 78.87 41.73 51.74
CA TYR J 310 79.94 40.75 51.84
C TYR J 310 81.30 41.43 52.00
N ALA J 311 82.22 40.79 52.72
CA ALA J 311 83.63 41.15 52.76
C ALA J 311 84.46 40.17 51.93
N LEU J 312 85.44 40.67 51.19
CA LEU J 312 86.41 39.86 50.43
C LEU J 312 87.83 40.23 50.87
N ASP J 313 88.35 39.43 51.81
CA ASP J 313 89.73 39.52 52.27
C ASP J 313 90.68 38.83 51.26
N LEU J 314 91.75 39.51 50.84
CA LEU J 314 92.80 38.90 50.00
C LEU J 314 94.01 38.36 50.80
N ASP J 315 93.97 38.38 52.13
CA ASP J 315 95.02 37.83 53.00
C ASP J 315 96.42 38.40 52.68
N GLY J 316 96.47 39.69 52.35
CA GLY J 316 97.70 40.42 51.98
C GLY J 316 98.35 39.98 50.66
N ALA J 317 97.66 39.24 49.80
CA ALA J 317 98.22 38.73 48.55
C ALA J 317 98.80 39.81 47.63
N SER J 318 99.90 39.48 46.93
CA SER J 318 100.63 40.41 46.05
C SER J 318 100.81 39.89 44.61
N ALA J 319 100.15 38.78 44.27
CA ALA J 319 100.22 38.17 42.94
C ALA J 319 98.98 37.30 42.66
N GLY J 320 98.72 37.04 41.37
CA GLY J 320 97.63 36.17 40.92
C GLY J 320 96.27 36.87 40.76
N ASN J 321 95.21 36.06 40.69
CA ASN J 321 93.85 36.53 40.40
C ASN J 321 92.78 35.70 41.12
N PHE J 322 91.59 36.26 41.27
CA PHE J 322 90.44 35.64 41.93
C PHE J 322 89.18 35.83 41.07
N THR J 323 88.17 34.98 41.24
CA THR J 323 86.97 34.99 40.39
C THR J 323 85.71 35.00 41.23
N LEU J 324 84.68 35.74 40.82
CA LEU J 324 83.45 35.93 41.58
C LEU J 324 82.21 35.39 40.85
N SER J 325 81.24 34.89 41.61
CA SER J 325 80.08 34.16 41.11
C SER J 325 78.77 34.60 41.78
N LEU J 326 77.69 34.69 41.00
CA LEU J 326 76.33 34.93 41.49
C LEU J 326 75.45 33.73 41.14
N ASP J 327 74.97 33.00 42.15
CA ASP J 327 74.16 31.79 41.96
C ASP J 327 74.76 30.81 40.91
N GLY J 328 76.08 30.63 40.94
CA GLY J 328 76.84 29.77 40.02
C GLY J 328 77.20 30.40 38.67
N LYS J 329 76.48 31.42 38.18
CA LYS J 329 76.88 32.15 36.98
C LYS J 329 78.05 33.08 37.31
N THR J 330 79.11 33.02 36.51
CA THR J 330 80.45 33.39 37.00
C THR J 330 81.18 34.36 36.09
N SER J 331 81.85 35.35 36.70
CA SER J 331 82.58 36.44 36.04
C SER J 331 83.90 35.97 35.40
N ALA J 332 84.52 36.86 34.62
CA ALA J 332 85.95 36.76 34.32
C ALA J 332 86.81 37.05 35.56
N ASN J 333 88.04 36.54 35.61
CA ASN J 333 88.92 36.72 36.77
C ASN J 333 89.37 38.17 36.98
N ILE J 334 89.81 38.48 38.21
CA ILE J 334 90.16 39.81 38.70
C ILE J 334 91.55 39.75 39.36
N ALA J 335 92.44 40.68 39.01
CA ALA J 335 93.79 40.73 39.54
C ALA J 335 93.85 41.07 41.04
N TYR J 336 94.85 40.55 41.76
CA TYR J 336 95.05 40.80 43.20
C TYR J 336 95.10 42.29 43.59
N ASN J 337 95.55 43.16 42.70
CA ASN J 337 95.70 44.61 42.92
C ASN J 337 94.48 45.44 42.48
N ALA J 338 93.40 44.81 42.02
CA ALA J 338 92.30 45.48 41.33
C ALA J 338 91.57 46.53 42.18
N SER J 339 91.27 47.68 41.57
CA SER J 339 90.49 48.75 42.19
C SER J 339 89.03 48.35 42.44
N THR J 340 88.33 49.08 43.33
CA THR J 340 86.90 48.88 43.59
C THR J 340 86.06 48.97 42.32
N ALA J 341 86.37 49.93 41.45
CA ALA J 341 85.73 50.09 40.14
C ALA J 341 85.96 48.88 39.23
N THR J 342 87.14 48.28 39.28
CA THR J 342 87.42 47.04 38.53
C THR J 342 86.50 45.92 38.99
N VAL J 343 86.41 45.67 40.30
CA VAL J 343 85.52 44.64 40.86
C VAL J 343 84.05 44.91 40.52
N LYS J 344 83.60 46.16 40.62
CA LYS J 344 82.23 46.55 40.25
C LYS J 344 81.93 46.20 38.80
N SER J 345 82.79 46.59 37.86
CA SER J 345 82.63 46.23 36.44
C SER J 345 82.66 44.71 36.23
N ALA J 346 83.52 43.98 36.94
CA ALA J 346 83.66 42.54 36.79
C ALA J 346 82.41 41.75 37.24
N ILE J 347 81.70 42.22 38.27
CA ILE J 347 80.43 41.62 38.67
C ILE J 347 79.31 41.92 37.66
N VAL J 348 79.08 43.18 37.29
CA VAL J 348 77.94 43.52 36.42
C VAL J 348 78.08 42.98 35.00
N ALA J 349 79.29 42.59 34.60
CA ALA J 349 79.54 41.84 33.36
C ALA J 349 79.00 40.39 33.37
N ILE J 350 78.53 39.87 34.49
CA ILE J 350 77.89 38.54 34.55
C ILE J 350 76.59 38.55 33.74
N ASP J 351 76.51 37.66 32.75
CA ASP J 351 75.34 37.46 31.89
C ASP J 351 74.23 36.70 32.63
N ASP J 352 73.46 37.44 33.45
CA ASP J 352 72.32 36.93 34.22
C ASP J 352 71.23 38.00 34.46
N GLY J 353 71.14 39.02 33.61
CA GLY J 353 70.26 40.16 33.87
C GLY J 353 70.64 40.95 35.13
N VAL J 354 71.92 40.92 35.51
CA VAL J 354 72.44 41.53 36.73
C VAL J 354 72.29 43.04 36.69
N SER J 355 71.79 43.62 37.78
CA SER J 355 71.61 45.07 37.90
C SER J 355 72.94 45.83 37.84
N ALA J 356 73.00 46.88 37.03
CA ALA J 356 74.13 47.79 37.01
C ALA J 356 74.20 48.69 38.26
N ASP J 357 73.07 48.93 38.93
CA ASP J 357 72.97 49.88 40.05
C ASP J 357 73.06 49.21 41.43
N ASP J 358 72.43 48.05 41.63
CA ASP J 358 72.25 47.49 42.98
C ASP J 358 73.52 46.88 43.58
N VAL J 359 74.47 46.45 42.75
CA VAL J 359 75.80 46.05 43.21
C VAL J 359 76.63 47.28 43.55
N THR J 360 77.33 47.28 44.69
CA THR J 360 78.32 48.32 45.03
C THR J 360 79.58 47.71 45.62
N VAL J 361 80.70 48.43 45.52
CA VAL J 361 82.01 48.01 46.03
C VAL J 361 82.65 49.16 46.81
N THR J 362 83.26 48.83 47.95
CA THR J 362 83.82 49.77 48.94
C THR J 362 85.07 49.16 49.59
N GLY J 363 85.85 49.99 50.28
CA GLY J 363 87.14 49.59 50.87
C GLY J 363 88.33 49.95 49.98
N SER J 364 89.49 49.36 50.26
CA SER J 364 90.73 49.56 49.50
C SER J 364 90.83 48.65 48.27
N ALA J 365 91.93 48.77 47.52
CA ALA J 365 92.37 47.71 46.60
C ALA J 365 92.78 46.47 47.41
N GLY J 366 91.93 45.43 47.41
CA GLY J 366 92.01 44.32 48.35
C GLY J 366 91.37 44.66 49.71
N ASP J 367 90.92 43.63 50.44
CA ASP J 367 90.06 43.78 51.63
C ASP J 367 88.78 44.57 51.32
N TYR J 368 88.05 44.13 50.28
CA TYR J 368 86.84 44.81 49.81
C TYR J 368 85.64 44.57 50.73
N THR J 369 84.68 45.49 50.70
CA THR J 369 83.30 45.23 51.12
C THR J 369 82.34 45.52 49.96
N ILE J 370 81.44 44.59 49.69
CA ILE J 370 80.55 44.53 48.52
C ILE J 370 79.09 44.57 49.02
N THR J 371 78.20 45.22 48.29
CA THR J 371 76.75 44.97 48.41
C THR J 371 76.23 44.27 47.18
N VAL J 372 75.39 43.24 47.34
CA VAL J 372 74.88 42.43 46.22
C VAL J 372 73.38 42.15 46.38
N PRO J 373 72.57 42.24 45.32
CA PRO J 373 71.15 41.86 45.33
C PRO J 373 70.93 40.34 45.21
N GLY J 374 71.74 39.54 45.89
CA GLY J 374 71.76 38.08 45.74
C GLY J 374 72.97 37.42 46.42
N THR J 375 73.04 36.08 46.37
CA THR J 375 74.11 35.32 47.01
C THR J 375 75.42 35.36 46.24
N LEU J 376 76.44 36.03 46.80
CA LEU J 376 77.79 36.08 46.26
C LEU J 376 78.59 34.80 46.57
N THR J 377 79.59 34.47 45.75
CA THR J 377 80.56 33.39 45.98
C THR J 377 81.90 33.75 45.32
N ALA J 378 83.02 33.25 45.84
CA ALA J 378 84.36 33.65 45.39
C ALA J 378 85.34 32.47 45.33
N ASP J 379 86.18 32.47 44.29
CA ASP J 379 87.22 31.47 44.03
C ASP J 379 88.62 32.10 44.07
N PHE J 380 89.49 31.57 44.93
CA PHE J 380 90.83 32.12 45.20
C PHE J 380 91.99 31.23 44.71
N SER J 381 91.70 30.17 43.94
CA SER J 381 92.72 29.22 43.46
C SER J 381 93.74 29.81 42.48
N GLY J 382 93.40 30.91 41.80
CA GLY J 382 94.34 31.68 40.97
C GLY J 382 95.20 32.69 41.75
N LEU J 383 94.91 32.91 43.04
CA LEU J 383 95.62 33.85 43.90
C LEU J 383 96.76 33.07 44.60
N THR J 384 97.98 33.21 44.08
CA THR J 384 99.12 32.38 44.51
C THR J 384 99.60 32.71 45.92
N ASP J 385 99.54 33.99 46.31
CA ASP J 385 99.71 34.44 47.70
C ASP J 385 98.39 34.36 48.49
N GLY J 386 98.47 34.42 49.82
CA GLY J 386 97.30 34.64 50.67
C GLY J 386 96.30 33.49 50.64
N GLU J 387 96.71 32.27 51.00
CA GLU J 387 95.84 31.09 50.99
C GLU J 387 94.64 31.19 51.97
N GLY J 388 94.66 32.14 52.90
CA GLY J 388 93.52 32.49 53.75
C GLY J 388 92.53 33.49 53.12
N ALA J 389 92.76 33.95 51.88
CA ALA J 389 91.84 34.86 51.19
C ALA J 389 90.42 34.26 51.12
N SER J 390 89.42 35.06 51.52
CA SER J 390 88.08 34.55 51.86
C SER J 390 86.97 35.55 51.60
N ILE J 391 85.80 35.02 51.25
CA ILE J 391 84.50 35.70 51.33
C ILE J 391 83.91 35.57 52.73
N SER J 392 83.14 36.56 53.19
CA SER J 392 82.28 36.44 54.38
C SER J 392 81.04 37.32 54.27
N VAL J 393 79.90 36.90 54.82
CA VAL J 393 78.74 37.79 54.99
C VAL J 393 79.02 38.76 56.13
N VAL J 394 78.97 40.05 55.86
CA VAL J 394 78.98 41.09 56.90
C VAL J 394 77.60 41.18 57.54
N SER J 395 76.57 41.31 56.71
CA SER J 395 75.16 41.30 57.10
C SER J 395 74.25 41.05 55.89
N VAL J 396 73.02 40.60 56.12
CA VAL J 396 71.91 40.86 55.18
C VAL J 396 71.65 42.37 55.11
N GLY J 397 71.18 42.88 53.97
CA GLY J 397 71.12 44.32 53.70
C GLY J 397 72.50 44.96 53.58
N GLY K 2 3.41 -15.49 27.77
CA GLY K 2 4.77 -15.09 27.37
C GLY K 2 5.17 -15.90 26.17
N PHE K 3 5.17 -15.30 24.98
CA PHE K 3 5.03 -16.03 23.72
C PHE K 3 6.01 -15.55 22.65
N SER K 4 6.28 -16.41 21.67
CA SER K 4 7.00 -16.04 20.45
C SER K 4 6.32 -14.90 19.70
N ALA K 5 7.06 -14.15 18.88
CA ALA K 5 6.43 -13.41 17.78
C ALA K 5 5.81 -14.41 16.80
N ASP K 6 4.75 -14.02 16.08
CA ASP K 6 4.00 -14.90 15.18
C ASP K 6 3.54 -16.19 15.87
N HIS K 7 3.16 -16.11 17.15
CA HIS K 7 2.52 -17.21 17.86
C HIS K 7 1.22 -17.61 17.19
N SER K 8 0.88 -18.90 17.20
CA SER K 8 -0.22 -19.43 16.41
C SER K 8 -1.62 -19.06 16.92
N GLN K 9 -1.77 -18.64 18.18
CA GLN K 9 -3.08 -18.39 18.79
C GLN K 9 -3.29 -16.95 19.25
N ILE K 10 -2.25 -16.17 19.52
CA ILE K 10 -2.38 -14.81 20.08
C ILE K 10 -1.87 -13.74 19.11
N ALA K 11 -2.63 -12.66 18.90
CA ALA K 11 -2.22 -11.54 18.06
C ALA K 11 -1.46 -10.49 18.86
N GLN K 12 -0.26 -10.13 18.41
CA GLN K 12 0.63 -9.19 19.10
C GLN K 12 1.19 -8.13 18.14
N THR K 13 1.52 -6.94 18.61
CA THR K 13 2.26 -5.93 17.82
C THR K 13 3.67 -6.38 17.41
N LYS K 14 4.24 -7.38 18.09
CA LYS K 14 5.44 -8.10 17.66
C LYS K 14 5.26 -8.84 16.33
N ASP K 15 4.04 -9.19 15.95
CA ASP K 15 3.81 -10.09 14.82
C ASP K 15 4.12 -9.42 13.48
N THR K 16 4.68 -10.18 12.54
CA THR K 16 5.10 -9.67 11.23
C THR K 16 3.94 -9.19 10.38
N MET K 17 2.74 -9.73 10.59
CA MET K 17 1.53 -9.29 9.88
C MET K 17 1.18 -7.82 10.09
N PHE K 18 1.67 -7.17 11.15
CA PHE K 18 1.43 -5.75 11.41
C PHE K 18 2.55 -4.82 10.93
N THR K 19 3.53 -5.34 10.18
CA THR K 19 4.64 -4.52 9.67
C THR K 19 4.13 -3.32 8.89
N GLY K 20 4.59 -2.12 9.23
CA GLY K 20 4.19 -0.88 8.56
C GLY K 20 2.89 -0.24 9.06
N TYR K 21 2.20 -0.82 10.04
CA TYR K 21 1.06 -0.17 10.71
C TYR K 21 1.45 0.57 11.99
N LEU K 22 2.67 0.36 12.48
CA LEU K 22 3.15 0.79 13.78
C LEU K 22 4.30 1.80 13.63
N ASP K 23 4.19 2.71 12.67
CA ASP K 23 5.26 3.65 12.31
C ASP K 23 5.48 4.70 13.41
N PRO K 24 6.73 4.90 13.87
CA PRO K 24 7.09 5.95 14.82
C PRO K 24 6.71 7.35 14.36
N VAL K 25 6.52 8.27 15.30
CA VAL K 25 6.40 9.71 15.02
C VAL K 25 7.79 10.32 14.84
N GLN K 26 7.96 11.28 13.93
CA GLN K 26 9.24 11.98 13.73
C GLN K 26 9.43 13.13 14.72
N ALA K 27 10.66 13.38 15.16
CA ALA K 27 10.98 14.42 16.12
C ALA K 27 12.26 15.20 15.80
N LYS K 28 12.46 16.33 16.48
CA LYS K 28 13.66 17.17 16.45
C LYS K 28 14.93 16.38 16.79
N ASP K 29 16.09 16.82 16.30
CA ASP K 29 17.38 16.26 16.74
C ASP K 29 17.73 16.72 18.16
N TYR K 30 17.22 16.02 19.17
CA TYR K 30 17.47 16.33 20.56
C TYR K 30 18.94 16.21 20.98
N PHE K 31 19.75 15.42 20.28
CA PHE K 31 21.15 15.23 20.66
C PHE K 31 22.08 16.34 20.17
N ALA K 32 21.60 17.28 19.38
CA ALA K 32 22.36 18.45 18.99
C ALA K 32 22.53 19.42 20.16
N GLU K 33 23.75 19.88 20.42
CA GLU K 33 24.02 21.02 21.29
C GLU K 33 23.47 22.34 20.71
N ALA K 34 23.36 23.37 21.54
CA ALA K 34 23.04 24.71 21.05
C ALA K 34 24.08 25.15 20.01
N GLU K 35 23.64 25.75 18.91
CA GLU K 35 24.51 25.95 17.76
C GLU K 35 25.71 26.87 18.05
N LYS K 36 26.89 26.47 17.59
CA LYS K 36 28.17 27.14 17.87
C LYS K 36 28.28 28.47 17.13
N THR K 37 27.97 29.57 17.82
CA THR K 37 28.38 30.91 17.39
C THR K 37 29.89 31.09 17.51
N SER K 38 30.43 32.08 16.81
CA SER K 38 31.88 32.35 16.77
C SER K 38 32.36 33.04 18.04
N ILE K 39 33.40 32.54 18.70
CA ILE K 39 33.84 33.09 19.97
C ILE K 39 34.52 34.45 19.83
N VAL K 40 35.19 34.74 18.72
CA VAL K 40 35.77 36.07 18.50
C VAL K 40 34.70 37.15 18.54
N GLN K 41 33.54 36.90 17.93
CA GLN K 41 32.42 37.84 17.94
C GLN K 41 31.80 38.07 19.32
N ARG K 42 32.12 37.23 20.32
CA ARG K 42 31.66 37.41 21.70
C ARG K 42 32.58 38.31 22.52
N VAL K 43 33.83 38.52 22.11
CA VAL K 43 34.82 39.32 22.84
C VAL K 43 35.31 40.56 22.10
N ALA K 44 35.37 40.55 20.78
CA ALA K 44 35.73 41.70 19.97
C ALA K 44 34.57 42.70 19.84
N GLN K 45 34.86 43.96 19.51
CA GLN K 45 33.84 44.99 19.40
C GLN K 45 33.16 44.99 18.02
N LYS K 46 31.84 44.79 17.99
CA LYS K 46 31.04 44.91 16.76
C LYS K 46 30.81 46.37 16.39
N ILE K 47 30.98 46.74 15.13
CA ILE K 47 30.76 48.10 14.63
C ILE K 47 29.84 48.15 13.40
N PRO K 48 29.13 49.26 13.15
CA PRO K 48 28.40 49.46 11.91
C PRO K 48 29.33 49.41 10.69
N MET K 49 28.87 48.81 9.59
CA MET K 49 29.67 48.69 8.37
C MET K 49 28.80 48.64 7.11
N GLY K 50 29.33 49.08 5.98
CA GLY K 50 28.68 49.05 4.67
C GLY K 50 29.61 48.54 3.57
N ALA K 51 29.10 48.36 2.37
CA ALA K 51 29.78 47.62 1.31
C ALA K 51 31.11 48.23 0.85
N THR K 52 31.31 49.54 0.98
CA THR K 52 32.57 50.21 0.60
C THR K 52 33.63 50.19 1.70
N GLY K 53 33.32 49.68 2.89
CA GLY K 53 34.25 49.65 4.01
C GLY K 53 34.26 50.92 4.86
N ILE K 54 35.27 51.04 5.71
CA ILE K 54 35.38 52.02 6.80
C ILE K 54 36.81 52.53 6.89
N VAL K 55 37.00 53.79 7.31
CA VAL K 55 38.30 54.30 7.79
C VAL K 55 38.22 54.84 9.21
N ILE K 56 39.24 54.55 10.00
CA ILE K 56 39.35 54.87 11.42
C ILE K 56 40.61 55.70 11.64
N PRO K 57 40.50 56.96 12.12
CA PRO K 57 41.64 57.82 12.40
C PRO K 57 42.22 57.50 13.76
N HIS K 58 43.11 56.51 13.84
CA HIS K 58 43.72 56.11 15.11
C HIS K 58 44.64 57.21 15.64
N TRP K 59 44.46 57.65 16.88
CA TRP K 59 45.27 58.70 17.48
C TRP K 59 46.65 58.21 17.95
N THR K 60 47.70 58.99 17.73
CA THR K 60 49.07 58.62 18.17
C THR K 60 49.87 59.78 18.77
N GLY K 61 49.25 60.94 19.02
CA GLY K 61 49.95 62.14 19.45
C GLY K 61 50.13 62.27 20.96
N ASP K 62 51.32 62.66 21.40
CA ASP K 62 51.65 63.03 22.78
C ASP K 62 51.24 64.49 23.07
N VAL K 63 49.95 64.74 23.25
CA VAL K 63 49.44 66.06 23.66
C VAL K 63 49.91 66.38 25.07
N SER K 64 50.21 67.65 25.35
CA SER K 64 50.79 68.06 26.63
C SER K 64 50.33 69.45 27.08
N ALA K 65 50.38 69.70 28.37
CA ALA K 65 50.03 70.97 29.01
C ALA K 65 50.94 71.19 30.20
N GLN K 66 51.16 72.45 30.60
CA GLN K 66 52.13 72.79 31.63
C GLN K 66 51.58 73.76 32.66
N TRP K 67 52.01 73.59 33.90
CA TRP K 67 51.73 74.50 35.00
C TRP K 67 52.53 75.79 34.86
N ILE K 68 51.90 76.93 35.11
CA ILE K 68 52.48 78.26 34.84
C ILE K 68 52.06 79.29 35.89
N GLY K 69 52.89 80.33 36.08
CA GLY K 69 52.56 81.51 36.89
C GLY K 69 51.68 82.53 36.15
N GLU K 70 51.44 83.69 36.75
CA GLU K 70 50.56 84.71 36.14
C GLU K 70 51.05 85.24 34.80
N GLY K 71 52.31 85.67 34.74
CA GLY K 71 52.89 86.34 33.58
C GLY K 71 53.67 85.41 32.66
N ASP K 72 53.57 84.10 32.86
CA ASP K 72 54.36 83.11 32.14
C ASP K 72 53.83 82.83 30.73
N MET K 73 54.71 82.36 29.86
CA MET K 73 54.42 82.10 28.46
C MET K 73 53.72 80.74 28.28
N LYS K 74 52.49 80.74 27.76
CA LYS K 74 51.69 79.52 27.56
C LYS K 74 52.33 78.69 26.42
N PRO K 75 52.58 77.39 26.58
CA PRO K 75 53.34 76.59 25.61
C PRO K 75 52.51 76.12 24.42
N ILE K 76 53.16 75.69 23.32
CA ILE K 76 52.50 75.27 22.07
C ILE K 76 52.68 73.77 21.81
N THR K 77 51.62 73.10 21.35
CA THR K 77 51.57 71.64 21.08
C THR K 77 50.82 71.26 19.80
N LYS K 78 50.90 69.99 19.39
CA LYS K 78 50.33 69.44 18.16
C LYS K 78 49.87 67.98 18.37
N GLY K 79 48.83 67.54 17.69
CA GLY K 79 48.37 66.15 17.72
C GLY K 79 49.09 65.23 16.72
N ASN K 80 48.69 63.96 16.66
CA ASN K 80 49.12 63.05 15.59
C ASN K 80 48.10 61.92 15.37
N MET K 81 48.03 61.38 14.15
CA MET K 81 47.03 60.41 13.72
C MET K 81 47.58 59.44 12.68
N THR K 82 46.89 58.31 12.47
CA THR K 82 47.17 57.35 11.39
C THR K 82 45.87 56.69 10.97
N LYS K 83 45.44 56.87 9.71
CA LYS K 83 44.17 56.29 9.25
C LYS K 83 44.33 54.81 8.93
N ARG K 84 43.65 53.96 9.69
CA ARG K 84 43.47 52.52 9.43
C ARG K 84 42.21 52.32 8.56
N ASP K 85 42.15 51.27 7.75
CA ASP K 85 41.00 50.99 6.88
C ASP K 85 40.49 49.54 6.99
N VAL K 86 39.21 49.33 6.73
CA VAL K 86 38.57 48.01 6.81
C VAL K 86 37.74 47.77 5.56
N HIS K 87 37.90 46.61 4.91
CA HIS K 87 37.10 46.20 3.75
C HIS K 87 36.40 44.87 4.04
N PRO K 88 35.11 44.72 3.72
CA PRO K 88 34.43 43.45 3.83
C PRO K 88 34.98 42.37 2.89
N ALA K 89 34.74 41.10 3.21
CA ALA K 89 35.00 39.95 2.35
C ALA K 89 33.82 38.99 2.36
N LYS K 90 33.57 38.30 1.24
CA LYS K 90 32.52 37.30 1.13
C LYS K 90 32.95 35.96 1.69
N ILE K 91 31.97 35.27 2.27
CA ILE K 91 32.01 33.84 2.55
C ILE K 91 30.76 33.22 1.96
N ALA K 92 30.89 32.10 1.26
CA ALA K 92 29.77 31.51 0.54
C ALA K 92 29.93 30.00 0.35
N THR K 93 28.83 29.31 0.12
CA THR K 93 28.79 27.87 -0.18
C THR K 93 27.51 27.49 -0.92
N ILE K 94 27.51 26.39 -1.69
CA ILE K 94 26.36 25.90 -2.46
C ILE K 94 26.02 24.47 -2.04
N PHE K 95 24.76 24.08 -2.04
CA PHE K 95 24.36 22.67 -1.89
C PHE K 95 23.26 22.29 -2.89
N VAL K 96 23.20 21.02 -3.28
CA VAL K 96 22.47 20.55 -4.47
C VAL K 96 21.62 19.33 -4.14
N ALA K 97 20.39 19.26 -4.65
CA ALA K 97 19.49 18.13 -4.43
C ALA K 97 18.67 17.80 -5.68
N SER K 98 18.21 16.57 -5.82
CA SER K 98 17.25 16.21 -6.88
C SER K 98 15.90 16.89 -6.64
N ALA K 99 15.14 17.20 -7.69
CA ALA K 99 13.82 17.79 -7.55
C ALA K 99 12.84 16.91 -6.74
N GLU K 100 13.03 15.60 -6.77
CA GLU K 100 12.30 14.65 -5.92
C GLU K 100 12.61 14.85 -4.43
N THR K 101 13.87 15.07 -4.08
CA THR K 101 14.25 15.39 -2.71
C THR K 101 13.67 16.72 -2.27
N VAL K 102 13.61 17.72 -3.15
CA VAL K 102 13.00 19.02 -2.83
C VAL K 102 11.49 18.93 -2.61
N ARG K 103 10.76 18.04 -3.28
CA ARG K 103 9.35 17.78 -2.94
C ARG K 103 9.19 17.19 -1.56
N ALA K 104 9.91 16.11 -1.28
CA ALA K 104 9.69 15.32 -0.08
C ALA K 104 10.26 15.98 1.18
N ASN K 105 11.37 16.71 1.06
CA ASN K 105 12.11 17.29 2.19
C ASN K 105 12.28 16.31 3.37
N PRO K 106 12.88 15.13 3.14
CA PRO K 106 12.97 14.10 4.16
C PRO K 106 13.75 14.60 5.38
N ALA K 107 13.29 14.25 6.58
CA ALA K 107 13.84 14.69 7.85
C ALA K 107 13.98 16.22 8.01
N ASN K 108 13.28 17.00 7.20
CA ASN K 108 13.51 18.43 7.03
C ASN K 108 14.98 18.76 6.73
N TYR K 109 15.62 17.99 5.84
CA TYR K 109 17.00 18.20 5.44
C TYR K 109 17.23 19.60 4.87
N LEU K 110 16.34 20.11 4.01
CA LEU K 110 16.54 21.42 3.40
C LEU K 110 16.36 22.58 4.35
N GLY K 111 15.56 22.43 5.42
CA GLY K 111 15.53 23.40 6.50
C GLY K 111 16.76 23.31 7.38
N THR K 112 17.17 22.09 7.72
CA THR K 112 18.32 21.80 8.59
C THR K 112 19.64 22.25 7.99
N MET K 113 19.79 22.20 6.67
CA MET K 113 20.98 22.74 6.02
C MET K 113 21.14 24.23 6.23
N ARG K 114 20.06 25.01 6.27
CA ARG K 114 20.17 26.47 6.39
C ARG K 114 20.72 26.91 7.73
N THR K 115 20.35 26.27 8.83
CA THR K 115 20.96 26.56 10.12
C THR K 115 22.38 26.02 10.19
N LYS K 116 22.68 24.85 9.64
CA LYS K 116 24.03 24.29 9.75
C LYS K 116 25.07 24.96 8.86
N VAL K 117 24.71 25.53 7.71
CA VAL K 117 25.63 26.44 7.01
C VAL K 117 25.87 27.73 7.77
N ALA K 118 24.90 28.23 8.53
CA ALA K 118 25.12 29.41 9.37
C ALA K 118 26.13 29.13 10.48
N THR K 119 26.05 27.97 11.13
CA THR K 119 27.11 27.52 12.05
C THR K 119 28.45 27.37 11.33
N ALA K 120 28.48 26.80 10.14
CA ALA K 120 29.74 26.65 9.41
C ALA K 120 30.37 27.99 9.06
N ILE K 121 29.56 28.99 8.68
CA ILE K 121 30.01 30.36 8.46
C ILE K 121 30.56 30.96 9.74
N ALA K 122 29.90 30.78 10.89
CA ALA K 122 30.43 31.27 12.16
C ALA K 122 31.80 30.65 12.49
N MET K 123 31.93 29.33 12.39
CA MET K 123 33.21 28.63 12.60
C MET K 123 34.32 29.16 11.67
N ALA K 124 34.01 29.37 10.40
CA ALA K 124 34.98 29.87 9.44
C ALA K 124 35.44 31.31 9.73
N PHE K 125 34.69 32.08 10.51
CA PHE K 125 35.12 33.40 10.95
C PHE K 125 36.16 33.32 12.05
N ASP K 126 35.95 32.49 13.08
CA ASP K 126 36.97 32.26 14.09
C ASP K 126 38.25 31.70 13.48
N ASN K 127 38.17 30.68 12.62
CA ASN K 127 39.36 30.09 12.02
C ASN K 127 40.15 31.10 11.17
N ALA K 128 39.47 32.05 10.53
CA ALA K 128 40.15 33.12 9.82
C ALA K 128 40.71 34.19 10.76
N ALA K 129 40.05 34.48 11.87
CA ALA K 129 40.47 35.54 12.79
C ALA K 129 41.63 35.11 13.71
N LEU K 130 41.58 33.88 14.23
CA LEU K 130 42.61 33.34 15.11
C LEU K 130 43.80 32.84 14.29
N HIS K 131 43.65 31.69 13.64
CA HIS K 131 44.73 30.96 12.98
C HIS K 131 45.06 31.45 11.58
N GLY K 132 44.14 32.16 10.92
CA GLY K 132 44.31 32.60 9.55
C GLY K 132 44.17 31.50 8.51
N THR K 133 43.50 30.37 8.82
CA THR K 133 43.61 29.12 8.04
C THR K 133 43.28 29.27 6.56
N ASN K 134 42.31 30.10 6.23
CA ASN K 134 41.94 30.45 4.87
C ASN K 134 41.43 31.90 4.81
N ALA K 135 42.04 32.79 5.58
CA ALA K 135 41.59 34.17 5.65
C ALA K 135 41.69 34.85 4.29
N PRO K 136 40.73 35.70 3.93
CA PRO K 136 40.80 36.49 2.72
C PRO K 136 41.89 37.55 2.83
N SER K 137 42.40 38.03 1.72
CA SER K 137 43.45 39.07 1.70
C SER K 137 42.99 40.40 2.31
N ALA K 138 41.68 40.66 2.35
CA ALA K 138 41.10 41.84 2.95
C ALA K 138 41.17 41.87 4.48
N PHE K 139 41.37 40.72 5.15
CA PHE K 139 41.54 40.70 6.61
C PHE K 139 42.97 41.10 6.95
N GLN K 140 43.13 42.24 7.61
CA GLN K 140 44.44 42.73 8.05
C GLN K 140 44.80 42.09 9.40
N GLY K 141 45.77 41.18 9.38
CA GLY K 141 46.32 40.53 10.57
C GLY K 141 45.43 39.42 11.15
N TYR K 142 46.06 38.47 11.85
CA TYR K 142 45.42 37.35 12.56
C TYR K 142 46.25 36.97 13.77
N LEU K 143 45.64 36.49 14.86
CA LEU K 143 46.33 36.44 16.15
C LEU K 143 47.56 35.54 16.20
N ASP K 144 47.65 34.51 15.37
CA ASP K 144 48.85 33.67 15.32
C ASP K 144 50.13 34.42 14.92
N GLN K 145 50.04 35.62 14.35
CA GLN K 145 51.21 36.44 14.02
C GLN K 145 51.93 37.05 15.23
N SER K 146 51.41 36.95 16.45
CA SER K 146 52.02 37.58 17.62
C SER K 146 53.43 37.07 17.92
N ASN K 147 54.31 37.98 18.35
CA ASN K 147 55.64 37.67 18.86
C ASN K 147 55.69 37.37 20.37
N LYS K 148 54.58 37.05 21.02
CA LYS K 148 54.56 36.63 22.43
C LYS K 148 53.96 35.23 22.58
N THR K 149 54.67 34.32 23.24
CA THR K 149 54.13 32.99 23.58
C THR K 149 54.49 32.59 25.00
N GLN K 150 53.74 31.66 25.57
CA GLN K 150 53.94 31.19 26.93
C GLN K 150 53.57 29.72 27.06
N SER K 151 54.37 28.95 27.79
CA SER K 151 54.01 27.59 28.18
C SER K 151 53.14 27.56 29.42
N ILE K 152 52.21 26.61 29.53
CA ILE K 152 51.35 26.47 30.72
C ILE K 152 51.39 25.07 31.36
N SER K 153 52.12 24.11 30.80
CA SER K 153 52.06 22.70 31.22
C SER K 153 52.39 22.42 32.70
N PRO K 154 53.56 22.80 33.25
CA PRO K 154 53.91 22.39 34.60
C PRO K 154 53.08 23.09 35.67
N ASN K 155 52.74 24.36 35.47
CA ASN K 155 52.01 25.18 36.43
C ASN K 155 51.26 26.31 35.70
N ALA K 156 49.98 26.11 35.44
CA ALA K 156 49.17 27.09 34.73
C ALA K 156 49.06 28.45 35.45
N TYR K 157 49.05 28.46 36.78
CA TYR K 157 48.97 29.72 37.51
C TYR K 157 50.20 30.59 37.30
N GLN K 158 51.41 30.03 37.43
CA GLN K 158 52.62 30.75 37.09
C GLN K 158 52.62 31.16 35.61
N GLY K 159 52.21 30.25 34.74
CA GLY K 159 52.15 30.47 33.30
C GLY K 159 51.37 31.72 32.94
N LEU K 160 50.11 31.82 33.34
CA LEU K 160 49.28 32.99 33.05
C LEU K 160 49.62 34.19 33.95
N GLY K 161 49.61 33.97 35.26
CA GLY K 161 49.52 35.03 36.25
C GLY K 161 50.82 35.76 36.53
N VAL K 162 51.96 35.21 36.12
CA VAL K 162 53.27 35.83 36.33
C VAL K 162 54.06 35.86 35.03
N SER K 163 54.41 34.69 34.47
CA SER K 163 55.30 34.63 33.31
C SER K 163 54.67 35.25 32.07
N GLY K 164 53.43 34.89 31.75
CA GLY K 164 52.69 35.46 30.63
C GLY K 164 52.39 36.94 30.84
N LEU K 165 51.72 37.30 31.92
CA LEU K 165 51.32 38.69 32.17
C LEU K 165 52.51 39.67 32.18
N THR K 166 53.69 39.26 32.64
CA THR K 166 54.88 40.12 32.59
C THR K 166 55.21 40.56 31.17
N LYS K 167 54.99 39.71 30.16
CA LYS K 167 55.24 40.05 28.75
C LYS K 167 54.27 41.09 28.21
N LEU K 168 53.10 41.29 28.83
CA LEU K 168 52.16 42.33 28.46
C LEU K 168 52.46 43.64 29.18
N VAL K 169 52.51 43.63 30.51
CA VAL K 169 52.63 44.88 31.27
C VAL K 169 53.98 45.57 31.07
N THR K 170 55.07 44.83 30.90
CA THR K 170 56.38 45.45 30.59
C THR K 170 56.44 46.07 29.20
N ASP K 171 55.59 45.62 28.27
CA ASP K 171 55.42 46.22 26.94
C ASP K 171 54.35 47.32 26.93
N GLY K 172 53.76 47.66 28.08
CA GLY K 172 52.76 48.72 28.19
C GLY K 172 51.41 48.37 27.59
N LYS K 173 50.97 47.11 27.63
CA LYS K 173 49.68 46.65 27.08
C LYS K 173 48.84 45.93 28.14
N LYS K 174 47.52 46.10 28.11
CA LYS K 174 46.58 45.56 29.10
C LYS K 174 46.30 44.07 28.88
N TRP K 175 45.77 43.38 29.89
CA TRP K 175 45.19 42.04 29.76
C TRP K 175 43.72 42.05 30.16
N THR K 176 42.81 41.71 29.25
CA THR K 176 41.36 41.91 29.47
C THR K 176 40.51 40.66 29.29
N HIS K 177 40.88 39.70 28.46
CA HIS K 177 40.14 38.45 28.23
C HIS K 177 41.09 37.27 28.03
N THR K 178 40.60 36.04 28.12
CA THR K 178 41.34 34.89 27.60
C THR K 178 40.43 33.81 27.02
N LEU K 179 40.88 33.16 25.95
CA LEU K 179 40.19 32.11 25.21
C LEU K 179 41.00 30.83 25.31
N LEU K 180 40.37 29.72 25.69
CA LEU K 180 41.04 28.44 25.94
C LEU K 180 40.35 27.29 25.23
N ASP K 181 41.12 26.37 24.67
CA ASP K 181 40.56 25.12 24.17
C ASP K 181 40.11 24.23 25.34
N ASP K 182 39.03 23.46 25.20
CA ASP K 182 38.58 22.54 26.24
C ASP K 182 39.68 21.61 26.76
N THR K 183 40.62 21.19 25.92
CA THR K 183 41.75 20.35 26.34
C THR K 183 42.70 21.03 27.32
N VAL K 184 42.57 22.32 27.59
CA VAL K 184 43.33 23.02 28.63
C VAL K 184 42.75 22.77 30.02
N GLU K 185 41.48 22.38 30.18
CA GLU K 185 40.89 22.27 31.52
C GLU K 185 41.60 21.29 32.46
N PRO K 186 42.01 20.07 32.04
CA PRO K 186 42.79 19.20 32.89
C PRO K 186 44.12 19.82 33.35
N VAL K 187 44.75 20.62 32.50
CA VAL K 187 46.02 21.28 32.84
C VAL K 187 45.77 22.42 33.83
N LEU K 188 44.65 23.12 33.70
CA LEU K 188 44.27 24.16 34.64
C LEU K 188 43.99 23.58 36.03
N ASN K 189 43.18 22.53 36.12
CA ASN K 189 42.92 21.81 37.38
C ASN K 189 44.20 21.17 37.95
N GLY K 190 45.07 20.64 37.09
CA GLY K 190 46.29 19.95 37.48
C GLY K 190 47.41 20.86 37.98
N SER K 191 47.24 22.19 37.92
CA SER K 191 48.19 23.11 38.53
C SER K 191 48.06 23.09 40.06
N VAL K 192 49.17 22.82 40.75
CA VAL K 192 49.18 22.59 42.20
C VAL K 192 50.41 23.16 42.89
N ASP K 193 50.31 23.38 44.19
CA ASP K 193 51.47 23.65 45.05
C ASP K 193 52.34 22.39 45.26
N ALA K 194 53.43 22.50 46.01
CA ALA K 194 54.31 21.37 46.31
C ALA K 194 53.66 20.28 47.19
N ASN K 195 52.52 20.55 47.84
CA ASN K 195 51.78 19.60 48.67
C ASN K 195 50.71 18.83 47.88
N GLY K 196 50.23 19.37 46.77
CA GLY K 196 49.12 18.84 45.98
C GLY K 196 47.82 19.63 46.06
N ARG K 197 47.81 20.85 46.63
CA ARG K 197 46.63 21.72 46.61
C ARG K 197 46.45 22.40 45.25
N PRO K 198 45.23 22.56 44.73
CA PRO K 198 44.98 23.30 43.50
C PRO K 198 45.19 24.80 43.69
N LEU K 199 45.61 25.50 42.63
CA LEU K 199 45.84 26.94 42.68
C LEU K 199 44.60 27.77 42.28
N PHE K 200 43.65 27.17 41.54
CA PHE K 200 42.40 27.81 41.13
C PHE K 200 41.21 27.29 41.93
N VAL K 201 40.90 27.91 43.07
CA VAL K 201 39.59 27.73 43.73
C VAL K 201 38.50 28.51 42.96
N GLU K 202 38.88 29.62 42.34
CA GLU K 202 38.12 30.29 41.28
C GLU K 202 37.75 29.31 40.14
N SER K 203 36.54 29.40 39.57
CA SER K 203 35.96 28.34 38.75
C SER K 203 35.04 28.84 37.61
N THR K 204 34.62 27.93 36.72
CA THR K 204 33.92 28.20 35.45
C THR K 204 32.62 27.40 35.31
N TYR K 205 31.66 27.91 34.53
CA TYR K 205 30.27 27.47 34.53
C TYR K 205 29.67 27.33 33.12
N GLU K 206 28.59 26.57 33.01
CA GLU K 206 27.77 26.45 31.80
C GLU K 206 26.86 27.68 31.60
N SER K 207 26.18 27.71 30.45
CA SER K 207 25.01 28.57 30.22
C SER K 207 23.96 27.81 29.40
N LEU K 208 22.69 28.18 29.54
CA LEU K 208 21.55 27.50 28.91
C LEU K 208 21.53 27.64 27.37
N THR K 209 22.23 28.65 26.83
CA THR K 209 22.10 29.07 25.43
C THR K 209 23.39 29.01 24.61
N THR K 210 24.52 28.60 25.20
CA THR K 210 25.82 28.54 24.51
C THR K 210 26.48 27.18 24.69
N PRO K 211 27.14 26.64 23.66
CA PRO K 211 27.85 25.37 23.77
C PRO K 211 29.18 25.51 24.52
N PHE K 212 29.83 26.67 24.42
CA PHE K 212 31.03 26.99 25.19
C PHE K 212 30.70 27.39 26.63
N ARG K 213 31.63 27.10 27.55
CA ARG K 213 31.56 27.41 28.98
C ARG K 213 32.27 28.72 29.27
N GLU K 214 31.97 29.37 30.39
CA GLU K 214 32.40 30.74 30.67
C GLU K 214 32.76 30.93 32.14
N GLY K 215 33.62 31.89 32.48
CA GLY K 215 33.93 32.21 33.87
C GLY K 215 34.98 33.29 34.03
N ARG K 216 35.52 33.44 35.25
CA ARG K 216 36.62 34.36 35.57
C ARG K 216 37.90 33.59 35.85
N ILE K 217 39.04 34.10 35.41
CA ILE K 217 40.37 33.62 35.81
C ILE K 217 41.22 34.83 36.12
N LEU K 218 41.83 34.89 37.31
CA LEU K 218 42.65 36.03 37.75
C LEU K 218 41.95 37.37 37.53
N GLY K 219 40.62 37.37 37.73
CA GLY K 219 39.72 38.50 37.50
C GLY K 219 39.25 38.69 36.05
N ARG K 220 39.96 38.20 35.03
CA ARG K 220 39.60 38.42 33.61
C ARG K 220 38.50 37.45 33.13
N PRO K 221 37.50 37.91 32.38
CA PRO K 221 36.56 37.03 31.68
C PRO K 221 37.24 36.01 30.79
N THR K 222 36.70 34.79 30.78
CA THR K 222 37.31 33.61 30.16
C THR K 222 36.27 32.77 29.44
N ILE K 223 36.61 32.19 28.29
CA ILE K 223 35.74 31.30 27.52
C ILE K 223 36.47 30.00 27.21
N LEU K 224 35.82 28.85 27.39
CA LEU K 224 36.35 27.53 27.04
C LEU K 224 35.55 26.93 25.89
N SER K 225 36.20 26.47 24.82
CA SER K 225 35.51 25.90 23.65
C SER K 225 36.28 24.77 22.95
N ASP K 226 35.57 23.95 22.18
CA ASP K 226 36.08 22.68 21.63
C ASP K 226 37.04 22.82 20.43
N HIS K 227 37.25 24.03 19.91
CA HIS K 227 37.94 24.25 18.63
C HIS K 227 38.92 25.44 18.64
N VAL K 228 39.27 25.96 19.81
CA VAL K 228 40.21 27.09 19.90
C VAL K 228 41.62 26.64 19.49
N ALA K 229 42.04 25.42 19.81
CA ALA K 229 43.39 24.97 19.52
C ALA K 229 43.64 24.66 18.04
N GLU K 230 44.87 24.86 17.58
CA GLU K 230 45.40 24.28 16.35
C GLU K 230 46.93 24.15 16.43
N GLY K 231 47.45 22.97 16.15
CA GLY K 231 48.87 22.70 16.31
C GLY K 231 49.31 22.89 17.76
N ASP K 232 50.40 23.63 17.98
CA ASP K 232 51.00 23.83 19.30
C ASP K 232 50.20 24.77 20.21
N VAL K 233 49.32 25.61 19.65
CA VAL K 233 48.64 26.68 20.38
C VAL K 233 47.28 26.23 20.88
N VAL K 234 47.00 26.48 22.15
CA VAL K 234 45.81 25.99 22.86
C VAL K 234 44.98 27.08 23.50
N GLY K 235 45.38 28.33 23.37
CA GLY K 235 44.61 29.46 23.88
C GLY K 235 45.30 30.80 23.66
N TYR K 236 44.61 31.87 24.00
CA TYR K 236 45.07 33.24 23.84
C TYR K 236 44.71 34.08 25.04
N ALA K 237 45.57 35.01 25.40
CA ALA K 237 45.31 36.02 26.42
C ALA K 237 45.82 37.36 25.91
N GLY K 238 45.09 38.45 26.13
CA GLY K 238 45.55 39.76 25.66
C GLY K 238 44.52 40.87 25.83
N ASP K 239 44.66 41.92 25.05
CA ASP K 239 43.70 43.02 24.94
C ASP K 239 42.76 42.84 23.75
N PHE K 240 41.67 42.11 23.94
CA PHE K 240 40.68 41.89 22.89
C PHE K 240 39.87 43.15 22.51
N SER K 241 40.11 44.31 23.13
CA SER K 241 39.56 45.57 22.63
C SER K 241 40.31 46.09 21.39
N GLN K 242 41.48 45.54 21.06
CA GLN K 242 42.21 45.85 19.83
C GLN K 242 41.62 45.19 18.57
N ILE K 243 40.46 44.54 18.64
CA ILE K 243 39.82 43.85 17.52
C ILE K 243 38.45 44.43 17.26
N ILE K 244 38.14 44.76 16.00
CA ILE K 244 36.82 45.19 15.56
C ILE K 244 36.33 44.34 14.41
N TRP K 245 35.01 44.17 14.31
CA TRP K 245 34.40 43.41 13.23
C TRP K 245 33.03 43.96 12.89
N GLY K 246 32.53 43.65 11.71
CA GLY K 246 31.17 43.98 11.30
C GLY K 246 30.65 43.04 10.24
N GLN K 247 29.33 42.94 10.14
CA GLN K 247 28.63 42.17 9.11
C GLN K 247 27.89 43.13 8.19
N VAL K 248 28.09 43.01 6.87
CA VAL K 248 27.34 43.80 5.89
C VAL K 248 25.99 43.15 5.65
N GLY K 249 24.90 43.81 6.00
CA GLY K 249 23.57 43.24 5.86
C GLY K 249 23.37 42.02 6.74
N GLY K 250 23.03 40.88 6.14
CA GLY K 250 22.81 39.62 6.83
C GLY K 250 23.03 38.42 5.91
N LEU K 251 22.87 37.21 6.45
CA LEU K 251 23.00 35.95 5.72
C LEU K 251 21.96 35.86 4.60
N SER K 252 22.36 35.45 3.38
CA SER K 252 21.53 35.51 2.17
C SER K 252 21.44 34.18 1.44
N PHE K 253 20.25 33.85 0.92
CA PHE K 253 19.95 32.57 0.27
C PHE K 253 19.32 32.79 -1.11
N ASP K 254 19.86 32.15 -2.14
CA ASP K 254 19.27 32.08 -3.49
C ASP K 254 19.02 30.62 -3.88
N VAL K 255 17.97 30.34 -4.64
CA VAL K 255 17.67 29.00 -5.15
C VAL K 255 17.52 29.02 -6.66
N THR K 256 18.06 28.02 -7.35
CA THR K 256 18.09 27.97 -8.82
C THR K 256 17.77 26.59 -9.36
N ASP K 257 16.96 26.57 -10.39
CA ASP K 257 16.55 25.41 -11.17
C ASP K 257 17.18 25.40 -12.56
N GLN K 258 18.04 26.36 -12.91
CA GLN K 258 18.53 26.56 -14.28
C GLN K 258 20.04 26.75 -14.44
N ALA K 259 20.80 26.93 -13.36
CA ALA K 259 22.25 27.14 -13.46
C ALA K 259 23.00 25.92 -14.03
N THR K 260 24.31 26.02 -14.19
CA THR K 260 25.17 24.91 -14.64
C THR K 260 26.47 24.93 -13.85
N LEU K 261 26.53 24.12 -12.81
CA LEU K 261 27.59 24.16 -11.83
C LEU K 261 28.81 23.39 -12.30
N ASN K 262 30.00 23.85 -11.92
CA ASN K 262 31.22 23.09 -12.06
C ASN K 262 31.42 22.26 -10.79
N LEU K 263 31.38 20.94 -10.89
CA LEU K 263 31.61 20.05 -9.75
C LEU K 263 33.11 19.78 -9.50
N GLY K 264 33.97 20.12 -10.46
CA GLY K 264 35.42 20.01 -10.36
C GLY K 264 36.05 21.33 -9.93
N SER K 265 37.05 21.80 -10.66
CA SER K 265 37.70 23.11 -10.44
C SER K 265 37.98 23.82 -11.75
N GLN K 266 38.35 25.11 -11.73
CA GLN K 266 38.62 25.87 -12.96
C GLN K 266 39.81 25.32 -13.76
N GLU K 267 40.70 24.59 -13.11
CA GLU K 267 41.84 23.88 -13.70
C GLU K 267 41.50 22.49 -14.25
N SER K 268 40.33 21.93 -13.95
CA SER K 268 39.87 20.61 -14.39
C SER K 268 38.34 20.52 -14.34
N PRO K 269 37.63 21.14 -15.31
CA PRO K 269 36.19 21.27 -15.26
C PRO K 269 35.43 19.95 -15.27
N ASN K 270 34.25 19.97 -14.66
CA ASN K 270 33.28 18.88 -14.71
C ASN K 270 31.88 19.47 -14.54
N PHE K 271 31.27 19.91 -15.63
CA PHE K 271 29.99 20.62 -15.57
C PHE K 271 28.79 19.68 -15.47
N VAL K 272 27.77 20.13 -14.76
CA VAL K 272 26.45 19.49 -14.71
C VAL K 272 25.38 20.53 -14.92
N SER K 273 24.51 20.33 -15.90
CA SER K 273 23.35 21.18 -16.11
C SER K 273 22.26 20.85 -15.10
N LEU K 274 21.90 21.76 -14.20
CA LEU K 274 20.85 21.47 -13.24
C LEU K 274 19.53 21.19 -13.96
N TRP K 275 19.21 21.96 -15.00
CA TRP K 275 17.94 21.87 -15.70
C TRP K 275 17.77 20.57 -16.49
N GLN K 276 18.85 20.06 -17.10
CA GLN K 276 18.82 18.82 -17.86
C GLN K 276 18.89 17.57 -16.97
N HIS K 277 19.17 17.71 -15.68
CA HIS K 277 19.20 16.61 -14.71
C HIS K 277 18.11 16.72 -13.65
N ASN K 278 17.21 17.70 -13.71
CA ASN K 278 16.23 17.98 -12.66
C ASN K 278 16.84 18.17 -11.26
N LEU K 279 18.00 18.78 -11.19
CA LEU K 279 18.59 19.16 -9.91
C LEU K 279 18.09 20.55 -9.52
N VAL K 280 18.24 20.88 -8.25
CA VAL K 280 18.00 22.22 -7.70
C VAL K 280 19.18 22.55 -6.80
N ALA K 281 19.68 23.77 -6.87
CA ALA K 281 20.81 24.22 -6.06
C ALA K 281 20.42 25.40 -5.19
N VAL K 282 20.98 25.47 -3.98
CA VAL K 282 20.83 26.57 -3.05
C VAL K 282 22.18 27.21 -2.83
N ARG K 283 22.29 28.52 -3.03
CA ARG K 283 23.53 29.30 -2.90
C ARG K 283 23.41 30.22 -1.71
N VAL K 284 24.33 30.09 -0.76
CA VAL K 284 24.30 30.79 0.53
C VAL K 284 25.51 31.67 0.66
N GLU K 285 25.31 32.90 1.10
CA GLU K 285 26.32 33.96 1.06
C GLU K 285 26.21 34.90 2.26
N ALA K 286 27.34 35.37 2.78
CA ALA K 286 27.44 36.38 3.82
C ALA K 286 28.72 37.20 3.65
N GLU K 287 28.84 38.32 4.35
CA GLU K 287 29.92 39.27 4.11
C GLU K 287 30.33 40.00 5.38
N TYR K 288 31.57 39.80 5.82
CA TYR K 288 32.10 40.32 7.08
C TYR K 288 33.38 41.11 6.87
N GLY K 289 33.64 42.09 7.72
CA GLY K 289 34.92 42.78 7.83
C GLY K 289 35.54 42.58 9.20
N LEU K 290 36.86 42.49 9.27
CA LEU K 290 37.66 42.29 10.49
C LEU K 290 38.90 43.17 10.45
N LEU K 291 39.26 43.82 11.55
CA LEU K 291 40.58 44.43 11.71
C LEU K 291 41.11 44.20 13.10
N ILE K 292 42.36 43.76 13.19
CA ILE K 292 43.12 43.70 14.44
C ILE K 292 44.12 44.84 14.43
N ASN K 293 44.00 45.76 15.38
CA ASN K 293 44.79 46.99 15.38
C ASN K 293 46.29 46.72 15.57
N ASP K 294 46.60 45.76 16.45
CA ASP K 294 47.94 45.53 16.99
C ASP K 294 48.14 44.05 17.34
N VAL K 295 48.56 43.24 16.37
CA VAL K 295 48.69 41.78 16.56
C VAL K 295 49.72 41.42 17.62
N ASN K 296 50.59 42.35 18.03
CA ASN K 296 51.56 42.13 19.09
C ASN K 296 50.96 42.23 20.50
N ALA K 297 49.67 42.57 20.65
CA ALA K 297 49.02 42.76 21.95
C ALA K 297 48.48 41.47 22.62
N PHE K 298 48.85 40.28 22.12
CA PHE K 298 48.28 39.01 22.55
C PHE K 298 49.35 37.95 22.80
N VAL K 299 49.19 37.12 23.81
CA VAL K 299 50.11 36.04 24.17
C VAL K 299 49.51 34.72 23.73
N LYS K 300 50.20 33.97 22.87
CA LYS K 300 49.78 32.62 22.47
C LYS K 300 50.13 31.63 23.56
N LEU K 301 49.22 30.74 23.92
CA LEU K 301 49.43 29.76 24.98
C LEU K 301 49.71 28.40 24.38
N THR K 302 50.73 27.72 24.87
CA THR K 302 51.14 26.37 24.44
C THR K 302 51.36 25.49 25.65
N PHE K 303 51.31 24.16 25.52
CA PHE K 303 51.57 23.32 26.68
C PHE K 303 53.03 23.38 27.14
N ASP K 304 53.95 22.82 26.37
CA ASP K 304 55.38 22.86 26.65
C ASP K 304 56.03 24.18 26.20
N PRO K 305 57.19 24.56 26.78
CA PRO K 305 58.04 25.63 26.27
C PRO K 305 58.47 25.36 24.83
N VAL K 306 58.56 26.41 24.02
CA VAL K 306 59.01 26.30 22.62
C VAL K 306 59.71 27.58 22.17
N LEU K 307 60.66 27.44 21.25
CA LEU K 307 61.39 28.57 20.63
C LEU K 307 60.50 29.31 19.61
N THR K 308 60.96 30.47 19.15
CA THR K 308 60.30 31.21 18.07
C THR K 308 61.30 31.57 16.98
N THR K 309 60.94 31.35 15.71
CA THR K 309 61.78 31.69 14.56
C THR K 309 61.21 32.89 13.81
N TYR K 310 62.00 33.97 13.74
CA TYR K 310 61.65 35.26 13.17
C TYR K 310 62.32 35.46 11.82
N ALA K 311 61.61 35.98 10.83
CA ALA K 311 62.22 36.55 9.63
C ALA K 311 62.44 38.05 9.86
N LEU K 312 63.66 38.52 9.66
CA LEU K 312 64.05 39.92 9.75
C LEU K 312 64.55 40.41 8.38
N ASP K 313 63.86 41.39 7.82
CA ASP K 313 64.23 42.02 6.55
C ASP K 313 64.59 43.49 6.78
N LEU K 314 65.81 43.90 6.42
CA LEU K 314 66.21 45.31 6.44
C LEU K 314 65.79 46.05 5.16
N ASP K 315 64.90 45.49 4.35
CA ASP K 315 64.31 46.14 3.15
C ASP K 315 65.34 46.64 2.11
N GLY K 316 66.55 46.07 2.11
CA GLY K 316 67.66 46.54 1.27
C GLY K 316 68.17 47.95 1.62
N ALA K 317 67.99 48.42 2.86
CA ALA K 317 68.42 49.75 3.30
C ALA K 317 69.91 50.02 3.03
N SER K 318 70.23 51.24 2.58
CA SER K 318 71.55 51.61 2.10
C SER K 318 72.68 51.58 3.14
N ALA K 319 72.44 52.01 4.38
CA ALA K 319 73.50 52.22 5.37
C ALA K 319 72.95 52.32 6.81
N GLY K 320 73.83 52.67 7.76
CA GLY K 320 73.47 52.98 9.15
C GLY K 320 73.35 51.76 10.05
N ASN K 321 72.64 51.93 11.17
CA ASN K 321 72.51 50.92 12.21
C ASN K 321 71.07 50.78 12.74
N PHE K 322 70.65 49.55 13.01
CA PHE K 322 69.42 49.23 13.75
C PHE K 322 69.77 48.70 15.15
N THR K 323 68.76 48.51 16.01
CA THR K 323 68.94 47.82 17.30
C THR K 323 67.84 46.79 17.52
N LEU K 324 68.23 45.60 17.98
CA LEU K 324 67.29 44.59 18.47
C LEU K 324 66.94 44.85 19.93
N SER K 325 65.76 44.40 20.37
CA SER K 325 65.44 44.28 21.78
C SER K 325 64.72 42.97 22.07
N LEU K 326 65.16 42.28 23.12
CA LEU K 326 64.74 40.95 23.52
C LEU K 326 64.23 40.99 24.96
N ASP K 327 63.01 40.50 25.21
CA ASP K 327 62.39 40.43 26.54
C ASP K 327 62.48 41.73 27.38
N GLY K 328 62.41 42.90 26.73
CA GLY K 328 62.45 44.21 27.39
C GLY K 328 63.84 44.78 27.67
N LYS K 329 64.90 44.22 27.06
CA LYS K 329 66.28 44.76 27.11
C LYS K 329 66.87 44.89 25.71
N THR K 330 67.90 45.69 25.50
CA THR K 330 68.24 46.24 24.16
C THR K 330 69.71 46.03 23.78
N SER K 331 69.96 45.70 22.50
CA SER K 331 71.31 45.45 21.98
C SER K 331 72.16 46.71 21.84
N ALA K 332 73.46 46.55 21.61
CA ALA K 332 74.26 47.57 20.94
C ALA K 332 73.76 47.83 19.51
N ASN K 333 74.24 48.90 18.87
CA ASN K 333 73.95 49.19 17.47
C ASN K 333 74.49 48.08 16.55
N ILE K 334 73.67 47.63 15.60
CA ILE K 334 74.04 46.61 14.60
C ILE K 334 74.02 47.26 13.22
N ALA K 335 75.13 47.17 12.49
CA ALA K 335 75.26 47.77 11.16
C ALA K 335 74.36 47.05 10.13
N TYR K 336 73.84 47.83 9.18
CA TYR K 336 72.96 47.35 8.10
C TYR K 336 73.52 46.17 7.27
N ASN K 337 74.84 45.98 7.26
CA ASN K 337 75.57 44.97 6.49
C ASN K 337 76.21 43.87 7.37
N ALA K 338 75.86 43.79 8.65
CA ALA K 338 76.50 42.91 9.63
C ALA K 338 76.43 41.41 9.26
N SER K 339 77.43 40.64 9.72
CA SER K 339 77.48 39.18 9.48
C SER K 339 76.57 38.39 10.43
N THR K 340 76.32 37.12 10.10
CA THR K 340 75.63 36.16 10.97
C THR K 340 76.21 36.12 12.39
N ALA K 341 77.53 35.97 12.52
CA ALA K 341 78.20 35.95 13.81
C ALA K 341 78.15 37.31 14.53
N THR K 342 78.14 38.41 13.79
CA THR K 342 77.96 39.76 14.35
C THR K 342 76.59 39.90 14.99
N VAL K 343 75.53 39.44 14.32
CA VAL K 343 74.17 39.46 14.87
C VAL K 343 74.05 38.53 16.08
N LYS K 344 74.52 37.27 15.99
CA LYS K 344 74.43 36.35 17.13
C LYS K 344 75.18 36.87 18.37
N SER K 345 76.40 37.36 18.20
CA SER K 345 77.14 37.97 19.32
C SER K 345 76.46 39.23 19.86
N ALA K 346 75.90 40.09 19.01
CA ALA K 346 75.14 41.26 19.45
C ALA K 346 73.84 40.90 20.20
N ILE K 347 73.21 39.75 19.91
CA ILE K 347 72.04 39.28 20.66
C ILE K 347 72.45 38.84 22.07
N VAL K 348 73.44 37.95 22.22
CA VAL K 348 73.84 37.49 23.57
C VAL K 348 74.44 38.61 24.42
N ALA K 349 75.04 39.63 23.78
CA ALA K 349 75.53 40.84 24.43
C ALA K 349 74.45 41.72 25.10
N ILE K 350 73.17 41.34 25.02
CA ILE K 350 72.10 41.94 25.85
C ILE K 350 72.25 41.54 27.33
N ASP K 351 73.02 40.50 27.63
CA ASP K 351 73.40 40.06 28.98
C ASP K 351 72.22 39.66 29.90
N ASP K 352 71.08 39.25 29.32
CA ASP K 352 69.87 38.89 30.08
C ASP K 352 69.81 37.43 30.56
N GLY K 353 70.93 36.70 30.53
CA GLY K 353 70.96 35.26 30.84
C GLY K 353 70.58 34.36 29.67
N VAL K 354 70.32 34.90 28.48
CA VAL K 354 70.14 34.12 27.24
C VAL K 354 71.50 33.66 26.74
N SER K 355 71.74 32.35 26.72
CA SER K 355 73.04 31.78 26.36
C SER K 355 73.30 31.81 24.85
N ALA K 356 74.57 31.81 24.44
CA ALA K 356 74.97 31.46 23.08
C ALA K 356 74.53 30.04 22.64
N ASP K 357 74.14 29.18 23.58
CA ASP K 357 73.49 27.90 23.27
C ASP K 357 72.06 28.08 22.73
N ASP K 358 71.36 29.15 23.10
CA ASP K 358 69.92 29.33 22.87
C ASP K 358 69.57 30.00 21.53
N VAL K 359 70.52 30.71 20.92
CA VAL K 359 70.31 31.60 19.78
C VAL K 359 70.82 30.98 18.49
N THR K 360 70.07 31.07 17.39
CA THR K 360 70.60 30.82 16.04
C THR K 360 70.29 31.96 15.09
N VAL K 361 71.20 32.21 14.14
CA VAL K 361 71.06 33.23 13.09
C VAL K 361 71.44 32.59 11.76
N THR K 362 70.69 32.90 10.71
CA THR K 362 70.85 32.33 9.36
C THR K 362 70.43 33.34 8.30
N GLY K 363 70.80 33.12 7.04
CA GLY K 363 70.48 34.01 5.92
C GLY K 363 71.69 34.78 5.41
N SER K 364 71.49 36.06 5.11
CA SER K 364 72.48 36.96 4.50
C SER K 364 72.49 38.32 5.17
N ALA K 365 73.53 39.13 4.95
CA ALA K 365 73.60 40.49 5.47
C ALA K 365 72.35 41.31 5.06
N GLY K 366 71.59 41.76 6.05
CA GLY K 366 70.32 42.48 5.88
C GLY K 366 69.06 41.63 5.64
N ASP K 367 69.18 40.30 5.52
CA ASP K 367 68.09 39.37 5.17
C ASP K 367 68.23 38.08 5.99
N TYR K 368 67.65 38.06 7.20
CA TYR K 368 67.96 37.03 8.21
C TYR K 368 66.74 36.19 8.58
N THR K 369 66.99 34.94 8.95
CA THR K 369 66.09 34.14 9.78
C THR K 369 66.77 33.83 11.10
N ILE K 370 66.12 34.18 12.21
CA ILE K 370 66.68 34.21 13.57
C ILE K 370 65.81 33.36 14.48
N THR K 371 66.40 32.59 15.39
CA THR K 371 65.63 31.79 16.35
C THR K 371 66.11 32.02 17.77
N VAL K 372 65.17 32.25 18.69
CA VAL K 372 65.44 32.50 20.11
C VAL K 372 64.28 31.97 20.97
N PRO K 373 64.50 31.73 22.28
CA PRO K 373 63.43 31.81 23.25
C PRO K 373 63.03 33.26 23.48
N GLY K 374 61.79 33.52 23.88
CA GLY K 374 61.32 34.86 24.24
C GLY K 374 60.89 35.76 23.07
N THR K 375 60.64 37.04 23.38
CA THR K 375 60.03 38.02 22.47
C THR K 375 61.06 38.98 21.91
N LEU K 376 61.20 38.99 20.58
CA LEU K 376 62.16 39.81 19.85
C LEU K 376 61.45 40.97 19.15
N THR K 377 62.09 42.12 19.13
CA THR K 377 61.63 43.36 18.48
C THR K 377 62.82 44.09 17.85
N ALA K 378 62.57 45.00 16.90
CA ALA K 378 63.63 45.74 16.24
C ALA K 378 63.23 47.22 16.03
N ASP K 379 64.19 48.12 16.18
CA ASP K 379 64.05 49.54 15.86
C ASP K 379 64.98 49.91 14.70
N PHE K 380 64.38 50.39 13.60
CA PHE K 380 65.08 50.80 12.38
C PHE K 380 65.32 52.31 12.31
N SER K 381 65.01 53.07 13.36
CA SER K 381 65.42 54.47 13.49
C SER K 381 66.96 54.53 13.50
N GLY K 382 67.57 55.36 12.65
CA GLY K 382 69.02 55.39 12.48
C GLY K 382 69.58 54.36 11.50
N LEU K 383 68.76 53.45 10.98
CA LEU K 383 68.99 52.87 9.67
C LEU K 383 68.65 53.95 8.63
N THR K 384 69.49 54.15 7.62
CA THR K 384 69.40 55.37 6.77
C THR K 384 68.21 55.41 5.83
N ASP K 385 67.53 54.29 5.63
CA ASP K 385 66.80 53.98 4.40
C ASP K 385 65.85 52.79 4.63
N GLY K 386 64.95 52.50 3.69
CA GLY K 386 64.15 51.28 3.69
C GLY K 386 63.13 51.23 4.82
N GLU K 387 62.19 52.18 4.87
CA GLU K 387 61.20 52.25 5.94
C GLU K 387 60.28 51.02 6.03
N GLY K 388 60.26 50.15 5.01
CA GLY K 388 59.61 48.83 5.08
C GLY K 388 60.37 47.78 5.88
N ALA K 389 61.56 48.12 6.41
CA ALA K 389 62.34 47.21 7.25
C ALA K 389 61.50 46.73 8.44
N SER K 390 61.49 45.42 8.68
CA SER K 390 60.49 44.78 9.52
C SER K 390 60.90 43.39 9.99
N ILE K 391 60.25 42.92 11.04
CA ILE K 391 60.44 41.60 11.63
C ILE K 391 59.09 40.94 11.87
N SER K 392 58.97 39.64 11.59
CA SER K 392 57.74 38.89 11.82
C SER K 392 57.97 37.40 12.05
N VAL K 393 57.01 36.74 12.69
CA VAL K 393 57.07 35.31 13.00
C VAL K 393 56.58 34.50 11.80
N VAL K 394 57.42 34.37 10.77
CA VAL K 394 57.08 33.67 9.51
C VAL K 394 56.99 32.14 9.68
N SER K 395 57.64 31.61 10.71
CA SER K 395 57.73 30.17 10.95
C SER K 395 56.40 29.48 11.30
N VAL K 396 56.42 28.14 11.26
CA VAL K 396 55.43 27.30 11.97
C VAL K 396 55.61 27.43 13.49
N GLY K 397 56.87 27.46 13.95
CA GLY K 397 57.28 27.73 15.34
C GLY K 397 58.77 28.04 15.43
#